data_2OQ3
#
_entry.id   2OQ3
#
_entity_poly.entity_id   1
_entity_poly.type   'polypeptide(L)'
_entity_poly.pdbx_seq_one_letter_code
;GSHMRLSDYFPESSISVIHSAKDWQEAIDFSMVSLLDKNYISENYIQAIKDSTINNGPYYILAPGVAMPHARPECGALKT
GMSLTLLEQGVYFPGNDEPIKLLIGLSAADADSHIGAIQALSELLCEEEILEQLLTASSEKQLADIISRG
;
_entity_poly.pdbx_strand_id   A
#
# COMPACT_ATOMS: atom_id res chain seq x y z
N MET A 4 -15.56 5.98 6.61
CA MET A 4 -15.54 4.52 6.87
C MET A 4 -14.46 4.20 7.90
N ARG A 5 -14.68 3.19 8.76
CA ARG A 5 -13.60 2.69 9.64
C ARG A 5 -12.46 2.22 8.74
N LEU A 6 -11.27 2.78 8.91
CA LEU A 6 -10.07 2.33 8.19
C LEU A 6 -9.72 0.94 8.68
N SER A 7 -9.73 0.72 10.00
CA SER A 7 -9.32 -0.52 10.66
C SER A 7 -10.01 -1.77 10.10
N ASP A 8 -11.24 -1.63 9.57
CA ASP A 8 -12.00 -2.74 9.00
C ASP A 8 -11.25 -3.44 7.86
N TYR A 9 -10.37 -2.72 7.16
CA TYR A 9 -9.62 -3.24 6.02
C TYR A 9 -8.25 -3.81 6.42
N PHE A 10 -7.80 -3.66 7.67
CA PHE A 10 -6.44 -4.01 8.09
C PHE A 10 -6.50 -5.27 8.96
N PRO A 11 -6.09 -6.45 8.46
CA PRO A 11 -6.26 -7.71 9.17
C PRO A 11 -5.48 -7.77 10.50
N GLU A 12 -4.15 -7.67 10.47
CA GLU A 12 -3.27 -7.71 11.65
C GLU A 12 -1.83 -7.44 11.22
N SER A 13 -1.24 -8.34 10.43
CA SER A 13 0.15 -8.29 9.98
C SER A 13 0.39 -7.21 8.92
N SER A 14 -0.64 -6.44 8.59
CA SER A 14 -0.76 -5.50 7.49
C SER A 14 0.12 -4.25 7.64
N ILE A 15 0.85 -4.06 8.74
CA ILE A 15 1.51 -2.80 9.05
C ILE A 15 2.99 -3.09 9.32
N SER A 16 3.89 -2.38 8.63
CA SER A 16 5.32 -2.65 8.63
C SER A 16 6.13 -1.34 8.56
N VAL A 17 7.29 -1.33 9.22
CA VAL A 17 8.34 -0.32 9.05
C VAL A 17 9.60 -1.12 8.67
N ILE A 18 10.33 -0.62 7.68
CA ILE A 18 11.41 -1.32 7.00
C ILE A 18 12.51 -0.27 6.80
N HIS A 19 13.77 -0.65 6.92
CA HIS A 19 14.89 0.27 6.77
C HIS A 19 14.99 0.75 5.32
N SER A 20 14.98 -0.19 4.38
CA SER A 20 14.87 0.03 2.95
C SER A 20 14.39 -1.27 2.31
N ALA A 21 13.57 -1.19 1.25
CA ALA A 21 13.28 -2.36 0.45
C ALA A 21 14.56 -2.74 -0.32
N LYS A 22 14.72 -4.04 -0.62
CA LYS A 22 15.87 -4.54 -1.36
C LYS A 22 15.94 -3.90 -2.76
N ASP A 23 14.80 -3.75 -3.42
CA ASP A 23 14.66 -3.14 -4.74
C ASP A 23 13.20 -2.73 -4.96
N TRP A 24 12.92 -2.13 -6.12
CA TRP A 24 11.57 -1.70 -6.50
C TRP A 24 10.54 -2.84 -6.46
N GLN A 25 10.92 -4.09 -6.76
CA GLN A 25 9.99 -5.21 -6.76
C GLN A 25 9.70 -5.64 -5.32
N GLU A 26 10.73 -5.70 -4.47
CA GLU A 26 10.57 -6.08 -3.07
C GLU A 26 9.72 -5.04 -2.33
N ALA A 27 9.75 -3.76 -2.74
CA ALA A 27 8.86 -2.75 -2.19
C ALA A 27 7.39 -3.09 -2.46
N ILE A 28 7.06 -3.57 -3.66
CA ILE A 28 5.70 -4.01 -3.96
C ILE A 28 5.39 -5.25 -3.13
N ASP A 29 6.34 -6.20 -3.03
CA ASP A 29 6.13 -7.42 -2.26
C ASP A 29 5.84 -7.09 -0.79
N PHE A 30 6.61 -6.22 -0.15
CA PHE A 30 6.35 -5.80 1.22
C PHE A 30 5.05 -5.01 1.38
N SER A 31 4.51 -4.42 0.30
CA SER A 31 3.21 -3.78 0.32
C SER A 31 2.06 -4.79 0.21
N MET A 32 2.35 -6.08 -0.05
CA MET A 32 1.36 -7.06 -0.45
C MET A 32 1.45 -8.37 0.35
N VAL A 33 2.62 -8.70 0.91
CA VAL A 33 2.88 -9.98 1.56
C VAL A 33 1.90 -10.24 2.71
N SER A 34 1.53 -9.21 3.47
CA SER A 34 0.59 -9.34 4.57
C SER A 34 -0.82 -9.71 4.10
N LEU A 35 -1.19 -9.38 2.85
CA LEU A 35 -2.46 -9.76 2.25
C LEU A 35 -2.34 -11.16 1.65
N LEU A 36 -1.21 -11.47 1.00
CA LEU A 36 -0.90 -12.78 0.45
C LEU A 36 -0.91 -13.84 1.56
N ASP A 37 -0.38 -13.52 2.74
CA ASP A 37 -0.24 -14.42 3.88
C ASP A 37 -1.59 -14.92 4.41
N LYS A 38 -2.67 -14.15 4.22
CA LYS A 38 -4.03 -14.56 4.60
C LYS A 38 -4.88 -14.88 3.36
N ASN A 39 -4.24 -15.06 2.20
CA ASN A 39 -4.88 -15.22 0.89
C ASN A 39 -6.00 -14.22 0.62
N TYR A 40 -5.82 -12.94 0.99
CA TYR A 40 -6.61 -11.86 0.40
C TYR A 40 -6.33 -11.73 -1.11
N ILE A 41 -5.17 -12.22 -1.58
CA ILE A 41 -4.70 -12.16 -2.96
C ILE A 41 -3.96 -13.46 -3.29
N SER A 42 -3.75 -13.72 -4.59
CA SER A 42 -2.85 -14.72 -5.12
C SER A 42 -1.53 -14.04 -5.54
N GLU A 43 -0.47 -14.82 -5.74
CA GLU A 43 0.87 -14.31 -6.09
C GLU A 43 0.84 -13.46 -7.37
N ASN A 44 0.01 -13.83 -8.34
CA ASN A 44 -0.11 -13.13 -9.62
C ASN A 44 -0.51 -11.67 -9.43
N TYR A 45 -1.28 -11.35 -8.38
CA TYR A 45 -1.74 -10.00 -8.11
C TYR A 45 -0.54 -9.07 -7.92
N ILE A 46 0.47 -9.49 -7.14
CA ILE A 46 1.67 -8.72 -6.92
C ILE A 46 2.41 -8.55 -8.25
N GLN A 47 2.57 -9.63 -9.00
CA GLN A 47 3.37 -9.61 -10.22
C GLN A 47 2.72 -8.71 -11.29
N ALA A 48 1.40 -8.58 -11.32
CA ALA A 48 0.71 -7.66 -12.22
C ALA A 48 1.14 -6.21 -11.96
N ILE A 49 1.27 -5.81 -10.69
CA ILE A 49 1.69 -4.46 -10.33
C ILE A 49 3.15 -4.28 -10.75
N LYS A 50 4.02 -5.26 -10.44
CA LYS A 50 5.44 -5.20 -10.80
C LYS A 50 5.61 -5.06 -12.30
N ASP A 51 4.93 -5.89 -13.09
CA ASP A 51 5.04 -5.89 -14.54
C ASP A 51 4.56 -4.56 -15.13
N SER A 52 3.46 -4.01 -14.61
CA SER A 52 2.96 -2.71 -15.05
C SER A 52 3.94 -1.59 -14.69
N THR A 53 4.54 -1.67 -13.51
CA THR A 53 5.53 -0.70 -13.03
C THR A 53 6.75 -0.73 -13.96
N ILE A 54 7.24 -1.91 -14.35
CA ILE A 54 8.35 -2.06 -15.26
C ILE A 54 7.96 -1.53 -16.65
N ASN A 55 6.75 -1.81 -17.13
CA ASN A 55 6.32 -1.44 -18.49
C ASN A 55 6.12 0.07 -18.65
N ASN A 56 5.67 0.76 -17.61
CA ASN A 56 5.24 2.16 -17.72
C ASN A 56 5.67 2.97 -16.51
N GLY A 57 5.28 2.54 -15.31
CA GLY A 57 5.58 3.22 -14.05
C GLY A 57 4.49 2.88 -13.03
N PRO A 58 4.64 3.27 -11.76
CA PRO A 58 3.63 3.04 -10.74
C PRO A 58 2.35 3.81 -11.10
N TYR A 59 1.20 3.13 -11.10
CA TYR A 59 -0.09 3.75 -11.43
C TYR A 59 -0.46 4.81 -10.39
N TYR A 60 -0.36 4.46 -9.10
CA TYR A 60 -1.04 5.16 -8.02
C TYR A 60 0.02 5.85 -7.16
N ILE A 61 0.37 7.07 -7.53
CA ILE A 61 1.20 7.99 -6.75
C ILE A 61 0.25 9.13 -6.36
N LEU A 62 0.25 9.49 -5.08
CA LEU A 62 -0.77 10.39 -4.50
C LEU A 62 -0.15 11.69 -4.00
N ALA A 63 1.13 11.65 -3.61
CA ALA A 63 1.92 12.80 -3.20
C ALA A 63 3.40 12.43 -3.40
N PRO A 64 4.31 13.42 -3.46
CA PRO A 64 5.75 13.16 -3.45
C PRO A 64 6.13 12.19 -2.31
N GLY A 65 6.62 11.00 -2.69
CA GLY A 65 7.08 9.99 -1.73
C GLY A 65 6.00 8.99 -1.31
N VAL A 66 4.78 9.05 -1.87
CA VAL A 66 3.63 8.30 -1.37
C VAL A 66 2.96 7.56 -2.54
N ALA A 67 2.77 6.25 -2.39
CA ALA A 67 2.20 5.36 -3.39
C ALA A 67 1.13 4.46 -2.80
N MET A 68 0.37 3.76 -3.65
CA MET A 68 -0.67 2.83 -3.22
C MET A 68 -0.69 1.58 -4.14
N PRO A 69 0.28 0.65 -4.03
CA PRO A 69 0.30 -0.58 -4.81
C PRO A 69 -1.04 -1.34 -4.75
N HIS A 70 -1.64 -1.59 -5.92
CA HIS A 70 -2.95 -2.21 -6.11
C HIS A 70 -3.04 -2.65 -7.57
N ALA A 71 -3.88 -3.66 -7.85
CA ALA A 71 -4.24 -4.10 -9.20
C ALA A 71 -5.74 -4.39 -9.21
N ARG A 72 -6.35 -4.54 -10.39
CA ARG A 72 -7.79 -4.81 -10.49
C ARG A 72 -8.11 -6.14 -9.77
N PRO A 73 -9.34 -6.33 -9.25
CA PRO A 73 -9.76 -7.59 -8.63
C PRO A 73 -9.39 -8.81 -9.47
N GLU A 74 -9.68 -8.77 -10.77
CA GLU A 74 -9.45 -9.85 -11.72
C GLU A 74 -7.97 -10.17 -11.95
N CYS A 75 -7.03 -9.34 -11.50
CA CYS A 75 -5.60 -9.66 -11.53
C CYS A 75 -5.20 -10.69 -10.47
N GLY A 76 -6.08 -11.01 -9.51
CA GLY A 76 -5.85 -12.10 -8.57
C GLY A 76 -6.21 -11.76 -7.12
N ALA A 77 -7.09 -10.79 -6.88
CA ALA A 77 -7.64 -10.59 -5.54
C ALA A 77 -8.66 -11.70 -5.25
N LEU A 78 -8.86 -11.97 -3.96
CA LEU A 78 -9.71 -13.07 -3.47
C LEU A 78 -10.66 -12.58 -2.37
N LYS A 79 -10.28 -11.51 -1.65
CA LYS A 79 -11.04 -10.88 -0.57
C LYS A 79 -10.74 -9.37 -0.64
N THR A 80 -11.13 -8.59 0.36
CA THR A 80 -10.93 -7.14 0.38
C THR A 80 -10.18 -6.73 1.65
N GLY A 81 -9.08 -5.99 1.51
CA GLY A 81 -8.22 -5.60 2.62
C GLY A 81 -7.14 -4.60 2.18
N MET A 82 -6.25 -4.23 3.09
CA MET A 82 -5.19 -3.23 2.89
C MET A 82 -3.91 -3.62 3.63
N SER A 83 -2.81 -2.92 3.32
CA SER A 83 -1.52 -2.98 4.00
C SER A 83 -0.98 -1.54 4.14
N LEU A 84 0.07 -1.34 4.92
CA LEU A 84 0.73 -0.05 5.16
C LEU A 84 2.19 -0.35 5.48
N THR A 85 3.10 0.19 4.68
CA THR A 85 4.52 -0.10 4.71
C THR A 85 5.27 1.23 4.59
N LEU A 86 6.22 1.47 5.51
CA LEU A 86 7.08 2.65 5.50
C LEU A 86 8.51 2.17 5.34
N LEU A 87 9.29 2.85 4.49
CA LEU A 87 10.67 2.58 4.18
C LEU A 87 11.46 3.79 4.66
N GLU A 88 12.34 3.64 5.65
CA GLU A 88 13.06 4.76 6.26
C GLU A 88 13.89 5.53 5.22
N GLN A 89 14.54 4.82 4.29
CA GLN A 89 15.36 5.43 3.24
C GLN A 89 14.63 5.46 1.87
N GLY A 90 13.42 4.91 1.80
CA GLY A 90 12.64 4.79 0.56
C GLY A 90 13.28 3.85 -0.47
N VAL A 91 12.68 3.78 -1.66
CA VAL A 91 13.27 3.16 -2.84
C VAL A 91 12.71 3.87 -4.08
N TYR A 92 13.50 3.95 -5.16
CA TYR A 92 13.12 4.64 -6.38
C TYR A 92 12.33 3.68 -7.26
N PHE A 93 11.07 4.01 -7.58
CA PHE A 93 10.26 3.26 -8.54
C PHE A 93 10.56 3.79 -9.95
N PRO A 94 10.57 2.94 -10.99
CA PRO A 94 10.97 3.35 -12.33
C PRO A 94 9.96 4.36 -12.88
N GLY A 95 10.47 5.42 -13.51
CA GLY A 95 9.65 6.44 -14.15
C GLY A 95 8.97 7.41 -13.17
N ASN A 96 9.03 7.18 -11.85
CA ASN A 96 8.54 8.16 -10.88
C ASN A 96 9.55 9.30 -10.74
N ASP A 97 9.11 10.44 -10.19
CA ASP A 97 9.93 11.64 -10.08
C ASP A 97 10.97 11.58 -8.94
N GLU A 98 10.71 10.80 -7.88
CA GLU A 98 11.54 10.72 -6.69
C GLU A 98 11.30 9.37 -5.97
N PRO A 99 12.10 8.96 -4.97
CA PRO A 99 11.87 7.69 -4.29
C PRO A 99 10.63 7.74 -3.40
N ILE A 100 9.94 6.61 -3.31
CA ILE A 100 8.77 6.42 -2.48
C ILE A 100 9.26 5.98 -1.10
N LYS A 101 8.69 6.57 -0.04
CA LYS A 101 8.93 6.14 1.35
C LYS A 101 7.70 5.48 1.94
N LEU A 102 6.49 5.77 1.46
CA LEU A 102 5.25 5.35 2.09
C LEU A 102 4.40 4.65 1.05
N LEU A 103 3.96 3.44 1.35
CA LEU A 103 3.16 2.61 0.45
C LEU A 103 2.01 2.06 1.27
N ILE A 104 0.81 2.01 0.68
CA ILE A 104 -0.36 1.39 1.28
C ILE A 104 -0.88 0.38 0.26
N GLY A 105 -0.98 -0.88 0.66
CA GLY A 105 -1.53 -1.93 -0.17
C GLY A 105 -3.05 -1.87 -0.12
N LEU A 106 -3.71 -2.38 -1.15
CA LEU A 106 -5.17 -2.49 -1.24
C LEU A 106 -5.43 -3.71 -2.11
N SER A 107 -6.42 -4.53 -1.74
CA SER A 107 -7.03 -5.55 -2.60
C SER A 107 -8.54 -5.54 -2.37
N ALA A 108 -9.31 -5.99 -3.36
CA ALA A 108 -10.76 -6.02 -3.29
C ALA A 108 -11.28 -7.17 -4.14
N ALA A 109 -12.32 -7.86 -3.65
CA ALA A 109 -12.93 -8.97 -4.36
C ALA A 109 -13.83 -8.52 -5.52
N ASP A 110 -14.23 -7.24 -5.55
CA ASP A 110 -15.19 -6.69 -6.52
C ASP A 110 -14.93 -5.19 -6.67
N ALA A 111 -15.32 -4.62 -7.82
CA ALA A 111 -15.11 -3.20 -8.13
C ALA A 111 -15.80 -2.27 -7.12
N ASP A 112 -16.98 -2.63 -6.60
CA ASP A 112 -17.66 -1.79 -5.61
C ASP A 112 -16.91 -1.82 -4.28
N SER A 113 -16.39 -2.99 -3.89
CA SER A 113 -15.54 -3.13 -2.72
C SER A 113 -14.25 -2.32 -2.89
N HIS A 114 -13.68 -2.29 -4.11
CA HIS A 114 -12.56 -1.42 -4.44
C HIS A 114 -12.93 0.04 -4.23
N ILE A 115 -14.06 0.52 -4.74
CA ILE A 115 -14.48 1.91 -4.56
C ILE A 115 -14.61 2.22 -3.07
N GLY A 116 -15.25 1.35 -2.27
CA GLY A 116 -15.40 1.56 -0.84
C GLY A 116 -14.04 1.67 -0.15
N ALA A 117 -13.12 0.76 -0.47
CA ALA A 117 -11.78 0.75 0.08
C ALA A 117 -11.01 2.02 -0.32
N ILE A 118 -11.06 2.44 -1.58
CA ILE A 118 -10.43 3.67 -2.06
C ILE A 118 -10.98 4.85 -1.24
N GLN A 119 -12.31 4.99 -1.13
CA GLN A 119 -12.91 6.10 -0.40
C GLN A 119 -12.47 6.11 1.06
N ALA A 120 -12.25 4.94 1.68
CA ALA A 120 -11.71 4.86 3.02
C ALA A 120 -10.27 5.41 3.06
N LEU A 121 -9.35 4.87 2.24
CA LEU A 121 -7.95 5.28 2.32
C LEU A 121 -7.68 6.70 1.79
N SER A 122 -8.58 7.31 1.02
CA SER A 122 -8.49 8.72 0.66
C SER A 122 -8.51 9.62 1.91
N GLU A 123 -9.14 9.19 3.01
CA GLU A 123 -9.14 9.93 4.27
C GLU A 123 -7.72 10.01 4.88
N LEU A 124 -6.76 9.24 4.36
CA LEU A 124 -5.38 9.24 4.81
C LEU A 124 -4.50 9.81 3.69
N LEU A 125 -4.61 9.29 2.46
CA LEU A 125 -3.67 9.62 1.40
C LEU A 125 -3.87 11.03 0.85
N CYS A 126 -5.05 11.63 1.06
CA CYS A 126 -5.39 12.96 0.55
C CYS A 126 -5.45 13.99 1.68
N GLU A 127 -4.80 13.70 2.82
CA GLU A 127 -4.74 14.57 3.98
C GLU A 127 -3.27 14.73 4.35
N GLU A 128 -2.66 15.85 3.94
CA GLU A 128 -1.24 16.11 4.14
C GLU A 128 -0.80 16.05 5.60
N GLU A 129 -1.72 16.35 6.53
CA GLU A 129 -1.47 16.26 7.96
C GLU A 129 -1.23 14.79 8.36
N ILE A 130 -1.97 13.85 7.77
CA ILE A 130 -1.79 12.42 8.01
C ILE A 130 -0.53 11.98 7.27
N LEU A 131 -0.28 12.46 6.05
CA LEU A 131 0.90 12.06 5.28
C LEU A 131 2.17 12.37 6.07
N GLU A 132 2.27 13.56 6.69
CA GLU A 132 3.41 13.90 7.52
C GLU A 132 3.56 12.87 8.65
N GLN A 133 2.48 12.60 9.40
CA GLN A 133 2.54 11.71 10.56
C GLN A 133 2.87 10.27 10.17
N LEU A 134 2.43 9.80 8.99
CA LEU A 134 2.80 8.50 8.46
C LEU A 134 4.27 8.50 8.10
N LEU A 135 4.75 9.52 7.40
CA LEU A 135 6.14 9.61 6.95
C LEU A 135 7.12 9.69 8.12
N THR A 136 6.75 10.35 9.22
CA THR A 136 7.62 10.47 10.39
C THR A 136 7.46 9.30 11.37
N ALA A 137 6.58 8.33 11.09
CA ALA A 137 6.23 7.27 12.04
C ALA A 137 7.48 6.49 12.46
N SER A 138 7.79 6.52 13.75
CA SER A 138 8.97 5.86 14.30
C SER A 138 8.81 4.34 14.35
N SER A 139 7.57 3.81 14.31
CA SER A 139 7.28 2.42 14.56
C SER A 139 5.98 2.01 13.88
N GLU A 140 5.78 0.68 13.77
CA GLU A 140 4.52 0.09 13.33
C GLU A 140 3.38 0.52 14.26
N LYS A 141 3.66 0.77 15.54
CA LYS A 141 2.63 1.23 16.49
C LYS A 141 2.12 2.60 16.09
N GLN A 142 3.00 3.53 15.72
CA GLN A 142 2.58 4.86 15.30
C GLN A 142 1.81 4.79 13.98
N LEU A 143 2.23 3.91 13.06
CA LEU A 143 1.47 3.66 11.82
C LEU A 143 0.07 3.13 12.15
N ALA A 144 -0.02 2.16 13.07
CA ALA A 144 -1.28 1.55 13.47
C ALA A 144 -2.21 2.57 14.13
N ASP A 145 -1.68 3.49 14.95
CA ASP A 145 -2.49 4.54 15.58
C ASP A 145 -3.23 5.36 14.52
N ILE A 146 -2.55 5.70 13.42
CA ILE A 146 -3.13 6.50 12.35
C ILE A 146 -4.25 5.70 11.66
N ILE A 147 -4.11 4.38 11.51
CA ILE A 147 -5.21 3.54 11.01
C ILE A 147 -6.38 3.58 12.00
N SER A 148 -6.14 3.37 13.30
CA SER A 148 -7.19 3.40 14.32
C SER A 148 -7.92 4.75 14.37
N ARG A 149 -7.23 5.84 14.05
CA ARG A 149 -7.78 7.19 14.00
C ARG A 149 -8.85 7.36 12.91
N GLY A 150 -8.83 6.51 11.87
CA GLY A 150 -9.76 6.57 10.76
C GLY A 150 -11.05 5.86 11.15
N MET A 4 -15.27 5.62 6.15
CA MET A 4 -15.33 4.26 6.72
C MET A 4 -14.37 4.10 7.89
N ARG A 5 -14.66 3.14 8.78
CA ARG A 5 -13.68 2.77 9.79
C ARG A 5 -12.53 2.09 9.08
N LEU A 6 -11.40 2.79 9.03
CA LEU A 6 -10.22 2.39 8.27
C LEU A 6 -9.76 1.02 8.71
N SER A 7 -9.74 0.77 10.02
CA SER A 7 -9.23 -0.45 10.63
C SER A 7 -9.92 -1.71 10.07
N ASP A 8 -11.14 -1.59 9.53
CA ASP A 8 -11.86 -2.70 8.91
C ASP A 8 -11.06 -3.32 7.75
N TYR A 9 -10.23 -2.51 7.08
CA TYR A 9 -9.46 -2.90 5.92
C TYR A 9 -8.06 -3.41 6.28
N PHE A 10 -7.55 -3.21 7.51
CA PHE A 10 -6.17 -3.54 7.88
C PHE A 10 -6.23 -4.71 8.89
N PRO A 11 -6.31 -5.97 8.43
CA PRO A 11 -6.60 -7.13 9.28
C PRO A 11 -5.74 -7.24 10.55
N GLU A 12 -4.41 -7.34 10.41
CA GLU A 12 -3.52 -7.49 11.55
C GLU A 12 -2.08 -7.13 11.21
N SER A 13 -1.37 -8.02 10.52
CA SER A 13 0.02 -7.87 10.07
C SER A 13 0.15 -6.79 8.97
N SER A 14 -0.89 -6.00 8.80
CA SER A 14 -1.15 -5.06 7.72
C SER A 14 -0.32 -3.78 7.82
N ILE A 15 0.64 -3.73 8.73
CA ILE A 15 1.37 -2.55 9.11
C ILE A 15 2.83 -3.02 9.19
N SER A 16 3.78 -2.27 8.63
CA SER A 16 5.20 -2.56 8.76
C SER A 16 6.02 -1.29 8.58
N VAL A 17 7.15 -1.24 9.28
CA VAL A 17 8.20 -0.25 9.12
C VAL A 17 9.45 -1.08 8.86
N ILE A 18 10.23 -0.64 7.87
CA ILE A 18 11.34 -1.36 7.30
C ILE A 18 12.44 -0.31 7.10
N HIS A 19 13.72 -0.69 7.22
CA HIS A 19 14.80 0.26 6.94
C HIS A 19 14.82 0.63 5.45
N SER A 20 14.65 -0.35 4.56
CA SER A 20 14.71 -0.16 3.12
C SER A 20 14.16 -1.43 2.46
N ALA A 21 13.49 -1.27 1.32
CA ALA A 21 13.12 -2.42 0.51
C ALA A 21 14.39 -2.88 -0.20
N LYS A 22 14.45 -4.16 -0.57
CA LYS A 22 15.58 -4.70 -1.33
C LYS A 22 15.73 -3.97 -2.66
N ASP A 23 14.60 -3.68 -3.31
CA ASP A 23 14.43 -2.86 -4.51
C ASP A 23 12.94 -2.58 -4.67
N TRP A 24 12.53 -1.89 -5.74
CA TRP A 24 11.14 -1.61 -6.01
C TRP A 24 10.27 -2.87 -6.22
N GLN A 25 10.79 -3.96 -6.80
CA GLN A 25 10.06 -5.23 -6.89
C GLN A 25 9.75 -5.68 -5.45
N GLU A 26 10.76 -5.73 -4.59
CA GLU A 26 10.57 -6.09 -3.19
C GLU A 26 9.62 -5.13 -2.48
N ALA A 27 9.65 -3.84 -2.84
CA ALA A 27 8.80 -2.84 -2.23
C ALA A 27 7.33 -3.10 -2.56
N ILE A 28 7.02 -3.65 -3.74
CA ILE A 28 5.67 -4.09 -4.06
C ILE A 28 5.34 -5.29 -3.18
N ASP A 29 6.24 -6.27 -3.09
CA ASP A 29 6.01 -7.45 -2.24
C ASP A 29 5.74 -7.03 -0.79
N PHE A 30 6.54 -6.11 -0.26
CA PHE A 30 6.34 -5.52 1.06
C PHE A 30 5.09 -4.63 1.13
N SER A 31 4.51 -4.16 0.01
CA SER A 31 3.21 -3.50 0.01
C SER A 31 2.06 -4.50 0.06
N MET A 32 2.29 -5.78 -0.25
CA MET A 32 1.20 -6.74 -0.45
C MET A 32 1.29 -7.99 0.41
N VAL A 33 2.44 -8.34 0.99
CA VAL A 33 2.63 -9.64 1.63
C VAL A 33 1.64 -9.84 2.78
N SER A 34 1.30 -8.79 3.54
CA SER A 34 0.37 -8.90 4.64
C SER A 34 -1.03 -9.31 4.17
N LEU A 35 -1.36 -9.08 2.90
CA LEU A 35 -2.61 -9.53 2.28
C LEU A 35 -2.39 -10.91 1.69
N LEU A 36 -1.25 -11.16 1.03
CA LEU A 36 -0.90 -12.46 0.45
C LEU A 36 -0.99 -13.56 1.52
N ASP A 37 -0.48 -13.25 2.71
CA ASP A 37 -0.28 -14.19 3.82
C ASP A 37 -1.57 -14.73 4.42
N LYS A 38 -2.68 -14.00 4.27
CA LYS A 38 -4.01 -14.51 4.68
C LYS A 38 -4.88 -14.75 3.45
N ASN A 39 -4.26 -14.95 2.28
CA ASN A 39 -4.94 -15.19 1.01
C ASN A 39 -5.97 -14.10 0.65
N TYR A 40 -5.74 -12.84 1.00
CA TYR A 40 -6.57 -11.74 0.48
C TYR A 40 -6.31 -11.57 -1.02
N ILE A 41 -5.16 -12.04 -1.51
CA ILE A 41 -4.70 -11.98 -2.89
C ILE A 41 -3.96 -13.28 -3.22
N SER A 42 -3.58 -13.42 -4.49
CA SER A 42 -2.76 -14.51 -5.03
C SER A 42 -1.42 -13.90 -5.45
N GLU A 43 -0.36 -14.70 -5.59
CA GLU A 43 0.99 -14.20 -5.88
C GLU A 43 1.05 -13.43 -7.21
N ASN A 44 0.22 -13.80 -8.18
CA ASN A 44 0.11 -13.09 -9.46
C ASN A 44 -0.28 -11.62 -9.26
N TYR A 45 -1.06 -11.31 -8.23
CA TYR A 45 -1.54 -9.96 -7.98
C TYR A 45 -0.36 -9.00 -7.74
N ILE A 46 0.61 -9.45 -6.93
CA ILE A 46 1.85 -8.71 -6.70
C ILE A 46 2.56 -8.48 -8.04
N GLN A 47 2.74 -9.55 -8.83
CA GLN A 47 3.50 -9.45 -10.06
C GLN A 47 2.77 -8.62 -11.12
N ALA A 48 1.44 -8.53 -11.08
CA ALA A 48 0.67 -7.65 -11.97
C ALA A 48 1.06 -6.19 -11.76
N ILE A 49 1.23 -5.76 -10.51
CA ILE A 49 1.63 -4.39 -10.22
C ILE A 49 3.07 -4.21 -10.69
N LYS A 50 3.96 -5.16 -10.39
CA LYS A 50 5.36 -5.03 -10.80
C LYS A 50 5.45 -4.96 -12.32
N ASP A 51 4.68 -5.75 -13.05
CA ASP A 51 4.65 -5.74 -14.52
C ASP A 51 4.10 -4.41 -15.05
N SER A 52 3.09 -3.85 -14.39
CA SER A 52 2.58 -2.51 -14.71
C SER A 52 3.68 -1.45 -14.46
N THR A 53 4.49 -1.64 -13.42
CA THR A 53 5.63 -0.79 -13.10
C THR A 53 6.72 -0.91 -14.17
N ILE A 54 6.95 -2.10 -14.73
CA ILE A 54 7.86 -2.29 -15.87
C ILE A 54 7.30 -1.56 -17.10
N ASN A 55 5.98 -1.65 -17.34
CA ASN A 55 5.34 -1.14 -18.55
C ASN A 55 5.44 0.37 -18.66
N ASN A 56 5.40 1.07 -17.54
CA ASN A 56 5.26 2.53 -17.50
C ASN A 56 5.94 3.11 -16.27
N GLY A 57 5.63 2.59 -15.08
CA GLY A 57 6.08 3.11 -13.81
C GLY A 57 4.98 2.90 -12.77
N PRO A 58 5.19 3.33 -11.51
CA PRO A 58 4.16 3.35 -10.47
C PRO A 58 2.80 3.84 -11.00
N TYR A 59 1.81 2.96 -10.94
CA TYR A 59 0.44 3.29 -11.33
C TYR A 59 -0.28 4.10 -10.26
N TYR A 60 0.27 4.15 -9.04
CA TYR A 60 -0.37 4.69 -7.86
C TYR A 60 0.64 5.55 -7.11
N ILE A 61 0.52 6.87 -7.24
CA ILE A 61 1.37 7.88 -6.60
C ILE A 61 0.40 8.98 -6.16
N LEU A 62 0.62 9.55 -4.97
CA LEU A 62 -0.34 10.45 -4.33
C LEU A 62 0.30 11.74 -3.82
N ALA A 63 1.59 11.68 -3.48
CA ALA A 63 2.37 12.79 -2.97
C ALA A 63 3.84 12.41 -3.17
N PRO A 64 4.79 13.37 -3.15
CA PRO A 64 6.21 13.06 -3.21
C PRO A 64 6.60 11.98 -2.18
N GLY A 65 7.02 10.82 -2.67
CA GLY A 65 7.47 9.71 -1.84
C GLY A 65 6.35 8.81 -1.34
N VAL A 66 5.12 8.91 -1.87
CA VAL A 66 3.97 8.17 -1.38
C VAL A 66 3.27 7.49 -2.56
N ALA A 67 3.05 6.18 -2.44
CA ALA A 67 2.41 5.33 -3.44
C ALA A 67 1.25 4.58 -2.79
N MET A 68 0.42 3.93 -3.61
CA MET A 68 -0.69 3.11 -3.12
C MET A 68 -0.89 1.86 -3.98
N PRO A 69 0.04 0.90 -3.97
CA PRO A 69 -0.06 -0.26 -4.87
C PRO A 69 -1.39 -1.02 -4.70
N HIS A 70 -1.83 -1.62 -5.81
CA HIS A 70 -3.13 -2.25 -6.06
C HIS A 70 -3.15 -2.65 -7.54
N ALA A 71 -3.92 -3.67 -7.88
CA ALA A 71 -4.21 -4.10 -9.24
C ALA A 71 -5.71 -4.39 -9.32
N ARG A 72 -6.25 -4.52 -10.52
CA ARG A 72 -7.66 -4.89 -10.69
C ARG A 72 -7.94 -6.16 -9.88
N PRO A 73 -9.16 -6.33 -9.33
CA PRO A 73 -9.57 -7.56 -8.65
C PRO A 73 -9.20 -8.82 -9.46
N GLU A 74 -9.42 -8.78 -10.79
CA GLU A 74 -9.19 -9.90 -11.69
C GLU A 74 -7.72 -10.35 -11.77
N CYS A 75 -6.78 -9.54 -11.27
CA CYS A 75 -5.35 -9.88 -11.26
C CYS A 75 -5.01 -10.86 -10.15
N GLY A 76 -5.98 -11.29 -9.33
CA GLY A 76 -5.79 -12.35 -8.35
C GLY A 76 -6.24 -11.95 -6.95
N ALA A 77 -7.01 -10.87 -6.79
CA ALA A 77 -7.64 -10.58 -5.52
C ALA A 77 -8.67 -11.66 -5.18
N LEU A 78 -8.83 -11.93 -3.90
CA LEU A 78 -9.66 -13.01 -3.37
C LEU A 78 -10.57 -12.49 -2.26
N LYS A 79 -10.09 -11.52 -1.48
CA LYS A 79 -10.83 -10.86 -0.40
C LYS A 79 -10.40 -9.40 -0.35
N THR A 80 -11.24 -8.53 0.20
CA THR A 80 -10.99 -7.12 0.25
C THR A 80 -10.23 -6.74 1.53
N GLY A 81 -9.17 -5.94 1.43
CA GLY A 81 -8.30 -5.56 2.53
C GLY A 81 -7.26 -4.54 2.08
N MET A 82 -6.34 -4.16 2.96
CA MET A 82 -5.30 -3.16 2.76
C MET A 82 -4.07 -3.51 3.59
N SER A 83 -2.98 -2.79 3.35
CA SER A 83 -1.70 -2.91 4.02
C SER A 83 -1.02 -1.52 4.01
N LEU A 84 -0.02 -1.32 4.87
CA LEU A 84 0.64 -0.05 5.12
C LEU A 84 2.12 -0.32 5.42
N THR A 85 3.02 0.27 4.64
CA THR A 85 4.45 -0.02 4.67
C THR A 85 5.21 1.29 4.60
N LEU A 86 6.35 1.40 5.30
CA LEU A 86 7.20 2.59 5.26
C LEU A 86 8.66 2.14 5.29
N LEU A 87 9.47 2.67 4.38
CA LEU A 87 10.89 2.41 4.22
C LEU A 87 11.65 3.64 4.73
N GLU A 88 12.48 3.50 5.76
CA GLU A 88 13.20 4.63 6.36
C GLU A 88 14.12 5.32 5.35
N GLN A 89 14.71 4.57 4.43
CA GLN A 89 15.59 5.09 3.37
C GLN A 89 14.84 5.31 2.06
N GLY A 90 13.61 4.81 1.95
CA GLY A 90 12.88 4.75 0.68
C GLY A 90 13.54 3.77 -0.28
N VAL A 91 12.97 3.63 -1.48
CA VAL A 91 13.58 2.92 -2.60
C VAL A 91 13.07 3.59 -3.88
N TYR A 92 13.75 3.39 -5.00
CA TYR A 92 13.49 4.16 -6.22
C TYR A 92 12.83 3.25 -7.25
N PHE A 93 11.61 3.62 -7.62
CA PHE A 93 10.86 2.96 -8.67
C PHE A 93 11.35 3.46 -10.04
N PRO A 94 11.22 2.66 -11.11
CA PRO A 94 11.84 2.92 -12.41
C PRO A 94 11.12 3.97 -13.28
N GLY A 95 9.97 4.50 -12.85
CA GLY A 95 9.13 5.37 -13.69
C GLY A 95 8.34 6.37 -12.87
N ASN A 96 8.91 6.87 -11.76
CA ASN A 96 8.36 7.97 -10.97
C ASN A 96 9.50 8.93 -10.63
N ASP A 97 9.17 10.21 -10.39
CA ASP A 97 10.16 11.26 -10.27
C ASP A 97 11.07 11.11 -9.05
N GLU A 98 10.57 10.52 -7.97
CA GLU A 98 11.28 10.46 -6.69
C GLU A 98 11.12 9.07 -6.02
N PRO A 99 11.97 8.71 -5.05
CA PRO A 99 11.90 7.42 -4.38
C PRO A 99 10.73 7.39 -3.41
N ILE A 100 10.06 6.24 -3.30
CA ILE A 100 8.91 6.06 -2.42
C ILE A 100 9.44 5.70 -1.04
N LYS A 101 8.88 6.32 -0.02
CA LYS A 101 9.14 5.99 1.38
C LYS A 101 7.92 5.35 2.01
N LEU A 102 6.72 5.44 1.43
CA LEU A 102 5.48 5.04 2.10
C LEU A 102 4.48 4.51 1.09
N LEU A 103 3.83 3.38 1.41
CA LEU A 103 2.96 2.65 0.50
C LEU A 103 1.73 2.17 1.26
N ILE A 104 0.54 2.29 0.68
CA ILE A 104 -0.67 1.65 1.19
C ILE A 104 -1.13 0.66 0.12
N GLY A 105 -1.11 -0.62 0.46
CA GLY A 105 -1.70 -1.64 -0.39
C GLY A 105 -3.22 -1.62 -0.23
N LEU A 106 -3.95 -2.04 -1.27
CA LEU A 106 -5.39 -2.29 -1.23
C LEU A 106 -5.60 -3.51 -2.16
N SER A 107 -6.45 -4.45 -1.75
CA SER A 107 -6.94 -5.56 -2.57
C SER A 107 -8.46 -5.58 -2.42
N ALA A 108 -9.20 -5.98 -3.45
CA ALA A 108 -10.65 -6.05 -3.38
C ALA A 108 -11.15 -7.19 -4.21
N ALA A 109 -12.12 -7.95 -3.68
CA ALA A 109 -12.70 -9.08 -4.38
C ALA A 109 -13.63 -8.62 -5.52
N ASP A 110 -14.12 -7.38 -5.46
CA ASP A 110 -15.01 -6.80 -6.47
C ASP A 110 -14.69 -5.32 -6.65
N ALA A 111 -14.96 -4.77 -7.84
CA ALA A 111 -14.65 -3.39 -8.17
C ALA A 111 -15.35 -2.39 -7.25
N ASP A 112 -16.54 -2.67 -6.76
CA ASP A 112 -17.25 -1.77 -5.83
C ASP A 112 -16.68 -1.90 -4.42
N SER A 113 -16.20 -3.08 -4.04
CA SER A 113 -15.44 -3.25 -2.80
C SER A 113 -14.14 -2.43 -2.87
N HIS A 114 -13.50 -2.38 -4.05
CA HIS A 114 -12.36 -1.51 -4.32
C HIS A 114 -12.75 -0.05 -4.11
N ILE A 115 -13.89 0.38 -4.67
CA ILE A 115 -14.36 1.75 -4.51
C ILE A 115 -14.54 2.05 -3.02
N GLY A 116 -15.24 1.20 -2.26
CA GLY A 116 -15.47 1.41 -0.83
C GLY A 116 -14.16 1.51 -0.05
N ALA A 117 -13.18 0.69 -0.42
CA ALA A 117 -11.86 0.65 0.20
C ALA A 117 -11.09 1.93 -0.12
N ILE A 118 -10.95 2.31 -1.39
CA ILE A 118 -10.37 3.56 -1.84
C ILE A 118 -11.02 4.71 -1.08
N GLN A 119 -12.34 4.74 -0.98
CA GLN A 119 -13.10 5.80 -0.30
C GLN A 119 -12.84 5.83 1.21
N ALA A 120 -12.16 4.82 1.77
CA ALA A 120 -11.67 4.81 3.12
C ALA A 120 -10.23 5.32 3.15
N LEU A 121 -9.37 4.79 2.28
CA LEU A 121 -7.95 5.11 2.36
C LEU A 121 -7.64 6.52 1.91
N SER A 122 -8.49 7.09 1.07
CA SER A 122 -8.40 8.50 0.68
C SER A 122 -8.66 9.44 1.86
N GLU A 123 -9.33 8.98 2.92
CA GLU A 123 -9.47 9.76 4.15
C GLU A 123 -8.10 9.90 4.82
N LEU A 124 -7.17 9.01 4.50
CA LEU A 124 -5.81 9.02 5.00
C LEU A 124 -4.87 9.70 4.01
N LEU A 125 -4.56 9.06 2.87
CA LEU A 125 -3.49 9.57 2.01
C LEU A 125 -3.82 10.90 1.32
N CYS A 126 -5.07 11.37 1.31
CA CYS A 126 -5.44 12.65 0.73
C CYS A 126 -5.60 13.74 1.81
N GLU A 127 -4.90 13.58 2.93
CA GLU A 127 -4.77 14.53 4.01
C GLU A 127 -3.28 14.67 4.27
N GLU A 128 -2.73 15.83 3.93
CA GLU A 128 -1.31 16.12 4.12
C GLU A 128 -0.90 16.02 5.59
N GLU A 129 -1.85 16.25 6.51
CA GLU A 129 -1.64 16.11 7.93
C GLU A 129 -1.29 14.65 8.27
N ILE A 130 -2.08 13.73 7.72
CA ILE A 130 -1.87 12.29 7.86
C ILE A 130 -0.57 11.91 7.19
N LEU A 131 -0.30 12.42 5.97
CA LEU A 131 0.88 12.03 5.21
C LEU A 131 2.15 12.26 6.00
N GLU A 132 2.27 13.40 6.67
CA GLU A 132 3.43 13.71 7.49
C GLU A 132 3.49 12.79 8.71
N GLN A 133 2.35 12.49 9.34
CA GLN A 133 2.33 11.68 10.55
C GLN A 133 2.69 10.23 10.21
N LEU A 134 2.32 9.74 9.02
CA LEU A 134 2.78 8.45 8.53
C LEU A 134 4.27 8.58 8.24
N LEU A 135 4.66 9.53 7.39
CA LEU A 135 6.04 9.67 6.91
C LEU A 135 7.05 9.80 8.06
N THR A 136 6.65 10.30 9.22
CA THR A 136 7.50 10.51 10.39
C THR A 136 7.31 9.39 11.45
N ALA A 137 6.54 8.34 11.16
CA ALA A 137 6.30 7.22 12.05
C ALA A 137 7.61 6.54 12.43
N SER A 138 8.00 6.63 13.70
CA SER A 138 9.20 6.01 14.24
C SER A 138 9.06 4.47 14.30
N SER A 139 7.83 3.96 14.38
CA SER A 139 7.55 2.55 14.66
C SER A 139 6.23 2.14 14.00
N GLU A 140 6.07 0.83 13.80
CA GLU A 140 4.87 0.19 13.27
C GLU A 140 3.61 0.64 14.03
N LYS A 141 3.72 0.79 15.35
CA LYS A 141 2.61 1.20 16.20
C LYS A 141 2.02 2.54 15.78
N GLN A 142 2.82 3.48 15.29
CA GLN A 142 2.37 4.78 14.93
C GLN A 142 1.72 4.74 13.53
N LEU A 143 2.13 3.83 12.65
CA LEU A 143 1.40 3.63 11.39
C LEU A 143 0.01 3.08 11.71
N ALA A 144 -0.05 2.02 12.53
CA ALA A 144 -1.29 1.45 13.03
C ALA A 144 -2.16 2.45 13.79
N ASP A 145 -1.57 3.41 14.51
CA ASP A 145 -2.31 4.45 15.22
C ASP A 145 -3.10 5.31 14.24
N ILE A 146 -2.50 5.70 13.11
CA ILE A 146 -3.13 6.53 12.11
C ILE A 146 -4.26 5.74 11.42
N ILE A 147 -4.07 4.43 11.23
CA ILE A 147 -5.16 3.56 10.79
C ILE A 147 -6.30 3.63 11.80
N SER A 148 -5.98 3.39 13.07
CA SER A 148 -6.97 3.22 14.11
C SER A 148 -7.79 4.50 14.33
N ARG A 149 -7.19 5.67 14.03
CA ARG A 149 -7.82 6.97 14.08
C ARG A 149 -9.04 7.10 13.16
N GLY A 150 -9.08 6.33 12.07
CA GLY A 150 -10.11 6.43 11.06
C GLY A 150 -11.31 5.60 11.48
N MET A 4 -15.53 4.98 6.22
CA MET A 4 -15.44 3.69 6.96
C MET A 4 -14.39 3.78 8.04
N ARG A 5 -14.53 2.96 9.10
CA ARG A 5 -13.43 2.81 10.06
C ARG A 5 -12.32 2.11 9.28
N LEU A 6 -11.21 2.81 9.03
CA LEU A 6 -10.09 2.30 8.23
C LEU A 6 -9.70 0.90 8.69
N SER A 7 -9.63 0.71 10.01
CA SER A 7 -9.28 -0.53 10.69
C SER A 7 -10.03 -1.76 10.17
N ASP A 8 -11.22 -1.60 9.57
CA ASP A 8 -11.99 -2.71 9.00
C ASP A 8 -11.20 -3.44 7.89
N TYR A 9 -10.29 -2.74 7.22
CA TYR A 9 -9.55 -3.26 6.07
C TYR A 9 -8.13 -3.73 6.43
N PHE A 10 -7.56 -3.38 7.59
CA PHE A 10 -6.17 -3.68 7.93
C PHE A 10 -6.19 -4.87 8.91
N PRO A 11 -5.98 -6.12 8.45
CA PRO A 11 -6.15 -7.29 9.29
C PRO A 11 -5.26 -7.30 10.54
N GLU A 12 -3.94 -7.28 10.34
CA GLU A 12 -2.96 -7.48 11.40
C GLU A 12 -1.56 -7.06 10.97
N SER A 13 -0.82 -7.97 10.35
CA SER A 13 0.52 -7.74 9.80
C SER A 13 0.49 -6.78 8.60
N SER A 14 -0.68 -6.18 8.34
CA SER A 14 -0.93 -5.32 7.19
C SER A 14 -0.09 -4.04 7.23
N ILE A 15 0.31 -3.60 8.42
CA ILE A 15 1.14 -2.45 8.61
C ILE A 15 2.57 -2.97 8.79
N SER A 16 3.55 -2.29 8.21
CA SER A 16 4.96 -2.67 8.33
C SER A 16 5.86 -1.44 8.14
N VAL A 17 7.08 -1.54 8.65
CA VAL A 17 8.15 -0.57 8.47
C VAL A 17 9.36 -1.38 7.98
N ILE A 18 10.16 -0.77 7.11
CA ILE A 18 11.23 -1.37 6.36
C ILE A 18 12.37 -0.35 6.40
N HIS A 19 13.63 -0.78 6.55
CA HIS A 19 14.73 0.18 6.41
C HIS A 19 14.87 0.56 4.93
N SER A 20 14.92 -0.44 4.06
CA SER A 20 15.06 -0.30 2.62
C SER A 20 14.54 -1.60 2.00
N ALA A 21 13.89 -1.52 0.84
CA ALA A 21 13.57 -2.70 0.09
C ALA A 21 14.80 -3.12 -0.71
N LYS A 22 14.87 -4.41 -1.08
CA LYS A 22 15.93 -4.94 -1.91
C LYS A 22 15.98 -4.21 -3.26
N ASP A 23 14.81 -3.96 -3.82
CA ASP A 23 14.53 -3.17 -5.03
C ASP A 23 13.03 -2.88 -5.04
N TRP A 24 12.59 -2.13 -6.04
CA TRP A 24 11.22 -1.80 -6.31
C TRP A 24 10.29 -3.03 -6.45
N GLN A 25 10.74 -4.14 -7.04
CA GLN A 25 9.94 -5.37 -7.06
C GLN A 25 9.74 -5.85 -5.63
N GLU A 26 10.81 -5.95 -4.84
CA GLU A 26 10.73 -6.33 -3.44
C GLU A 26 9.89 -5.35 -2.63
N ALA A 27 9.89 -4.07 -3.00
CA ALA A 27 9.14 -3.05 -2.29
C ALA A 27 7.63 -3.29 -2.45
N ILE A 28 7.19 -3.74 -3.63
CA ILE A 28 5.81 -4.19 -3.82
C ILE A 28 5.61 -5.44 -2.95
N ASP A 29 6.54 -6.39 -3.00
CA ASP A 29 6.42 -7.67 -2.32
C ASP A 29 6.24 -7.46 -0.82
N PHE A 30 7.10 -6.64 -0.20
CA PHE A 30 7.00 -6.25 1.19
C PHE A 30 5.71 -5.45 1.46
N SER A 31 5.17 -4.73 0.47
CA SER A 31 3.90 -4.02 0.67
C SER A 31 2.68 -4.95 0.64
N MET A 32 2.81 -6.18 0.15
CA MET A 32 1.66 -7.05 -0.09
C MET A 32 1.79 -8.45 0.53
N VAL A 33 2.97 -8.88 1.00
CA VAL A 33 3.18 -10.23 1.53
C VAL A 33 2.22 -10.56 2.67
N SER A 34 1.83 -9.60 3.49
CA SER A 34 0.90 -9.85 4.57
C SER A 34 -0.48 -10.19 4.00
N LEU A 35 -0.93 -9.48 2.96
CA LEU A 35 -2.18 -9.78 2.27
C LEU A 35 -2.06 -11.14 1.59
N LEU A 36 -0.89 -11.46 1.02
CA LEU A 36 -0.65 -12.71 0.34
C LEU A 36 -0.82 -13.89 1.31
N ASP A 37 -0.18 -13.80 2.48
CA ASP A 37 -0.18 -14.85 3.50
C ASP A 37 -1.55 -15.09 4.10
N LYS A 38 -2.36 -14.03 4.19
CA LYS A 38 -3.74 -14.07 4.65
C LYS A 38 -4.69 -14.54 3.54
N ASN A 39 -4.19 -14.82 2.34
CA ASN A 39 -4.94 -15.09 1.12
C ASN A 39 -5.94 -13.99 0.76
N TYR A 40 -5.65 -12.72 1.08
CA TYR A 40 -6.43 -11.59 0.57
C TYR A 40 -6.20 -11.46 -0.95
N ILE A 41 -5.07 -11.94 -1.44
CA ILE A 41 -4.62 -11.85 -2.83
C ILE A 41 -3.87 -13.13 -3.22
N SER A 42 -3.60 -13.30 -4.52
CA SER A 42 -2.71 -14.32 -5.07
C SER A 42 -1.31 -13.73 -5.29
N GLU A 43 -0.33 -14.57 -5.63
CA GLU A 43 0.98 -14.10 -6.06
C GLU A 43 0.89 -13.36 -7.40
N ASN A 44 -0.03 -13.79 -8.28
CA ASN A 44 -0.23 -13.17 -9.59
C ASN A 44 -0.64 -11.71 -9.43
N TYR A 45 -1.50 -11.42 -8.45
CA TYR A 45 -1.95 -10.07 -8.15
C TYR A 45 -0.74 -9.16 -7.92
N ILE A 46 0.18 -9.60 -7.06
CA ILE A 46 1.40 -8.86 -6.74
C ILE A 46 2.21 -8.64 -8.03
N GLN A 47 2.43 -9.70 -8.81
CA GLN A 47 3.28 -9.61 -9.98
C GLN A 47 2.67 -8.74 -11.08
N ALA A 48 1.33 -8.62 -11.16
CA ALA A 48 0.67 -7.68 -12.06
C ALA A 48 1.11 -6.25 -11.77
N ILE A 49 1.25 -5.90 -10.49
CA ILE A 49 1.65 -4.57 -10.06
C ILE A 49 3.10 -4.39 -10.43
N LYS A 50 3.97 -5.34 -10.04
CA LYS A 50 5.40 -5.22 -10.26
C LYS A 50 5.68 -5.09 -11.77
N ASP A 51 5.02 -5.88 -12.60
CA ASP A 51 5.20 -5.89 -14.05
C ASP A 51 4.76 -4.55 -14.66
N SER A 52 3.59 -4.04 -14.26
CA SER A 52 3.11 -2.73 -14.73
C SER A 52 4.03 -1.61 -14.25
N THR A 53 4.58 -1.75 -13.04
CA THR A 53 5.52 -0.80 -12.46
C THR A 53 6.79 -0.74 -13.31
N ILE A 54 7.35 -1.88 -13.70
CA ILE A 54 8.53 -1.94 -14.58
C ILE A 54 8.18 -1.35 -15.95
N ASN A 55 7.03 -1.74 -16.52
CA ASN A 55 6.69 -1.41 -17.90
C ASN A 55 6.33 0.07 -18.09
N ASN A 56 5.74 0.70 -17.07
CA ASN A 56 5.14 2.02 -17.20
C ASN A 56 5.46 2.88 -15.98
N GLY A 57 5.10 2.41 -14.79
CA GLY A 57 5.35 3.06 -13.51
C GLY A 57 4.33 2.59 -12.47
N PRO A 58 4.55 2.88 -11.18
CA PRO A 58 3.60 2.54 -10.11
C PRO A 58 2.15 2.87 -10.48
N TYR A 59 1.23 1.97 -10.12
CA TYR A 59 -0.19 2.06 -10.47
C TYR A 59 -0.81 3.41 -10.08
N TYR A 60 -0.41 3.99 -8.95
CA TYR A 60 -0.83 5.31 -8.50
C TYR A 60 0.31 5.88 -7.65
N ILE A 61 0.35 7.20 -7.58
CA ILE A 61 1.29 8.02 -6.82
C ILE A 61 0.39 9.07 -6.19
N LEU A 62 0.66 9.43 -4.93
CA LEU A 62 -0.27 10.22 -4.13
C LEU A 62 0.26 11.63 -3.86
N ALA A 63 1.56 11.73 -3.59
CA ALA A 63 2.22 12.93 -3.10
C ALA A 63 3.73 12.69 -3.20
N PRO A 64 4.57 13.73 -3.11
CA PRO A 64 6.02 13.57 -2.98
C PRO A 64 6.35 12.53 -1.88
N GLY A 65 6.90 11.39 -2.29
CA GLY A 65 7.32 10.34 -1.37
C GLY A 65 6.24 9.32 -1.03
N VAL A 66 5.05 9.35 -1.64
CA VAL A 66 3.92 8.52 -1.22
C VAL A 66 3.26 7.90 -2.45
N ALA A 67 2.97 6.60 -2.39
CA ALA A 67 2.34 5.81 -3.45
C ALA A 67 1.22 4.95 -2.88
N MET A 68 0.39 4.40 -3.77
CA MET A 68 -0.60 3.39 -3.41
C MET A 68 -0.77 2.44 -4.59
N PRO A 69 0.10 1.43 -4.77
CA PRO A 69 0.08 0.56 -5.95
C PRO A 69 -1.25 -0.20 -6.15
N HIS A 70 -1.36 -1.41 -5.59
CA HIS A 70 -2.41 -2.41 -5.82
C HIS A 70 -2.74 -2.68 -7.31
N ALA A 71 -3.66 -3.61 -7.57
CA ALA A 71 -4.10 -4.01 -8.91
C ALA A 71 -5.62 -4.08 -8.90
N ARG A 72 -6.23 -4.19 -10.08
CA ARG A 72 -7.67 -4.39 -10.19
C ARG A 72 -8.04 -5.72 -9.51
N PRO A 73 -9.26 -5.85 -8.96
CA PRO A 73 -9.76 -7.10 -8.36
C PRO A 73 -9.47 -8.33 -9.23
N GLU A 74 -9.71 -8.21 -10.53
CA GLU A 74 -9.59 -9.29 -11.52
C GLU A 74 -8.16 -9.83 -11.66
N CYS A 75 -7.15 -9.11 -11.15
CA CYS A 75 -5.75 -9.51 -11.24
C CYS A 75 -5.40 -10.56 -10.20
N GLY A 76 -6.31 -10.93 -9.29
CA GLY A 76 -6.10 -11.99 -8.33
C GLY A 76 -6.44 -11.61 -6.90
N ALA A 77 -7.24 -10.55 -6.68
CA ALA A 77 -7.77 -10.30 -5.35
C ALA A 77 -8.76 -11.42 -5.03
N LEU A 78 -8.79 -11.83 -3.77
CA LEU A 78 -9.56 -12.98 -3.29
C LEU A 78 -10.51 -12.54 -2.17
N LYS A 79 -10.11 -11.56 -1.38
CA LYS A 79 -10.88 -10.95 -0.29
C LYS A 79 -10.55 -9.45 -0.29
N THR A 80 -11.27 -8.65 0.49
CA THR A 80 -11.09 -7.21 0.55
C THR A 80 -10.33 -6.82 1.83
N GLY A 81 -9.18 -6.14 1.71
CA GLY A 81 -8.27 -5.77 2.81
C GLY A 81 -7.23 -4.75 2.34
N MET A 82 -6.28 -4.34 3.19
CA MET A 82 -5.35 -3.23 2.94
C MET A 82 -4.00 -3.45 3.64
N SER A 83 -3.02 -2.62 3.31
CA SER A 83 -1.70 -2.58 3.93
C SER A 83 -1.16 -1.15 3.95
N LEU A 84 -0.09 -0.90 4.71
CA LEU A 84 0.46 0.40 4.98
C LEU A 84 1.95 0.19 5.28
N THR A 85 2.83 0.57 4.35
CA THR A 85 4.25 0.24 4.39
C THR A 85 5.05 1.54 4.35
N LEU A 86 6.14 1.62 5.13
CA LEU A 86 7.01 2.80 5.16
C LEU A 86 8.46 2.32 5.06
N LEU A 87 9.24 2.92 4.16
CA LEU A 87 10.65 2.61 3.91
C LEU A 87 11.48 3.79 4.41
N GLU A 88 12.37 3.58 5.38
CA GLU A 88 13.18 4.65 5.97
C GLU A 88 14.11 5.31 4.94
N GLN A 89 14.65 4.52 4.01
CA GLN A 89 15.51 4.98 2.92
C GLN A 89 14.71 5.32 1.66
N GLY A 90 13.46 4.85 1.59
CA GLY A 90 12.66 4.88 0.38
C GLY A 90 13.23 3.94 -0.68
N VAL A 91 12.59 3.86 -1.85
CA VAL A 91 13.12 3.20 -3.03
C VAL A 91 12.66 4.02 -4.25
N TYR A 92 13.28 3.82 -5.41
CA TYR A 92 13.08 4.69 -6.58
C TYR A 92 12.57 3.88 -7.76
N PHE A 93 11.26 3.69 -7.77
CA PHE A 93 10.52 3.07 -8.85
C PHE A 93 10.86 3.68 -10.21
N PRO A 94 10.90 2.89 -11.30
CA PRO A 94 11.00 3.42 -12.65
C PRO A 94 9.70 4.15 -13.02
N GLY A 95 9.77 5.13 -13.92
CA GLY A 95 8.63 5.88 -14.45
C GLY A 95 8.13 6.94 -13.47
N ASN A 96 8.00 6.57 -12.20
CA ASN A 96 7.75 7.42 -11.06
C ASN A 96 8.78 8.56 -11.00
N ASP A 97 8.33 9.77 -10.63
CA ASP A 97 9.14 10.98 -10.73
C ASP A 97 10.23 11.08 -9.67
N GLU A 98 9.92 10.72 -8.43
CA GLU A 98 10.82 10.82 -7.28
C GLU A 98 10.56 9.67 -6.30
N PRO A 99 11.58 9.23 -5.53
CA PRO A 99 11.51 8.01 -4.73
C PRO A 99 10.40 8.07 -3.67
N ILE A 100 9.93 6.89 -3.27
CA ILE A 100 8.77 6.71 -2.42
C ILE A 100 9.25 6.15 -1.10
N LYS A 101 8.69 6.70 -0.01
CA LYS A 101 8.91 6.25 1.35
C LYS A 101 7.64 5.66 1.95
N LEU A 102 6.47 5.78 1.31
CA LEU A 102 5.21 5.22 1.82
C LEU A 102 4.44 4.54 0.71
N LEU A 103 3.85 3.39 1.04
CA LEU A 103 3.08 2.58 0.11
C LEU A 103 1.83 2.09 0.83
N ILE A 104 0.69 2.73 0.57
CA ILE A 104 -0.60 2.20 1.02
C ILE A 104 -0.92 1.07 0.05
N GLY A 105 -1.58 0.02 0.52
CA GLY A 105 -1.97 -1.11 -0.29
C GLY A 105 -3.43 -1.44 0.01
N LEU A 106 -4.05 -2.16 -0.91
CA LEU A 106 -5.48 -2.45 -0.94
C LEU A 106 -5.61 -3.75 -1.74
N SER A 107 -6.62 -4.55 -1.44
CA SER A 107 -7.06 -5.71 -2.17
C SER A 107 -8.58 -5.69 -2.05
N ALA A 108 -9.32 -6.05 -3.09
CA ALA A 108 -10.77 -5.94 -3.10
C ALA A 108 -11.34 -7.03 -3.97
N ALA A 109 -12.32 -7.77 -3.46
CA ALA A 109 -12.88 -8.92 -4.14
C ALA A 109 -13.80 -8.47 -5.29
N ASP A 110 -14.34 -7.26 -5.22
CA ASP A 110 -15.22 -6.70 -6.26
C ASP A 110 -14.90 -5.23 -6.50
N ALA A 111 -15.22 -4.71 -7.69
CA ALA A 111 -14.93 -3.34 -8.09
C ALA A 111 -15.56 -2.30 -7.15
N ASP A 112 -16.75 -2.57 -6.61
CA ASP A 112 -17.38 -1.65 -5.66
C ASP A 112 -16.75 -1.75 -4.27
N SER A 113 -16.27 -2.94 -3.89
CA SER A 113 -15.45 -3.11 -2.70
C SER A 113 -14.17 -2.27 -2.85
N HIS A 114 -13.57 -2.27 -4.04
CA HIS A 114 -12.43 -1.43 -4.39
C HIS A 114 -12.76 0.05 -4.21
N ILE A 115 -13.92 0.51 -4.72
CA ILE A 115 -14.34 1.90 -4.62
C ILE A 115 -14.45 2.28 -3.15
N GLY A 116 -15.19 1.52 -2.34
CA GLY A 116 -15.40 1.84 -0.94
C GLY A 116 -14.09 1.81 -0.15
N ALA A 117 -13.21 0.87 -0.49
CA ALA A 117 -11.89 0.72 0.10
C ALA A 117 -11.01 1.92 -0.24
N ILE A 118 -10.91 2.29 -1.52
CA ILE A 118 -10.15 3.44 -1.96
C ILE A 118 -10.65 4.66 -1.18
N GLN A 119 -11.97 4.83 -1.07
CA GLN A 119 -12.59 5.96 -0.41
C GLN A 119 -12.41 5.94 1.11
N ALA A 120 -11.92 4.84 1.70
CA ALA A 120 -11.52 4.82 3.09
C ALA A 120 -10.08 5.32 3.14
N LEU A 121 -9.25 4.86 2.20
CA LEU A 121 -7.88 5.28 2.12
C LEU A 121 -7.79 6.77 1.82
N SER A 122 -8.74 7.34 1.06
CA SER A 122 -8.84 8.78 0.86
C SER A 122 -8.84 9.59 2.17
N GLU A 123 -9.32 9.02 3.29
CA GLU A 123 -9.38 9.73 4.57
C GLU A 123 -7.96 9.96 5.11
N LEU A 124 -7.00 9.15 4.67
CA LEU A 124 -5.60 9.21 5.09
C LEU A 124 -4.73 9.76 3.95
N LEU A 125 -4.73 9.06 2.83
CA LEU A 125 -4.02 9.39 1.59
C LEU A 125 -4.29 10.80 1.07
N CYS A 126 -5.52 11.31 1.17
CA CYS A 126 -5.85 12.65 0.64
C CYS A 126 -5.76 13.72 1.74
N GLU A 127 -4.97 13.47 2.78
CA GLU A 127 -4.77 14.38 3.89
C GLU A 127 -3.28 14.49 4.18
N GLU A 128 -2.71 15.60 3.72
CA GLU A 128 -1.29 15.89 3.87
C GLU A 128 -0.86 15.90 5.35
N GLU A 129 -1.79 16.24 6.25
CA GLU A 129 -1.55 16.23 7.69
C GLU A 129 -1.29 14.80 8.16
N ILE A 130 -2.09 13.86 7.68
CA ILE A 130 -1.90 12.44 7.94
C ILE A 130 -0.63 11.98 7.26
N LEU A 131 -0.37 12.38 6.00
CA LEU A 131 0.80 11.91 5.28
C LEU A 131 2.08 12.23 6.04
N GLU A 132 2.18 13.38 6.70
CA GLU A 132 3.32 13.71 7.53
C GLU A 132 3.39 12.83 8.77
N GLN A 133 2.24 12.54 9.40
CA GLN A 133 2.22 11.76 10.63
C GLN A 133 2.60 10.31 10.32
N LEU A 134 2.22 9.79 9.15
CA LEU A 134 2.71 8.52 8.65
C LEU A 134 4.20 8.65 8.38
N LEU A 135 4.61 9.63 7.56
CA LEU A 135 6.02 9.82 7.16
C LEU A 135 6.99 10.00 8.34
N THR A 136 6.50 10.27 9.55
CA THR A 136 7.29 10.49 10.75
C THR A 136 7.08 9.35 11.76
N ALA A 137 6.36 8.29 11.37
CA ALA A 137 6.11 7.10 12.16
C ALA A 137 7.43 6.39 12.49
N SER A 138 7.76 6.30 13.78
CA SER A 138 8.93 5.57 14.27
C SER A 138 8.71 4.05 14.26
N SER A 139 7.46 3.58 14.14
CA SER A 139 7.12 2.17 14.31
C SER A 139 5.85 1.81 13.55
N GLU A 140 5.62 0.51 13.37
CA GLU A 140 4.37 -0.03 12.87
C GLU A 140 3.22 0.41 13.77
N LYS A 141 3.45 0.47 15.09
CA LYS A 141 2.43 0.92 16.05
C LYS A 141 1.97 2.32 15.70
N GLN A 142 2.88 3.25 15.40
CA GLN A 142 2.54 4.59 15.03
C GLN A 142 1.78 4.67 13.69
N LEU A 143 2.08 3.78 12.73
CA LEU A 143 1.33 3.73 11.47
C LEU A 143 -0.10 3.25 11.77
N ALA A 144 -0.23 2.12 12.48
CA ALA A 144 -1.51 1.55 12.87
C ALA A 144 -2.31 2.46 13.82
N ASP A 145 -1.67 3.35 14.58
CA ASP A 145 -2.39 4.34 15.37
C ASP A 145 -3.22 5.24 14.44
N ILE A 146 -2.64 5.69 13.33
CA ILE A 146 -3.29 6.53 12.36
C ILE A 146 -4.41 5.74 11.66
N ILE A 147 -4.21 4.42 11.43
CA ILE A 147 -5.29 3.54 10.98
C ILE A 147 -6.44 3.60 11.96
N SER A 148 -6.13 3.37 13.23
CA SER A 148 -7.14 3.21 14.26
C SER A 148 -7.92 4.51 14.46
N ARG A 149 -7.26 5.66 14.27
CA ARG A 149 -7.83 6.98 14.33
C ARG A 149 -8.96 7.18 13.33
N GLY A 150 -8.74 6.72 12.09
CA GLY A 150 -9.59 7.01 10.96
C GLY A 150 -9.89 8.50 10.87
N MET A 4 -15.41 5.15 6.38
CA MET A 4 -15.39 3.81 7.03
C MET A 4 -14.39 3.79 8.16
N ARG A 5 -14.55 2.87 9.11
CA ARG A 5 -13.52 2.61 10.10
C ARG A 5 -12.35 2.03 9.32
N LEU A 6 -11.26 2.77 9.19
CA LEU A 6 -10.10 2.38 8.38
C LEU A 6 -9.60 1.01 8.79
N SER A 7 -9.58 0.73 10.10
CA SER A 7 -9.15 -0.52 10.69
C SER A 7 -9.87 -1.75 10.11
N ASP A 8 -11.06 -1.60 9.50
CA ASP A 8 -11.75 -2.70 8.83
C ASP A 8 -10.92 -3.28 7.68
N TYR A 9 -10.00 -2.50 7.11
CA TYR A 9 -9.21 -2.88 5.95
C TYR A 9 -7.78 -3.34 6.30
N PHE A 10 -7.28 -3.16 7.53
CA PHE A 10 -5.89 -3.47 7.87
C PHE A 10 -5.91 -4.65 8.87
N PRO A 11 -6.00 -5.91 8.40
CA PRO A 11 -6.24 -7.08 9.23
C PRO A 11 -5.27 -7.30 10.39
N GLU A 12 -3.96 -7.36 10.12
CA GLU A 12 -2.99 -7.79 11.13
C GLU A 12 -1.58 -7.28 10.84
N SER A 13 -0.75 -8.06 10.14
CA SER A 13 0.60 -7.71 9.72
C SER A 13 0.60 -6.60 8.66
N SER A 14 -0.55 -5.95 8.48
CA SER A 14 -0.82 -5.03 7.40
C SER A 14 0.11 -3.83 7.46
N ILE A 15 0.57 -3.46 8.65
CA ILE A 15 1.38 -2.29 8.88
C ILE A 15 2.80 -2.80 9.14
N SER A 16 3.78 -2.22 8.44
CA SER A 16 5.17 -2.62 8.61
C SER A 16 6.09 -1.40 8.47
N VAL A 17 7.12 -1.35 9.30
CA VAL A 17 8.21 -0.40 9.19
C VAL A 17 9.44 -1.23 8.82
N ILE A 18 10.21 -0.76 7.85
CA ILE A 18 11.28 -1.53 7.21
C ILE A 18 12.50 -0.61 7.08
N HIS A 19 13.70 -1.19 7.20
CA HIS A 19 14.97 -0.50 6.99
C HIS A 19 15.08 0.07 5.57
N SER A 20 14.75 -0.70 4.54
CA SER A 20 14.89 -0.34 3.14
C SER A 20 14.14 -1.36 2.28
N ALA A 21 13.62 -0.97 1.12
CA ALA A 21 13.12 -1.97 0.18
C ALA A 21 14.32 -2.53 -0.59
N LYS A 22 14.30 -3.82 -0.90
CA LYS A 22 15.42 -4.49 -1.56
C LYS A 22 15.56 -4.07 -3.03
N ASP A 23 14.44 -3.74 -3.67
CA ASP A 23 14.31 -3.36 -5.08
C ASP A 23 12.95 -2.69 -5.20
N TRP A 24 12.66 -2.13 -6.36
CA TRP A 24 11.33 -1.65 -6.69
C TRP A 24 10.33 -2.83 -6.78
N GLN A 25 10.78 -4.01 -7.24
CA GLN A 25 9.98 -5.23 -7.17
C GLN A 25 9.67 -5.52 -5.69
N GLU A 26 10.68 -5.45 -4.81
CA GLU A 26 10.49 -5.75 -3.39
C GLU A 26 9.58 -4.72 -2.73
N ALA A 27 9.64 -3.46 -3.17
CA ALA A 27 8.83 -2.41 -2.60
C ALA A 27 7.34 -2.70 -2.85
N ILE A 28 6.99 -3.26 -4.01
CA ILE A 28 5.64 -3.78 -4.25
C ILE A 28 5.41 -5.01 -3.37
N ASP A 29 6.39 -5.92 -3.31
CA ASP A 29 6.26 -7.18 -2.59
C ASP A 29 5.91 -6.92 -1.13
N PHE A 30 6.60 -5.97 -0.49
CA PHE A 30 6.30 -5.53 0.86
C PHE A 30 4.94 -4.81 0.95
N SER A 31 4.51 -4.08 -0.09
CA SER A 31 3.17 -3.49 -0.15
C SER A 31 2.07 -4.56 -0.11
N MET A 32 2.38 -5.80 -0.47
CA MET A 32 1.35 -6.81 -0.69
C MET A 32 1.49 -8.07 0.19
N VAL A 33 2.67 -8.42 0.69
CA VAL A 33 2.87 -9.71 1.35
C VAL A 33 1.94 -9.89 2.57
N SER A 34 1.63 -8.83 3.32
CA SER A 34 0.76 -8.95 4.47
C SER A 34 -0.65 -9.39 4.08
N LEU A 35 -1.08 -9.04 2.86
CA LEU A 35 -2.34 -9.49 2.28
C LEU A 35 -2.17 -10.89 1.71
N LEU A 36 -1.04 -11.17 1.06
CA LEU A 36 -0.72 -12.49 0.50
C LEU A 36 -0.77 -13.56 1.60
N ASP A 37 -0.25 -13.22 2.79
CA ASP A 37 -0.07 -14.13 3.91
C ASP A 37 -1.38 -14.64 4.50
N LYS A 38 -2.46 -13.85 4.39
CA LYS A 38 -3.80 -14.29 4.78
C LYS A 38 -4.63 -14.68 3.55
N ASN A 39 -3.98 -14.90 2.40
CA ASN A 39 -4.58 -15.08 1.08
C ASN A 39 -5.70 -14.08 0.70
N TYR A 40 -5.52 -12.80 1.01
CA TYR A 40 -6.39 -11.74 0.49
C TYR A 40 -6.18 -11.57 -1.03
N ILE A 41 -5.06 -12.06 -1.55
CA ILE A 41 -4.63 -11.96 -2.94
C ILE A 41 -3.91 -13.28 -3.30
N SER A 42 -3.55 -13.41 -4.58
CA SER A 42 -2.73 -14.47 -5.13
C SER A 42 -1.40 -13.85 -5.56
N GLU A 43 -0.33 -14.64 -5.71
CA GLU A 43 0.99 -14.12 -6.06
C GLU A 43 0.99 -13.40 -7.41
N ASN A 44 0.13 -13.83 -8.35
CA ASN A 44 -0.02 -13.17 -9.65
C ASN A 44 -0.43 -11.70 -9.49
N TYR A 45 -1.26 -11.38 -8.50
CA TYR A 45 -1.77 -10.03 -8.26
C TYR A 45 -0.60 -9.08 -7.99
N ILE A 46 0.34 -9.52 -7.16
CA ILE A 46 1.55 -8.79 -6.82
C ILE A 46 2.34 -8.54 -8.11
N GLN A 47 2.56 -9.61 -8.88
CA GLN A 47 3.38 -9.51 -10.09
C GLN A 47 2.70 -8.66 -11.17
N ALA A 48 1.37 -8.55 -11.19
CA ALA A 48 0.66 -7.66 -12.09
C ALA A 48 1.07 -6.21 -11.86
N ILE A 49 1.18 -5.79 -10.60
CA ILE A 49 1.60 -4.43 -10.28
C ILE A 49 3.07 -4.28 -10.69
N LYS A 50 3.93 -5.23 -10.30
CA LYS A 50 5.36 -5.10 -10.57
C LYS A 50 5.59 -5.03 -12.08
N ASP A 51 4.93 -5.87 -12.86
CA ASP A 51 5.08 -5.95 -14.31
C ASP A 51 4.60 -4.66 -14.98
N SER A 52 3.48 -4.11 -14.54
CA SER A 52 2.95 -2.84 -15.05
C SER A 52 3.93 -1.70 -14.71
N THR A 53 4.45 -1.70 -13.49
CA THR A 53 5.43 -0.75 -13.00
C THR A 53 6.70 -0.79 -13.86
N ILE A 54 7.20 -1.99 -14.20
CA ILE A 54 8.37 -2.17 -15.05
C ILE A 54 8.05 -1.72 -16.49
N ASN A 55 6.86 -2.03 -17.00
CA ASN A 55 6.48 -1.79 -18.39
C ASN A 55 6.44 -0.32 -18.75
N ASN A 56 6.04 0.53 -17.80
CA ASN A 56 5.72 1.92 -18.06
C ASN A 56 6.09 2.81 -16.88
N GLY A 57 5.61 2.48 -15.68
CA GLY A 57 5.90 3.18 -14.44
C GLY A 57 4.84 2.83 -13.42
N PRO A 58 5.03 3.17 -12.12
CA PRO A 58 4.01 3.02 -11.10
C PRO A 58 2.65 3.55 -11.52
N TYR A 59 1.59 2.88 -11.06
CA TYR A 59 0.20 3.20 -11.42
C TYR A 59 -0.52 3.94 -10.28
N TYR A 60 0.10 4.02 -9.10
CA TYR A 60 -0.53 4.49 -7.88
C TYR A 60 0.50 5.31 -7.09
N ILE A 61 0.64 6.59 -7.45
CA ILE A 61 1.50 7.57 -6.77
C ILE A 61 0.56 8.71 -6.44
N LEU A 62 0.53 9.12 -5.16
CA LEU A 62 -0.49 10.05 -4.67
C LEU A 62 0.14 11.33 -4.12
N ALA A 63 1.42 11.29 -3.73
CA ALA A 63 2.21 12.44 -3.38
C ALA A 63 3.69 12.06 -3.61
N PRO A 64 4.62 13.02 -3.77
CA PRO A 64 6.04 12.71 -3.79
C PRO A 64 6.43 12.09 -2.44
N GLY A 65 6.63 10.79 -2.42
CA GLY A 65 6.97 10.00 -1.24
C GLY A 65 5.91 8.96 -0.86
N VAL A 66 4.71 8.98 -1.48
CA VAL A 66 3.56 8.17 -1.07
C VAL A 66 2.95 7.50 -2.31
N ALA A 67 2.86 6.18 -2.29
CA ALA A 67 2.23 5.34 -3.31
C ALA A 67 1.05 4.59 -2.68
N MET A 68 0.21 3.99 -3.52
CA MET A 68 -0.92 3.19 -3.06
C MET A 68 -1.09 1.88 -3.88
N PRO A 69 -0.10 0.97 -3.91
CA PRO A 69 -0.15 -0.21 -4.78
C PRO A 69 -1.43 -1.06 -4.65
N HIS A 70 -1.90 -1.55 -5.79
CA HIS A 70 -3.16 -2.23 -6.05
C HIS A 70 -3.13 -2.67 -7.52
N ALA A 71 -3.92 -3.70 -7.86
CA ALA A 71 -4.20 -4.13 -9.23
C ALA A 71 -5.69 -4.42 -9.32
N ARG A 72 -6.24 -4.47 -10.54
CA ARG A 72 -7.64 -4.80 -10.74
C ARG A 72 -7.96 -6.11 -10.00
N PRO A 73 -9.14 -6.26 -9.36
CA PRO A 73 -9.53 -7.48 -8.64
C PRO A 73 -9.23 -8.77 -9.44
N GLU A 74 -9.50 -8.73 -10.75
CA GLU A 74 -9.34 -9.86 -11.67
C GLU A 74 -7.88 -10.35 -11.80
N CYS A 75 -6.90 -9.59 -11.29
CA CYS A 75 -5.50 -9.97 -11.31
C CYS A 75 -5.17 -10.98 -10.20
N GLY A 76 -6.15 -11.36 -9.35
CA GLY A 76 -5.99 -12.41 -8.38
C GLY A 76 -6.35 -11.97 -6.96
N ALA A 77 -7.08 -10.87 -6.79
CA ALA A 77 -7.63 -10.52 -5.49
C ALA A 77 -8.67 -11.59 -5.10
N LEU A 78 -8.75 -11.87 -3.81
CA LEU A 78 -9.58 -12.93 -3.25
C LEU A 78 -10.46 -12.40 -2.12
N LYS A 79 -9.97 -11.40 -1.38
CA LYS A 79 -10.68 -10.71 -0.31
C LYS A 79 -10.26 -9.25 -0.31
N THR A 80 -11.05 -8.38 0.31
CA THR A 80 -10.81 -6.95 0.33
C THR A 80 -10.05 -6.57 1.61
N GLY A 81 -8.93 -5.86 1.48
CA GLY A 81 -8.03 -5.49 2.57
C GLY A 81 -6.98 -4.48 2.10
N MET A 82 -6.04 -4.10 2.96
CA MET A 82 -5.03 -3.07 2.74
C MET A 82 -3.73 -3.40 3.49
N SER A 83 -2.69 -2.62 3.22
CA SER A 83 -1.39 -2.65 3.88
C SER A 83 -0.92 -1.20 4.09
N LEU A 84 0.13 -0.99 4.90
CA LEU A 84 0.73 0.30 5.21
C LEU A 84 2.23 0.07 5.45
N THR A 85 3.01 0.01 4.38
CA THR A 85 4.46 -0.13 4.45
C THR A 85 5.09 1.25 4.61
N LEU A 86 6.16 1.36 5.41
CA LEU A 86 6.98 2.56 5.49
C LEU A 86 8.44 2.10 5.50
N LEU A 87 9.21 2.48 4.48
CA LEU A 87 10.65 2.28 4.42
C LEU A 87 11.34 3.47 5.05
N GLU A 88 12.29 3.25 5.95
CA GLU A 88 13.16 4.31 6.43
C GLU A 88 14.02 4.85 5.26
N GLN A 89 14.31 3.98 4.29
CA GLN A 89 15.11 4.23 3.10
C GLN A 89 14.32 3.74 1.89
N GLY A 90 13.31 4.53 1.52
CA GLY A 90 12.46 4.34 0.37
C GLY A 90 13.23 4.16 -0.94
N VAL A 91 12.53 3.62 -1.92
CA VAL A 91 13.05 3.22 -3.23
C VAL A 91 12.18 3.87 -4.29
N TYR A 92 12.80 4.20 -5.43
CA TYR A 92 12.13 4.78 -6.59
C TYR A 92 11.87 3.65 -7.59
N PHE A 93 11.26 3.96 -8.71
CA PHE A 93 10.75 2.99 -9.67
C PHE A 93 11.18 3.32 -11.10
N PRO A 94 11.22 2.33 -12.02
CA PRO A 94 11.72 2.52 -13.38
C PRO A 94 10.90 3.49 -14.26
N GLY A 95 9.80 4.06 -13.75
CA GLY A 95 9.06 5.13 -14.40
C GLY A 95 8.49 6.15 -13.42
N ASN A 96 9.07 6.29 -12.22
CA ASN A 96 8.76 7.35 -11.26
C ASN A 96 10.02 7.60 -10.44
N ASP A 97 10.77 8.62 -10.84
CA ASP A 97 12.12 8.91 -10.35
C ASP A 97 12.19 9.29 -8.87
N GLU A 98 11.09 9.79 -8.30
CA GLU A 98 11.00 10.14 -6.91
C GLU A 98 10.86 8.84 -6.11
N PRO A 99 11.65 8.65 -5.03
CA PRO A 99 11.53 7.48 -4.18
C PRO A 99 10.29 7.59 -3.29
N ILE A 100 9.78 6.44 -2.87
CA ILE A 100 8.57 6.33 -2.07
C ILE A 100 8.99 5.72 -0.75
N LYS A 101 8.67 6.40 0.35
CA LYS A 101 8.81 5.83 1.67
C LYS A 101 7.52 5.10 2.05
N LEU A 102 6.35 5.56 1.61
CA LEU A 102 5.07 5.04 2.11
C LEU A 102 4.28 4.36 1.02
N LEU A 103 3.79 3.16 1.30
CA LEU A 103 3.05 2.37 0.31
C LEU A 103 1.84 1.76 0.99
N ILE A 104 0.66 2.31 0.72
CA ILE A 104 -0.58 1.75 1.23
C ILE A 104 -1.03 0.70 0.21
N GLY A 105 -1.01 -0.56 0.60
CA GLY A 105 -1.57 -1.61 -0.24
C GLY A 105 -3.10 -1.55 -0.18
N LEU A 106 -3.80 -2.01 -1.22
CA LEU A 106 -5.25 -2.24 -1.24
C LEU A 106 -5.47 -3.46 -2.15
N SER A 107 -6.29 -4.42 -1.73
CA SER A 107 -6.80 -5.53 -2.52
C SER A 107 -8.32 -5.51 -2.37
N ALA A 108 -9.06 -5.92 -3.38
CA ALA A 108 -10.52 -5.91 -3.34
C ALA A 108 -11.05 -7.06 -4.16
N ALA A 109 -11.99 -7.83 -3.60
CA ALA A 109 -12.60 -8.95 -4.29
C ALA A 109 -13.56 -8.50 -5.40
N ASP A 110 -14.08 -7.27 -5.32
CA ASP A 110 -15.02 -6.73 -6.32
C ASP A 110 -14.76 -5.24 -6.51
N ALA A 111 -15.14 -4.69 -7.67
CA ALA A 111 -14.92 -3.28 -8.00
C ALA A 111 -15.60 -2.32 -7.02
N ASP A 112 -16.77 -2.65 -6.49
CA ASP A 112 -17.44 -1.79 -5.51
C ASP A 112 -16.74 -1.88 -4.15
N SER A 113 -16.18 -3.04 -3.82
CA SER A 113 -15.31 -3.19 -2.66
C SER A 113 -14.04 -2.34 -2.83
N HIS A 114 -13.47 -2.28 -4.04
CA HIS A 114 -12.36 -1.38 -4.38
C HIS A 114 -12.78 0.07 -4.12
N ILE A 115 -13.94 0.50 -4.62
CA ILE A 115 -14.46 1.84 -4.41
C ILE A 115 -14.54 2.12 -2.91
N GLY A 116 -15.21 1.26 -2.12
CA GLY A 116 -15.39 1.47 -0.70
C GLY A 116 -14.05 1.57 0.04
N ALA A 117 -13.08 0.75 -0.36
CA ALA A 117 -11.75 0.71 0.22
C ALA A 117 -10.99 1.99 -0.11
N ILE A 118 -10.89 2.37 -1.39
CA ILE A 118 -10.29 3.60 -1.86
C ILE A 118 -10.91 4.77 -1.08
N GLN A 119 -12.23 4.82 -0.95
CA GLN A 119 -12.97 5.88 -0.29
C GLN A 119 -12.72 5.92 1.23
N ALA A 120 -12.07 4.89 1.79
CA ALA A 120 -11.58 4.88 3.15
C ALA A 120 -10.15 5.33 3.18
N LEU A 121 -9.30 4.81 2.29
CA LEU A 121 -7.89 5.12 2.38
C LEU A 121 -7.58 6.55 1.95
N SER A 122 -8.43 7.12 1.11
CA SER A 122 -8.35 8.54 0.75
C SER A 122 -8.52 9.46 1.97
N GLU A 123 -9.12 8.99 3.07
CA GLU A 123 -9.18 9.74 4.33
C GLU A 123 -7.76 9.91 4.91
N LEU A 124 -6.82 9.08 4.45
CA LEU A 124 -5.42 9.07 4.86
C LEU A 124 -4.55 9.63 3.71
N LEU A 125 -4.52 8.96 2.56
CA LEU A 125 -3.71 9.28 1.38
C LEU A 125 -3.97 10.67 0.79
N CYS A 126 -5.14 11.26 1.04
CA CYS A 126 -5.50 12.56 0.49
C CYS A 126 -5.61 13.60 1.60
N GLU A 127 -4.86 13.39 2.69
CA GLU A 127 -4.80 14.29 3.82
C GLU A 127 -3.34 14.52 4.19
N GLU A 128 -2.82 15.68 3.79
CA GLU A 128 -1.43 16.07 4.03
C GLU A 128 -1.09 16.06 5.53
N GLU A 129 -2.09 16.27 6.38
CA GLU A 129 -1.95 16.19 7.83
C GLU A 129 -1.55 14.78 8.24
N ILE A 130 -2.22 13.78 7.65
CA ILE A 130 -1.93 12.38 7.88
C ILE A 130 -0.57 12.05 7.28
N LEU A 131 -0.28 12.46 6.03
CA LEU A 131 0.96 12.12 5.35
C LEU A 131 2.18 12.41 6.21
N GLU A 132 2.24 13.57 6.87
CA GLU A 132 3.40 13.91 7.67
C GLU A 132 3.46 13.04 8.93
N GLN A 133 2.31 12.68 9.51
CA GLN A 133 2.25 11.89 10.73
C GLN A 133 2.65 10.44 10.41
N LEU A 134 2.29 9.94 9.22
CA LEU A 134 2.80 8.66 8.74
C LEU A 134 4.30 8.79 8.52
N LEU A 135 4.73 9.79 7.75
CA LEU A 135 6.14 9.96 7.37
C LEU A 135 7.07 10.05 8.58
N THR A 136 6.60 10.61 9.68
CA THR A 136 7.36 10.79 10.91
C THR A 136 7.25 9.56 11.84
N ALA A 137 6.50 8.52 11.47
CA ALA A 137 6.39 7.29 12.23
C ALA A 137 7.76 6.65 12.41
N SER A 138 7.99 6.15 13.62
CA SER A 138 9.21 5.43 14.01
C SER A 138 8.85 4.05 14.59
N SER A 139 7.58 3.63 14.49
CA SER A 139 7.11 2.32 14.92
C SER A 139 5.90 1.93 14.07
N GLU A 140 5.66 0.63 13.93
CA GLU A 140 4.44 0.10 13.33
C GLU A 140 3.24 0.53 14.19
N LYS A 141 3.43 0.65 15.52
CA LYS A 141 2.40 1.11 16.44
C LYS A 141 1.90 2.51 16.06
N GLN A 142 2.77 3.43 15.67
CA GLN A 142 2.39 4.77 15.33
C GLN A 142 1.69 4.81 13.97
N LEU A 143 2.03 3.93 13.03
CA LEU A 143 1.30 3.83 11.77
C LEU A 143 -0.10 3.28 12.05
N ALA A 144 -0.19 2.17 12.79
CA ALA A 144 -1.45 1.59 13.25
C ALA A 144 -2.29 2.56 14.09
N ASP A 145 -1.68 3.49 14.82
CA ASP A 145 -2.41 4.53 15.54
C ASP A 145 -3.16 5.41 14.54
N ILE A 146 -2.51 5.84 13.46
CA ILE A 146 -3.10 6.67 12.43
C ILE A 146 -4.22 5.90 11.71
N ILE A 147 -4.05 4.58 11.50
CA ILE A 147 -5.12 3.71 11.02
C ILE A 147 -6.32 3.80 11.97
N SER A 148 -6.08 3.65 13.27
CA SER A 148 -7.13 3.47 14.24
C SER A 148 -8.02 4.71 14.42
N ARG A 149 -7.50 5.92 14.13
CA ARG A 149 -8.29 7.15 14.18
C ARG A 149 -9.36 7.17 13.09
N GLY A 150 -9.02 6.60 11.94
CA GLY A 150 -9.79 6.70 10.72
C GLY A 150 -11.17 6.09 10.91
N MET A 4 -14.94 5.97 6.27
CA MET A 4 -15.12 4.56 6.67
C MET A 4 -14.26 4.20 7.88
N ARG A 5 -14.57 3.08 8.54
CA ARG A 5 -13.69 2.52 9.56
C ARG A 5 -12.45 2.09 8.81
N LEU A 6 -11.33 2.81 8.94
CA LEU A 6 -10.08 2.40 8.32
C LEU A 6 -9.70 1.05 8.88
N SER A 7 -9.83 0.86 10.19
CA SER A 7 -9.48 -0.37 10.89
C SER A 7 -10.19 -1.61 10.31
N ASP A 8 -11.34 -1.45 9.64
CA ASP A 8 -12.03 -2.55 8.98
C ASP A 8 -11.21 -3.18 7.84
N TYR A 9 -10.24 -2.43 7.28
CA TYR A 9 -9.51 -2.82 6.08
C TYR A 9 -8.08 -3.28 6.35
N PHE A 10 -7.48 -3.14 7.54
CA PHE A 10 -6.06 -3.47 7.76
C PHE A 10 -5.99 -4.64 8.76
N PRO A 11 -5.96 -5.91 8.28
CA PRO A 11 -6.07 -7.12 9.09
C PRO A 11 -5.29 -7.15 10.42
N GLU A 12 -3.97 -7.32 10.36
CA GLU A 12 -3.12 -7.51 11.54
C GLU A 12 -1.65 -7.25 11.21
N SER A 13 -1.00 -8.19 10.54
CA SER A 13 0.37 -8.09 10.05
C SER A 13 0.52 -7.03 8.94
N SER A 14 -0.56 -6.30 8.68
CA SER A 14 -0.80 -5.41 7.57
C SER A 14 -0.05 -4.08 7.69
N ILE A 15 0.75 -3.88 8.73
CA ILE A 15 1.39 -2.63 9.04
C ILE A 15 2.86 -2.97 9.27
N SER A 16 3.78 -2.24 8.65
CA SER A 16 5.20 -2.46 8.83
C SER A 16 6.00 -1.19 8.63
N VAL A 17 7.18 -1.17 9.24
CA VAL A 17 8.22 -0.18 9.06
C VAL A 17 9.46 -1.02 8.75
N ILE A 18 10.22 -0.60 7.75
CA ILE A 18 11.31 -1.35 7.14
C ILE A 18 12.48 -0.37 7.00
N HIS A 19 13.72 -0.86 7.12
CA HIS A 19 14.89 -0.03 6.87
C HIS A 19 14.93 0.45 5.42
N SER A 20 14.72 -0.45 4.46
CA SER A 20 14.86 -0.21 3.03
C SER A 20 14.22 -1.40 2.30
N ALA A 21 13.62 -1.20 1.12
CA ALA A 21 13.20 -2.35 0.32
C ALA A 21 14.45 -2.87 -0.41
N LYS A 22 14.48 -4.17 -0.67
CA LYS A 22 15.60 -4.81 -1.39
C LYS A 22 15.76 -4.21 -2.79
N ASP A 23 14.64 -3.96 -3.47
CA ASP A 23 14.54 -3.29 -4.77
C ASP A 23 13.08 -2.92 -4.98
N TRP A 24 12.79 -2.29 -6.11
CA TRP A 24 11.46 -1.85 -6.46
C TRP A 24 10.47 -3.02 -6.65
N GLN A 25 10.90 -4.20 -7.11
CA GLN A 25 10.06 -5.41 -7.10
C GLN A 25 9.73 -5.75 -5.64
N GLU A 26 10.74 -5.79 -4.77
CA GLU A 26 10.53 -6.09 -3.35
C GLU A 26 9.61 -5.07 -2.69
N ALA A 27 9.68 -3.82 -3.10
CA ALA A 27 8.87 -2.76 -2.52
C ALA A 27 7.39 -3.04 -2.77
N ILE A 28 7.04 -3.62 -3.93
CA ILE A 28 5.68 -4.07 -4.21
C ILE A 28 5.39 -5.31 -3.35
N ASP A 29 6.31 -6.28 -3.30
CA ASP A 29 6.13 -7.48 -2.50
C ASP A 29 5.84 -7.13 -1.04
N PHE A 30 6.57 -6.19 -0.45
CA PHE A 30 6.33 -5.69 0.88
C PHE A 30 4.98 -4.93 0.97
N SER A 31 4.55 -4.23 -0.09
CA SER A 31 3.22 -3.62 -0.15
C SER A 31 2.10 -4.65 -0.10
N MET A 32 2.36 -5.92 -0.41
CA MET A 32 1.33 -6.92 -0.62
C MET A 32 1.44 -8.17 0.24
N VAL A 33 2.61 -8.53 0.79
CA VAL A 33 2.82 -9.83 1.43
C VAL A 33 1.85 -10.05 2.59
N SER A 34 1.53 -9.01 3.37
CA SER A 34 0.62 -9.16 4.50
C SER A 34 -0.81 -9.48 4.04
N LEU A 35 -1.15 -9.21 2.79
CA LEU A 35 -2.40 -9.65 2.17
C LEU A 35 -2.20 -11.06 1.60
N LEU A 36 -1.09 -11.31 0.91
CA LEU A 36 -0.78 -12.60 0.28
C LEU A 36 -0.82 -13.72 1.32
N ASP A 37 -0.25 -13.47 2.49
CA ASP A 37 0.00 -14.44 3.55
C ASP A 37 -1.26 -14.98 4.21
N LYS A 38 -2.38 -14.24 4.14
CA LYS A 38 -3.68 -14.74 4.57
C LYS A 38 -4.64 -14.84 3.40
N ASN A 39 -4.08 -15.02 2.20
CA ASN A 39 -4.85 -15.33 1.01
C ASN A 39 -5.86 -14.25 0.64
N TYR A 40 -5.62 -12.97 1.02
CA TYR A 40 -6.42 -11.85 0.54
C TYR A 40 -6.20 -11.63 -0.97
N ILE A 41 -5.08 -12.10 -1.53
CA ILE A 41 -4.69 -11.98 -2.92
C ILE A 41 -3.97 -13.27 -3.36
N SER A 42 -3.74 -13.39 -4.67
CA SER A 42 -2.93 -14.43 -5.31
C SER A 42 -1.57 -13.82 -5.66
N GLU A 43 -0.53 -14.64 -5.85
CA GLU A 43 0.82 -14.16 -6.18
C GLU A 43 0.85 -13.35 -7.48
N ASN A 44 -0.01 -13.68 -8.45
CA ASN A 44 -0.14 -12.93 -9.70
C ASN A 44 -0.51 -11.46 -9.44
N TYR A 45 -1.28 -11.17 -8.40
CA TYR A 45 -1.75 -9.83 -8.08
C TYR A 45 -0.56 -8.90 -7.83
N ILE A 46 0.45 -9.38 -7.09
CA ILE A 46 1.69 -8.65 -6.87
C ILE A 46 2.36 -8.37 -8.22
N GLN A 47 2.52 -9.41 -9.06
CA GLN A 47 3.28 -9.26 -10.30
C GLN A 47 2.54 -8.38 -11.31
N ALA A 48 1.22 -8.31 -11.27
CA ALA A 48 0.42 -7.41 -12.11
C ALA A 48 0.86 -5.96 -11.89
N ILE A 49 1.12 -5.57 -10.63
CA ILE A 49 1.52 -4.22 -10.30
C ILE A 49 2.97 -4.03 -10.78
N LYS A 50 3.86 -4.98 -10.44
CA LYS A 50 5.28 -4.86 -10.75
C LYS A 50 5.47 -4.71 -12.26
N ASP A 51 4.73 -5.48 -13.07
CA ASP A 51 4.91 -5.54 -14.51
C ASP A 51 4.72 -4.16 -15.15
N SER A 52 3.60 -3.49 -14.87
CA SER A 52 3.37 -2.13 -15.35
C SER A 52 4.37 -1.16 -14.75
N THR A 53 4.69 -1.30 -13.45
CA THR A 53 5.66 -0.46 -12.77
C THR A 53 7.02 -0.48 -13.49
N ILE A 54 7.47 -1.63 -13.99
CA ILE A 54 8.74 -1.77 -14.69
C ILE A 54 8.60 -1.32 -16.15
N ASN A 55 7.54 -1.77 -16.84
CA ASN A 55 7.41 -1.58 -18.30
C ASN A 55 7.05 -0.16 -18.67
N ASN A 56 6.29 0.52 -17.81
CA ASN A 56 5.67 1.82 -18.12
C ASN A 56 6.02 2.85 -17.06
N GLY A 57 5.95 2.46 -15.79
CA GLY A 57 6.20 3.30 -14.63
C GLY A 57 5.16 3.00 -13.57
N PRO A 58 5.37 3.40 -12.31
CA PRO A 58 4.38 3.20 -11.25
C PRO A 58 3.09 3.95 -11.60
N TYR A 59 1.94 3.40 -11.18
CA TYR A 59 0.63 3.88 -11.61
C TYR A 59 -0.37 4.02 -10.47
N TYR A 60 0.13 3.97 -9.22
CA TYR A 60 -0.62 4.29 -8.01
C TYR A 60 0.27 5.18 -7.15
N ILE A 61 0.40 6.45 -7.53
CA ILE A 61 1.17 7.48 -6.85
C ILE A 61 0.15 8.56 -6.48
N LEU A 62 0.26 9.13 -5.27
CA LEU A 62 -0.75 10.00 -4.70
C LEU A 62 -0.18 11.30 -4.16
N ALA A 63 1.09 11.29 -3.77
CA ALA A 63 1.83 12.48 -3.36
C ALA A 63 3.33 12.18 -3.53
N PRO A 64 4.21 13.20 -3.57
CA PRO A 64 5.65 12.98 -3.51
C PRO A 64 6.02 12.05 -2.35
N GLY A 65 6.62 10.90 -2.67
CA GLY A 65 7.06 9.93 -1.68
C GLY A 65 5.99 8.93 -1.22
N VAL A 66 4.76 8.97 -1.77
CA VAL A 66 3.62 8.19 -1.28
C VAL A 66 2.95 7.49 -2.47
N ALA A 67 2.80 6.18 -2.37
CA ALA A 67 2.21 5.31 -3.37
C ALA A 67 1.11 4.45 -2.72
N MET A 68 0.32 3.77 -3.55
CA MET A 68 -0.71 2.84 -3.13
C MET A 68 -0.69 1.57 -4.01
N PRO A 69 0.42 0.80 -4.06
CA PRO A 69 0.52 -0.33 -4.97
C PRO A 69 -0.63 -1.32 -4.72
N HIS A 70 -1.39 -1.60 -5.76
CA HIS A 70 -2.66 -2.33 -5.78
C HIS A 70 -3.06 -2.51 -7.25
N ALA A 71 -3.96 -3.45 -7.56
CA ALA A 71 -4.35 -3.83 -8.91
C ALA A 71 -5.88 -3.98 -8.98
N ARG A 72 -6.41 -4.19 -10.18
CA ARG A 72 -7.83 -4.53 -10.36
C ARG A 72 -8.15 -5.83 -9.59
N PRO A 73 -9.42 -6.06 -9.18
CA PRO A 73 -9.79 -7.27 -8.46
C PRO A 73 -9.45 -8.50 -9.30
N GLU A 74 -9.68 -8.42 -10.62
CA GLU A 74 -9.47 -9.48 -11.60
C GLU A 74 -8.00 -9.90 -11.73
N CYS A 75 -7.04 -9.12 -11.19
CA CYS A 75 -5.63 -9.46 -11.22
C CYS A 75 -5.28 -10.54 -10.19
N GLY A 76 -6.23 -10.97 -9.36
CA GLY A 76 -6.06 -12.08 -8.43
C GLY A 76 -6.42 -11.70 -7.00
N ALA A 77 -7.21 -10.65 -6.78
CA ALA A 77 -7.76 -10.39 -5.45
C ALA A 77 -8.73 -11.52 -5.09
N LEU A 78 -8.78 -11.87 -3.81
CA LEU A 78 -9.55 -13.00 -3.30
C LEU A 78 -10.40 -12.60 -2.10
N LYS A 79 -9.95 -11.62 -1.32
CA LYS A 79 -10.64 -11.08 -0.16
C LYS A 79 -10.29 -9.61 -0.03
N THR A 80 -11.15 -8.82 0.60
CA THR A 80 -10.98 -7.40 0.73
C THR A 80 -10.14 -7.05 1.97
N GLY A 81 -9.12 -6.19 1.78
CA GLY A 81 -8.19 -5.78 2.81
C GLY A 81 -7.19 -4.74 2.27
N MET A 82 -6.26 -4.31 3.10
CA MET A 82 -5.26 -3.29 2.84
C MET A 82 -4.00 -3.59 3.66
N SER A 83 -2.93 -2.83 3.41
CA SER A 83 -1.71 -2.84 4.20
C SER A 83 -1.04 -1.47 4.12
N LEU A 84 -0.04 -1.20 4.97
CA LEU A 84 0.57 0.09 5.20
C LEU A 84 2.07 -0.13 5.47
N THR A 85 2.91 0.08 4.46
CA THR A 85 4.35 -0.12 4.54
C THR A 85 5.02 1.25 4.61
N LEU A 86 6.11 1.37 5.38
CA LEU A 86 6.95 2.56 5.41
C LEU A 86 8.41 2.11 5.33
N LEU A 87 9.22 2.75 4.47
CA LEU A 87 10.66 2.57 4.43
C LEU A 87 11.32 3.77 5.10
N GLU A 88 12.30 3.53 5.97
CA GLU A 88 13.15 4.57 6.50
C GLU A 88 14.04 5.12 5.37
N GLN A 89 14.36 4.28 4.38
CA GLN A 89 15.18 4.56 3.20
C GLN A 89 14.41 4.05 2.00
N GLY A 90 13.48 4.90 1.57
CA GLY A 90 12.63 4.73 0.41
C GLY A 90 13.38 4.28 -0.84
N VAL A 91 12.63 3.67 -1.77
CA VAL A 91 13.15 3.07 -2.99
C VAL A 91 12.42 3.72 -4.16
N TYR A 92 13.10 3.78 -5.31
CA TYR A 92 12.68 4.58 -6.45
C TYR A 92 12.28 3.67 -7.62
N PHE A 93 10.96 3.46 -7.76
CA PHE A 93 10.35 2.81 -8.91
C PHE A 93 10.82 3.46 -10.23
N PRO A 94 11.07 2.70 -11.30
CA PRO A 94 11.58 3.21 -12.58
C PRO A 94 10.52 4.00 -13.37
N GLY A 95 10.12 5.17 -12.87
CA GLY A 95 9.23 6.10 -13.56
C GLY A 95 8.69 7.24 -12.68
N ASN A 96 8.88 7.20 -11.36
CA ASN A 96 8.54 8.32 -10.47
C ASN A 96 9.52 9.48 -10.68
N ASP A 97 9.39 10.55 -9.90
CA ASP A 97 10.39 11.63 -9.82
C ASP A 97 11.38 11.38 -8.67
N GLU A 98 10.95 10.69 -7.62
CA GLU A 98 11.73 10.48 -6.39
C GLU A 98 11.41 9.14 -5.70
N PRO A 99 12.21 8.71 -4.70
CA PRO A 99 11.96 7.50 -3.92
C PRO A 99 10.63 7.57 -3.15
N ILE A 100 9.94 6.45 -3.04
CA ILE A 100 8.73 6.31 -2.23
C ILE A 100 9.15 5.82 -0.86
N LYS A 101 8.64 6.47 0.20
CA LYS A 101 8.80 5.98 1.56
C LYS A 101 7.52 5.31 2.04
N LEU A 102 6.34 5.53 1.43
CA LEU A 102 5.08 4.98 1.95
C LEU A 102 4.28 4.29 0.87
N LEU A 103 3.78 3.10 1.18
CA LEU A 103 3.08 2.25 0.22
C LEU A 103 1.88 1.61 0.90
N ILE A 104 0.68 2.04 0.52
CA ILE A 104 -0.56 1.45 1.02
C ILE A 104 -0.98 0.35 0.05
N GLY A 105 -1.06 -0.89 0.54
CA GLY A 105 -1.64 -1.99 -0.21
C GLY A 105 -3.17 -1.92 -0.12
N LEU A 106 -3.87 -2.45 -1.11
CA LEU A 106 -5.33 -2.65 -1.10
C LEU A 106 -5.62 -3.85 -2.01
N SER A 107 -6.59 -4.67 -1.64
CA SER A 107 -7.17 -5.71 -2.47
C SER A 107 -8.66 -5.73 -2.15
N ALA A 108 -9.53 -6.03 -3.13
CA ALA A 108 -10.92 -6.27 -2.83
C ALA A 108 -11.46 -7.34 -3.77
N ALA A 109 -12.38 -8.15 -3.28
CA ALA A 109 -12.89 -9.25 -4.08
C ALA A 109 -13.96 -8.76 -5.07
N ASP A 110 -14.45 -7.52 -4.92
CA ASP A 110 -15.39 -6.89 -5.86
C ASP A 110 -14.99 -5.44 -6.09
N ALA A 111 -15.31 -4.91 -7.28
CA ALA A 111 -14.94 -3.54 -7.65
C ALA A 111 -15.54 -2.48 -6.74
N ASP A 112 -16.77 -2.68 -6.23
CA ASP A 112 -17.37 -1.74 -5.29
C ASP A 112 -16.71 -1.84 -3.92
N SER A 113 -16.21 -3.02 -3.56
CA SER A 113 -15.37 -3.18 -2.38
C SER A 113 -14.03 -2.46 -2.57
N HIS A 114 -13.46 -2.43 -3.80
CA HIS A 114 -12.30 -1.60 -4.08
C HIS A 114 -12.65 -0.12 -3.90
N ILE A 115 -13.80 0.33 -4.40
CA ILE A 115 -14.27 1.71 -4.20
C ILE A 115 -14.34 2.02 -2.71
N GLY A 116 -15.01 1.18 -1.90
CA GLY A 116 -15.16 1.43 -0.48
C GLY A 116 -13.81 1.52 0.23
N ALA A 117 -12.86 0.66 -0.15
CA ALA A 117 -11.53 0.63 0.43
C ALA A 117 -10.73 1.88 0.02
N ILE A 118 -10.76 2.25 -1.26
CA ILE A 118 -10.12 3.45 -1.78
C ILE A 118 -10.69 4.66 -1.03
N GLN A 119 -12.00 4.74 -0.88
CA GLN A 119 -12.67 5.87 -0.23
C GLN A 119 -12.36 5.94 1.26
N ALA A 120 -11.76 4.88 1.83
CA ALA A 120 -11.29 4.86 3.19
C ALA A 120 -9.84 5.26 3.23
N LEU A 121 -9.00 4.70 2.38
CA LEU A 121 -7.59 5.03 2.43
C LEU A 121 -7.35 6.45 1.98
N SER A 122 -8.21 6.99 1.11
CA SER A 122 -8.13 8.39 0.69
C SER A 122 -8.30 9.36 1.86
N GLU A 123 -8.89 8.95 2.99
CA GLU A 123 -8.92 9.76 4.20
C GLU A 123 -7.50 9.92 4.78
N LEU A 124 -6.56 9.10 4.32
CA LEU A 124 -5.17 9.08 4.74
C LEU A 124 -4.25 9.55 3.60
N LEU A 125 -4.25 8.88 2.45
CA LEU A 125 -3.41 9.20 1.29
C LEU A 125 -3.62 10.62 0.77
N CYS A 126 -4.85 11.11 0.79
CA CYS A 126 -5.21 12.39 0.18
C CYS A 126 -5.30 13.49 1.22
N GLU A 127 -4.60 13.31 2.34
CA GLU A 127 -4.57 14.24 3.46
C GLU A 127 -3.13 14.44 3.89
N GLU A 128 -2.54 15.55 3.43
CA GLU A 128 -1.14 15.89 3.70
C GLU A 128 -0.85 15.95 5.21
N GLU A 129 -1.85 16.27 6.03
CA GLU A 129 -1.74 16.28 7.48
C GLU A 129 -1.44 14.87 7.99
N ILE A 130 -2.13 13.87 7.44
CA ILE A 130 -1.89 12.49 7.76
C ILE A 130 -0.55 12.07 7.16
N LEU A 131 -0.24 12.46 5.92
CA LEU A 131 0.97 12.02 5.24
C LEU A 131 2.21 12.30 6.07
N GLU A 132 2.31 13.45 6.74
CA GLU A 132 3.46 13.76 7.56
C GLU A 132 3.48 12.90 8.82
N GLN A 133 2.31 12.57 9.38
CA GLN A 133 2.22 11.78 10.60
C GLN A 133 2.57 10.32 10.29
N LEU A 134 2.25 9.84 9.08
CA LEU A 134 2.73 8.55 8.60
C LEU A 134 4.23 8.66 8.42
N LEU A 135 4.71 9.66 7.65
CA LEU A 135 6.13 9.80 7.30
C LEU A 135 7.04 9.85 8.54
N THR A 136 6.53 10.37 9.66
CA THR A 136 7.30 10.51 10.90
C THR A 136 7.15 9.28 11.82
N ALA A 137 6.43 8.23 11.40
CA ALA A 137 6.26 7.00 12.15
C ALA A 137 7.61 6.28 12.31
N SER A 138 8.18 6.36 13.51
CA SER A 138 9.41 5.64 13.85
C SER A 138 9.18 4.13 13.93
N SER A 139 7.95 3.70 14.23
CA SER A 139 7.59 2.32 14.49
C SER A 139 6.14 2.09 14.02
N GLU A 140 5.80 0.82 13.79
CA GLU A 140 4.51 0.39 13.27
C GLU A 140 3.34 0.91 14.10
N LYS A 141 3.55 1.09 15.41
CA LYS A 141 2.51 1.54 16.33
C LYS A 141 1.89 2.86 15.91
N GLN A 142 2.66 3.79 15.32
CA GLN A 142 2.16 5.06 14.90
C GLN A 142 1.43 4.95 13.55
N LEU A 143 1.77 3.97 12.70
CA LEU A 143 1.02 3.74 11.47
C LEU A 143 -0.34 3.15 11.85
N ALA A 144 -0.34 2.13 12.71
CA ALA A 144 -1.53 1.55 13.33
C ALA A 144 -2.39 2.60 14.06
N ASP A 145 -1.76 3.57 14.74
CA ASP A 145 -2.50 4.65 15.40
C ASP A 145 -3.31 5.44 14.37
N ILE A 146 -2.70 5.81 13.24
CA ILE A 146 -3.34 6.58 12.19
C ILE A 146 -4.46 5.76 11.54
N ILE A 147 -4.27 4.45 11.37
CA ILE A 147 -5.35 3.54 10.96
C ILE A 147 -6.50 3.66 11.96
N SER A 148 -6.20 3.47 13.25
CA SER A 148 -7.23 3.34 14.27
C SER A 148 -8.08 4.60 14.41
N ARG A 149 -7.47 5.76 14.13
CA ARG A 149 -8.06 7.08 14.12
C ARG A 149 -9.24 7.20 13.16
N GLY A 150 -9.28 6.38 12.11
CA GLY A 150 -10.31 6.41 11.09
C GLY A 150 -11.48 5.56 11.56
N MET A 4 -15.59 5.36 6.57
CA MET A 4 -15.50 4.03 7.22
C MET A 4 -14.36 4.01 8.21
N ARG A 5 -14.46 3.15 9.23
CA ARG A 5 -13.33 2.91 10.09
C ARG A 5 -12.26 2.21 9.27
N LEU A 6 -11.15 2.89 9.10
CA LEU A 6 -10.00 2.44 8.33
C LEU A 6 -9.51 1.11 8.86
N SER A 7 -9.54 0.93 10.19
CA SER A 7 -9.11 -0.26 10.89
C SER A 7 -9.81 -1.54 10.39
N ASP A 8 -10.97 -1.43 9.73
CA ASP A 8 -11.66 -2.57 9.14
C ASP A 8 -10.91 -3.15 7.94
N TYR A 9 -10.20 -2.30 7.17
CA TYR A 9 -9.59 -2.69 5.91
C TYR A 9 -8.20 -3.29 6.08
N PHE A 10 -7.44 -2.95 7.12
CA PHE A 10 -6.12 -3.52 7.40
C PHE A 10 -6.41 -4.73 8.30
N PRO A 11 -6.37 -5.99 7.81
CA PRO A 11 -6.89 -7.14 8.57
C PRO A 11 -6.14 -7.40 9.88
N GLU A 12 -4.89 -7.84 9.78
CA GLU A 12 -3.94 -7.99 10.86
C GLU A 12 -2.57 -8.12 10.22
N SER A 13 -1.51 -7.89 10.99
CA SER A 13 -0.13 -8.10 10.58
C SER A 13 0.21 -7.38 9.26
N SER A 14 -0.54 -6.33 8.93
CA SER A 14 -0.53 -5.65 7.64
C SER A 14 -0.02 -4.22 7.79
N ILE A 15 0.75 -3.94 8.84
CA ILE A 15 1.34 -2.66 9.13
C ILE A 15 2.80 -2.99 9.42
N SER A 16 3.73 -2.28 8.78
CA SER A 16 5.16 -2.57 8.86
C SER A 16 5.99 -1.29 8.68
N VAL A 17 7.16 -1.28 9.33
CA VAL A 17 8.20 -0.28 9.14
C VAL A 17 9.46 -1.05 8.77
N ILE A 18 10.25 -0.46 7.87
CA ILE A 18 11.38 -1.07 7.19
C ILE A 18 12.43 0.03 7.07
N HIS A 19 13.72 -0.32 7.09
CA HIS A 19 14.77 0.67 6.82
C HIS A 19 14.79 1.00 5.32
N SER A 20 14.76 -0.03 4.47
CA SER A 20 14.75 0.08 3.03
C SER A 20 14.29 -1.27 2.49
N ALA A 21 13.53 -1.27 1.39
CA ALA A 21 13.24 -2.50 0.68
C ALA A 21 14.50 -2.93 -0.07
N LYS A 22 14.60 -4.21 -0.41
CA LYS A 22 15.73 -4.75 -1.15
C LYS A 22 15.89 -4.04 -2.50
N ASP A 23 14.75 -3.80 -3.16
CA ASP A 23 14.58 -3.00 -4.38
C ASP A 23 13.08 -2.76 -4.56
N TRP A 24 12.67 -2.10 -5.64
CA TRP A 24 11.26 -1.83 -5.91
C TRP A 24 10.43 -3.11 -6.13
N GLN A 25 10.97 -4.20 -6.71
CA GLN A 25 10.25 -5.48 -6.81
C GLN A 25 9.94 -5.94 -5.38
N GLU A 26 10.95 -5.95 -4.50
CA GLU A 26 10.74 -6.30 -3.10
C GLU A 26 9.77 -5.35 -2.41
N ALA A 27 9.78 -4.06 -2.79
CA ALA A 27 8.93 -3.06 -2.19
C ALA A 27 7.45 -3.30 -2.55
N ILE A 28 7.16 -3.85 -3.73
CA ILE A 28 5.80 -4.28 -4.08
C ILE A 28 5.45 -5.47 -3.19
N ASP A 29 6.35 -6.45 -3.06
CA ASP A 29 6.10 -7.59 -2.17
C ASP A 29 5.84 -7.09 -0.75
N PHE A 30 6.63 -6.14 -0.25
CA PHE A 30 6.40 -5.50 1.04
C PHE A 30 5.15 -4.60 1.06
N SER A 31 4.55 -4.24 -0.08
CA SER A 31 3.24 -3.58 -0.12
C SER A 31 2.10 -4.59 -0.02
N MET A 32 2.34 -5.88 -0.27
CA MET A 32 1.27 -6.86 -0.44
C MET A 32 1.39 -8.15 0.39
N VAL A 33 2.55 -8.49 0.94
CA VAL A 33 2.82 -9.80 1.54
C VAL A 33 1.82 -10.14 2.66
N SER A 34 1.40 -9.18 3.47
CA SER A 34 0.48 -9.48 4.56
C SER A 34 -0.90 -9.89 4.04
N LEU A 35 -1.31 -9.38 2.87
CA LEU A 35 -2.53 -9.80 2.19
C LEU A 35 -2.28 -11.16 1.54
N LEU A 36 -1.11 -11.36 0.93
CA LEU A 36 -0.75 -12.62 0.27
C LEU A 36 -0.81 -13.77 1.26
N ASP A 37 -0.24 -13.57 2.45
CA ASP A 37 -0.15 -14.58 3.51
C ASP A 37 -1.52 -15.07 3.95
N LYS A 38 -2.47 -14.14 3.95
CA LYS A 38 -3.84 -14.38 4.39
C LYS A 38 -4.74 -14.67 3.19
N ASN A 39 -4.13 -15.02 2.05
CA ASN A 39 -4.80 -15.27 0.77
C ASN A 39 -5.90 -14.25 0.43
N TYR A 40 -5.68 -12.97 0.76
CA TYR A 40 -6.52 -11.87 0.29
C TYR A 40 -6.24 -11.61 -1.20
N ILE A 41 -5.10 -12.11 -1.71
CA ILE A 41 -4.64 -12.00 -3.10
C ILE A 41 -3.88 -13.29 -3.46
N SER A 42 -3.61 -13.49 -4.75
CA SER A 42 -2.72 -14.54 -5.25
C SER A 42 -1.32 -13.95 -5.45
N GLU A 43 -0.29 -14.79 -5.61
CA GLU A 43 1.08 -14.33 -5.89
C GLU A 43 1.14 -13.52 -7.18
N ASN A 44 0.36 -13.90 -8.20
CA ASN A 44 0.36 -13.18 -9.46
C ASN A 44 -0.18 -11.75 -9.33
N TYR A 45 -0.95 -11.43 -8.28
CA TYR A 45 -1.42 -10.06 -8.03
C TYR A 45 -0.24 -9.13 -7.80
N ILE A 46 0.76 -9.58 -7.02
CA ILE A 46 2.00 -8.84 -6.80
C ILE A 46 2.70 -8.60 -8.16
N GLN A 47 2.86 -9.64 -8.98
CA GLN A 47 3.59 -9.48 -10.23
C GLN A 47 2.79 -8.67 -11.26
N ALA A 48 1.46 -8.61 -11.16
CA ALA A 48 0.64 -7.76 -12.01
C ALA A 48 1.03 -6.30 -11.82
N ILE A 49 1.25 -5.87 -10.58
CA ILE A 49 1.66 -4.50 -10.28
C ILE A 49 3.06 -4.28 -10.85
N LYS A 50 3.98 -5.22 -10.59
CA LYS A 50 5.36 -5.08 -11.04
C LYS A 50 5.43 -4.99 -12.57
N ASP A 51 4.60 -5.73 -13.30
CA ASP A 51 4.60 -5.71 -14.77
C ASP A 51 4.29 -4.32 -15.30
N SER A 52 3.26 -3.65 -14.77
CA SER A 52 2.97 -2.26 -15.15
C SER A 52 4.05 -1.31 -14.64
N THR A 53 4.70 -1.62 -13.51
CA THR A 53 5.81 -0.84 -13.00
C THR A 53 6.98 -0.86 -14.00
N ILE A 54 7.26 -2.01 -14.64
CA ILE A 54 8.26 -2.11 -15.70
C ILE A 54 7.78 -1.33 -16.93
N ASN A 55 6.53 -1.54 -17.35
CA ASN A 55 6.02 -1.03 -18.63
C ASN A 55 5.88 0.49 -18.65
N ASN A 56 5.53 1.09 -17.50
CA ASN A 56 5.13 2.48 -17.41
C ASN A 56 5.56 3.12 -16.09
N GLY A 57 5.36 2.43 -14.96
CA GLY A 57 5.69 2.94 -13.63
C GLY A 57 4.63 2.55 -12.61
N PRO A 58 4.83 2.90 -11.32
CA PRO A 58 3.90 2.68 -10.23
C PRO A 58 2.42 2.85 -10.60
N TYR A 59 1.63 1.83 -10.27
CA TYR A 59 0.18 1.83 -10.44
C TYR A 59 -0.50 3.06 -9.81
N TYR A 60 -0.07 3.50 -8.61
CA TYR A 60 -0.69 4.61 -7.91
C TYR A 60 0.38 5.41 -7.18
N ILE A 61 0.30 6.75 -7.29
CA ILE A 61 1.17 7.74 -6.64
C ILE A 61 0.23 8.87 -6.24
N LEU A 62 0.42 9.42 -5.04
CA LEU A 62 -0.53 10.36 -4.43
C LEU A 62 0.14 11.69 -4.07
N ALA A 63 1.43 11.63 -3.73
CA ALA A 63 2.25 12.73 -3.26
C ALA A 63 3.70 12.27 -3.46
N PRO A 64 4.69 13.17 -3.52
CA PRO A 64 6.08 12.77 -3.69
C PRO A 64 6.50 11.87 -2.52
N GLY A 65 6.84 10.62 -2.83
CA GLY A 65 7.26 9.62 -1.84
C GLY A 65 6.12 8.73 -1.36
N VAL A 66 4.91 8.83 -1.91
CA VAL A 66 3.73 8.17 -1.40
C VAL A 66 3.05 7.44 -2.57
N ALA A 67 2.88 6.12 -2.42
CA ALA A 67 2.27 5.23 -3.39
C ALA A 67 1.12 4.47 -2.72
N MET A 68 0.29 3.81 -3.53
CA MET A 68 -0.79 2.96 -3.05
C MET A 68 -0.94 1.74 -3.95
N PRO A 69 0.04 0.83 -4.00
CA PRO A 69 -0.01 -0.27 -4.95
C PRO A 69 -1.28 -1.12 -4.77
N HIS A 70 -1.78 -1.64 -5.88
CA HIS A 70 -3.06 -2.32 -6.07
C HIS A 70 -3.09 -2.72 -7.55
N ALA A 71 -3.85 -3.76 -7.89
CA ALA A 71 -4.17 -4.16 -9.25
C ALA A 71 -5.68 -4.42 -9.28
N ARG A 72 -6.31 -4.28 -10.45
CA ARG A 72 -7.76 -4.46 -10.55
C ARG A 72 -8.14 -5.84 -10.00
N PRO A 73 -9.31 -5.99 -9.35
CA PRO A 73 -9.73 -7.24 -8.70
C PRO A 73 -9.47 -8.47 -9.56
N GLU A 74 -9.82 -8.38 -10.85
CA GLU A 74 -9.76 -9.47 -11.82
C GLU A 74 -8.33 -9.99 -12.07
N CYS A 75 -7.30 -9.25 -11.64
CA CYS A 75 -5.91 -9.64 -11.83
C CYS A 75 -5.53 -10.79 -10.90
N GLY A 76 -6.22 -10.94 -9.76
CA GLY A 76 -5.89 -11.98 -8.79
C GLY A 76 -6.24 -11.63 -7.36
N ALA A 77 -7.08 -10.61 -7.12
CA ALA A 77 -7.61 -10.38 -5.78
C ALA A 77 -8.57 -11.51 -5.41
N LEU A 78 -8.69 -11.77 -4.10
CA LEU A 78 -9.48 -12.87 -3.56
C LEU A 78 -10.38 -12.38 -2.43
N LYS A 79 -9.95 -11.37 -1.66
CA LYS A 79 -10.66 -10.77 -0.55
C LYS A 79 -10.31 -9.28 -0.49
N THR A 80 -11.17 -8.47 0.13
CA THR A 80 -10.98 -7.05 0.22
C THR A 80 -10.22 -6.70 1.51
N GLY A 81 -9.08 -6.02 1.40
CA GLY A 81 -8.22 -5.65 2.51
C GLY A 81 -7.14 -4.65 2.08
N MET A 82 -6.23 -4.29 2.98
CA MET A 82 -5.19 -3.30 2.76
C MET A 82 -3.92 -3.68 3.52
N SER A 83 -2.83 -2.94 3.29
CA SER A 83 -1.59 -3.01 4.07
C SER A 83 -0.93 -1.64 4.08
N LEU A 84 -0.03 -1.40 5.02
CA LEU A 84 0.61 -0.11 5.29
C LEU A 84 2.09 -0.35 5.53
N THR A 85 2.96 0.28 4.74
CA THR A 85 4.39 -0.01 4.75
C THR A 85 5.15 1.31 4.66
N LEU A 86 6.12 1.54 5.55
CA LEU A 86 6.98 2.72 5.54
C LEU A 86 8.43 2.26 5.46
N LEU A 87 9.24 2.95 4.66
CA LEU A 87 10.66 2.69 4.43
C LEU A 87 11.41 3.94 4.87
N GLU A 88 12.29 3.84 5.86
CA GLU A 88 13.06 4.98 6.40
C GLU A 88 13.94 5.66 5.34
N GLN A 89 14.32 4.96 4.28
CA GLN A 89 15.16 5.48 3.20
C GLN A 89 14.41 5.50 1.86
N GLY A 90 13.22 4.90 1.82
CA GLY A 90 12.49 4.64 0.58
C GLY A 90 13.28 3.73 -0.36
N VAL A 91 12.72 3.48 -1.55
CA VAL A 91 13.41 2.83 -2.65
C VAL A 91 12.81 3.39 -3.94
N TYR A 92 13.51 3.28 -5.07
CA TYR A 92 13.14 3.98 -6.29
C TYR A 92 12.50 3.02 -7.29
N PHE A 93 11.19 3.15 -7.46
CA PHE A 93 10.42 2.51 -8.51
C PHE A 93 10.72 3.22 -9.83
N PRO A 94 10.95 2.49 -10.95
CA PRO A 94 11.16 3.11 -12.25
C PRO A 94 9.89 3.80 -12.73
N GLY A 95 10.02 4.77 -13.63
CA GLY A 95 8.87 5.42 -14.27
C GLY A 95 8.08 6.31 -13.31
N ASN A 96 8.71 6.83 -12.25
CA ASN A 96 8.15 7.83 -11.34
C ASN A 96 9.26 8.85 -11.05
N ASP A 97 8.92 10.02 -10.51
CA ASP A 97 9.90 11.10 -10.35
C ASP A 97 10.82 10.91 -9.15
N GLU A 98 10.37 10.17 -8.12
CA GLU A 98 11.06 10.09 -6.84
C GLU A 98 10.92 8.71 -6.17
N PRO A 99 11.74 8.37 -5.14
CA PRO A 99 11.62 7.12 -4.42
C PRO A 99 10.44 7.14 -3.44
N ILE A 100 9.78 6.00 -3.27
CA ILE A 100 8.62 5.87 -2.40
C ILE A 100 9.13 5.56 -1.01
N LYS A 101 8.62 6.28 -0.02
CA LYS A 101 8.83 5.98 1.40
C LYS A 101 7.59 5.33 2.01
N LEU A 102 6.38 5.56 1.49
CA LEU A 102 5.15 5.07 2.12
C LEU A 102 4.25 4.45 1.07
N LEU A 103 3.75 3.25 1.38
CA LEU A 103 2.96 2.43 0.45
C LEU A 103 1.71 1.98 1.20
N ILE A 104 0.53 2.21 0.63
CA ILE A 104 -0.73 1.65 1.12
C ILE A 104 -1.20 0.62 0.11
N GLY A 105 -1.01 -0.66 0.43
CA GLY A 105 -1.59 -1.74 -0.35
C GLY A 105 -3.12 -1.70 -0.21
N LEU A 106 -3.85 -2.09 -1.25
CA LEU A 106 -5.30 -2.32 -1.24
C LEU A 106 -5.51 -3.53 -2.17
N SER A 107 -6.38 -4.46 -1.78
CA SER A 107 -6.88 -5.55 -2.61
C SER A 107 -8.40 -5.56 -2.43
N ALA A 108 -9.16 -5.94 -3.46
CA ALA A 108 -10.61 -5.95 -3.39
C ALA A 108 -11.14 -7.08 -4.23
N ALA A 109 -12.12 -7.83 -3.71
CA ALA A 109 -12.70 -8.95 -4.41
C ALA A 109 -13.66 -8.50 -5.53
N ASP A 110 -14.18 -7.28 -5.44
CA ASP A 110 -15.11 -6.71 -6.43
C ASP A 110 -14.84 -5.21 -6.61
N ALA A 111 -15.22 -4.64 -7.76
CA ALA A 111 -14.98 -3.25 -8.07
C ALA A 111 -15.65 -2.29 -7.08
N ASP A 112 -16.83 -2.62 -6.56
CA ASP A 112 -17.48 -1.76 -5.56
C ASP A 112 -16.79 -1.90 -4.20
N SER A 113 -16.23 -3.06 -3.90
CA SER A 113 -15.37 -3.24 -2.75
C SER A 113 -14.10 -2.40 -2.89
N HIS A 114 -13.53 -2.31 -4.11
CA HIS A 114 -12.42 -1.41 -4.41
C HIS A 114 -12.82 0.03 -4.12
N ILE A 115 -13.99 0.47 -4.64
CA ILE A 115 -14.49 1.82 -4.40
C ILE A 115 -14.59 2.07 -2.89
N GLY A 116 -15.24 1.19 -2.13
CA GLY A 116 -15.42 1.40 -0.69
C GLY A 116 -14.09 1.49 0.05
N ALA A 117 -13.12 0.67 -0.34
CA ALA A 117 -11.80 0.62 0.25
C ALA A 117 -11.03 1.91 -0.07
N ILE A 118 -10.93 2.29 -1.35
CA ILE A 118 -10.35 3.53 -1.81
C ILE A 118 -10.98 4.70 -1.03
N GLN A 119 -12.31 4.74 -0.92
CA GLN A 119 -13.03 5.82 -0.25
C GLN A 119 -12.77 5.85 1.25
N ALA A 120 -12.12 4.82 1.81
CA ALA A 120 -11.64 4.83 3.17
C ALA A 120 -10.20 5.33 3.18
N LEU A 121 -9.33 4.79 2.33
CA LEU A 121 -7.92 5.13 2.38
C LEU A 121 -7.62 6.54 1.91
N SER A 122 -8.51 7.11 1.11
CA SER A 122 -8.46 8.50 0.69
C SER A 122 -8.60 9.44 1.89
N GLU A 123 -9.25 9.00 2.98
CA GLU A 123 -9.37 9.78 4.21
C GLU A 123 -7.97 9.94 4.84
N LEU A 124 -7.07 9.02 4.52
CA LEU A 124 -5.70 9.04 4.97
C LEU A 124 -4.79 9.72 3.96
N LEU A 125 -4.50 9.10 2.81
CA LEU A 125 -3.46 9.61 1.92
C LEU A 125 -3.80 10.94 1.26
N CYS A 126 -5.06 11.38 1.23
CA CYS A 126 -5.45 12.67 0.64
C CYS A 126 -5.58 13.75 1.73
N GLU A 127 -4.85 13.61 2.82
CA GLU A 127 -4.72 14.56 3.91
C GLU A 127 -3.24 14.68 4.20
N GLU A 128 -2.70 15.86 3.91
CA GLU A 128 -1.28 16.16 4.11
C GLU A 128 -0.91 16.06 5.59
N GLU A 129 -1.88 16.26 6.50
CA GLU A 129 -1.69 16.11 7.92
C GLU A 129 -1.35 14.66 8.25
N ILE A 130 -2.06 13.72 7.64
CA ILE A 130 -1.81 12.29 7.77
C ILE A 130 -0.48 11.96 7.08
N LEU A 131 -0.21 12.51 5.90
CA LEU A 131 1.01 12.17 5.16
C LEU A 131 2.24 12.41 6.02
N GLU A 132 2.28 13.52 6.75
CA GLU A 132 3.39 13.83 7.64
C GLU A 132 3.42 12.88 8.82
N GLN A 133 2.27 12.47 9.37
CA GLN A 133 2.25 11.55 10.51
C GLN A 133 2.84 10.21 10.07
N LEU A 134 2.51 9.75 8.86
CA LEU A 134 3.05 8.50 8.31
C LEU A 134 4.54 8.68 8.07
N LEU A 135 4.91 9.75 7.34
CA LEU A 135 6.30 10.02 6.97
C LEU A 135 7.21 10.30 8.18
N THR A 136 6.66 10.44 9.39
CA THR A 136 7.42 10.64 10.62
C THR A 136 7.09 9.55 11.66
N ALA A 137 6.37 8.49 11.28
CA ALA A 137 6.00 7.38 12.14
C ALA A 137 7.27 6.68 12.66
N SER A 138 7.53 6.78 13.95
CA SER A 138 8.67 6.18 14.61
C SER A 138 8.53 4.67 14.76
N SER A 139 7.32 4.11 14.62
CA SER A 139 7.06 2.70 14.88
C SER A 139 5.89 2.19 14.05
N GLU A 140 5.80 0.86 13.95
CA GLU A 140 4.67 0.13 13.40
C GLU A 140 3.41 0.49 14.19
N LYS A 141 3.54 0.66 15.51
CA LYS A 141 2.43 1.08 16.37
C LYS A 141 1.92 2.45 15.95
N GLN A 142 2.79 3.39 15.61
CA GLN A 142 2.38 4.69 15.13
C GLN A 142 1.66 4.61 13.79
N LEU A 143 2.06 3.71 12.87
CA LEU A 143 1.34 3.55 11.61
C LEU A 143 -0.06 3.02 11.90
N ALA A 144 -0.18 2.00 12.75
CA ALA A 144 -1.45 1.49 13.26
C ALA A 144 -2.27 2.55 13.99
N ASP A 145 -1.66 3.50 14.67
CA ASP A 145 -2.39 4.59 15.34
C ASP A 145 -3.04 5.50 14.30
N ILE A 146 -2.35 5.80 13.20
CA ILE A 146 -2.86 6.62 12.12
C ILE A 146 -4.02 5.87 11.43
N ILE A 147 -3.93 4.54 11.29
CA ILE A 147 -5.06 3.73 10.85
C ILE A 147 -6.22 3.91 11.82
N SER A 148 -5.97 3.75 13.11
CA SER A 148 -7.01 3.76 14.12
C SER A 148 -7.70 5.13 14.19
N ARG A 149 -6.99 6.21 13.85
CA ARG A 149 -7.50 7.57 13.76
C ARG A 149 -8.65 7.71 12.74
N GLY A 150 -8.68 6.85 11.73
CA GLY A 150 -9.69 6.90 10.68
C GLY A 150 -10.91 6.11 11.14
N MET A 4 -15.56 5.38 6.35
CA MET A 4 -15.41 3.95 6.72
C MET A 4 -14.39 3.80 7.83
N ARG A 5 -14.58 2.78 8.68
CA ARG A 5 -13.52 2.43 9.63
C ARG A 5 -12.35 1.92 8.82
N LEU A 6 -11.24 2.64 8.91
CA LEU A 6 -10.01 2.26 8.24
C LEU A 6 -9.59 0.90 8.75
N SER A 7 -9.64 0.69 10.07
CA SER A 7 -9.26 -0.55 10.72
C SER A 7 -10.03 -1.77 10.19
N ASP A 8 -11.19 -1.60 9.53
CA ASP A 8 -11.90 -2.71 8.90
C ASP A 8 -11.08 -3.36 7.78
N TYR A 9 -10.18 -2.61 7.14
CA TYR A 9 -9.45 -3.05 5.95
C TYR A 9 -8.05 -3.59 6.29
N PHE A 10 -7.43 -3.23 7.42
CA PHE A 10 -6.05 -3.60 7.74
C PHE A 10 -6.12 -4.76 8.76
N PRO A 11 -5.92 -6.03 8.35
CA PRO A 11 -6.17 -7.20 9.20
C PRO A 11 -5.33 -7.27 10.48
N GLU A 12 -4.02 -7.40 10.37
CA GLU A 12 -3.11 -7.63 11.49
C GLU A 12 -1.67 -7.24 11.16
N SER A 13 -0.96 -8.09 10.42
CA SER A 13 0.41 -7.86 9.96
C SER A 13 0.47 -6.73 8.91
N SER A 14 -0.64 -6.01 8.74
CA SER A 14 -0.90 -5.06 7.67
C SER A 14 -0.23 -3.70 7.88
N ILE A 15 0.70 -3.58 8.83
CA ILE A 15 1.49 -2.39 9.04
C ILE A 15 2.91 -2.89 9.25
N SER A 16 3.88 -2.32 8.53
CA SER A 16 5.29 -2.64 8.70
C SER A 16 6.16 -1.39 8.50
N VAL A 17 7.33 -1.38 9.12
CA VAL A 17 8.40 -0.41 8.93
C VAL A 17 9.63 -1.20 8.50
N ILE A 18 10.41 -0.62 7.59
CA ILE A 18 11.50 -1.28 6.90
C ILE A 18 12.64 -0.26 6.78
N HIS A 19 13.88 -0.73 6.85
CA HIS A 19 15.05 0.11 6.64
C HIS A 19 15.08 0.61 5.19
N SER A 20 14.97 -0.30 4.22
CA SER A 20 15.02 -0.03 2.78
C SER A 20 14.35 -1.24 2.11
N ALA A 21 13.65 -1.06 0.98
CA ALA A 21 13.18 -2.24 0.26
C ALA A 21 14.37 -2.85 -0.46
N LYS A 22 14.36 -4.17 -0.64
CA LYS A 22 15.41 -4.90 -1.37
C LYS A 22 15.54 -4.34 -2.79
N ASP A 23 14.40 -4.02 -3.41
CA ASP A 23 14.26 -3.46 -4.74
C ASP A 23 12.88 -2.85 -4.85
N TRP A 24 12.60 -2.21 -5.98
CA TRP A 24 11.29 -1.67 -6.29
C TRP A 24 10.26 -2.79 -6.52
N GLN A 25 10.65 -3.94 -7.10
CA GLN A 25 9.75 -5.10 -7.14
C GLN A 25 9.41 -5.53 -5.69
N GLU A 26 10.42 -5.53 -4.81
CA GLU A 26 10.23 -5.91 -3.41
C GLU A 26 9.36 -4.90 -2.67
N ALA A 27 9.45 -3.62 -3.03
CA ALA A 27 8.68 -2.57 -2.40
C ALA A 27 7.17 -2.79 -2.65
N ILE A 28 6.81 -3.33 -3.82
CA ILE A 28 5.44 -3.78 -4.09
C ILE A 28 5.17 -5.02 -3.23
N ASP A 29 6.10 -5.97 -3.22
CA ASP A 29 5.94 -7.24 -2.51
C ASP A 29 5.62 -6.98 -1.03
N PHE A 30 6.36 -6.08 -0.38
CA PHE A 30 6.09 -5.63 0.98
C PHE A 30 4.78 -4.85 1.09
N SER A 31 4.35 -4.11 0.06
CA SER A 31 3.03 -3.48 0.06
C SER A 31 1.89 -4.50 0.12
N MET A 32 2.14 -5.76 -0.27
CA MET A 32 1.08 -6.75 -0.45
C MET A 32 1.25 -8.03 0.38
N VAL A 33 2.44 -8.34 0.92
CA VAL A 33 2.72 -9.65 1.52
C VAL A 33 1.76 -10.00 2.67
N SER A 34 1.34 -9.02 3.48
CA SER A 34 0.45 -9.30 4.59
C SER A 34 -0.93 -9.73 4.09
N LEU A 35 -1.36 -9.21 2.93
CA LEU A 35 -2.58 -9.63 2.25
C LEU A 35 -2.36 -11.01 1.64
N LEU A 36 -1.18 -11.25 1.02
CA LEU A 36 -0.85 -12.52 0.41
C LEU A 36 -0.91 -13.65 1.45
N ASP A 37 -0.35 -13.42 2.64
CA ASP A 37 -0.25 -14.40 3.71
C ASP A 37 -1.62 -14.83 4.22
N LYS A 38 -2.52 -13.84 4.39
CA LYS A 38 -3.91 -14.05 4.78
C LYS A 38 -4.79 -14.42 3.57
N ASN A 39 -4.17 -14.77 2.44
CA ASN A 39 -4.82 -15.09 1.16
C ASN A 39 -5.93 -14.12 0.74
N TYR A 40 -5.76 -12.82 1.00
CA TYR A 40 -6.63 -11.78 0.43
C TYR A 40 -6.36 -11.65 -1.07
N ILE A 41 -5.20 -12.15 -1.54
CA ILE A 41 -4.72 -12.09 -2.91
C ILE A 41 -3.93 -13.37 -3.22
N SER A 42 -3.62 -13.60 -4.49
CA SER A 42 -2.70 -14.63 -4.98
C SER A 42 -1.40 -13.95 -5.44
N GLU A 43 -0.30 -14.70 -5.58
CA GLU A 43 1.02 -14.14 -5.88
C GLU A 43 1.04 -13.35 -7.20
N ASN A 44 0.28 -13.82 -8.20
CA ASN A 44 0.12 -13.15 -9.48
C ASN A 44 -0.50 -11.75 -9.34
N TYR A 45 -1.25 -11.47 -8.27
CA TYR A 45 -1.78 -10.13 -8.02
C TYR A 45 -0.64 -9.14 -7.81
N ILE A 46 0.35 -9.51 -6.98
CA ILE A 46 1.52 -8.68 -6.73
C ILE A 46 2.25 -8.45 -8.05
N GLN A 47 2.49 -9.51 -8.83
CA GLN A 47 3.28 -9.37 -10.05
C GLN A 47 2.55 -8.52 -11.10
N ALA A 48 1.21 -8.49 -11.11
CA ALA A 48 0.46 -7.60 -11.97
C ALA A 48 0.79 -6.13 -11.72
N ILE A 49 1.06 -5.74 -10.47
CA ILE A 49 1.46 -4.38 -10.15
C ILE A 49 2.93 -4.21 -10.56
N LYS A 50 3.80 -5.14 -10.14
CA LYS A 50 5.24 -5.01 -10.34
C LYS A 50 5.55 -4.88 -11.84
N ASP A 51 4.93 -5.72 -12.67
CA ASP A 51 5.24 -5.81 -14.10
C ASP A 51 5.00 -4.49 -14.80
N SER A 52 3.81 -3.89 -14.63
CA SER A 52 3.49 -2.62 -15.24
C SER A 52 4.36 -1.49 -14.65
N THR A 53 4.63 -1.53 -13.34
CA THR A 53 5.54 -0.60 -12.69
C THR A 53 6.92 -0.64 -13.35
N ILE A 54 7.48 -1.82 -13.60
CA ILE A 54 8.81 -1.97 -14.19
C ILE A 54 8.77 -1.55 -15.67
N ASN A 55 7.73 -1.94 -16.42
CA ASN A 55 7.70 -1.77 -17.87
C ASN A 55 7.40 -0.35 -18.30
N ASN A 56 6.57 0.37 -17.55
CA ASN A 56 6.02 1.67 -17.97
C ASN A 56 6.08 2.75 -16.89
N GLY A 57 6.15 2.35 -15.63
CA GLY A 57 6.22 3.24 -14.47
C GLY A 57 5.10 2.91 -13.47
N PRO A 58 5.21 3.34 -12.20
CA PRO A 58 4.19 3.06 -11.20
C PRO A 58 2.87 3.74 -11.58
N TYR A 59 1.76 3.17 -11.12
CA TYR A 59 0.42 3.62 -11.55
C TYR A 59 -0.54 3.85 -10.37
N TYR A 60 0.00 3.91 -9.15
CA TYR A 60 -0.71 4.32 -7.95
C TYR A 60 0.22 5.22 -7.13
N ILE A 61 0.31 6.50 -7.51
CA ILE A 61 1.13 7.52 -6.86
C ILE A 61 0.18 8.65 -6.48
N LEU A 62 0.30 9.20 -5.27
CA LEU A 62 -0.65 10.13 -4.69
C LEU A 62 0.00 11.45 -4.32
N ALA A 63 1.29 11.44 -3.96
CA ALA A 63 2.08 12.61 -3.61
C ALA A 63 3.55 12.21 -3.77
N PRO A 64 4.48 13.18 -3.89
CA PRO A 64 5.90 12.88 -3.83
C PRO A 64 6.22 12.18 -2.50
N GLY A 65 6.60 10.90 -2.57
CA GLY A 65 6.91 10.08 -1.41
C GLY A 65 5.83 9.05 -1.07
N VAL A 66 4.64 9.10 -1.69
CA VAL A 66 3.47 8.32 -1.28
C VAL A 66 2.89 7.58 -2.50
N ALA A 67 2.75 6.25 -2.38
CA ALA A 67 2.14 5.37 -3.37
C ALA A 67 1.00 4.59 -2.72
N MET A 68 0.18 3.92 -3.52
CA MET A 68 -0.92 3.10 -3.03
C MET A 68 -1.11 1.80 -3.86
N PRO A 69 -0.12 0.89 -3.91
CA PRO A 69 -0.19 -0.29 -4.75
C PRO A 69 -1.50 -1.10 -4.62
N HIS A 70 -1.95 -1.61 -5.76
CA HIS A 70 -3.24 -2.27 -6.02
C HIS A 70 -3.22 -2.66 -7.51
N ALA A 71 -3.98 -3.69 -7.87
CA ALA A 71 -4.27 -4.09 -9.23
C ALA A 71 -5.76 -4.40 -9.32
N ARG A 72 -6.33 -4.37 -10.52
CA ARG A 72 -7.75 -4.70 -10.72
C ARG A 72 -8.06 -6.04 -10.05
N PRO A 73 -9.24 -6.22 -9.42
CA PRO A 73 -9.61 -7.45 -8.72
C PRO A 73 -9.28 -8.72 -9.53
N GLU A 74 -9.56 -8.69 -10.84
CA GLU A 74 -9.38 -9.80 -11.76
C GLU A 74 -7.92 -10.28 -11.88
N CYS A 75 -6.95 -9.49 -11.39
CA CYS A 75 -5.53 -9.82 -11.47
C CYS A 75 -5.13 -10.86 -10.41
N GLY A 76 -6.01 -11.19 -9.47
CA GLY A 76 -5.75 -12.20 -8.43
C GLY A 76 -6.21 -11.78 -7.04
N ALA A 77 -7.09 -10.78 -6.90
CA ALA A 77 -7.71 -10.51 -5.61
C ALA A 77 -8.69 -11.63 -5.27
N LEU A 78 -8.85 -11.88 -3.97
CA LEU A 78 -9.67 -12.96 -3.43
C LEU A 78 -10.61 -12.41 -2.36
N LYS A 79 -10.15 -11.43 -1.57
CA LYS A 79 -10.91 -10.76 -0.51
C LYS A 79 -10.48 -9.30 -0.47
N THR A 80 -11.32 -8.44 0.11
CA THR A 80 -11.07 -7.02 0.18
C THR A 80 -10.33 -6.69 1.49
N GLY A 81 -9.20 -5.98 1.40
CA GLY A 81 -8.36 -5.62 2.53
C GLY A 81 -7.27 -4.63 2.11
N MET A 82 -6.40 -4.22 3.03
CA MET A 82 -5.34 -3.25 2.83
C MET A 82 -4.10 -3.61 3.65
N SER A 83 -2.99 -2.91 3.42
CA SER A 83 -1.77 -2.95 4.22
C SER A 83 -1.04 -1.62 4.09
N LEU A 84 0.01 -1.39 4.88
CA LEU A 84 0.72 -0.14 5.07
C LEU A 84 2.20 -0.46 5.26
N THR A 85 3.07 0.19 4.50
CA THR A 85 4.51 0.01 4.53
C THR A 85 5.14 1.39 4.63
N LEU A 86 6.23 1.50 5.39
CA LEU A 86 7.05 2.70 5.44
C LEU A 86 8.51 2.29 5.32
N LEU A 87 9.30 3.10 4.63
CA LEU A 87 10.74 2.92 4.48
C LEU A 87 11.45 4.05 5.20
N GLU A 88 12.52 3.73 5.91
CA GLU A 88 13.43 4.76 6.42
C GLU A 88 14.16 5.37 5.22
N GLN A 89 14.57 4.51 4.28
CA GLN A 89 15.24 4.83 3.03
C GLN A 89 14.35 4.36 1.87
N GLY A 90 13.56 5.29 1.33
CA GLY A 90 12.69 5.08 0.19
C GLY A 90 13.41 4.45 -0.99
N VAL A 91 12.63 3.81 -1.86
CA VAL A 91 13.10 3.15 -3.07
C VAL A 91 12.42 3.85 -4.24
N TYR A 92 13.07 3.83 -5.41
CA TYR A 92 12.71 4.64 -6.55
C TYR A 92 12.24 3.76 -7.70
N PHE A 93 10.91 3.57 -7.76
CA PHE A 93 10.25 2.94 -8.90
C PHE A 93 10.76 3.54 -10.22
N PRO A 94 11.06 2.73 -11.24
CA PRO A 94 11.63 3.23 -12.48
C PRO A 94 10.67 4.22 -13.16
N GLY A 95 11.21 5.36 -13.59
CA GLY A 95 10.46 6.38 -14.32
C GLY A 95 9.46 7.16 -13.47
N ASN A 96 9.42 6.99 -12.14
CA ASN A 96 8.57 7.80 -11.27
C ASN A 96 9.10 9.23 -11.15
N ASP A 97 8.35 10.11 -10.49
CA ASP A 97 8.80 11.47 -10.20
C ASP A 97 10.00 11.46 -9.24
N GLU A 98 9.90 10.66 -8.17
CA GLU A 98 10.89 10.55 -7.10
C GLU A 98 10.74 9.24 -6.29
N PRO A 99 11.65 8.92 -5.35
CA PRO A 99 11.51 7.77 -4.45
C PRO A 99 10.21 7.80 -3.63
N ILE A 100 9.75 6.63 -3.21
CA ILE A 100 8.59 6.48 -2.34
C ILE A 100 9.10 5.97 -0.99
N LYS A 101 8.62 6.61 0.07
CA LYS A 101 8.87 6.18 1.45
C LYS A 101 7.64 5.53 2.06
N LEU A 102 6.45 5.68 1.47
CA LEU A 102 5.20 5.27 2.11
C LEU A 102 4.28 4.65 1.08
N LEU A 103 3.73 3.48 1.40
CA LEU A 103 2.89 2.72 0.49
C LEU A 103 1.70 2.18 1.26
N ILE A 104 0.50 2.22 0.67
CA ILE A 104 -0.68 1.54 1.19
C ILE A 104 -1.10 0.52 0.14
N GLY A 105 -1.11 -0.75 0.52
CA GLY A 105 -1.69 -1.79 -0.31
C GLY A 105 -3.21 -1.74 -0.16
N LEU A 106 -3.94 -2.11 -1.20
CA LEU A 106 -5.39 -2.35 -1.20
C LEU A 106 -5.59 -3.53 -2.15
N SER A 107 -6.43 -4.49 -1.78
CA SER A 107 -6.92 -5.56 -2.63
C SER A 107 -8.43 -5.59 -2.47
N ALA A 108 -9.19 -5.94 -3.50
CA ALA A 108 -10.65 -5.92 -3.44
C ALA A 108 -11.19 -7.05 -4.29
N ALA A 109 -12.20 -7.76 -3.77
CA ALA A 109 -12.82 -8.85 -4.49
C ALA A 109 -13.76 -8.37 -5.59
N ASP A 110 -14.27 -7.13 -5.50
CA ASP A 110 -15.20 -6.56 -6.47
C ASP A 110 -14.93 -5.06 -6.62
N ALA A 111 -15.31 -4.48 -7.77
CA ALA A 111 -15.07 -3.07 -8.07
C ALA A 111 -15.74 -2.12 -7.07
N ASP A 112 -16.92 -2.44 -6.55
CA ASP A 112 -17.56 -1.59 -5.55
C ASP A 112 -16.87 -1.72 -4.19
N SER A 113 -16.34 -2.91 -3.88
CA SER A 113 -15.48 -3.10 -2.72
C SER A 113 -14.20 -2.26 -2.87
N HIS A 114 -13.62 -2.21 -4.08
CA HIS A 114 -12.49 -1.32 -4.39
C HIS A 114 -12.87 0.13 -4.13
N ILE A 115 -14.03 0.59 -4.62
CA ILE A 115 -14.51 1.95 -4.41
C ILE A 115 -14.58 2.23 -2.91
N GLY A 116 -15.27 1.40 -2.13
CA GLY A 116 -15.45 1.64 -0.71
C GLY A 116 -14.12 1.68 0.03
N ALA A 117 -13.19 0.81 -0.34
CA ALA A 117 -11.86 0.72 0.23
C ALA A 117 -11.05 1.97 -0.10
N ILE A 118 -10.97 2.36 -1.38
CA ILE A 118 -10.30 3.55 -1.85
C ILE A 118 -10.86 4.76 -1.08
N GLN A 119 -12.18 4.87 -0.95
CA GLN A 119 -12.82 6.01 -0.30
C GLN A 119 -12.51 6.05 1.20
N ALA A 120 -12.03 4.95 1.78
CA ALA A 120 -11.59 4.90 3.16
C ALA A 120 -10.15 5.30 3.24
N LEU A 121 -9.29 4.76 2.37
CA LEU A 121 -7.88 5.09 2.43
C LEU A 121 -7.63 6.52 1.98
N SER A 122 -8.52 7.08 1.18
CA SER A 122 -8.49 8.48 0.79
C SER A 122 -8.57 9.41 1.99
N GLU A 123 -9.12 8.97 3.13
CA GLU A 123 -9.10 9.74 4.38
C GLU A 123 -7.66 9.93 4.87
N LEU A 124 -6.75 9.05 4.41
CA LEU A 124 -5.33 9.02 4.78
C LEU A 124 -4.45 9.54 3.63
N LEU A 125 -4.49 8.89 2.45
CA LEU A 125 -3.66 9.23 1.29
C LEU A 125 -3.87 10.65 0.77
N CYS A 126 -5.08 11.21 0.91
CA CYS A 126 -5.41 12.52 0.36
C CYS A 126 -5.40 13.59 1.46
N GLU A 127 -4.61 13.35 2.50
CA GLU A 127 -4.63 14.16 3.71
C GLU A 127 -3.20 14.36 4.18
N GLU A 128 -2.58 15.46 3.75
CA GLU A 128 -1.17 15.75 4.02
C GLU A 128 -0.83 15.73 5.51
N GLU A 129 -1.82 16.00 6.38
CA GLU A 129 -1.64 15.93 7.83
C GLU A 129 -1.31 14.50 8.24
N ILE A 130 -2.05 13.53 7.69
CA ILE A 130 -1.82 12.12 7.90
C ILE A 130 -0.52 11.73 7.21
N LEU A 131 -0.28 12.18 5.97
CA LEU A 131 0.89 11.77 5.21
C LEU A 131 2.17 12.04 5.98
N GLU A 132 2.29 13.20 6.62
CA GLU A 132 3.45 13.53 7.41
C GLU A 132 3.57 12.63 8.63
N GLN A 133 2.46 12.33 9.30
CA GLN A 133 2.48 11.54 10.52
C GLN A 133 2.86 10.10 10.21
N LEU A 134 2.47 9.57 9.05
CA LEU A 134 2.94 8.27 8.56
C LEU A 134 4.41 8.40 8.18
N LEU A 135 4.73 9.38 7.32
CA LEU A 135 6.09 9.58 6.79
C LEU A 135 7.15 9.78 7.87
N THR A 136 6.77 10.18 9.09
CA THR A 136 7.68 10.46 10.19
C THR A 136 7.49 9.45 11.34
N ALA A 137 6.68 8.40 11.13
CA ALA A 137 6.43 7.35 12.11
C ALA A 137 7.74 6.69 12.52
N SER A 138 7.99 6.68 13.84
CA SER A 138 9.16 6.05 14.45
C SER A 138 8.92 4.55 14.69
N SER A 139 7.69 4.05 14.54
CA SER A 139 7.34 2.67 14.84
C SER A 139 6.14 2.23 14.03
N GLU A 140 5.97 0.92 13.87
CA GLU A 140 4.75 0.32 13.31
C GLU A 140 3.55 0.72 14.16
N LYS A 141 3.73 0.87 15.48
CA LYS A 141 2.66 1.31 16.37
C LYS A 141 2.11 2.67 15.94
N GLN A 142 2.97 3.59 15.51
CA GLN A 142 2.54 4.89 15.02
C GLN A 142 1.73 4.79 13.73
N LEU A 143 2.16 3.97 12.76
CA LEU A 143 1.42 3.77 11.52
C LEU A 143 0.06 3.14 11.82
N ALA A 144 0.04 2.06 12.60
CA ALA A 144 -1.17 1.42 13.12
C ALA A 144 -2.06 2.36 13.93
N ASP A 145 -1.51 3.34 14.66
CA ASP A 145 -2.32 4.31 15.39
C ASP A 145 -3.08 5.20 14.42
N ILE A 146 -2.43 5.66 13.35
CA ILE A 146 -3.05 6.49 12.33
C ILE A 146 -4.13 5.67 11.59
N ILE A 147 -3.91 4.36 11.38
CA ILE A 147 -4.95 3.45 10.91
C ILE A 147 -6.12 3.46 11.86
N SER A 148 -5.84 3.24 13.15
CA SER A 148 -6.88 3.03 14.15
C SER A 148 -7.70 4.31 14.37
N ARG A 149 -7.12 5.48 14.11
CA ARG A 149 -7.76 6.78 14.11
C ARG A 149 -8.95 6.86 13.15
N GLY A 150 -8.93 6.09 12.07
CA GLY A 150 -9.92 6.13 11.01
C GLY A 150 -11.07 5.21 11.37
N MET A 4 -15.42 5.80 5.69
CA MET A 4 -15.45 4.44 6.28
C MET A 4 -14.47 4.35 7.44
N ARG A 5 -14.69 3.43 8.40
CA ARG A 5 -13.70 3.12 9.41
C ARG A 5 -12.53 2.47 8.69
N LEU A 6 -11.39 3.17 8.57
CA LEU A 6 -10.19 2.64 7.93
C LEU A 6 -9.82 1.29 8.54
N SER A 7 -9.92 1.17 9.86
CA SER A 7 -9.58 0.00 10.65
C SER A 7 -10.30 -1.27 10.17
N ASP A 8 -11.44 -1.16 9.48
CA ASP A 8 -12.16 -2.31 8.94
C ASP A 8 -11.36 -3.05 7.87
N TYR A 9 -10.47 -2.34 7.16
CA TYR A 9 -9.79 -2.85 5.98
C TYR A 9 -8.40 -3.42 6.28
N PHE A 10 -7.75 -3.09 7.41
CA PHE A 10 -6.37 -3.48 7.69
C PHE A 10 -6.38 -4.74 8.58
N PRO A 11 -5.94 -5.93 8.11
CA PRO A 11 -5.83 -7.17 8.88
C PRO A 11 -4.88 -7.09 10.09
N GLU A 12 -4.64 -8.24 10.72
CA GLU A 12 -3.63 -8.37 11.77
C GLU A 12 -2.26 -8.35 11.11
N SER A 13 -1.30 -7.77 11.81
CA SER A 13 0.08 -7.61 11.39
C SER A 13 0.19 -6.99 9.97
N SER A 14 -0.83 -6.25 9.53
CA SER A 14 -0.92 -5.76 8.16
C SER A 14 0.04 -4.60 7.90
N ILE A 15 0.67 -4.07 8.96
CA ILE A 15 1.45 -2.86 8.99
C ILE A 15 2.89 -3.26 9.30
N SER A 16 3.86 -2.68 8.60
CA SER A 16 5.28 -2.97 8.72
C SER A 16 6.11 -1.71 8.53
N VAL A 17 7.33 -1.70 9.08
CA VAL A 17 8.32 -0.65 8.94
C VAL A 17 9.63 -1.34 8.52
N ILE A 18 10.40 -0.66 7.68
CA ILE A 18 11.57 -1.18 6.99
C ILE A 18 12.58 -0.03 6.92
N HIS A 19 13.88 -0.32 6.92
CA HIS A 19 14.88 0.71 6.67
C HIS A 19 14.90 1.06 5.18
N SER A 20 14.96 0.05 4.32
CA SER A 20 14.96 0.19 2.87
C SER A 20 14.52 -1.15 2.28
N ALA A 21 13.78 -1.13 1.18
CA ALA A 21 13.50 -2.35 0.43
C ALA A 21 14.71 -2.67 -0.44
N LYS A 22 14.80 -3.92 -0.90
CA LYS A 22 15.87 -4.37 -1.78
C LYS A 22 15.90 -3.55 -3.07
N ASP A 23 14.72 -3.32 -3.64
CA ASP A 23 14.44 -2.48 -4.80
C ASP A 23 12.93 -2.27 -4.88
N TRP A 24 12.43 -1.56 -5.89
CA TRP A 24 11.01 -1.31 -6.04
C TRP A 24 10.19 -2.59 -6.31
N GLN A 25 10.72 -3.62 -6.99
CA GLN A 25 10.04 -4.92 -7.13
C GLN A 25 9.84 -5.48 -5.72
N GLU A 26 10.90 -5.56 -4.92
CA GLU A 26 10.79 -6.04 -3.54
C GLU A 26 9.84 -5.18 -2.72
N ALA A 27 9.83 -3.88 -2.95
CA ALA A 27 8.97 -2.96 -2.23
C ALA A 27 7.49 -3.24 -2.53
N ILE A 28 7.15 -3.74 -3.72
CA ILE A 28 5.79 -4.20 -4.01
C ILE A 28 5.51 -5.45 -3.19
N ASP A 29 6.42 -6.43 -3.19
CA ASP A 29 6.25 -7.65 -2.41
C ASP A 29 6.03 -7.29 -0.93
N PHE A 30 6.87 -6.41 -0.38
CA PHE A 30 6.69 -5.89 0.96
C PHE A 30 5.36 -5.13 1.13
N SER A 31 4.86 -4.43 0.10
CA SER A 31 3.56 -3.77 0.16
C SER A 31 2.41 -4.76 0.30
N MET A 32 2.54 -5.97 -0.24
CA MET A 32 1.42 -6.89 -0.35
C MET A 32 1.57 -8.17 0.48
N VAL A 33 2.75 -8.50 1.00
CA VAL A 33 3.01 -9.81 1.62
C VAL A 33 2.07 -10.10 2.80
N SER A 34 1.66 -9.09 3.57
CA SER A 34 0.76 -9.31 4.68
C SER A 34 -0.61 -9.78 4.18
N LEU A 35 -1.08 -9.23 3.05
CA LEU A 35 -2.32 -9.65 2.42
C LEU A 35 -2.11 -11.03 1.77
N LEU A 36 -0.94 -11.29 1.19
CA LEU A 36 -0.62 -12.60 0.61
C LEU A 36 -0.69 -13.70 1.68
N ASP A 37 -0.14 -13.42 2.86
CA ASP A 37 -0.04 -14.37 3.97
C ASP A 37 -1.42 -14.75 4.51
N LYS A 38 -2.29 -13.75 4.68
CA LYS A 38 -3.67 -13.94 5.10
C LYS A 38 -4.57 -14.34 3.91
N ASN A 39 -3.97 -14.72 2.78
CA ASN A 39 -4.62 -15.08 1.51
C ASN A 39 -5.76 -14.14 1.10
N TYR A 40 -5.56 -12.82 1.24
CA TYR A 40 -6.43 -11.80 0.66
C TYR A 40 -6.14 -11.70 -0.84
N ILE A 41 -5.00 -12.21 -1.30
CA ILE A 41 -4.53 -12.19 -2.69
C ILE A 41 -3.78 -13.50 -2.99
N SER A 42 -3.39 -13.69 -4.26
CA SER A 42 -2.48 -14.74 -4.74
C SER A 42 -1.20 -14.09 -5.27
N GLU A 43 -0.12 -14.86 -5.44
CA GLU A 43 1.22 -14.33 -5.74
C GLU A 43 1.27 -13.57 -7.08
N ASN A 44 0.47 -13.98 -8.07
CA ASN A 44 0.38 -13.27 -9.36
C ASN A 44 -0.05 -11.82 -9.19
N TYR A 45 -0.85 -11.52 -8.16
CA TYR A 45 -1.35 -10.19 -7.89
C TYR A 45 -0.19 -9.21 -7.69
N ILE A 46 0.80 -9.60 -6.87
CA ILE A 46 2.00 -8.82 -6.64
C ILE A 46 2.69 -8.55 -7.98
N GLN A 47 2.87 -9.58 -8.81
CA GLN A 47 3.59 -9.43 -10.06
C GLN A 47 2.81 -8.57 -11.08
N ALA A 48 1.48 -8.52 -11.01
CA ALA A 48 0.67 -7.64 -11.84
C ALA A 48 0.96 -6.15 -11.53
N ILE A 49 1.15 -5.81 -10.26
CA ILE A 49 1.49 -4.44 -9.87
C ILE A 49 2.88 -4.12 -10.42
N LYS A 50 3.83 -5.05 -10.22
CA LYS A 50 5.19 -4.83 -10.68
C LYS A 50 5.21 -4.69 -12.20
N ASP A 51 4.46 -5.52 -12.93
CA ASP A 51 4.37 -5.48 -14.39
C ASP A 51 3.76 -4.17 -14.88
N SER A 52 2.76 -3.65 -14.17
CA SER A 52 2.20 -2.33 -14.47
C SER A 52 3.27 -1.25 -14.25
N THR A 53 4.06 -1.38 -13.19
CA THR A 53 5.20 -0.51 -12.91
C THR A 53 6.25 -0.58 -14.04
N ILE A 54 6.52 -1.75 -14.63
CA ILE A 54 7.40 -1.87 -15.80
C ILE A 54 6.78 -1.13 -17.00
N ASN A 55 5.48 -1.32 -17.23
CA ASN A 55 4.79 -0.87 -18.44
C ASN A 55 4.76 0.64 -18.59
N ASN A 56 4.59 1.36 -17.48
CA ASN A 56 4.28 2.79 -17.50
C ASN A 56 4.96 3.59 -16.37
N GLY A 57 5.57 2.92 -15.41
CA GLY A 57 6.04 3.53 -14.16
C GLY A 57 4.98 3.26 -13.09
N PRO A 58 5.20 3.69 -11.83
CA PRO A 58 4.24 3.47 -10.77
C PRO A 58 2.90 4.14 -11.15
N TYR A 59 1.78 3.47 -10.84
CA TYR A 59 0.46 3.85 -11.33
C TYR A 59 -0.57 4.02 -10.20
N TYR A 60 -0.09 4.01 -8.94
CA TYR A 60 -0.86 4.37 -7.75
C TYR A 60 0.03 5.27 -6.92
N ILE A 61 -0.05 6.57 -7.19
CA ILE A 61 0.80 7.61 -6.63
C ILE A 61 -0.16 8.74 -6.26
N LEU A 62 -0.02 9.26 -5.04
CA LEU A 62 -0.95 10.23 -4.47
C LEU A 62 -0.23 11.50 -4.04
N ALA A 63 1.07 11.42 -3.74
CA ALA A 63 1.94 12.55 -3.50
C ALA A 63 3.39 12.11 -3.75
N PRO A 64 4.36 13.03 -3.89
CA PRO A 64 5.77 12.68 -3.90
C PRO A 64 6.10 11.77 -2.70
N GLY A 65 6.73 10.62 -2.96
CA GLY A 65 7.13 9.68 -1.93
C GLY A 65 6.00 8.82 -1.34
N VAL A 66 4.75 8.93 -1.82
CA VAL A 66 3.59 8.25 -1.22
C VAL A 66 2.81 7.56 -2.34
N ALA A 67 2.74 6.23 -2.25
CA ALA A 67 2.11 5.34 -3.22
C ALA A 67 0.97 4.58 -2.56
N MET A 68 0.08 3.99 -3.37
CA MET A 68 -1.02 3.16 -2.89
C MET A 68 -1.15 1.85 -3.69
N PRO A 69 -0.13 0.97 -3.72
CA PRO A 69 -0.13 -0.21 -4.58
C PRO A 69 -1.39 -1.09 -4.40
N HIS A 70 -1.75 -1.70 -5.52
CA HIS A 70 -2.99 -2.43 -5.80
C HIS A 70 -2.95 -2.83 -7.27
N ALA A 71 -3.71 -3.87 -7.64
CA ALA A 71 -3.98 -4.28 -9.01
C ALA A 71 -5.46 -4.62 -9.10
N ARG A 72 -6.01 -4.61 -10.33
CA ARG A 72 -7.41 -4.93 -10.57
C ARG A 72 -7.76 -6.26 -9.88
N PRO A 73 -8.96 -6.43 -9.31
CA PRO A 73 -9.34 -7.64 -8.59
C PRO A 73 -9.00 -8.93 -9.35
N GLU A 74 -9.26 -8.94 -10.67
CA GLU A 74 -9.05 -10.09 -11.55
C GLU A 74 -7.59 -10.53 -11.66
N CYS A 75 -6.62 -9.73 -11.19
CA CYS A 75 -5.20 -10.06 -11.21
C CYS A 75 -4.83 -11.05 -10.10
N GLY A 76 -5.76 -11.39 -9.20
CA GLY A 76 -5.55 -12.38 -8.16
C GLY A 76 -6.00 -11.92 -6.78
N ALA A 77 -6.84 -10.89 -6.66
CA ALA A 77 -7.45 -10.57 -5.38
C ALA A 77 -8.46 -11.68 -5.03
N LEU A 78 -8.61 -11.94 -3.72
CA LEU A 78 -9.45 -13.01 -3.18
C LEU A 78 -10.41 -12.45 -2.14
N LYS A 79 -9.98 -11.45 -1.36
CA LYS A 79 -10.73 -10.79 -0.31
C LYS A 79 -10.39 -9.31 -0.34
N THR A 80 -11.24 -8.45 0.22
CA THR A 80 -11.01 -7.03 0.28
C THR A 80 -10.28 -6.68 1.59
N GLY A 81 -9.14 -6.00 1.51
CA GLY A 81 -8.31 -5.63 2.65
C GLY A 81 -7.19 -4.69 2.22
N MET A 82 -6.36 -4.28 3.16
CA MET A 82 -5.32 -3.26 2.99
C MET A 82 -4.08 -3.63 3.82
N SER A 83 -2.97 -2.94 3.57
CA SER A 83 -1.70 -3.14 4.26
C SER A 83 -0.98 -1.80 4.31
N LEU A 84 0.09 -1.69 5.11
CA LEU A 84 0.81 -0.45 5.30
C LEU A 84 2.29 -0.74 5.42
N THR A 85 3.11 -0.11 4.59
CA THR A 85 4.55 -0.30 4.58
C THR A 85 5.19 1.08 4.56
N LEU A 86 6.19 1.29 5.43
CA LEU A 86 7.01 2.50 5.44
C LEU A 86 8.46 2.06 5.36
N LEU A 87 9.26 2.79 4.58
CA LEU A 87 10.68 2.60 4.37
C LEU A 87 11.33 3.89 4.84
N GLU A 88 12.27 3.83 5.78
CA GLU A 88 12.95 5.02 6.30
C GLU A 88 13.69 5.77 5.19
N GLN A 89 14.36 5.02 4.30
CA GLN A 89 15.13 5.55 3.19
C GLN A 89 14.29 5.71 1.93
N GLY A 90 13.13 5.05 1.88
CA GLY A 90 12.34 4.89 0.68
C GLY A 90 13.08 4.02 -0.33
N VAL A 91 12.47 3.76 -1.49
CA VAL A 91 13.14 3.16 -2.64
C VAL A 91 12.53 3.82 -3.87
N TYR A 92 13.24 3.81 -5.00
CA TYR A 92 12.84 4.64 -6.14
C TYR A 92 12.16 3.82 -7.23
N PHE A 93 10.83 3.89 -7.21
CA PHE A 93 9.97 3.38 -8.27
C PHE A 93 10.18 4.24 -9.53
N PRO A 94 10.18 3.66 -10.74
CA PRO A 94 10.58 4.34 -11.97
C PRO A 94 9.52 5.33 -12.50
N GLY A 95 9.29 6.44 -11.80
CA GLY A 95 8.48 7.54 -12.31
C GLY A 95 8.02 8.58 -11.28
N ASN A 96 8.19 8.34 -9.97
CA ASN A 96 7.83 9.34 -8.96
C ASN A 96 8.82 10.52 -8.99
N ASP A 97 8.51 11.61 -8.28
CA ASP A 97 9.44 12.71 -8.08
C ASP A 97 10.62 12.30 -7.19
N GLU A 98 10.38 11.40 -6.23
CA GLU A 98 11.35 10.98 -5.22
C GLU A 98 11.12 9.53 -4.76
N PRO A 99 12.06 8.91 -4.01
CA PRO A 99 11.89 7.58 -3.44
C PRO A 99 10.58 7.46 -2.65
N ILE A 100 9.81 6.40 -2.91
CA ILE A 100 8.59 6.10 -2.18
C ILE A 100 9.00 5.68 -0.78
N LYS A 101 8.69 6.51 0.21
CA LYS A 101 8.82 6.13 1.61
C LYS A 101 7.61 5.34 2.07
N LEU A 102 6.41 5.53 1.51
CA LEU A 102 5.21 4.88 2.05
C LEU A 102 4.38 4.25 0.96
N LEU A 103 3.86 3.06 1.27
CA LEU A 103 3.06 2.25 0.38
C LEU A 103 1.86 1.74 1.18
N ILE A 104 0.69 2.35 0.96
CA ILE A 104 -0.55 1.80 1.50
C ILE A 104 -0.97 0.74 0.48
N GLY A 105 -1.06 -0.52 0.88
CA GLY A 105 -1.60 -1.55 0.01
C GLY A 105 -3.12 -1.56 0.11
N LEU A 106 -3.80 -1.96 -0.97
CA LEU A 106 -5.23 -2.26 -1.03
C LEU A 106 -5.35 -3.45 -1.98
N SER A 107 -6.25 -4.38 -1.70
CA SER A 107 -6.68 -5.46 -2.58
C SER A 107 -8.17 -5.62 -2.35
N ALA A 108 -8.95 -5.94 -3.39
CA ALA A 108 -10.40 -5.90 -3.34
C ALA A 108 -10.96 -7.04 -4.17
N ALA A 109 -11.99 -7.71 -3.67
CA ALA A 109 -12.58 -8.86 -4.33
C ALA A 109 -13.51 -8.45 -5.49
N ASP A 110 -14.05 -7.23 -5.46
CA ASP A 110 -14.97 -6.71 -6.47
C ASP A 110 -14.73 -5.21 -6.67
N ALA A 111 -15.11 -4.67 -7.83
CA ALA A 111 -14.89 -3.27 -8.19
C ALA A 111 -15.57 -2.30 -7.22
N ASP A 112 -16.73 -2.62 -6.67
CA ASP A 112 -17.39 -1.74 -5.71
C ASP A 112 -16.71 -1.83 -4.33
N SER A 113 -16.18 -2.99 -3.99
CA SER A 113 -15.32 -3.15 -2.83
C SER A 113 -14.05 -2.29 -2.99
N HIS A 114 -13.46 -2.28 -4.19
CA HIS A 114 -12.34 -1.41 -4.54
C HIS A 114 -12.73 0.05 -4.34
N ILE A 115 -13.88 0.49 -4.86
CA ILE A 115 -14.35 1.87 -4.71
C ILE A 115 -14.44 2.22 -3.22
N GLY A 116 -15.16 1.43 -2.41
CA GLY A 116 -15.35 1.73 -1.00
C GLY A 116 -14.03 1.80 -0.24
N ALA A 117 -13.10 0.91 -0.58
CA ALA A 117 -11.78 0.83 0.02
C ALA A 117 -10.92 2.04 -0.38
N ILE A 118 -10.86 2.38 -1.66
CA ILE A 118 -10.14 3.54 -2.16
C ILE A 118 -10.67 4.80 -1.46
N GLN A 119 -11.99 4.91 -1.30
CA GLN A 119 -12.63 6.06 -0.68
C GLN A 119 -12.36 6.12 0.82
N ALA A 120 -11.83 5.05 1.44
CA ALA A 120 -11.37 5.09 2.80
C ALA A 120 -9.94 5.62 2.79
N LEU A 121 -9.13 5.13 1.85
CA LEU A 121 -7.72 5.50 1.77
C LEU A 121 -7.55 6.94 1.31
N SER A 122 -8.50 7.47 0.55
CA SER A 122 -8.52 8.89 0.21
C SER A 122 -8.58 9.78 1.46
N GLU A 123 -9.02 9.28 2.62
CA GLU A 123 -9.00 10.04 3.88
C GLU A 123 -7.59 10.12 4.46
N LEU A 124 -6.69 9.20 4.07
CA LEU A 124 -5.32 9.13 4.56
C LEU A 124 -4.34 9.70 3.53
N LEU A 125 -4.27 9.10 2.34
CA LEU A 125 -3.30 9.42 1.29
C LEU A 125 -3.49 10.83 0.70
N CYS A 126 -4.61 11.50 0.98
CA CYS A 126 -4.88 12.83 0.46
C CYS A 126 -5.03 13.83 1.63
N GLU A 127 -4.34 13.57 2.73
CA GLU A 127 -4.31 14.45 3.89
C GLU A 127 -2.86 14.63 4.33
N GLU A 128 -2.33 15.82 4.06
CA GLU A 128 -0.94 16.20 4.33
C GLU A 128 -0.60 15.97 5.81
N GLU A 129 -1.60 16.21 6.66
CA GLU A 129 -1.48 16.02 8.10
C GLU A 129 -1.16 14.56 8.44
N ILE A 130 -1.88 13.64 7.78
CA ILE A 130 -1.68 12.21 7.93
C ILE A 130 -0.36 11.81 7.27
N LEU A 131 -0.04 12.32 6.08
CA LEU A 131 1.20 12.01 5.38
C LEU A 131 2.40 12.19 6.29
N GLU A 132 2.48 13.29 7.03
CA GLU A 132 3.61 13.55 7.91
C GLU A 132 3.63 12.56 9.07
N GLN A 133 2.47 12.19 9.61
CA GLN A 133 2.41 11.24 10.72
C GLN A 133 2.94 9.88 10.24
N LEU A 134 2.59 9.47 9.02
CA LEU A 134 3.05 8.21 8.44
C LEU A 134 4.54 8.33 8.14
N LEU A 135 4.92 9.37 7.41
CA LEU A 135 6.29 9.59 6.93
C LEU A 135 7.31 9.75 8.06
N THR A 136 6.88 9.92 9.31
CA THR A 136 7.73 10.08 10.48
C THR A 136 7.46 8.99 11.54
N ALA A 137 6.59 8.01 11.26
CA ALA A 137 6.24 6.93 12.16
C ALA A 137 7.48 6.12 12.54
N SER A 138 7.78 6.09 13.84
CA SER A 138 8.90 5.35 14.41
C SER A 138 8.63 3.84 14.49
N SER A 139 7.37 3.40 14.36
CA SER A 139 7.00 2.01 14.59
C SER A 139 5.75 1.62 13.80
N GLU A 140 5.54 0.31 13.67
CA GLU A 140 4.31 -0.26 13.14
C GLU A 140 3.13 0.19 14.01
N LYS A 141 3.34 0.32 15.33
CA LYS A 141 2.31 0.82 16.24
C LYS A 141 1.89 2.23 15.85
N GLN A 142 2.84 3.12 15.58
CA GLN A 142 2.55 4.47 15.16
C GLN A 142 1.86 4.52 13.80
N LEU A 143 2.18 3.61 12.86
CA LEU A 143 1.46 3.54 11.60
C LEU A 143 0.02 3.09 11.85
N ALA A 144 -0.18 2.06 12.67
CA ALA A 144 -1.50 1.57 13.05
C ALA A 144 -2.32 2.61 13.82
N ASP A 145 -1.69 3.48 14.62
CA ASP A 145 -2.38 4.56 15.32
C ASP A 145 -3.11 5.48 14.33
N ILE A 146 -2.51 5.72 13.17
CA ILE A 146 -3.07 6.55 12.12
C ILE A 146 -4.25 5.83 11.46
N ILE A 147 -4.18 4.50 11.30
CA ILE A 147 -5.31 3.68 10.83
C ILE A 147 -6.51 3.97 11.72
N SER A 148 -6.31 3.86 13.02
CA SER A 148 -7.41 3.92 13.96
C SER A 148 -7.99 5.34 14.02
N ARG A 149 -7.19 6.37 13.77
CA ARG A 149 -7.58 7.76 13.74
C ARG A 149 -8.46 8.05 12.51
N GLY A 150 -8.15 7.41 11.38
CA GLY A 150 -8.89 7.52 10.13
C GLY A 150 -9.15 8.98 9.77
N MET A 4 -15.41 5.42 6.36
CA MET A 4 -15.15 4.03 6.86
C MET A 4 -14.13 4.06 7.98
N ARG A 5 -14.32 3.20 9.00
CA ARG A 5 -13.26 2.98 9.99
C ARG A 5 -12.17 2.27 9.22
N LEU A 6 -11.03 2.92 9.03
CA LEU A 6 -9.92 2.39 8.22
C LEU A 6 -9.53 0.99 8.70
N SER A 7 -9.54 0.78 10.01
CA SER A 7 -9.22 -0.48 10.67
C SER A 7 -10.03 -1.68 10.16
N ASP A 8 -11.18 -1.48 9.50
CA ASP A 8 -11.96 -2.57 8.92
C ASP A 8 -11.17 -3.34 7.84
N TYR A 9 -10.15 -2.72 7.23
CA TYR A 9 -9.46 -3.26 6.06
C TYR A 9 -8.08 -3.84 6.38
N PHE A 10 -7.49 -3.57 7.54
CA PHE A 10 -6.11 -3.99 7.85
C PHE A 10 -6.18 -5.22 8.77
N PRO A 11 -5.82 -6.44 8.29
CA PRO A 11 -5.99 -7.66 9.06
C PRO A 11 -5.19 -7.70 10.37
N GLU A 12 -3.87 -7.80 10.28
CA GLU A 12 -2.98 -7.95 11.44
C GLU A 12 -1.53 -7.64 11.09
N SER A 13 -0.89 -8.53 10.33
CA SER A 13 0.49 -8.39 9.86
C SER A 13 0.62 -7.27 8.82
N SER A 14 -0.46 -6.53 8.57
CA SER A 14 -0.61 -5.59 7.48
C SER A 14 0.22 -4.32 7.65
N ILE A 15 0.91 -4.12 8.78
CA ILE A 15 1.54 -2.87 9.12
C ILE A 15 3.02 -3.18 9.35
N SER A 16 3.92 -2.40 8.73
CA SER A 16 5.35 -2.65 8.82
C SER A 16 6.16 -1.38 8.56
N VAL A 17 7.35 -1.33 9.17
CA VAL A 17 8.37 -0.32 8.93
C VAL A 17 9.61 -1.09 8.46
N ILE A 18 10.34 -0.54 7.50
CA ILE A 18 11.41 -1.20 6.78
C ILE A 18 12.58 -0.22 6.65
N HIS A 19 13.82 -0.72 6.69
CA HIS A 19 15.01 0.11 6.48
C HIS A 19 15.14 0.57 5.03
N SER A 20 14.82 -0.30 4.07
CA SER A 20 14.89 -0.10 2.63
C SER A 20 14.28 -1.35 2.01
N ALA A 21 13.62 -1.24 0.85
CA ALA A 21 13.21 -2.44 0.15
C ALA A 21 14.45 -3.02 -0.55
N LYS A 22 14.47 -4.34 -0.72
CA LYS A 22 15.53 -5.04 -1.43
C LYS A 22 15.64 -4.48 -2.86
N ASP A 23 14.50 -4.24 -3.49
CA ASP A 23 14.33 -3.55 -4.77
C ASP A 23 12.90 -3.03 -4.81
N TRP A 24 12.59 -2.18 -5.78
CA TRP A 24 11.23 -1.75 -6.11
C TRP A 24 10.27 -2.92 -6.35
N GLN A 25 10.72 -4.04 -6.93
CA GLN A 25 9.90 -5.27 -6.98
C GLN A 25 9.58 -5.74 -5.56
N GLU A 26 10.58 -5.80 -4.68
CA GLU A 26 10.40 -6.23 -3.30
C GLU A 26 9.50 -5.27 -2.54
N ALA A 27 9.54 -3.98 -2.88
CA ALA A 27 8.72 -2.97 -2.25
C ALA A 27 7.23 -3.26 -2.52
N ILE A 28 6.90 -3.77 -3.72
CA ILE A 28 5.55 -4.22 -4.02
C ILE A 28 5.26 -5.48 -3.20
N ASP A 29 6.19 -6.45 -3.17
CA ASP A 29 6.02 -7.67 -2.41
C ASP A 29 5.71 -7.35 -0.94
N PHE A 30 6.45 -6.43 -0.33
CA PHE A 30 6.21 -5.95 1.02
C PHE A 30 4.87 -5.19 1.12
N SER A 31 4.43 -4.49 0.07
CA SER A 31 3.11 -3.87 0.03
C SER A 31 1.96 -4.90 0.06
N MET A 32 2.22 -6.16 -0.30
CA MET A 32 1.16 -7.14 -0.53
C MET A 32 1.29 -8.43 0.28
N VAL A 33 2.46 -8.80 0.80
CA VAL A 33 2.68 -10.13 1.39
C VAL A 33 1.73 -10.38 2.56
N SER A 34 1.46 -9.37 3.38
CA SER A 34 0.57 -9.52 4.52
C SER A 34 -0.88 -9.84 4.10
N LEU A 35 -1.24 -9.56 2.85
CA LEU A 35 -2.52 -9.93 2.25
C LEU A 35 -2.37 -11.29 1.56
N LEU A 36 -1.26 -11.54 0.86
CA LEU A 36 -0.97 -12.82 0.23
C LEU A 36 -1.04 -13.96 1.25
N ASP A 37 -0.48 -13.72 2.44
CA ASP A 37 -0.32 -14.70 3.50
C ASP A 37 -1.65 -15.16 4.09
N LYS A 38 -2.68 -14.31 4.06
CA LYS A 38 -4.04 -14.71 4.49
C LYS A 38 -4.91 -15.06 3.27
N ASN A 39 -4.29 -15.33 2.11
CA ASN A 39 -4.97 -15.51 0.82
C ASN A 39 -6.01 -14.44 0.48
N TYR A 40 -5.76 -13.17 0.82
CA TYR A 40 -6.59 -12.05 0.33
C TYR A 40 -6.36 -11.88 -1.18
N ILE A 41 -5.23 -12.35 -1.70
CA ILE A 41 -4.80 -12.24 -3.08
C ILE A 41 -4.07 -13.53 -3.49
N SER A 42 -3.66 -13.59 -4.75
CA SER A 42 -2.87 -14.65 -5.36
C SER A 42 -1.53 -14.05 -5.81
N GLU A 43 -0.48 -14.86 -5.99
CA GLU A 43 0.88 -14.35 -6.25
C GLU A 43 0.96 -13.53 -7.55
N ASN A 44 0.15 -13.86 -8.56
CA ASN A 44 0.07 -13.09 -9.80
C ASN A 44 -0.32 -11.63 -9.54
N TYR A 45 -1.15 -11.37 -8.54
CA TYR A 45 -1.64 -10.04 -8.22
C TYR A 45 -0.49 -9.09 -7.92
N ILE A 46 0.49 -9.55 -7.11
CA ILE A 46 1.70 -8.80 -6.83
C ILE A 46 2.43 -8.50 -8.14
N GLN A 47 2.65 -9.52 -8.98
CA GLN A 47 3.43 -9.34 -10.20
C GLN A 47 2.71 -8.47 -11.23
N ALA A 48 1.37 -8.41 -11.21
CA ALA A 48 0.61 -7.51 -12.07
C ALA A 48 1.00 -6.05 -11.80
N ILE A 49 1.15 -5.68 -10.53
CA ILE A 49 1.53 -4.32 -10.17
C ILE A 49 2.98 -4.11 -10.61
N LYS A 50 3.88 -5.04 -10.26
CA LYS A 50 5.30 -4.90 -10.57
C LYS A 50 5.51 -4.73 -12.07
N ASP A 51 4.79 -5.50 -12.89
CA ASP A 51 4.99 -5.54 -14.34
C ASP A 51 4.71 -4.18 -14.97
N SER A 52 3.56 -3.56 -14.68
CA SER A 52 3.23 -2.22 -15.15
C SER A 52 4.18 -1.19 -14.56
N THR A 53 4.53 -1.33 -13.28
CA THR A 53 5.49 -0.44 -12.62
C THR A 53 6.83 -0.42 -13.38
N ILE A 54 7.33 -1.56 -13.86
CA ILE A 54 8.58 -1.64 -14.60
C ILE A 54 8.36 -1.12 -16.04
N ASN A 55 7.33 -1.60 -16.72
CA ASN A 55 7.14 -1.37 -18.17
C ASN A 55 6.74 0.06 -18.49
N ASN A 56 5.98 0.71 -17.60
CA ASN A 56 5.34 1.99 -17.86
C ASN A 56 5.69 3.00 -16.78
N GLY A 57 5.61 2.58 -15.52
CA GLY A 57 5.82 3.39 -14.33
C GLY A 57 4.78 3.00 -13.29
N PRO A 58 4.97 3.37 -12.00
CA PRO A 58 3.98 3.09 -10.97
C PRO A 58 2.68 3.83 -11.31
N TYR A 59 1.55 3.25 -10.92
CA TYR A 59 0.23 3.72 -11.34
C TYR A 59 -0.77 3.89 -10.18
N TYR A 60 -0.27 3.82 -8.94
CA TYR A 60 -1.00 4.16 -7.73
C TYR A 60 -0.08 5.03 -6.90
N ILE A 61 -0.12 6.35 -7.15
CA ILE A 61 0.74 7.38 -6.57
C ILE A 61 -0.21 8.52 -6.21
N LEU A 62 -0.03 9.11 -5.02
CA LEU A 62 -0.98 10.07 -4.46
C LEU A 62 -0.28 11.39 -4.15
N ALA A 63 1.00 11.35 -3.83
CA ALA A 63 1.86 12.50 -3.63
C ALA A 63 3.30 12.01 -3.78
N PRO A 64 4.28 12.88 -4.08
CA PRO A 64 5.69 12.52 -4.02
C PRO A 64 5.99 11.90 -2.64
N GLY A 65 6.45 10.65 -2.62
CA GLY A 65 6.76 9.92 -1.39
C GLY A 65 5.68 8.88 -1.01
N VAL A 66 4.47 8.93 -1.58
CA VAL A 66 3.31 8.14 -1.15
C VAL A 66 2.70 7.42 -2.35
N ALA A 67 2.69 6.09 -2.28
CA ALA A 67 2.05 5.20 -3.24
C ALA A 67 0.92 4.43 -2.54
N MET A 68 0.07 3.77 -3.33
CA MET A 68 -0.99 2.91 -2.82
C MET A 68 -1.10 1.60 -3.64
N PRO A 69 -0.07 0.74 -3.71
CA PRO A 69 -0.07 -0.42 -4.58
C PRO A 69 -1.34 -1.29 -4.46
N HIS A 70 -1.83 -1.69 -5.62
CA HIS A 70 -3.11 -2.34 -5.89
C HIS A 70 -3.14 -2.66 -7.39
N ALA A 71 -3.89 -3.69 -7.78
CA ALA A 71 -4.20 -4.06 -9.16
C ALA A 71 -5.70 -4.36 -9.24
N ARG A 72 -6.26 -4.33 -10.44
CA ARG A 72 -7.68 -4.64 -10.64
C ARG A 72 -7.99 -5.99 -9.99
N PRO A 73 -9.17 -6.19 -9.37
CA PRO A 73 -9.52 -7.44 -8.68
C PRO A 73 -9.21 -8.69 -9.51
N GLU A 74 -9.50 -8.65 -10.82
CA GLU A 74 -9.29 -9.73 -11.78
C GLU A 74 -7.83 -10.22 -11.88
N CYS A 75 -6.87 -9.45 -11.36
CA CYS A 75 -5.45 -9.81 -11.37
C CYS A 75 -5.12 -10.84 -10.30
N GLY A 76 -6.08 -11.22 -9.44
CA GLY A 76 -5.92 -12.31 -8.48
C GLY A 76 -6.35 -11.93 -7.08
N ALA A 77 -7.08 -10.81 -6.88
CA ALA A 77 -7.70 -10.53 -5.59
C ALA A 77 -8.78 -11.57 -5.31
N LEU A 78 -8.92 -11.93 -4.03
CA LEU A 78 -9.80 -13.00 -3.55
C LEU A 78 -10.70 -12.49 -2.44
N LYS A 79 -10.20 -11.58 -1.59
CA LYS A 79 -10.90 -10.92 -0.50
C LYS A 79 -10.43 -9.47 -0.44
N THR A 80 -11.16 -8.60 0.26
CA THR A 80 -10.86 -7.19 0.34
C THR A 80 -10.08 -6.88 1.63
N GLY A 81 -8.96 -6.15 1.53
CA GLY A 81 -8.09 -5.81 2.65
C GLY A 81 -6.99 -4.84 2.22
N MET A 82 -6.11 -4.44 3.14
CA MET A 82 -5.10 -3.39 2.96
C MET A 82 -3.81 -3.70 3.71
N SER A 83 -2.76 -2.94 3.40
CA SER A 83 -1.45 -2.98 4.05
C SER A 83 -0.95 -1.55 4.24
N LEU A 84 0.09 -1.35 5.05
CA LEU A 84 0.59 -0.07 5.49
C LEU A 84 2.11 -0.18 5.68
N THR A 85 2.87 0.00 4.59
CA THR A 85 4.30 -0.20 4.58
C THR A 85 4.98 1.17 4.58
N LEU A 86 6.02 1.36 5.40
CA LEU A 86 6.85 2.57 5.42
C LEU A 86 8.30 2.15 5.33
N LEU A 87 9.12 2.91 4.62
CA LEU A 87 10.54 2.66 4.38
C LEU A 87 11.29 3.88 4.89
N GLU A 88 12.36 3.67 5.66
CA GLU A 88 13.19 4.75 6.18
C GLU A 88 13.91 5.46 5.05
N GLN A 89 14.53 4.70 4.15
CA GLN A 89 15.31 5.21 3.02
C GLN A 89 14.45 5.41 1.76
N GLY A 90 13.24 4.84 1.75
CA GLY A 90 12.42 4.74 0.55
C GLY A 90 13.10 3.86 -0.49
N VAL A 91 12.50 3.75 -1.67
CA VAL A 91 13.11 3.15 -2.84
C VAL A 91 12.52 3.88 -4.07
N TYR A 92 13.09 3.69 -5.26
CA TYR A 92 12.76 4.49 -6.42
C TYR A 92 12.22 3.63 -7.54
N PHE A 93 10.88 3.58 -7.63
CA PHE A 93 10.19 2.98 -8.77
C PHE A 93 10.71 3.62 -10.08
N PRO A 94 10.98 2.82 -11.13
CA PRO A 94 11.61 3.34 -12.34
C PRO A 94 10.71 4.38 -13.01
N GLY A 95 11.30 5.55 -13.33
CA GLY A 95 10.65 6.62 -14.05
C GLY A 95 9.57 7.36 -13.27
N ASN A 96 9.42 7.13 -11.95
CA ASN A 96 8.48 7.89 -11.14
C ASN A 96 8.99 9.33 -10.91
N ASP A 97 8.13 10.21 -10.39
CA ASP A 97 8.51 11.60 -10.13
C ASP A 97 9.60 11.72 -9.06
N GLU A 98 9.53 10.88 -8.02
CA GLU A 98 10.47 10.83 -6.90
C GLU A 98 10.37 9.44 -6.23
N PRO A 99 11.36 9.03 -5.41
CA PRO A 99 11.26 7.80 -4.63
C PRO A 99 10.08 7.81 -3.66
N ILE A 100 9.63 6.62 -3.25
CA ILE A 100 8.49 6.41 -2.37
C ILE A 100 9.03 5.91 -1.05
N LYS A 101 8.48 6.47 0.04
CA LYS A 101 8.74 6.02 1.40
C LYS A 101 7.52 5.32 1.98
N LEU A 102 6.33 5.41 1.40
CA LEU A 102 5.13 4.83 2.00
C LEU A 102 4.26 4.18 0.94
N LEU A 103 3.76 2.99 1.24
CA LEU A 103 3.04 2.13 0.31
C LEU A 103 1.87 1.52 1.07
N ILE A 104 0.70 2.13 0.96
CA ILE A 104 -0.52 1.53 1.46
C ILE A 104 -0.91 0.46 0.45
N GLY A 105 -0.97 -0.81 0.86
CA GLY A 105 -1.54 -1.84 0.01
C GLY A 105 -3.06 -1.78 0.06
N LEU A 106 -3.74 -2.17 -1.01
CA LEU A 106 -5.18 -2.38 -1.07
C LEU A 106 -5.37 -3.53 -2.05
N SER A 107 -6.26 -4.46 -1.75
CA SER A 107 -6.73 -5.51 -2.64
C SER A 107 -8.22 -5.67 -2.36
N ALA A 108 -9.03 -5.96 -3.38
CA ALA A 108 -10.47 -5.95 -3.26
C ALA A 108 -11.05 -7.03 -4.15
N ALA A 109 -12.07 -7.74 -3.67
CA ALA A 109 -12.67 -8.86 -4.37
C ALA A 109 -13.62 -8.39 -5.48
N ASP A 110 -14.17 -7.18 -5.36
CA ASP A 110 -15.15 -6.63 -6.30
C ASP A 110 -14.91 -5.14 -6.49
N ALA A 111 -15.34 -4.58 -7.63
CA ALA A 111 -15.14 -3.18 -7.97
C ALA A 111 -15.76 -2.22 -6.95
N ASP A 112 -16.90 -2.55 -6.35
CA ASP A 112 -17.50 -1.68 -5.33
C ASP A 112 -16.77 -1.80 -4.00
N SER A 113 -16.23 -3.00 -3.70
CA SER A 113 -15.33 -3.18 -2.56
C SER A 113 -14.06 -2.33 -2.77
N HIS A 114 -13.52 -2.29 -3.99
CA HIS A 114 -12.41 -1.42 -4.38
C HIS A 114 -12.79 0.05 -4.12
N ILE A 115 -13.95 0.50 -4.59
CA ILE A 115 -14.42 1.87 -4.40
C ILE A 115 -14.45 2.20 -2.90
N GLY A 116 -15.14 1.40 -2.09
CA GLY A 116 -15.28 1.68 -0.66
C GLY A 116 -13.92 1.73 0.03
N ALA A 117 -13.01 0.82 -0.34
CA ALA A 117 -11.67 0.72 0.21
C ALA A 117 -10.84 1.95 -0.18
N ILE A 118 -10.80 2.31 -1.45
CA ILE A 118 -10.11 3.48 -1.95
C ILE A 118 -10.61 4.72 -1.21
N GLN A 119 -11.92 4.83 -1.02
CA GLN A 119 -12.54 5.97 -0.35
C GLN A 119 -12.25 5.99 1.15
N ALA A 120 -11.71 4.91 1.72
CA ALA A 120 -11.22 4.92 3.08
C ALA A 120 -9.80 5.46 3.04
N LEU A 121 -9.00 4.99 2.10
CA LEU A 121 -7.60 5.37 2.01
C LEU A 121 -7.44 6.81 1.58
N SER A 122 -8.40 7.34 0.82
CA SER A 122 -8.45 8.74 0.47
C SER A 122 -8.60 9.65 1.72
N GLU A 123 -9.05 9.12 2.86
CA GLU A 123 -9.10 9.89 4.10
C GLU A 123 -7.69 10.09 4.67
N LEU A 124 -6.75 9.23 4.27
CA LEU A 124 -5.37 9.25 4.74
C LEU A 124 -4.45 9.86 3.67
N LEU A 125 -4.31 9.20 2.51
CA LEU A 125 -3.33 9.56 1.49
C LEU A 125 -3.66 10.83 0.70
N CYS A 126 -4.75 11.52 1.00
CA CYS A 126 -5.12 12.81 0.40
C CYS A 126 -5.27 13.89 1.47
N GLU A 127 -4.56 13.73 2.58
CA GLU A 127 -4.72 14.55 3.77
C GLU A 127 -3.33 14.84 4.32
N GLU A 128 -2.78 16.00 3.95
CA GLU A 128 -1.40 16.39 4.24
C GLU A 128 -1.06 16.30 5.73
N GLU A 129 -2.07 16.43 6.60
CA GLU A 129 -1.91 16.29 8.03
C GLU A 129 -1.47 14.86 8.38
N ILE A 130 -2.11 13.88 7.75
CA ILE A 130 -1.83 12.47 7.91
C ILE A 130 -0.53 12.11 7.20
N LEU A 131 -0.25 12.64 5.99
CA LEU A 131 0.96 12.31 5.25
C LEU A 131 2.20 12.49 6.11
N GLU A 132 2.29 13.57 6.88
CA GLU A 132 3.43 13.83 7.73
C GLU A 132 3.45 12.85 8.90
N GLN A 133 2.30 12.47 9.46
CA GLN A 133 2.25 11.52 10.56
C GLN A 133 2.79 10.18 10.09
N LEU A 134 2.42 9.76 8.87
CA LEU A 134 2.89 8.51 8.28
C LEU A 134 4.38 8.64 8.01
N LEU A 135 4.77 9.69 7.30
CA LEU A 135 6.15 9.91 6.87
C LEU A 135 7.13 10.09 8.04
N THR A 136 6.66 10.31 9.26
CA THR A 136 7.48 10.47 10.46
C THR A 136 7.19 9.35 11.50
N ALA A 137 6.36 8.36 11.17
CA ALA A 137 6.05 7.23 12.03
C ALA A 137 7.33 6.47 12.35
N SER A 138 7.71 6.45 13.62
CA SER A 138 8.93 5.83 14.11
C SER A 138 8.72 4.35 14.45
N SER A 139 7.48 3.84 14.37
CA SER A 139 7.18 2.44 14.65
C SER A 139 5.94 2.02 13.86
N GLU A 140 5.75 0.70 13.73
CA GLU A 140 4.54 0.11 13.21
C GLU A 140 3.33 0.54 14.05
N LYS A 141 3.50 0.67 15.37
CA LYS A 141 2.46 1.16 16.25
C LYS A 141 2.03 2.56 15.83
N GLN A 142 2.98 3.45 15.55
CA GLN A 142 2.68 4.79 15.08
C GLN A 142 2.00 4.80 13.70
N LEU A 143 2.22 3.80 12.84
CA LEU A 143 1.46 3.72 11.60
C LEU A 143 0.02 3.29 11.91
N ALA A 144 -0.17 2.24 12.73
CA ALA A 144 -1.49 1.78 13.13
C ALA A 144 -2.28 2.82 13.95
N ASP A 145 -1.60 3.71 14.66
CA ASP A 145 -2.24 4.84 15.33
C ASP A 145 -2.99 5.72 14.33
N ILE A 146 -2.43 5.90 13.13
CA ILE A 146 -3.04 6.70 12.07
C ILE A 146 -4.21 5.91 11.46
N ILE A 147 -4.10 4.59 11.33
CA ILE A 147 -5.24 3.74 10.96
C ILE A 147 -6.38 4.00 11.94
N SER A 148 -6.06 3.97 13.23
CA SER A 148 -7.07 4.01 14.26
C SER A 148 -7.78 5.37 14.30
N ARG A 149 -7.10 6.44 13.86
CA ARG A 149 -7.60 7.79 13.75
C ARG A 149 -8.47 7.98 12.49
N GLY A 150 -8.41 7.07 11.52
CA GLY A 150 -9.26 7.08 10.35
C GLY A 150 -10.62 6.50 10.72
N MET A 4 -14.74 5.62 5.19
CA MET A 4 -14.97 4.26 5.74
C MET A 4 -13.94 3.92 6.80
N ARG A 5 -14.31 3.04 7.72
CA ARG A 5 -13.43 2.60 8.79
C ARG A 5 -12.25 1.85 8.19
N LEU A 6 -11.06 2.39 8.37
CA LEU A 6 -9.81 1.75 7.94
C LEU A 6 -9.66 0.41 8.63
N SER A 7 -10.04 0.36 9.89
CA SER A 7 -9.94 -0.81 10.74
C SER A 7 -10.74 -2.00 10.18
N ASP A 8 -11.64 -1.77 9.20
CA ASP A 8 -12.37 -2.82 8.51
C ASP A 8 -11.60 -3.44 7.35
N TYR A 9 -10.68 -2.69 6.73
CA TYR A 9 -9.96 -3.13 5.54
C TYR A 9 -8.60 -3.71 5.89
N PHE A 10 -7.90 -3.12 6.85
CA PHE A 10 -6.53 -3.54 7.15
C PHE A 10 -6.62 -4.67 8.20
N PRO A 11 -6.01 -5.85 7.98
CA PRO A 11 -6.23 -7.02 8.85
C PRO A 11 -5.62 -6.84 10.24
N GLU A 12 -4.30 -6.98 10.37
CA GLU A 12 -3.54 -6.90 11.62
C GLU A 12 -2.06 -6.76 11.33
N SER A 13 -1.49 -7.78 10.67
CA SER A 13 -0.10 -7.83 10.21
C SER A 13 0.16 -6.87 9.04
N SER A 14 -0.79 -5.97 8.78
CA SER A 14 -0.87 -5.10 7.63
C SER A 14 0.23 -4.05 7.65
N ILE A 15 0.76 -3.74 8.82
CA ILE A 15 1.64 -2.63 9.07
C ILE A 15 3.07 -3.17 9.07
N SER A 16 4.02 -2.44 8.48
CA SER A 16 5.44 -2.72 8.61
C SER A 16 6.25 -1.48 8.28
N VAL A 17 7.15 -1.12 9.19
CA VAL A 17 8.17 -0.11 8.96
C VAL A 17 9.44 -0.89 8.55
N ILE A 18 10.20 -0.34 7.63
CA ILE A 18 11.31 -0.99 6.95
C ILE A 18 12.43 0.06 6.85
N HIS A 19 13.69 -0.37 6.89
CA HIS A 19 14.82 0.53 6.59
C HIS A 19 14.76 0.98 5.12
N SER A 20 14.59 0.03 4.20
CA SER A 20 14.55 0.22 2.76
C SER A 20 14.08 -1.12 2.18
N ALA A 21 13.36 -1.10 1.06
CA ALA A 21 13.04 -2.34 0.38
C ALA A 21 14.32 -2.89 -0.27
N LYS A 22 14.37 -4.21 -0.45
CA LYS A 22 15.45 -4.87 -1.18
C LYS A 22 15.61 -4.26 -2.57
N ASP A 23 14.48 -4.02 -3.24
CA ASP A 23 14.34 -3.26 -4.49
C ASP A 23 12.87 -2.90 -4.65
N TRP A 24 12.58 -2.17 -5.70
CA TRP A 24 11.26 -1.76 -6.12
C TRP A 24 10.29 -2.94 -6.33
N GLN A 25 10.73 -4.10 -6.83
CA GLN A 25 9.88 -5.30 -6.88
C GLN A 25 9.52 -5.69 -5.44
N GLU A 26 10.51 -5.79 -4.55
CA GLU A 26 10.30 -6.11 -3.15
C GLU A 26 9.40 -5.08 -2.46
N ALA A 27 9.46 -3.83 -2.88
CA ALA A 27 8.68 -2.76 -2.27
C ALA A 27 7.18 -2.97 -2.54
N ILE A 28 6.84 -3.49 -3.73
CA ILE A 28 5.48 -3.95 -4.02
C ILE A 28 5.19 -5.18 -3.16
N ASP A 29 6.14 -6.12 -3.08
CA ASP A 29 5.96 -7.36 -2.37
C ASP A 29 5.63 -7.09 -0.90
N PHE A 30 6.36 -6.18 -0.26
CA PHE A 30 6.09 -5.69 1.08
C PHE A 30 4.75 -4.94 1.15
N SER A 31 4.35 -4.19 0.11
CA SER A 31 3.03 -3.56 0.06
C SER A 31 1.88 -4.57 0.07
N MET A 32 2.13 -5.82 -0.32
CA MET A 32 1.09 -6.80 -0.55
C MET A 32 1.20 -8.08 0.30
N VAL A 33 2.35 -8.41 0.88
CA VAL A 33 2.54 -9.71 1.54
C VAL A 33 1.56 -9.91 2.70
N SER A 34 1.22 -8.86 3.45
CA SER A 34 0.29 -8.99 4.55
C SER A 34 -1.14 -9.31 4.07
N LEU A 35 -1.45 -9.02 2.80
CA LEU A 35 -2.68 -9.42 2.15
C LEU A 35 -2.50 -10.85 1.63
N LEU A 36 -1.36 -11.15 1.00
CA LEU A 36 -1.05 -12.47 0.44
C LEU A 36 -1.14 -13.56 1.51
N ASP A 37 -0.61 -13.27 2.70
CA ASP A 37 -0.52 -14.16 3.85
C ASP A 37 -1.86 -14.67 4.33
N LYS A 38 -2.90 -13.86 4.13
CA LYS A 38 -4.24 -14.16 4.60
C LYS A 38 -5.13 -14.48 3.39
N ASN A 39 -4.50 -14.86 2.27
CA ASN A 39 -5.09 -15.07 0.94
C ASN A 39 -6.12 -14.01 0.51
N TYR A 40 -5.90 -12.74 0.83
CA TYR A 40 -6.69 -11.63 0.27
C TYR A 40 -6.43 -11.53 -1.25
N ILE A 41 -5.31 -12.06 -1.73
CA ILE A 41 -4.81 -11.97 -3.10
C ILE A 41 -4.03 -13.25 -3.42
N SER A 42 -3.56 -13.39 -4.66
CA SER A 42 -2.61 -14.40 -5.11
C SER A 42 -1.30 -13.71 -5.50
N GLU A 43 -0.21 -14.47 -5.67
CA GLU A 43 1.09 -13.91 -6.04
C GLU A 43 1.04 -13.25 -7.44
N ASN A 44 0.15 -13.72 -8.33
CA ASN A 44 -0.03 -13.13 -9.64
C ASN A 44 -0.49 -11.67 -9.54
N TYR A 45 -1.36 -11.37 -8.58
CA TYR A 45 -1.86 -10.02 -8.33
C TYR A 45 -0.70 -9.07 -8.09
N ILE A 46 0.22 -9.49 -7.21
CA ILE A 46 1.42 -8.74 -6.85
C ILE A 46 2.26 -8.51 -8.11
N GLN A 47 2.52 -9.57 -8.88
CA GLN A 47 3.39 -9.47 -10.04
C GLN A 47 2.79 -8.61 -11.15
N ALA A 48 1.47 -8.52 -11.26
CA ALA A 48 0.80 -7.60 -12.19
C ALA A 48 1.24 -6.16 -11.92
N ILE A 49 1.29 -5.77 -10.64
CA ILE A 49 1.69 -4.42 -10.26
C ILE A 49 3.17 -4.25 -10.58
N LYS A 50 4.01 -5.21 -10.17
CA LYS A 50 5.46 -5.08 -10.32
C LYS A 50 5.81 -4.95 -11.80
N ASP A 51 5.24 -5.81 -12.65
CA ASP A 51 5.54 -5.86 -14.08
C ASP A 51 5.15 -4.57 -14.77
N SER A 52 3.96 -4.05 -14.46
CA SER A 52 3.49 -2.77 -14.97
C SER A 52 4.40 -1.64 -14.49
N THR A 53 4.77 -1.63 -13.21
CA THR A 53 5.70 -0.66 -12.64
C THR A 53 7.05 -0.68 -13.38
N ILE A 54 7.59 -1.84 -13.74
CA ILE A 54 8.84 -1.94 -14.48
C ILE A 54 8.65 -1.40 -15.90
N ASN A 55 7.59 -1.82 -16.60
CA ASN A 55 7.41 -1.57 -18.02
C ASN A 55 6.92 -0.16 -18.34
N ASN A 56 6.14 0.43 -17.43
CA ASN A 56 5.40 1.68 -17.66
C ASN A 56 5.76 2.76 -16.64
N GLY A 57 6.53 2.41 -15.60
CA GLY A 57 6.76 3.25 -14.44
C GLY A 57 5.61 3.01 -13.45
N PRO A 58 5.73 3.45 -12.19
CA PRO A 58 4.68 3.24 -11.20
C PRO A 58 3.40 3.96 -11.63
N TYR A 59 2.26 3.39 -11.26
CA TYR A 59 0.95 3.81 -11.75
C TYR A 59 -0.06 3.93 -10.61
N TYR A 60 0.44 4.00 -9.38
CA TYR A 60 -0.30 4.21 -8.15
C TYR A 60 0.52 5.15 -7.27
N ILE A 61 0.51 6.45 -7.58
CA ILE A 61 1.25 7.51 -6.90
C ILE A 61 0.22 8.59 -6.56
N LEU A 62 0.38 9.24 -5.41
CA LEU A 62 -0.65 10.14 -4.87
C LEU A 62 -0.10 11.49 -4.41
N ALA A 63 1.15 11.52 -3.95
CA ALA A 63 1.79 12.70 -3.39
C ALA A 63 3.31 12.43 -3.36
N PRO A 64 4.15 13.46 -3.22
CA PRO A 64 5.58 13.29 -3.00
C PRO A 64 5.89 12.25 -1.93
N GLY A 65 6.46 11.11 -2.35
CA GLY A 65 6.88 10.04 -1.45
C GLY A 65 5.80 9.01 -1.14
N VAL A 66 4.60 9.07 -1.77
CA VAL A 66 3.43 8.28 -1.40
C VAL A 66 2.93 7.52 -2.63
N ALA A 67 2.78 6.20 -2.49
CA ALA A 67 2.25 5.28 -3.50
C ALA A 67 1.13 4.44 -2.90
N MET A 68 0.43 3.69 -3.75
CA MET A 68 -0.67 2.83 -3.31
C MET A 68 -0.78 1.54 -4.16
N PRO A 69 0.20 0.62 -4.11
CA PRO A 69 0.11 -0.60 -4.89
C PRO A 69 -1.23 -1.34 -4.69
N HIS A 70 -1.78 -1.82 -5.80
CA HIS A 70 -3.10 -2.40 -6.04
C HIS A 70 -3.10 -2.81 -7.52
N ALA A 71 -3.95 -3.78 -7.89
CA ALA A 71 -4.20 -4.16 -9.27
C ALA A 71 -5.71 -4.38 -9.43
N ARG A 72 -6.19 -4.41 -10.68
CA ARG A 72 -7.61 -4.72 -10.94
C ARG A 72 -7.98 -6.03 -10.24
N PRO A 73 -9.17 -6.14 -9.62
CA PRO A 73 -9.61 -7.32 -8.89
C PRO A 73 -9.32 -8.63 -9.64
N GLU A 74 -9.67 -8.71 -10.92
CA GLU A 74 -9.55 -9.92 -11.73
C GLU A 74 -8.09 -10.32 -12.02
N CYS A 75 -7.10 -9.52 -11.61
CA CYS A 75 -5.69 -9.89 -11.70
C CYS A 75 -5.27 -10.85 -10.57
N GLY A 76 -6.14 -11.16 -9.62
CA GLY A 76 -5.86 -12.15 -8.58
C GLY A 76 -6.31 -11.71 -7.17
N ALA A 77 -7.13 -10.67 -7.03
CA ALA A 77 -7.75 -10.38 -5.75
C ALA A 77 -8.75 -11.49 -5.41
N LEU A 78 -8.90 -11.76 -4.13
CA LEU A 78 -9.72 -12.84 -3.59
C LEU A 78 -10.62 -12.32 -2.48
N LYS A 79 -10.16 -11.33 -1.72
CA LYS A 79 -10.91 -10.64 -0.68
C LYS A 79 -10.50 -9.17 -0.66
N THR A 80 -11.39 -8.30 -0.18
CA THR A 80 -11.15 -6.89 -0.09
C THR A 80 -10.44 -6.57 1.23
N GLY A 81 -9.34 -5.82 1.17
CA GLY A 81 -8.55 -5.46 2.34
C GLY A 81 -7.52 -4.39 1.99
N MET A 82 -6.67 -4.04 2.96
CA MET A 82 -5.63 -3.03 2.83
C MET A 82 -4.39 -3.43 3.65
N SER A 83 -3.27 -2.72 3.49
CA SER A 83 -2.06 -2.81 4.32
C SER A 83 -1.27 -1.50 4.17
N LEU A 84 -0.20 -1.32 4.95
CA LEU A 84 0.52 -0.06 5.12
C LEU A 84 2.01 -0.31 5.36
N THR A 85 2.86 0.16 4.45
CA THR A 85 4.31 -0.02 4.49
C THR A 85 4.97 1.35 4.57
N LEU A 86 6.07 1.46 5.32
CA LEU A 86 6.90 2.65 5.34
C LEU A 86 8.36 2.22 5.25
N LEU A 87 9.18 2.98 4.54
CA LEU A 87 10.61 2.77 4.34
C LEU A 87 11.31 4.02 4.87
N GLU A 88 12.36 3.86 5.67
CA GLU A 88 13.13 4.98 6.20
C GLU A 88 13.87 5.70 5.08
N GLN A 89 14.56 4.96 4.22
CA GLN A 89 15.34 5.50 3.11
C GLN A 89 14.49 5.67 1.84
N GLY A 90 13.32 5.02 1.80
CA GLY A 90 12.53 4.90 0.59
C GLY A 90 13.24 4.01 -0.44
N VAL A 91 12.64 3.84 -1.60
CA VAL A 91 13.27 3.22 -2.76
C VAL A 91 12.73 3.93 -4.01
N TYR A 92 13.35 3.72 -5.17
CA TYR A 92 13.08 4.52 -6.36
C TYR A 92 12.60 3.63 -7.51
N PHE A 93 11.27 3.50 -7.62
CA PHE A 93 10.61 2.87 -8.76
C PHE A 93 11.16 3.45 -10.07
N PRO A 94 11.39 2.60 -11.10
CA PRO A 94 12.04 3.02 -12.33
C PRO A 94 11.21 4.08 -13.05
N GLY A 95 11.88 5.17 -13.48
CA GLY A 95 11.29 6.20 -14.31
C GLY A 95 10.27 7.09 -13.60
N ASN A 96 10.06 6.96 -12.29
CA ASN A 96 9.20 7.88 -11.55
C ASN A 96 9.89 9.23 -11.39
N ASP A 97 9.16 10.25 -10.93
CA ASP A 97 9.77 11.55 -10.67
C ASP A 97 10.74 11.51 -9.48
N GLU A 98 10.40 10.73 -8.45
CA GLU A 98 11.10 10.71 -7.17
C GLU A 98 10.92 9.37 -6.42
N PRO A 99 11.70 9.08 -5.37
CA PRO A 99 11.55 7.85 -4.59
C PRO A 99 10.31 7.89 -3.68
N ILE A 100 9.85 6.72 -3.25
CA ILE A 100 8.67 6.54 -2.40
C ILE A 100 9.15 6.01 -1.06
N LYS A 101 8.57 6.55 0.00
CA LYS A 101 8.79 6.09 1.37
C LYS A 101 7.55 5.44 1.94
N LEU A 102 6.36 5.68 1.39
CA LEU A 102 5.10 5.26 2.01
C LEU A 102 4.21 4.61 0.96
N LEU A 103 3.67 3.44 1.29
CA LEU A 103 2.88 2.64 0.36
C LEU A 103 1.68 2.09 1.13
N ILE A 104 0.49 2.16 0.55
CA ILE A 104 -0.68 1.47 1.08
C ILE A 104 -1.06 0.40 0.07
N GLY A 105 -1.20 -0.83 0.56
CA GLY A 105 -1.76 -1.91 -0.21
C GLY A 105 -3.28 -1.77 -0.14
N LEU A 106 -3.97 -2.15 -1.22
CA LEU A 106 -5.43 -2.28 -1.27
C LEU A 106 -5.65 -3.48 -2.20
N SER A 107 -6.51 -4.41 -1.78
CA SER A 107 -7.04 -5.49 -2.60
C SER A 107 -8.56 -5.39 -2.56
N ALA A 108 -9.25 -5.88 -3.59
CA ALA A 108 -10.71 -5.84 -3.63
C ALA A 108 -11.23 -6.96 -4.49
N ALA A 109 -12.24 -7.69 -4.00
CA ALA A 109 -12.87 -8.77 -4.74
C ALA A 109 -13.80 -8.24 -5.84
N ASP A 110 -14.28 -7.00 -5.74
CA ASP A 110 -15.19 -6.38 -6.71
C ASP A 110 -14.92 -4.87 -6.76
N ALA A 111 -15.28 -4.22 -7.87
CA ALA A 111 -15.04 -2.80 -8.08
C ALA A 111 -15.71 -1.91 -7.02
N ASP A 112 -16.89 -2.26 -6.52
CA ASP A 112 -17.53 -1.48 -5.46
C ASP A 112 -16.84 -1.68 -4.11
N SER A 113 -16.29 -2.88 -3.89
CA SER A 113 -15.44 -3.14 -2.74
C SER A 113 -14.13 -2.34 -2.83
N HIS A 114 -13.58 -2.19 -4.05
CA HIS A 114 -12.45 -1.30 -4.31
C HIS A 114 -12.83 0.13 -3.95
N ILE A 115 -13.99 0.62 -4.39
CA ILE A 115 -14.49 1.94 -4.05
C ILE A 115 -14.52 2.08 -2.52
N GLY A 116 -15.10 1.12 -1.79
CA GLY A 116 -15.20 1.18 -0.33
C GLY A 116 -13.83 1.29 0.34
N ALA A 117 -12.86 0.50 -0.13
CA ALA A 117 -11.52 0.45 0.45
C ALA A 117 -10.74 1.72 0.12
N ILE A 118 -10.85 2.23 -1.11
CA ILE A 118 -10.30 3.48 -1.56
C ILE A 118 -10.86 4.59 -0.64
N GLN A 119 -12.18 4.59 -0.42
CA GLN A 119 -12.89 5.53 0.45
C GLN A 119 -12.52 5.36 1.94
N ALA A 120 -11.65 4.41 2.26
CA ALA A 120 -11.03 4.26 3.55
C ALA A 120 -9.64 4.86 3.48
N LEU A 121 -8.82 4.41 2.52
CA LEU A 121 -7.47 4.93 2.44
C LEU A 121 -7.39 6.40 2.11
N SER A 122 -8.43 6.96 1.52
CA SER A 122 -8.52 8.39 1.23
C SER A 122 -8.42 9.24 2.50
N GLU A 123 -8.88 8.73 3.65
CA GLU A 123 -8.77 9.42 4.93
C GLU A 123 -7.31 9.45 5.41
N LEU A 124 -6.44 8.70 4.74
CA LEU A 124 -5.00 8.68 5.02
C LEU A 124 -4.21 9.33 3.88
N LEU A 125 -4.26 8.75 2.67
CA LEU A 125 -3.43 9.17 1.54
C LEU A 125 -3.83 10.52 0.96
N CYS A 126 -5.04 11.02 1.25
CA CYS A 126 -5.52 12.31 0.76
C CYS A 126 -5.65 13.30 1.92
N GLU A 127 -4.85 13.11 2.96
CA GLU A 127 -4.79 13.95 4.14
C GLU A 127 -3.33 14.24 4.41
N GLU A 128 -2.88 15.41 3.95
CA GLU A 128 -1.48 15.83 4.03
C GLU A 128 -0.96 15.84 5.48
N GLU A 129 -1.85 16.07 6.44
CA GLU A 129 -1.51 16.05 7.86
C GLU A 129 -1.14 14.63 8.28
N ILE A 130 -1.92 13.66 7.80
CA ILE A 130 -1.69 12.25 8.06
C ILE A 130 -0.43 11.81 7.33
N LEU A 131 -0.24 12.25 6.08
CA LEU A 131 0.88 11.82 5.25
C LEU A 131 2.20 12.06 5.96
N GLU A 132 2.37 13.24 6.57
CA GLU A 132 3.62 13.56 7.25
C GLU A 132 3.77 12.71 8.51
N GLN A 133 2.69 12.40 9.21
CA GLN A 133 2.74 11.65 10.45
C GLN A 133 3.09 10.18 10.16
N LEU A 134 2.59 9.63 9.04
CA LEU A 134 3.01 8.32 8.56
C LEU A 134 4.47 8.40 8.13
N LEU A 135 4.79 9.38 7.27
CA LEU A 135 6.14 9.54 6.70
C LEU A 135 7.22 9.70 7.78
N THR A 136 6.86 10.17 8.97
CA THR A 136 7.78 10.40 10.09
C THR A 136 7.63 9.33 11.19
N ALA A 137 6.81 8.29 10.99
CA ALA A 137 6.61 7.21 11.94
C ALA A 137 7.95 6.55 12.29
N SER A 138 8.32 6.66 13.56
CA SER A 138 9.52 6.08 14.12
C SER A 138 9.44 4.55 14.18
N SER A 139 8.22 4.02 14.31
CA SER A 139 7.95 2.62 14.60
C SER A 139 6.65 2.20 13.92
N GLU A 140 6.43 0.88 13.83
CA GLU A 140 5.24 0.26 13.24
C GLU A 140 3.98 0.79 13.95
N LYS A 141 4.04 0.99 15.27
CA LYS A 141 2.90 1.42 16.09
C LYS A 141 2.28 2.73 15.58
N GLN A 142 3.10 3.70 15.16
CA GLN A 142 2.59 4.97 14.67
C GLN A 142 1.71 4.78 13.44
N LEU A 143 2.13 3.94 12.49
CA LEU A 143 1.39 3.70 11.27
C LEU A 143 0.03 3.09 11.62
N ALA A 144 0.05 2.05 12.46
CA ALA A 144 -1.14 1.41 13.01
C ALA A 144 -2.04 2.33 13.85
N ASP A 145 -1.49 3.36 14.47
CA ASP A 145 -2.26 4.29 15.31
C ASP A 145 -2.95 5.33 14.44
N ILE A 146 -2.28 5.82 13.39
CA ILE A 146 -2.81 6.81 12.47
C ILE A 146 -3.97 6.19 11.68
N ILE A 147 -3.91 4.89 11.40
CA ILE A 147 -5.00 4.09 10.84
C ILE A 147 -6.31 4.32 11.62
N SER A 148 -6.25 4.27 12.95
CA SER A 148 -7.43 4.26 13.81
C SER A 148 -8.22 5.57 13.76
N ARG A 149 -7.61 6.67 13.28
CA ARG A 149 -8.26 7.93 13.03
C ARG A 149 -9.49 7.80 12.13
N GLY A 150 -9.44 6.90 11.16
CA GLY A 150 -10.46 6.74 10.14
C GLY A 150 -11.38 5.62 10.58
N MET A 4 -15.32 6.33 7.09
CA MET A 4 -15.45 4.92 7.58
C MET A 4 -14.18 4.46 8.25
N ARG A 5 -14.31 3.47 9.14
CA ARG A 5 -13.20 3.00 9.93
C ARG A 5 -12.20 2.30 9.04
N LEU A 6 -11.01 2.89 8.92
CA LEU A 6 -9.92 2.28 8.19
C LEU A 6 -9.54 0.95 8.81
N SER A 7 -9.64 0.80 10.13
CA SER A 7 -9.34 -0.44 10.83
C SER A 7 -10.14 -1.64 10.29
N ASP A 8 -11.22 -1.42 9.52
CA ASP A 8 -11.94 -2.49 8.85
C ASP A 8 -11.09 -3.24 7.80
N TYR A 9 -10.03 -2.62 7.26
CA TYR A 9 -9.28 -3.15 6.12
C TYR A 9 -7.92 -3.73 6.49
N PHE A 10 -7.33 -3.40 7.64
CA PHE A 10 -5.92 -3.74 7.94
C PHE A 10 -5.93 -4.90 8.96
N PRO A 11 -5.73 -6.17 8.54
CA PRO A 11 -5.92 -7.34 9.38
C PRO A 11 -5.03 -7.35 10.64
N GLU A 12 -3.72 -7.48 10.47
CA GLU A 12 -2.77 -7.62 11.58
C GLU A 12 -1.35 -7.32 11.13
N SER A 13 -0.75 -8.23 10.36
CA SER A 13 0.59 -8.08 9.80
C SER A 13 0.64 -6.99 8.73
N SER A 14 -0.48 -6.29 8.50
CA SER A 14 -0.71 -5.37 7.41
C SER A 14 0.14 -4.10 7.54
N ILE A 15 0.72 -3.83 8.71
CA ILE A 15 1.36 -2.58 9.02
C ILE A 15 2.82 -2.94 9.27
N SER A 16 3.76 -2.23 8.66
CA SER A 16 5.19 -2.52 8.80
C SER A 16 6.04 -1.30 8.49
N VAL A 17 7.19 -1.23 9.16
CA VAL A 17 8.26 -0.28 8.88
C VAL A 17 9.47 -1.13 8.48
N ILE A 18 10.24 -0.66 7.51
CA ILE A 18 11.30 -1.40 6.83
C ILE A 18 12.51 -0.47 6.71
N HIS A 19 13.72 -1.01 6.82
CA HIS A 19 14.96 -0.24 6.64
C HIS A 19 15.13 0.23 5.19
N SER A 20 14.74 -0.60 4.22
CA SER A 20 14.85 -0.38 2.78
C SER A 20 14.25 -1.61 2.11
N ALA A 21 13.61 -1.46 0.96
CA ALA A 21 13.22 -2.62 0.16
C ALA A 21 14.49 -3.16 -0.51
N LYS A 22 14.47 -4.47 -0.81
CA LYS A 22 15.55 -5.12 -1.57
C LYS A 22 15.72 -4.43 -2.93
N ASP A 23 14.59 -4.12 -3.56
CA ASP A 23 14.44 -3.34 -4.78
C ASP A 23 12.96 -2.98 -4.89
N TRP A 24 12.63 -2.23 -5.93
CA TRP A 24 11.29 -1.84 -6.31
C TRP A 24 10.32 -3.02 -6.50
N GLN A 25 10.75 -4.17 -7.05
CA GLN A 25 9.90 -5.37 -7.10
C GLN A 25 9.58 -5.79 -5.66
N GLU A 26 10.59 -5.91 -4.80
CA GLU A 26 10.40 -6.25 -3.39
C GLU A 26 9.53 -5.23 -2.67
N ALA A 27 9.58 -3.96 -3.07
CA ALA A 27 8.82 -2.90 -2.44
C ALA A 27 7.32 -3.11 -2.70
N ILE A 28 6.95 -3.57 -3.90
CA ILE A 28 5.58 -4.01 -4.17
C ILE A 28 5.31 -5.26 -3.32
N ASP A 29 6.25 -6.20 -3.30
CA ASP A 29 6.08 -7.46 -2.60
C ASP A 29 5.77 -7.21 -1.13
N PHE A 30 6.49 -6.29 -0.48
CA PHE A 30 6.24 -5.85 0.89
C PHE A 30 4.96 -5.04 1.02
N SER A 31 4.51 -4.32 -0.04
CA SER A 31 3.18 -3.69 -0.04
C SER A 31 2.06 -4.72 0.02
N MET A 32 2.33 -5.98 -0.37
CA MET A 32 1.29 -6.97 -0.58
C MET A 32 1.43 -8.24 0.28
N VAL A 33 2.61 -8.60 0.79
CA VAL A 33 2.84 -9.90 1.41
C VAL A 33 1.91 -10.14 2.61
N SER A 34 1.57 -9.12 3.38
CA SER A 34 0.69 -9.28 4.53
C SER A 34 -0.72 -9.71 4.08
N LEU A 35 -1.15 -9.28 2.89
CA LEU A 35 -2.39 -9.72 2.28
C LEU A 35 -2.19 -11.11 1.69
N LEU A 36 -1.06 -11.36 1.01
CA LEU A 36 -0.74 -12.65 0.40
C LEU A 36 -0.78 -13.76 1.45
N ASP A 37 -0.24 -13.49 2.64
CA ASP A 37 -0.01 -14.46 3.71
C ASP A 37 -1.32 -14.99 4.30
N LYS A 38 -2.39 -14.19 4.29
CA LYS A 38 -3.73 -14.65 4.69
C LYS A 38 -4.58 -14.99 3.45
N ASN A 39 -3.94 -15.15 2.29
CA ASN A 39 -4.58 -15.31 0.98
C ASN A 39 -5.72 -14.31 0.71
N TYR A 40 -5.51 -13.03 1.01
CA TYR A 40 -6.41 -11.94 0.58
C TYR A 40 -6.22 -11.71 -0.93
N ILE A 41 -5.11 -12.16 -1.50
CA ILE A 41 -4.71 -12.04 -2.89
C ILE A 41 -4.00 -13.33 -3.32
N SER A 42 -3.71 -13.44 -4.62
CA SER A 42 -2.88 -14.47 -5.23
C SER A 42 -1.54 -13.83 -5.65
N GLU A 43 -0.47 -14.61 -5.84
CA GLU A 43 0.85 -14.07 -6.19
C GLU A 43 0.80 -13.30 -7.52
N ASN A 44 -0.03 -13.75 -8.47
CA ASN A 44 -0.23 -13.07 -9.75
C ASN A 44 -0.82 -11.66 -9.60
N TYR A 45 -1.55 -11.37 -8.51
CA TYR A 45 -2.04 -10.02 -8.23
C TYR A 45 -0.86 -9.07 -8.02
N ILE A 46 0.12 -9.52 -7.23
CA ILE A 46 1.33 -8.78 -6.92
C ILE A 46 2.09 -8.49 -8.21
N GLN A 47 2.32 -9.53 -9.03
CA GLN A 47 3.13 -9.38 -10.23
C GLN A 47 2.43 -8.52 -11.28
N ALA A 48 1.09 -8.43 -11.28
CA ALA A 48 0.37 -7.51 -12.15
C ALA A 48 0.83 -6.06 -11.91
N ILE A 49 1.01 -5.67 -10.64
CA ILE A 49 1.44 -4.32 -10.29
C ILE A 49 2.89 -4.15 -10.74
N LYS A 50 3.75 -5.11 -10.38
CA LYS A 50 5.18 -5.02 -10.65
C LYS A 50 5.41 -4.90 -12.15
N ASP A 51 4.69 -5.68 -12.97
CA ASP A 51 4.87 -5.71 -14.42
C ASP A 51 4.61 -4.35 -15.05
N SER A 52 3.50 -3.68 -14.69
CA SER A 52 3.20 -2.33 -15.16
C SER A 52 4.27 -1.35 -14.68
N THR A 53 4.67 -1.47 -13.42
CA THR A 53 5.69 -0.62 -12.82
C THR A 53 7.03 -0.75 -13.57
N ILE A 54 7.43 -1.96 -13.98
CA ILE A 54 8.65 -2.22 -14.75
C ILE A 54 8.48 -1.66 -16.17
N ASN A 55 7.30 -1.84 -16.78
CA ASN A 55 7.07 -1.55 -18.20
C ASN A 55 7.27 -0.09 -18.54
N ASN A 56 6.92 0.80 -17.61
CA ASN A 56 6.82 2.22 -17.86
C ASN A 56 7.14 3.02 -16.59
N GLY A 57 6.46 2.70 -15.49
CA GLY A 57 6.66 3.34 -14.19
C GLY A 57 5.44 3.03 -13.32
N PRO A 58 5.45 3.43 -12.03
CA PRO A 58 4.30 3.29 -11.15
C PRO A 58 3.00 3.85 -11.74
N TYR A 59 1.88 3.28 -11.31
CA TYR A 59 0.52 3.70 -11.69
C TYR A 59 -0.29 4.17 -10.47
N TYR A 60 0.33 4.21 -9.29
CA TYR A 60 -0.34 4.42 -8.01
C TYR A 60 0.52 5.35 -7.15
N ILE A 61 0.66 6.62 -7.54
CA ILE A 61 1.39 7.65 -6.78
C ILE A 61 0.36 8.73 -6.43
N LEU A 62 0.43 9.26 -5.20
CA LEU A 62 -0.60 10.13 -4.64
C LEU A 62 -0.04 11.46 -4.18
N ALA A 63 1.20 11.48 -3.68
CA ALA A 63 1.85 12.65 -3.12
C ALA A 63 3.37 12.39 -3.12
N PRO A 64 4.22 13.42 -2.98
CA PRO A 64 5.65 13.25 -2.80
C PRO A 64 5.99 12.16 -1.78
N GLY A 65 6.58 11.06 -2.24
CA GLY A 65 7.03 9.96 -1.39
C GLY A 65 5.94 8.93 -1.07
N VAL A 66 4.73 9.02 -1.62
CA VAL A 66 3.58 8.22 -1.21
C VAL A 66 3.00 7.52 -2.45
N ALA A 67 2.92 6.20 -2.38
CA ALA A 67 2.35 5.33 -3.41
C ALA A 67 1.26 4.45 -2.79
N MET A 68 0.51 3.74 -3.64
CA MET A 68 -0.56 2.84 -3.24
C MET A 68 -0.57 1.56 -4.10
N PRO A 69 0.51 0.76 -4.15
CA PRO A 69 0.56 -0.42 -5.01
C PRO A 69 -0.62 -1.36 -4.71
N HIS A 70 -1.36 -1.73 -5.75
CA HIS A 70 -2.63 -2.44 -5.75
C HIS A 70 -3.03 -2.65 -7.22
N ALA A 71 -3.96 -3.56 -7.52
CA ALA A 71 -4.38 -3.93 -8.87
C ALA A 71 -5.91 -4.07 -8.91
N ARG A 72 -6.47 -4.23 -10.12
CA ARG A 72 -7.89 -4.56 -10.27
C ARG A 72 -8.20 -5.86 -9.53
N PRO A 73 -9.46 -6.09 -9.08
CA PRO A 73 -9.82 -7.31 -8.35
C PRO A 73 -9.50 -8.54 -9.21
N GLU A 74 -9.76 -8.42 -10.52
CA GLU A 74 -9.58 -9.44 -11.56
C GLU A 74 -8.12 -9.91 -11.69
N CYS A 75 -7.15 -9.15 -11.16
CA CYS A 75 -5.74 -9.51 -11.26
C CYS A 75 -5.36 -10.62 -10.27
N GLY A 76 -6.27 -10.99 -9.34
CA GLY A 76 -6.05 -12.10 -8.42
C GLY A 76 -6.44 -11.78 -6.98
N ALA A 77 -7.23 -10.73 -6.73
CA ALA A 77 -7.77 -10.50 -5.39
C ALA A 77 -8.74 -11.62 -5.02
N LEU A 78 -8.80 -11.93 -3.73
CA LEU A 78 -9.58 -13.04 -3.18
C LEU A 78 -10.47 -12.57 -2.04
N LYS A 79 -9.99 -11.59 -1.25
CA LYS A 79 -10.70 -11.03 -0.10
C LYS A 79 -10.33 -9.55 0.01
N THR A 80 -11.15 -8.78 0.70
CA THR A 80 -10.99 -7.35 0.83
C THR A 80 -10.17 -6.97 2.07
N GLY A 81 -9.09 -6.20 1.88
CA GLY A 81 -8.17 -5.78 2.93
C GLY A 81 -7.15 -4.75 2.39
N MET A 82 -6.22 -4.31 3.24
CA MET A 82 -5.21 -3.30 2.96
C MET A 82 -3.91 -3.55 3.73
N SER A 83 -2.87 -2.80 3.36
CA SER A 83 -1.54 -2.80 3.98
C SER A 83 -1.08 -1.35 4.13
N LEU A 84 -0.10 -1.09 5.00
CA LEU A 84 0.51 0.20 5.28
C LEU A 84 2.00 -0.02 5.52
N THR A 85 2.85 0.36 4.56
CA THR A 85 4.28 0.03 4.56
C THR A 85 5.07 1.34 4.52
N LEU A 86 6.14 1.47 5.32
CA LEU A 86 7.00 2.65 5.30
C LEU A 86 8.45 2.18 5.26
N LEU A 87 9.28 2.80 4.44
CA LEU A 87 10.70 2.47 4.25
C LEU A 87 11.51 3.66 4.75
N GLU A 88 12.47 3.42 5.65
CA GLU A 88 13.29 4.46 6.23
C GLU A 88 14.12 5.17 5.15
N GLN A 89 14.65 4.40 4.20
CA GLN A 89 15.47 4.92 3.11
C GLN A 89 14.65 5.14 1.83
N GLY A 90 13.41 4.66 1.79
CA GLY A 90 12.62 4.60 0.58
C GLY A 90 13.29 3.71 -0.48
N VAL A 91 12.73 3.69 -1.68
CA VAL A 91 13.34 3.09 -2.86
C VAL A 91 12.82 3.87 -4.06
N TYR A 92 13.41 3.70 -5.24
CA TYR A 92 13.13 4.54 -6.40
C TYR A 92 12.72 3.69 -7.59
N PHE A 93 11.40 3.48 -7.72
CA PHE A 93 10.78 2.85 -8.88
C PHE A 93 11.29 3.46 -10.19
N PRO A 94 11.53 2.64 -11.24
CA PRO A 94 12.00 3.14 -12.52
C PRO A 94 10.97 4.09 -13.13
N GLY A 95 11.47 5.17 -13.76
CA GLY A 95 10.65 6.09 -14.54
C GLY A 95 9.75 7.02 -13.72
N ASN A 96 9.67 6.87 -12.39
CA ASN A 96 8.91 7.81 -11.56
C ASN A 96 9.69 9.12 -11.39
N ASP A 97 9.04 10.17 -10.91
CA ASP A 97 9.71 11.46 -10.70
C ASP A 97 10.69 11.42 -9.53
N GLU A 98 10.36 10.67 -8.47
CA GLU A 98 11.07 10.69 -7.19
C GLU A 98 10.95 9.34 -6.43
N PRO A 99 11.73 9.10 -5.37
CA PRO A 99 11.64 7.88 -4.57
C PRO A 99 10.38 7.88 -3.69
N ILE A 100 9.96 6.69 -3.25
CA ILE A 100 8.79 6.48 -2.42
C ILE A 100 9.28 5.97 -1.08
N LYS A 101 8.68 6.49 -0.01
CA LYS A 101 8.93 6.08 1.35
C LYS A 101 7.69 5.43 1.96
N LEU A 102 6.49 5.56 1.39
CA LEU A 102 5.32 4.86 1.92
C LEU A 102 4.46 4.30 0.81
N LEU A 103 3.88 3.13 1.08
CA LEU A 103 3.13 2.32 0.14
C LEU A 103 1.93 1.75 0.90
N ILE A 104 0.71 2.22 0.60
CA ILE A 104 -0.49 1.55 1.09
C ILE A 104 -0.80 0.42 0.11
N GLY A 105 -1.12 -0.77 0.64
CA GLY A 105 -1.63 -1.87 -0.15
C GLY A 105 -3.15 -1.91 -0.06
N LEU A 106 -3.84 -2.47 -1.06
CA LEU A 106 -5.29 -2.70 -1.05
C LEU A 106 -5.57 -3.92 -1.94
N SER A 107 -6.54 -4.73 -1.57
CA SER A 107 -7.12 -5.78 -2.39
C SER A 107 -8.61 -5.78 -2.07
N ALA A 108 -9.48 -6.06 -3.04
CA ALA A 108 -10.89 -6.29 -2.75
C ALA A 108 -11.43 -7.36 -3.67
N ALA A 109 -12.37 -8.15 -3.19
CA ALA A 109 -12.91 -9.25 -3.98
C ALA A 109 -13.92 -8.75 -5.01
N ASP A 110 -14.42 -7.51 -4.87
CA ASP A 110 -15.34 -6.90 -5.83
C ASP A 110 -14.94 -5.45 -6.09
N ALA A 111 -15.24 -4.93 -7.29
CA ALA A 111 -14.85 -3.59 -7.69
C ALA A 111 -15.47 -2.51 -6.80
N ASP A 112 -16.69 -2.68 -6.31
CA ASP A 112 -17.30 -1.71 -5.39
C ASP A 112 -16.66 -1.78 -4.01
N SER A 113 -16.18 -2.96 -3.62
CA SER A 113 -15.35 -3.10 -2.42
C SER A 113 -14.00 -2.39 -2.62
N HIS A 114 -13.41 -2.41 -3.83
CA HIS A 114 -12.24 -1.60 -4.13
C HIS A 114 -12.58 -0.12 -3.99
N ILE A 115 -13.72 0.34 -4.53
CA ILE A 115 -14.16 1.73 -4.39
C ILE A 115 -14.24 2.10 -2.91
N GLY A 116 -14.93 1.29 -2.08
CA GLY A 116 -15.09 1.59 -0.67
C GLY A 116 -13.73 1.68 0.04
N ALA A 117 -12.81 0.78 -0.28
CA ALA A 117 -11.49 0.73 0.33
C ALA A 117 -10.64 1.93 -0.11
N ILE A 118 -10.65 2.29 -1.40
CA ILE A 118 -9.99 3.45 -1.95
C ILE A 118 -10.53 4.69 -1.24
N GLN A 119 -11.86 4.81 -1.11
CA GLN A 119 -12.52 5.95 -0.49
C GLN A 119 -12.21 6.02 1.01
N ALA A 120 -11.65 4.96 1.60
CA ALA A 120 -11.21 4.93 2.97
C ALA A 120 -9.75 5.35 3.02
N LEU A 121 -8.89 4.75 2.20
CA LEU A 121 -7.47 5.05 2.26
C LEU A 121 -7.19 6.45 1.78
N SER A 122 -8.03 6.99 0.91
CA SER A 122 -7.92 8.39 0.50
C SER A 122 -8.11 9.36 1.67
N GLU A 123 -8.75 8.95 2.77
CA GLU A 123 -8.82 9.75 4.00
C GLU A 123 -7.43 9.89 4.61
N LEU A 124 -6.49 9.04 4.20
CA LEU A 124 -5.10 9.01 4.64
C LEU A 124 -4.19 9.56 3.54
N LEU A 125 -4.15 8.93 2.36
CA LEU A 125 -3.21 9.29 1.29
C LEU A 125 -3.48 10.63 0.62
N CYS A 126 -4.67 11.21 0.78
CA CYS A 126 -5.02 12.50 0.19
C CYS A 126 -5.22 13.56 1.27
N GLU A 127 -4.54 13.39 2.40
CA GLU A 127 -4.75 14.19 3.58
C GLU A 127 -3.41 14.52 4.21
N GLU A 128 -2.89 15.71 3.90
CA GLU A 128 -1.55 16.15 4.31
C GLU A 128 -1.34 16.08 5.83
N GLU A 129 -2.43 16.17 6.61
CA GLU A 129 -2.36 16.04 8.06
C GLU A 129 -1.88 14.63 8.43
N ILE A 130 -2.45 13.62 7.77
CA ILE A 130 -2.06 12.24 7.95
C ILE A 130 -0.70 12.02 7.29
N LEU A 131 -0.41 12.63 6.14
CA LEU A 131 0.89 12.46 5.51
C LEU A 131 2.03 12.92 6.42
N GLU A 132 1.83 13.92 7.26
CA GLU A 132 2.81 14.29 8.26
C GLU A 132 2.91 13.20 9.34
N GLN A 133 1.78 12.66 9.80
CA GLN A 133 1.76 11.66 10.85
C GLN A 133 2.45 10.37 10.38
N LEU A 134 2.34 10.03 9.09
CA LEU A 134 3.04 8.89 8.51
C LEU A 134 4.50 9.24 8.26
N LEU A 135 4.83 10.40 7.68
CA LEU A 135 6.22 10.74 7.42
C LEU A 135 7.05 10.85 8.70
N THR A 136 6.41 11.13 9.84
CA THR A 136 7.07 11.22 11.14
C THR A 136 7.00 9.88 11.90
N ALA A 137 6.41 8.82 11.32
CA ALA A 137 6.22 7.53 11.97
C ALA A 137 7.56 6.83 12.19
N SER A 138 7.99 6.79 13.45
CA SER A 138 9.19 6.11 13.89
C SER A 138 9.00 4.59 14.00
N SER A 139 7.75 4.12 14.17
CA SER A 139 7.44 2.74 14.49
C SER A 139 6.11 2.32 13.88
N GLU A 140 5.96 1.00 13.71
CA GLU A 140 4.77 0.31 13.20
C GLU A 140 3.50 0.76 13.93
N LYS A 141 3.56 0.91 15.26
CA LYS A 141 2.38 1.20 16.06
C LYS A 141 1.85 2.61 15.84
N GLN A 142 2.66 3.56 15.35
CA GLN A 142 2.18 4.87 14.99
C GLN A 142 1.45 4.79 13.64
N LEU A 143 1.85 3.90 12.73
CA LEU A 143 1.12 3.69 11.49
C LEU A 143 -0.23 3.05 11.82
N ALA A 144 -0.24 2.05 12.71
CA ALA A 144 -1.46 1.49 13.27
C ALA A 144 -2.34 2.56 13.93
N ASP A 145 -1.76 3.52 14.64
CA ASP A 145 -2.52 4.60 15.29
C ASP A 145 -3.27 5.43 14.25
N ILE A 146 -2.67 5.72 13.10
CA ILE A 146 -3.31 6.42 12.00
C ILE A 146 -4.51 5.60 11.49
N ILE A 147 -4.34 4.28 11.34
CA ILE A 147 -5.43 3.39 10.93
C ILE A 147 -6.57 3.47 11.94
N SER A 148 -6.26 3.47 13.23
CA SER A 148 -7.30 3.51 14.25
C SER A 148 -7.96 4.90 14.33
N ARG A 149 -7.26 5.98 13.96
CA ARG A 149 -7.81 7.31 13.89
C ARG A 149 -8.80 7.42 12.73
N GLY A 150 -8.48 6.81 11.59
CA GLY A 150 -9.23 6.90 10.36
C GLY A 150 -10.64 6.35 10.56
N MET A 4 -15.38 5.57 6.41
CA MET A 4 -15.44 4.22 7.03
C MET A 4 -14.38 4.08 8.10
N ARG A 5 -14.58 3.18 9.07
CA ARG A 5 -13.52 2.82 9.98
C ARG A 5 -12.42 2.19 9.15
N LEU A 6 -11.28 2.88 9.07
CA LEU A 6 -10.10 2.43 8.34
C LEU A 6 -9.74 1.03 8.82
N SER A 7 -9.77 0.81 10.13
CA SER A 7 -9.45 -0.47 10.76
C SER A 7 -10.24 -1.66 10.21
N ASP A 8 -11.40 -1.45 9.57
CA ASP A 8 -12.13 -2.52 8.89
C ASP A 8 -11.33 -3.15 7.75
N TYR A 9 -10.40 -2.41 7.15
CA TYR A 9 -9.70 -2.81 5.93
C TYR A 9 -8.31 -3.42 6.20
N PHE A 10 -7.67 -3.15 7.35
CA PHE A 10 -6.28 -3.59 7.62
C PHE A 10 -6.42 -4.78 8.59
N PRO A 11 -6.31 -6.05 8.14
CA PRO A 11 -6.66 -7.22 8.95
C PRO A 11 -5.70 -7.44 10.14
N GLU A 12 -4.53 -7.98 9.86
CA GLU A 12 -3.42 -8.19 10.78
C GLU A 12 -2.19 -8.33 9.91
N SER A 13 -1.02 -8.12 10.51
CA SER A 13 0.29 -8.16 9.86
C SER A 13 0.43 -7.12 8.73
N SER A 14 -0.61 -6.32 8.50
CA SER A 14 -0.80 -5.41 7.39
C SER A 14 0.03 -4.15 7.51
N ILE A 15 0.70 -3.92 8.63
CA ILE A 15 1.34 -2.66 8.94
C ILE A 15 2.82 -2.98 9.13
N SER A 16 3.70 -2.23 8.46
CA SER A 16 5.11 -2.51 8.49
C SER A 16 5.96 -1.23 8.37
N VAL A 17 7.11 -1.24 9.04
CA VAL A 17 8.15 -0.23 8.92
C VAL A 17 9.43 -0.99 8.61
N ILE A 18 10.19 -0.46 7.67
CA ILE A 18 11.34 -1.08 7.04
C ILE A 18 12.42 -0.01 6.90
N HIS A 19 13.70 -0.39 6.92
CA HIS A 19 14.76 0.56 6.61
C HIS A 19 14.81 0.80 5.11
N SER A 20 14.81 -0.25 4.29
CA SER A 20 14.83 -0.16 2.83
C SER A 20 14.26 -1.47 2.28
N ALA A 21 13.63 -1.43 1.11
CA ALA A 21 13.23 -2.66 0.45
C ALA A 21 14.46 -3.22 -0.26
N LYS A 22 14.46 -4.54 -0.49
CA LYS A 22 15.52 -5.20 -1.25
C LYS A 22 15.62 -4.62 -2.67
N ASP A 23 14.50 -4.18 -3.23
CA ASP A 23 14.35 -3.57 -4.54
C ASP A 23 12.97 -2.93 -4.61
N TRP A 24 12.70 -2.20 -5.68
CA TRP A 24 11.37 -1.71 -6.00
C TRP A 24 10.40 -2.87 -6.28
N GLN A 25 10.85 -4.00 -6.85
CA GLN A 25 10.04 -5.22 -6.94
C GLN A 25 9.68 -5.66 -5.52
N GLU A 26 10.67 -5.72 -4.63
CA GLU A 26 10.45 -6.14 -3.25
C GLU A 26 9.56 -5.16 -2.50
N ALA A 27 9.60 -3.88 -2.85
CA ALA A 27 8.79 -2.86 -2.19
C ALA A 27 7.32 -3.09 -2.50
N ILE A 28 6.99 -3.53 -3.72
CA ILE A 28 5.64 -3.99 -4.05
C ILE A 28 5.36 -5.26 -3.23
N ASP A 29 6.31 -6.19 -3.19
CA ASP A 29 6.15 -7.45 -2.49
C ASP A 29 5.80 -7.21 -1.02
N PHE A 30 6.51 -6.30 -0.36
CA PHE A 30 6.24 -5.87 1.00
C PHE A 30 4.91 -5.08 1.10
N SER A 31 4.49 -4.35 0.07
CA SER A 31 3.16 -3.72 0.03
C SER A 31 2.03 -4.75 0.04
N MET A 32 2.29 -6.00 -0.38
CA MET A 32 1.24 -6.97 -0.63
C MET A 32 1.37 -8.27 0.17
N VAL A 33 2.54 -8.64 0.70
CA VAL A 33 2.73 -9.96 1.33
C VAL A 33 1.81 -10.16 2.52
N SER A 34 1.50 -9.10 3.28
CA SER A 34 0.59 -9.22 4.41
C SER A 34 -0.81 -9.64 3.97
N LEU A 35 -1.19 -9.34 2.73
CA LEU A 35 -2.44 -9.78 2.12
C LEU A 35 -2.25 -11.18 1.54
N LEU A 36 -1.11 -11.45 0.90
CA LEU A 36 -0.78 -12.75 0.32
C LEU A 36 -0.85 -13.85 1.40
N ASP A 37 -0.35 -13.54 2.59
CA ASP A 37 -0.15 -14.46 3.70
C ASP A 37 -1.45 -15.00 4.28
N LYS A 38 -2.56 -14.26 4.15
CA LYS A 38 -3.90 -14.74 4.52
C LYS A 38 -4.74 -14.97 3.27
N ASN A 39 -4.09 -15.17 2.12
CA ASN A 39 -4.72 -15.34 0.80
C ASN A 39 -5.82 -14.33 0.50
N TYR A 40 -5.61 -13.05 0.81
CA TYR A 40 -6.47 -11.95 0.34
C TYR A 40 -6.24 -11.74 -1.16
N ILE A 41 -5.13 -12.25 -1.69
CA ILE A 41 -4.69 -12.15 -3.09
C ILE A 41 -3.95 -13.44 -3.46
N SER A 42 -3.64 -13.59 -4.75
CA SER A 42 -2.75 -14.62 -5.31
C SER A 42 -1.45 -13.93 -5.74
N GLU A 43 -0.36 -14.68 -5.92
CA GLU A 43 0.96 -14.10 -6.23
C GLU A 43 0.96 -13.32 -7.55
N ASN A 44 0.13 -13.71 -8.53
CA ASN A 44 -0.01 -13.01 -9.80
C ASN A 44 -0.40 -11.55 -9.60
N TYR A 45 -1.25 -11.27 -8.61
CA TYR A 45 -1.73 -9.93 -8.30
C TYR A 45 -0.56 -8.99 -8.02
N ILE A 46 0.39 -9.47 -7.22
CA ILE A 46 1.60 -8.75 -6.86
C ILE A 46 2.41 -8.47 -8.13
N GLN A 47 2.64 -9.53 -8.93
CA GLN A 47 3.49 -9.40 -10.11
C GLN A 47 2.86 -8.53 -11.19
N ALA A 48 1.52 -8.41 -11.25
CA ALA A 48 0.84 -7.49 -12.14
C ALA A 48 1.30 -6.05 -11.88
N ILE A 49 1.38 -5.65 -10.61
CA ILE A 49 1.78 -4.30 -10.24
C ILE A 49 3.26 -4.15 -10.59
N LYS A 50 4.11 -5.12 -10.18
CA LYS A 50 5.55 -5.01 -10.38
C LYS A 50 5.85 -4.88 -11.88
N ASP A 51 5.24 -5.73 -12.70
CA ASP A 51 5.49 -5.77 -14.14
C ASP A 51 5.05 -4.47 -14.81
N SER A 52 3.88 -3.95 -14.44
CA SER A 52 3.39 -2.67 -14.95
C SER A 52 4.36 -1.54 -14.56
N THR A 53 4.81 -1.55 -13.30
CA THR A 53 5.75 -0.58 -12.77
C THR A 53 7.08 -0.62 -13.53
N ILE A 54 7.61 -1.80 -13.85
CA ILE A 54 8.83 -1.94 -14.65
C ILE A 54 8.58 -1.41 -16.07
N ASN A 55 7.41 -1.73 -16.66
CA ASN A 55 7.12 -1.45 -18.07
C ASN A 55 6.95 0.03 -18.36
N ASN A 56 6.30 0.77 -17.45
CA ASN A 56 5.84 2.13 -17.74
C ASN A 56 5.93 3.09 -16.54
N GLY A 57 6.64 2.69 -15.48
CA GLY A 57 6.66 3.42 -14.23
C GLY A 57 5.42 3.08 -13.38
N PRO A 58 5.39 3.47 -12.09
CA PRO A 58 4.34 3.07 -11.16
C PRO A 58 2.98 3.66 -11.56
N TYR A 59 1.91 3.01 -11.07
CA TYR A 59 0.53 3.27 -11.48
C TYR A 59 -0.31 3.89 -10.35
N TYR A 60 0.20 3.90 -9.13
CA TYR A 60 -0.55 4.26 -7.93
C TYR A 60 0.31 5.17 -7.07
N ILE A 61 0.41 6.45 -7.45
CA ILE A 61 1.19 7.48 -6.77
C ILE A 61 0.19 8.61 -6.45
N LEU A 62 0.35 9.24 -5.28
CA LEU A 62 -0.66 10.16 -4.75
C LEU A 62 -0.07 11.49 -4.29
N ALA A 63 1.20 11.48 -3.86
CA ALA A 63 1.93 12.65 -3.40
C ALA A 63 3.42 12.30 -3.50
N PRO A 64 4.33 13.29 -3.51
CA PRO A 64 5.76 13.02 -3.43
C PRO A 64 6.05 12.21 -2.16
N GLY A 65 6.50 10.97 -2.33
CA GLY A 65 6.83 10.07 -1.24
C GLY A 65 5.74 9.03 -0.92
N VAL A 66 4.57 9.08 -1.58
CA VAL A 66 3.39 8.29 -1.20
C VAL A 66 2.83 7.56 -2.43
N ALA A 67 2.63 6.25 -2.29
CA ALA A 67 2.07 5.34 -3.29
C ALA A 67 0.97 4.48 -2.67
N MET A 68 0.20 3.81 -3.52
CA MET A 68 -0.90 2.94 -3.10
C MET A 68 -0.97 1.64 -3.94
N PRO A 69 0.08 0.80 -4.01
CA PRO A 69 0.03 -0.43 -4.79
C PRO A 69 -1.26 -1.26 -4.58
N HIS A 70 -1.76 -1.77 -5.69
CA HIS A 70 -3.06 -2.43 -5.89
C HIS A 70 -3.11 -2.78 -7.39
N ALA A 71 -3.89 -3.79 -7.75
CA ALA A 71 -4.22 -4.15 -9.13
C ALA A 71 -5.74 -4.38 -9.17
N ARG A 72 -6.34 -4.34 -10.36
CA ARG A 72 -7.79 -4.59 -10.47
C ARG A 72 -8.11 -5.96 -9.86
N PRO A 73 -9.31 -6.16 -9.28
CA PRO A 73 -9.70 -7.41 -8.63
C PRO A 73 -9.38 -8.64 -9.49
N GLU A 74 -9.64 -8.55 -10.81
CA GLU A 74 -9.46 -9.62 -11.78
C GLU A 74 -8.00 -10.09 -11.91
N CYS A 75 -7.02 -9.32 -11.42
CA CYS A 75 -5.61 -9.65 -11.49
C CYS A 75 -5.21 -10.65 -10.41
N GLY A 76 -6.13 -11.08 -9.55
CA GLY A 76 -5.88 -12.14 -8.57
C GLY A 76 -6.27 -11.73 -7.15
N ALA A 77 -7.13 -10.73 -6.96
CA ALA A 77 -7.69 -10.48 -5.64
C ALA A 77 -8.65 -11.61 -5.30
N LEU A 78 -8.75 -11.92 -4.00
CA LEU A 78 -9.56 -13.02 -3.48
C LEU A 78 -10.47 -12.54 -2.35
N LYS A 79 -10.00 -11.57 -1.56
CA LYS A 79 -10.72 -10.99 -0.44
C LYS A 79 -10.35 -9.51 -0.36
N THR A 80 -11.23 -8.68 0.19
CA THR A 80 -10.99 -7.27 0.35
C THR A 80 -10.20 -7.01 1.63
N GLY A 81 -9.07 -6.28 1.52
CA GLY A 81 -8.17 -5.99 2.63
C GLY A 81 -7.13 -4.95 2.20
N MET A 82 -6.24 -4.57 3.11
CA MET A 82 -5.28 -3.50 2.91
C MET A 82 -3.96 -3.73 3.65
N SER A 83 -2.96 -2.90 3.32
CA SER A 83 -1.64 -2.86 3.95
C SER A 83 -1.21 -1.39 4.11
N LEU A 84 -0.20 -1.14 4.95
CA LEU A 84 0.40 0.15 5.24
C LEU A 84 1.91 -0.06 5.51
N THR A 85 2.76 0.23 4.53
CA THR A 85 4.19 -0.06 4.58
C THR A 85 4.97 1.25 4.51
N LEU A 86 5.99 1.44 5.35
CA LEU A 86 6.88 2.59 5.30
C LEU A 86 8.32 2.09 5.19
N LEU A 87 9.13 2.76 4.37
CA LEU A 87 10.55 2.53 4.18
C LEU A 87 11.25 3.82 4.60
N GLU A 88 12.22 3.77 5.50
CA GLU A 88 12.90 4.97 5.96
C GLU A 88 13.84 5.56 4.90
N GLN A 89 14.48 4.70 4.10
CA GLN A 89 15.28 5.10 2.95
C GLN A 89 14.40 5.38 1.73
N GLY A 90 13.17 4.83 1.74
CA GLY A 90 12.33 4.78 0.57
C GLY A 90 12.98 3.88 -0.49
N VAL A 91 12.38 3.83 -1.67
CA VAL A 91 12.98 3.23 -2.85
C VAL A 91 12.47 4.06 -4.04
N TYR A 92 13.09 3.91 -5.21
CA TYR A 92 12.84 4.79 -6.34
C TYR A 92 12.49 3.92 -7.55
N PHE A 93 11.18 3.74 -7.74
CA PHE A 93 10.61 3.04 -8.89
C PHE A 93 11.25 3.54 -10.20
N PRO A 94 11.40 2.66 -11.21
CA PRO A 94 12.20 2.91 -12.42
C PRO A 94 11.74 4.04 -13.36
N GLY A 95 10.59 4.68 -13.12
CA GLY A 95 10.10 5.76 -13.97
C GLY A 95 9.22 6.76 -13.23
N ASN A 96 9.35 6.86 -11.89
CA ASN A 96 8.52 7.78 -11.10
C ASN A 96 9.12 9.19 -11.07
N ASP A 97 8.37 10.15 -10.53
CA ASP A 97 8.85 11.50 -10.31
C ASP A 97 9.95 11.55 -9.25
N GLU A 98 9.77 10.82 -8.15
CA GLU A 98 10.68 10.78 -7.00
C GLU A 98 10.54 9.47 -6.19
N PRO A 99 11.42 9.18 -5.22
CA PRO A 99 11.31 7.98 -4.38
C PRO A 99 10.03 7.98 -3.53
N ILE A 100 9.62 6.79 -3.10
CA ILE A 100 8.45 6.57 -2.26
C ILE A 100 8.96 5.98 -0.96
N LYS A 101 8.46 6.53 0.14
CA LYS A 101 8.65 5.95 1.46
C LYS A 101 7.41 5.17 1.86
N LEU A 102 6.20 5.60 1.48
CA LEU A 102 4.97 5.03 2.02
C LEU A 102 4.17 4.35 0.91
N LEU A 103 3.77 3.12 1.16
CA LEU A 103 3.04 2.28 0.21
C LEU A 103 1.84 1.70 0.94
N ILE A 104 0.64 2.22 0.67
CA ILE A 104 -0.55 1.56 1.16
C ILE A 104 -0.84 0.41 0.17
N GLY A 105 -1.23 -0.75 0.69
CA GLY A 105 -1.73 -1.85 -0.11
C GLY A 105 -3.26 -1.83 -0.05
N LEU A 106 -3.93 -2.27 -1.12
CA LEU A 106 -5.37 -2.51 -1.14
C LEU A 106 -5.58 -3.71 -2.07
N SER A 107 -6.45 -4.63 -1.69
CA SER A 107 -6.98 -5.71 -2.50
C SER A 107 -8.48 -5.71 -2.30
N ALA A 108 -9.26 -6.08 -3.32
CA ALA A 108 -10.71 -6.07 -3.23
C ALA A 108 -11.25 -7.18 -4.10
N ALA A 109 -12.20 -7.95 -3.57
CA ALA A 109 -12.81 -9.05 -4.30
C ALA A 109 -13.83 -8.53 -5.34
N ASP A 110 -14.30 -7.29 -5.19
CA ASP A 110 -15.29 -6.69 -6.10
C ASP A 110 -15.00 -5.20 -6.27
N ALA A 111 -15.40 -4.63 -7.42
CA ALA A 111 -15.15 -3.23 -7.74
C ALA A 111 -15.75 -2.25 -6.74
N ASP A 112 -16.91 -2.54 -6.17
CA ASP A 112 -17.52 -1.66 -5.17
C ASP A 112 -16.79 -1.78 -3.83
N SER A 113 -16.25 -2.96 -3.52
CA SER A 113 -15.37 -3.14 -2.38
C SER A 113 -14.08 -2.34 -2.58
N HIS A 114 -13.53 -2.28 -3.80
CA HIS A 114 -12.42 -1.41 -4.16
C HIS A 114 -12.79 0.05 -3.90
N ILE A 115 -13.96 0.49 -4.39
CA ILE A 115 -14.44 1.86 -4.19
C ILE A 115 -14.47 2.17 -2.69
N GLY A 116 -15.12 1.33 -1.87
CA GLY A 116 -15.25 1.59 -0.44
C GLY A 116 -13.89 1.67 0.26
N ALA A 117 -12.95 0.79 -0.11
CA ALA A 117 -11.62 0.75 0.46
C ALA A 117 -10.83 2.01 0.06
N ILE A 118 -10.86 2.38 -1.22
CA ILE A 118 -10.22 3.57 -1.74
C ILE A 118 -10.78 4.79 -1.00
N GLN A 119 -12.10 4.88 -0.83
CA GLN A 119 -12.76 6.02 -0.21
C GLN A 119 -12.44 6.10 1.29
N ALA A 120 -11.90 5.02 1.88
CA ALA A 120 -11.44 5.01 3.24
C ALA A 120 -9.99 5.41 3.31
N LEU A 121 -9.14 4.83 2.45
CA LEU A 121 -7.73 5.13 2.50
C LEU A 121 -7.44 6.54 2.03
N SER A 122 -8.30 7.10 1.19
CA SER A 122 -8.20 8.51 0.79
C SER A 122 -8.33 9.45 1.99
N GLU A 123 -8.93 9.03 3.11
CA GLU A 123 -8.97 9.81 4.35
C GLU A 123 -7.56 9.95 4.93
N LEU A 124 -6.63 9.09 4.47
CA LEU A 124 -5.23 9.08 4.87
C LEU A 124 -4.36 9.64 3.73
N LEU A 125 -4.37 9.00 2.56
CA LEU A 125 -3.49 9.33 1.44
C LEU A 125 -3.80 10.67 0.76
N CYS A 126 -4.95 11.28 1.04
CA CYS A 126 -5.32 12.59 0.50
C CYS A 126 -5.50 13.60 1.63
N GLU A 127 -4.78 13.41 2.74
CA GLU A 127 -4.75 14.31 3.88
C GLU A 127 -3.30 14.55 4.25
N GLU A 128 -2.78 15.69 3.80
CA GLU A 128 -1.39 16.08 3.98
C GLU A 128 -0.96 16.12 5.44
N GLU A 129 -1.92 16.32 6.36
CA GLU A 129 -1.68 16.27 7.80
C GLU A 129 -1.24 14.86 8.19
N ILE A 130 -1.99 13.86 7.73
CA ILE A 130 -1.72 12.46 7.97
C ILE A 130 -0.44 12.08 7.24
N LEU A 131 -0.23 12.55 6.00
CA LEU A 131 0.88 12.10 5.17
C LEU A 131 2.21 12.26 5.89
N GLU A 132 2.44 13.38 6.57
CA GLU A 132 3.70 13.62 7.24
C GLU A 132 3.84 12.69 8.45
N GLN A 133 2.73 12.34 9.11
CA GLN A 133 2.74 11.49 10.28
C GLN A 133 3.07 10.05 9.85
N LEU A 134 2.58 9.62 8.67
CA LEU A 134 3.02 8.37 8.06
C LEU A 134 4.51 8.47 7.77
N LEU A 135 4.89 9.51 7.01
CA LEU A 135 6.25 9.67 6.49
C LEU A 135 7.33 9.81 7.59
N THR A 136 6.93 9.97 8.86
CA THR A 136 7.81 10.13 10.00
C THR A 136 7.59 9.03 11.06
N ALA A 137 6.71 8.05 10.79
CA ALA A 137 6.38 6.97 11.72
C ALA A 137 7.63 6.16 12.06
N SER A 138 8.07 6.23 13.32
CA SER A 138 9.24 5.53 13.80
C SER A 138 8.97 4.03 14.00
N SER A 139 7.70 3.64 14.18
CA SER A 139 7.32 2.30 14.58
C SER A 139 5.98 1.93 13.94
N GLU A 140 5.73 0.63 13.79
CA GLU A 140 4.51 0.10 13.20
C GLU A 140 3.28 0.50 14.04
N LYS A 141 3.45 0.63 15.37
CA LYS A 141 2.41 1.13 16.25
C LYS A 141 1.94 2.52 15.85
N GLN A 142 2.84 3.39 15.37
CA GLN A 142 2.50 4.72 14.90
C GLN A 142 1.67 4.68 13.62
N LEU A 143 1.97 3.74 12.70
CA LEU A 143 1.17 3.58 11.49
C LEU A 143 -0.22 3.05 11.87
N ALA A 144 -0.26 2.02 12.73
CA ALA A 144 -1.50 1.49 13.31
C ALA A 144 -2.30 2.55 14.06
N ASP A 145 -1.66 3.51 14.74
CA ASP A 145 -2.37 4.59 15.41
C ASP A 145 -3.13 5.44 14.39
N ILE A 146 -2.48 5.79 13.27
CA ILE A 146 -3.07 6.57 12.21
C ILE A 146 -4.25 5.80 11.59
N ILE A 147 -4.15 4.47 11.46
CA ILE A 147 -5.29 3.63 11.08
C ILE A 147 -6.41 3.75 12.09
N SER A 148 -6.09 3.63 13.37
CA SER A 148 -7.07 3.47 14.43
C SER A 148 -7.95 4.71 14.65
N ARG A 149 -7.48 5.92 14.28
CA ARG A 149 -8.27 7.14 14.40
C ARG A 149 -9.48 7.10 13.46
N GLY A 150 -9.31 6.47 12.31
CA GLY A 150 -10.24 6.51 11.22
C GLY A 150 -11.36 5.51 11.48
N MET A 4 -15.40 5.33 6.02
CA MET A 4 -15.46 4.04 6.74
C MET A 4 -14.35 3.98 7.78
N ARG A 5 -14.53 3.14 8.81
CA ARG A 5 -13.45 2.85 9.72
C ARG A 5 -12.35 2.15 8.94
N LEU A 6 -11.21 2.83 8.85
CA LEU A 6 -10.03 2.38 8.12
C LEU A 6 -9.62 1.01 8.63
N SER A 7 -9.64 0.83 9.96
CA SER A 7 -9.22 -0.38 10.65
C SER A 7 -9.99 -1.63 10.17
N ASP A 8 -11.14 -1.49 9.50
CA ASP A 8 -11.86 -2.62 8.95
C ASP A 8 -11.09 -3.30 7.81
N TYR A 9 -10.30 -2.52 7.06
CA TYR A 9 -9.61 -2.99 5.87
C TYR A 9 -8.24 -3.58 6.20
N PHE A 10 -7.54 -3.12 7.23
CA PHE A 10 -6.18 -3.59 7.56
C PHE A 10 -6.35 -4.78 8.54
N PRO A 11 -6.07 -6.04 8.14
CA PRO A 11 -6.40 -7.21 8.94
C PRO A 11 -5.48 -7.39 10.16
N GLU A 12 -4.32 -8.00 9.97
CA GLU A 12 -3.24 -8.15 10.91
C GLU A 12 -1.97 -8.38 10.08
N SER A 13 -0.81 -8.21 10.71
CA SER A 13 0.51 -8.28 10.08
C SER A 13 0.68 -7.28 8.92
N SER A 14 -0.31 -6.44 8.70
CA SER A 14 -0.53 -5.56 7.58
C SER A 14 0.26 -4.26 7.67
N ILE A 15 1.06 -4.04 8.71
CA ILE A 15 1.67 -2.77 8.99
C ILE A 15 3.13 -3.05 9.25
N SER A 16 4.03 -2.41 8.48
CA SER A 16 5.46 -2.66 8.58
C SER A 16 6.26 -1.37 8.40
N VAL A 17 7.39 -1.29 9.11
CA VAL A 17 8.41 -0.26 8.95
C VAL A 17 9.68 -1.01 8.54
N ILE A 18 10.44 -0.41 7.63
CA ILE A 18 11.56 -1.02 6.93
C ILE A 18 12.65 0.05 6.81
N HIS A 19 13.92 -0.36 6.82
CA HIS A 19 15.02 0.53 6.55
C HIS A 19 15.01 0.94 5.06
N SER A 20 14.96 -0.04 4.17
CA SER A 20 14.73 0.15 2.75
C SER A 20 14.31 -1.20 2.18
N ALA A 21 13.73 -1.19 0.98
CA ALA A 21 13.41 -2.40 0.26
C ALA A 21 14.64 -2.87 -0.50
N LYS A 22 14.66 -4.16 -0.84
CA LYS A 22 15.73 -4.74 -1.67
C LYS A 22 15.78 -4.04 -3.03
N ASP A 23 14.60 -3.80 -3.61
CA ASP A 23 14.34 -3.03 -4.82
C ASP A 23 12.85 -2.73 -4.85
N TRP A 24 12.44 -1.99 -5.87
CA TRP A 24 11.06 -1.64 -6.16
C TRP A 24 10.13 -2.85 -6.30
N GLN A 25 10.56 -3.97 -6.90
CA GLN A 25 9.76 -5.19 -6.93
C GLN A 25 9.54 -5.68 -5.48
N GLU A 26 10.60 -5.77 -4.69
CA GLU A 26 10.52 -6.18 -3.30
C GLU A 26 9.64 -5.22 -2.49
N ALA A 27 9.64 -3.93 -2.81
CA ALA A 27 8.86 -2.94 -2.10
C ALA A 27 7.36 -3.20 -2.29
N ILE A 28 6.95 -3.64 -3.48
CA ILE A 28 5.58 -4.12 -3.71
C ILE A 28 5.37 -5.38 -2.87
N ASP A 29 6.32 -6.31 -2.91
CA ASP A 29 6.21 -7.61 -2.27
C ASP A 29 5.99 -7.44 -0.76
N PHE A 30 6.82 -6.62 -0.12
CA PHE A 30 6.68 -6.23 1.28
C PHE A 30 5.35 -5.51 1.53
N SER A 31 4.81 -4.77 0.56
CA SER A 31 3.53 -4.09 0.75
C SER A 31 2.30 -4.97 0.51
N MET A 32 2.49 -6.19 0.00
CA MET A 32 1.38 -7.09 -0.32
C MET A 32 1.45 -8.42 0.43
N VAL A 33 2.62 -8.85 0.94
CA VAL A 33 2.77 -10.18 1.53
C VAL A 33 1.81 -10.41 2.70
N SER A 34 1.47 -9.37 3.48
CA SER A 34 0.56 -9.52 4.60
C SER A 34 -0.86 -9.90 4.14
N LEU A 35 -1.24 -9.47 2.94
CA LEU A 35 -2.49 -9.85 2.29
C LEU A 35 -2.33 -11.25 1.69
N LEU A 36 -1.20 -11.52 1.04
CA LEU A 36 -0.91 -12.81 0.42
C LEU A 36 -0.99 -13.94 1.44
N ASP A 37 -0.41 -13.71 2.62
CA ASP A 37 -0.29 -14.65 3.74
C ASP A 37 -1.63 -15.13 4.25
N LYS A 38 -2.65 -14.29 4.10
CA LYS A 38 -3.99 -14.54 4.61
C LYS A 38 -4.92 -14.76 3.42
N ASN A 39 -4.35 -15.13 2.27
CA ASN A 39 -5.04 -15.38 0.99
C ASN A 39 -6.05 -14.28 0.59
N TYR A 40 -5.79 -13.02 0.92
CA TYR A 40 -6.57 -11.89 0.39
C TYR A 40 -6.34 -11.72 -1.12
N ILE A 41 -5.22 -12.22 -1.63
CA ILE A 41 -4.76 -12.07 -3.00
C ILE A 41 -4.05 -13.36 -3.42
N SER A 42 -3.69 -13.45 -4.69
CA SER A 42 -2.88 -14.51 -5.28
C SER A 42 -1.51 -13.93 -5.64
N GLU A 43 -0.47 -14.75 -5.83
CA GLU A 43 0.87 -14.25 -6.14
C GLU A 43 0.89 -13.49 -7.48
N ASN A 44 0.04 -13.88 -8.44
CA ASN A 44 -0.12 -13.17 -9.71
C ASN A 44 -0.54 -11.72 -9.51
N TYR A 45 -1.39 -11.46 -8.51
CA TYR A 45 -1.89 -10.13 -8.23
C TYR A 45 -0.73 -9.19 -7.95
N ILE A 46 0.19 -9.63 -7.08
CA ILE A 46 1.39 -8.90 -6.72
C ILE A 46 2.20 -8.61 -7.98
N GLN A 47 2.44 -9.64 -8.80
CA GLN A 47 3.28 -9.48 -9.97
C GLN A 47 2.62 -8.59 -11.03
N ALA A 48 1.29 -8.51 -11.09
CA ALA A 48 0.60 -7.57 -11.97
C ALA A 48 0.97 -6.13 -11.63
N ILE A 49 1.10 -5.80 -10.34
CA ILE A 49 1.47 -4.46 -9.91
C ILE A 49 2.91 -4.23 -10.32
N LYS A 50 3.81 -5.15 -9.96
CA LYS A 50 5.24 -5.00 -10.22
C LYS A 50 5.47 -4.84 -11.73
N ASP A 51 4.81 -5.66 -12.55
CA ASP A 51 4.91 -5.63 -14.00
C ASP A 51 4.41 -4.31 -14.57
N SER A 52 3.26 -3.81 -14.12
CA SER A 52 2.73 -2.53 -14.56
C SER A 52 3.67 -1.38 -14.16
N THR A 53 4.26 -1.48 -12.97
CA THR A 53 5.22 -0.53 -12.45
C THR A 53 6.44 -0.46 -13.37
N ILE A 54 6.99 -1.61 -13.76
CA ILE A 54 8.13 -1.69 -14.67
C ILE A 54 7.73 -1.16 -16.07
N ASN A 55 6.54 -1.53 -16.56
CA ASN A 55 6.12 -1.25 -17.94
C ASN A 55 5.86 0.23 -18.19
N ASN A 56 5.30 0.91 -17.21
CA ASN A 56 4.77 2.27 -17.39
C ASN A 56 4.98 3.13 -16.15
N GLY A 57 4.69 2.61 -14.96
CA GLY A 57 4.89 3.31 -13.71
C GLY A 57 3.94 2.79 -12.63
N PRO A 58 4.20 3.11 -11.34
CA PRO A 58 3.39 2.64 -10.23
C PRO A 58 1.93 3.08 -10.38
N TYR A 59 1.01 2.20 -9.94
CA TYR A 59 -0.43 2.33 -10.16
C TYR A 59 -1.01 3.68 -9.72
N TYR A 60 -0.57 4.22 -8.58
CA TYR A 60 -0.99 5.52 -8.07
C TYR A 60 0.16 6.09 -7.25
N ILE A 61 0.35 7.39 -7.40
CA ILE A 61 1.27 8.24 -6.65
C ILE A 61 0.36 9.41 -6.26
N LEU A 62 0.43 9.83 -4.99
CA LEU A 62 -0.54 10.77 -4.43
C LEU A 62 0.10 12.08 -4.01
N ALA A 63 1.38 12.03 -3.63
CA ALA A 63 2.15 13.17 -3.14
C ALA A 63 3.63 12.78 -3.17
N PRO A 64 4.56 13.74 -3.09
CA PRO A 64 5.98 13.45 -2.88
C PRO A 64 6.17 12.43 -1.76
N GLY A 65 6.73 11.26 -2.11
CA GLY A 65 7.08 10.22 -1.16
C GLY A 65 5.95 9.23 -0.85
N VAL A 66 4.75 9.35 -1.45
CA VAL A 66 3.57 8.58 -1.09
C VAL A 66 2.98 7.91 -2.33
N ALA A 67 2.79 6.59 -2.25
CA ALA A 67 2.19 5.76 -3.29
C ALA A 67 1.05 4.92 -2.71
N MET A 68 0.22 4.36 -3.57
CA MET A 68 -0.80 3.40 -3.18
C MET A 68 -1.04 2.43 -4.34
N PRO A 69 -0.15 1.44 -4.56
CA PRO A 69 -0.18 0.61 -5.76
C PRO A 69 -1.50 -0.18 -5.97
N HIS A 70 -1.57 -1.40 -5.41
CA HIS A 70 -2.60 -2.41 -5.66
C HIS A 70 -2.84 -2.72 -7.16
N ALA A 71 -3.72 -3.68 -7.45
CA ALA A 71 -4.12 -4.08 -8.80
C ALA A 71 -5.63 -4.23 -8.84
N ARG A 72 -6.22 -4.19 -10.04
CA ARG A 72 -7.65 -4.37 -10.19
C ARG A 72 -8.03 -5.79 -9.72
N PRO A 73 -9.24 -6.01 -9.16
CA PRO A 73 -9.68 -7.28 -8.59
C PRO A 73 -9.34 -8.50 -9.46
N GLU A 74 -9.58 -8.38 -10.78
CA GLU A 74 -9.42 -9.45 -11.76
C GLU A 74 -7.98 -9.96 -11.89
N CYS A 75 -6.99 -9.26 -11.30
CA CYS A 75 -5.59 -9.66 -11.35
C CYS A 75 -5.29 -10.77 -10.33
N GLY A 76 -6.25 -11.17 -9.50
CA GLY A 76 -6.10 -12.28 -8.56
C GLY A 76 -6.46 -11.91 -7.13
N ALA A 77 -7.21 -10.83 -6.90
CA ALA A 77 -7.76 -10.56 -5.57
C ALA A 77 -8.77 -11.65 -5.22
N LEU A 78 -8.89 -11.94 -3.92
CA LEU A 78 -9.71 -13.03 -3.38
C LEU A 78 -10.59 -12.52 -2.25
N LYS A 79 -10.13 -11.53 -1.48
CA LYS A 79 -10.87 -10.90 -0.40
C LYS A 79 -10.49 -9.43 -0.33
N THR A 80 -11.36 -8.61 0.25
CA THR A 80 -11.16 -7.18 0.34
C THR A 80 -10.41 -6.83 1.64
N GLY A 81 -9.30 -6.11 1.55
CA GLY A 81 -8.40 -5.77 2.67
C GLY A 81 -7.38 -4.70 2.24
N MET A 82 -6.42 -4.36 3.11
CA MET A 82 -5.38 -3.34 2.90
C MET A 82 -4.11 -3.68 3.70
N SER A 83 -3.02 -2.96 3.45
CA SER A 83 -1.78 -3.00 4.21
C SER A 83 -1.04 -1.65 4.08
N LEU A 84 0.01 -1.45 4.88
CA LEU A 84 0.72 -0.20 5.10
C LEU A 84 2.21 -0.49 5.26
N THR A 85 3.06 0.23 4.52
CA THR A 85 4.51 0.01 4.52
C THR A 85 5.19 1.38 4.57
N LEU A 86 6.19 1.53 5.43
CA LEU A 86 7.05 2.71 5.44
C LEU A 86 8.49 2.26 5.32
N LEU A 87 9.26 2.92 4.46
CA LEU A 87 10.70 2.74 4.29
C LEU A 87 11.34 4.01 4.81
N GLU A 88 12.39 3.89 5.63
CA GLU A 88 13.13 5.05 6.13
C GLU A 88 13.87 5.75 4.99
N GLN A 89 14.51 4.97 4.12
CA GLN A 89 15.31 5.47 3.00
C GLN A 89 14.46 5.76 1.77
N GLY A 90 13.31 5.10 1.65
CA GLY A 90 12.49 5.09 0.44
C GLY A 90 13.17 4.25 -0.65
N VAL A 91 12.43 3.89 -1.70
CA VAL A 91 12.97 3.28 -2.91
C VAL A 91 12.32 4.00 -4.11
N TYR A 92 12.88 3.87 -5.30
CA TYR A 92 12.50 4.69 -6.46
C TYR A 92 12.00 3.82 -7.60
N PHE A 93 10.68 3.65 -7.63
CA PHE A 93 9.95 3.02 -8.73
C PHE A 93 10.33 3.63 -10.10
N PRO A 94 10.46 2.81 -11.15
CA PRO A 94 10.59 3.31 -12.52
C PRO A 94 9.30 4.03 -12.93
N GLY A 95 9.38 4.90 -13.95
CA GLY A 95 8.23 5.63 -14.49
C GLY A 95 7.81 6.81 -13.61
N ASN A 96 7.91 6.67 -12.29
CA ASN A 96 7.75 7.76 -11.32
C ASN A 96 8.92 8.75 -11.43
N ASP A 97 8.91 9.82 -10.63
CA ASP A 97 9.88 10.91 -10.69
C ASP A 97 10.76 11.01 -9.44
N GLU A 98 10.33 10.44 -8.30
CA GLU A 98 11.08 10.48 -7.06
C GLU A 98 10.84 9.24 -6.16
N PRO A 99 11.71 8.99 -5.16
CA PRO A 99 11.54 7.89 -4.22
C PRO A 99 10.21 7.96 -3.45
N ILE A 100 9.73 6.80 -3.02
CA ILE A 100 8.54 6.64 -2.19
C ILE A 100 9.03 6.04 -0.88
N LYS A 101 8.65 6.68 0.21
CA LYS A 101 8.84 6.12 1.54
C LYS A 101 7.58 5.39 1.98
N LEU A 102 6.37 5.83 1.61
CA LEU A 102 5.13 5.28 2.17
C LEU A 102 4.28 4.67 1.08
N LEU A 103 3.82 3.46 1.33
CA LEU A 103 2.98 2.69 0.41
C LEU A 103 1.77 2.20 1.17
N ILE A 104 0.58 2.33 0.58
CA ILE A 104 -0.63 1.71 1.06
C ILE A 104 -0.98 0.64 0.02
N GLY A 105 -1.28 -0.56 0.49
CA GLY A 105 -1.79 -1.66 -0.31
C GLY A 105 -3.28 -1.79 -0.05
N LEU A 106 -3.99 -2.40 -0.99
CA LEU A 106 -5.42 -2.64 -0.98
C LEU A 106 -5.58 -3.98 -1.73
N SER A 107 -6.64 -4.73 -1.48
CA SER A 107 -7.09 -5.88 -2.24
C SER A 107 -8.60 -5.80 -2.22
N ALA A 108 -9.29 -6.21 -3.27
CA ALA A 108 -10.75 -6.14 -3.30
C ALA A 108 -11.28 -7.26 -4.17
N ALA A 109 -12.25 -8.02 -3.64
CA ALA A 109 -12.84 -9.12 -4.39
C ALA A 109 -13.80 -8.63 -5.47
N ASP A 110 -14.27 -7.38 -5.40
CA ASP A 110 -15.19 -6.78 -6.38
C ASP A 110 -14.84 -5.31 -6.61
N ALA A 111 -15.13 -4.79 -7.80
CA ALA A 111 -14.78 -3.44 -8.21
C ALA A 111 -15.41 -2.37 -7.30
N ASP A 112 -16.61 -2.58 -6.78
CA ASP A 112 -17.26 -1.62 -5.88
C ASP A 112 -16.67 -1.71 -4.47
N SER A 113 -16.24 -2.91 -4.06
CA SER A 113 -15.47 -3.08 -2.84
C SER A 113 -14.15 -2.32 -2.95
N HIS A 114 -13.50 -2.35 -4.12
CA HIS A 114 -12.33 -1.54 -4.45
C HIS A 114 -12.64 -0.06 -4.28
N ILE A 115 -13.76 0.41 -4.84
CA ILE A 115 -14.15 1.81 -4.74
C ILE A 115 -14.31 2.18 -3.26
N GLY A 116 -15.07 1.42 -2.47
CA GLY A 116 -15.30 1.72 -1.07
C GLY A 116 -14.00 1.73 -0.28
N ALA A 117 -13.08 0.81 -0.59
CA ALA A 117 -11.78 0.70 0.04
C ALA A 117 -10.92 1.92 -0.30
N ILE A 118 -10.76 2.25 -1.57
CA ILE A 118 -10.05 3.42 -2.06
C ILE A 118 -10.59 4.65 -1.34
N GLN A 119 -11.91 4.81 -1.27
CA GLN A 119 -12.56 5.97 -0.67
C GLN A 119 -12.35 6.03 0.85
N ALA A 120 -11.93 4.93 1.49
CA ALA A 120 -11.54 4.91 2.88
C ALA A 120 -10.07 5.27 3.00
N LEU A 121 -9.21 4.68 2.16
CA LEU A 121 -7.79 4.98 2.26
C LEU A 121 -7.50 6.41 1.84
N SER A 122 -8.34 6.99 1.01
CA SER A 122 -8.27 8.40 0.62
C SER A 122 -8.41 9.34 1.82
N GLU A 123 -9.01 8.89 2.95
CA GLU A 123 -9.06 9.67 4.18
C GLU A 123 -7.65 9.84 4.77
N LEU A 124 -6.72 8.99 4.32
CA LEU A 124 -5.31 9.01 4.71
C LEU A 124 -4.46 9.57 3.57
N LEU A 125 -4.50 8.94 2.38
CA LEU A 125 -3.69 9.33 1.22
C LEU A 125 -3.93 10.76 0.74
N CYS A 126 -5.12 11.33 0.96
CA CYS A 126 -5.46 12.66 0.45
C CYS A 126 -5.52 13.67 1.59
N GLU A 127 -4.77 13.41 2.66
CA GLU A 127 -4.67 14.27 3.83
C GLU A 127 -3.20 14.44 4.17
N GLU A 128 -2.62 15.55 3.73
CA GLU A 128 -1.20 15.85 3.91
C GLU A 128 -0.78 15.82 5.39
N GLU A 129 -1.71 16.09 6.30
CA GLU A 129 -1.46 16.03 7.73
C GLU A 129 -1.17 14.59 8.15
N ILE A 130 -1.96 13.65 7.64
CA ILE A 130 -1.76 12.22 7.83
C ILE A 130 -0.46 11.82 7.13
N LEU A 131 -0.23 12.28 5.90
CA LEU A 131 0.94 11.88 5.12
C LEU A 131 2.22 12.11 5.89
N GLU A 132 2.39 13.26 6.52
CA GLU A 132 3.58 13.57 7.29
C GLU A 132 3.68 12.66 8.50
N GLN A 133 2.57 12.35 9.17
CA GLN A 133 2.58 11.54 10.37
C GLN A 133 2.94 10.09 10.02
N LEU A 134 2.55 9.60 8.84
CA LEU A 134 3.03 8.32 8.33
C LEU A 134 4.51 8.44 7.99
N LEU A 135 4.87 9.44 7.19
CA LEU A 135 6.24 9.66 6.70
C LEU A 135 7.26 9.87 7.84
N THR A 136 6.81 10.09 9.07
CA THR A 136 7.65 10.31 10.24
C THR A 136 7.31 9.30 11.36
N ALA A 137 6.51 8.27 11.06
CA ALA A 137 6.09 7.24 12.01
C ALA A 137 7.31 6.57 12.63
N SER A 138 7.43 6.70 13.95
CA SER A 138 8.52 6.13 14.73
C SER A 138 8.43 4.61 14.84
N SER A 139 7.28 4.01 14.55
CA SER A 139 7.04 2.59 14.77
C SER A 139 5.89 2.09 13.91
N GLU A 140 5.78 0.76 13.79
CA GLU A 140 4.62 0.11 13.19
C GLU A 140 3.37 0.44 14.03
N LYS A 141 3.54 0.57 15.36
CA LYS A 141 2.45 0.99 16.24
C LYS A 141 1.94 2.38 15.86
N GLN A 142 2.79 3.31 15.46
CA GLN A 142 2.38 4.63 15.07
C GLN A 142 1.77 4.62 13.67
N LEU A 143 2.14 3.71 12.77
CA LEU A 143 1.42 3.54 11.51
C LEU A 143 0.01 3.03 11.82
N ALA A 144 -0.10 2.00 12.66
CA ALA A 144 -1.36 1.46 13.15
C ALA A 144 -2.22 2.49 13.89
N ASP A 145 -1.61 3.43 14.62
CA ASP A 145 -2.34 4.51 15.29
C ASP A 145 -3.05 5.39 14.27
N ILE A 146 -2.38 5.71 13.16
CA ILE A 146 -2.96 6.52 12.09
C ILE A 146 -4.07 5.75 11.40
N ILE A 147 -3.93 4.43 11.23
CA ILE A 147 -5.03 3.58 10.78
C ILE A 147 -6.20 3.72 11.74
N SER A 148 -5.94 3.52 13.03
CA SER A 148 -6.98 3.43 14.04
C SER A 148 -7.76 4.75 14.18
N ARG A 149 -7.10 5.88 13.86
CA ARG A 149 -7.68 7.21 13.82
C ARG A 149 -8.84 7.33 12.83
N GLY A 150 -8.84 6.54 11.76
CA GLY A 150 -9.80 6.63 10.68
C GLY A 150 -11.05 5.85 11.07
N MET A 4 -15.28 5.32 6.02
CA MET A 4 -15.31 4.00 6.70
C MET A 4 -14.33 3.98 7.86
N ARG A 5 -14.54 3.09 8.82
CA ARG A 5 -13.53 2.83 9.83
C ARG A 5 -12.35 2.20 9.09
N LEU A 6 -11.25 2.92 8.96
CA LEU A 6 -10.09 2.49 8.20
C LEU A 6 -9.65 1.11 8.67
N SER A 7 -9.60 0.93 9.98
CA SER A 7 -9.14 -0.26 10.67
C SER A 7 -9.89 -1.54 10.23
N ASP A 8 -11.08 -1.42 9.62
CA ASP A 8 -11.81 -2.57 9.08
C ASP A 8 -11.03 -3.26 7.95
N TYR A 9 -10.24 -2.50 7.20
CA TYR A 9 -9.53 -3.01 6.02
C TYR A 9 -8.15 -3.59 6.37
N PHE A 10 -7.51 -3.21 7.48
CA PHE A 10 -6.14 -3.62 7.81
C PHE A 10 -6.25 -4.81 8.80
N PRO A 11 -6.10 -6.08 8.36
CA PRO A 11 -6.42 -7.25 9.17
C PRO A 11 -5.46 -7.45 10.35
N GLU A 12 -4.29 -8.02 10.08
CA GLU A 12 -3.17 -8.19 10.99
C GLU A 12 -1.95 -8.35 10.09
N SER A 13 -0.77 -8.13 10.66
CA SER A 13 0.51 -8.12 9.97
C SER A 13 0.59 -7.07 8.84
N SER A 14 -0.49 -6.32 8.63
CA SER A 14 -0.76 -5.43 7.52
C SER A 14 -0.08 -4.08 7.66
N ILE A 15 0.75 -3.89 8.68
CA ILE A 15 1.36 -2.63 9.01
C ILE A 15 2.83 -2.98 9.25
N SER A 16 3.77 -2.23 8.67
CA SER A 16 5.20 -2.50 8.81
C SER A 16 6.02 -1.23 8.56
N VAL A 17 7.14 -1.11 9.27
CA VAL A 17 8.17 -0.12 9.04
C VAL A 17 9.43 -0.90 8.64
N ILE A 18 10.20 -0.34 7.72
CA ILE A 18 11.34 -0.95 7.07
C ILE A 18 12.42 0.14 6.99
N HIS A 19 13.70 -0.24 7.07
CA HIS A 19 14.77 0.73 6.83
C HIS A 19 14.84 1.06 5.34
N SER A 20 14.83 0.03 4.48
CA SER A 20 14.88 0.15 3.04
C SER A 20 14.37 -1.16 2.47
N ALA A 21 13.62 -1.09 1.37
CA ALA A 21 13.28 -2.30 0.62
C ALA A 21 14.51 -2.73 -0.17
N LYS A 22 14.58 -4.03 -0.48
CA LYS A 22 15.66 -4.61 -1.27
C LYS A 22 15.74 -3.89 -2.63
N ASP A 23 14.60 -3.65 -3.26
CA ASP A 23 14.40 -2.83 -4.44
C ASP A 23 12.91 -2.52 -4.57
N TRP A 24 12.50 -1.82 -5.63
CA TRP A 24 11.10 -1.52 -5.87
C TRP A 24 10.23 -2.75 -6.14
N GLN A 25 10.73 -3.84 -6.77
CA GLN A 25 9.99 -5.10 -6.88
C GLN A 25 9.69 -5.58 -5.44
N GLU A 26 10.71 -5.62 -4.58
CA GLU A 26 10.54 -6.01 -3.19
C GLU A 26 9.58 -5.07 -2.45
N ALA A 27 9.60 -3.78 -2.78
CA ALA A 27 8.74 -2.80 -2.14
C ALA A 27 7.26 -3.05 -2.49
N ILE A 28 6.97 -3.57 -3.68
CA ILE A 28 5.62 -4.04 -4.02
C ILE A 28 5.33 -5.27 -3.16
N ASP A 29 6.24 -6.25 -3.10
CA ASP A 29 6.03 -7.44 -2.30
C ASP A 29 5.73 -7.09 -0.85
N PHE A 30 6.50 -6.17 -0.26
CA PHE A 30 6.26 -5.65 1.08
C PHE A 30 4.94 -4.86 1.17
N SER A 31 4.45 -4.23 0.10
CA SER A 31 3.14 -3.60 0.08
C SER A 31 1.99 -4.62 0.11
N MET A 32 2.25 -5.89 -0.26
CA MET A 32 1.19 -6.86 -0.48
C MET A 32 1.30 -8.14 0.35
N VAL A 33 2.47 -8.48 0.91
CA VAL A 33 2.70 -9.80 1.51
C VAL A 33 1.71 -10.12 2.62
N SER A 34 1.31 -9.14 3.43
CA SER A 34 0.38 -9.37 4.53
C SER A 34 -1.02 -9.75 4.01
N LEU A 35 -1.38 -9.28 2.82
CA LEU A 35 -2.60 -9.67 2.13
C LEU A 35 -2.41 -11.06 1.52
N LEU A 36 -1.26 -11.31 0.87
CA LEU A 36 -0.94 -12.59 0.23
C LEU A 36 -1.05 -13.72 1.26
N ASP A 37 -0.37 -13.54 2.39
CA ASP A 37 -0.25 -14.48 3.49
C ASP A 37 -1.57 -14.95 4.06
N LYS A 38 -2.58 -14.10 3.95
CA LYS A 38 -3.89 -14.35 4.52
C LYS A 38 -4.91 -14.52 3.43
N ASN A 39 -4.44 -14.91 2.25
CA ASN A 39 -5.28 -15.30 1.13
C ASN A 39 -6.19 -14.17 0.62
N TYR A 40 -5.87 -12.90 0.91
CA TYR A 40 -6.62 -11.77 0.35
C TYR A 40 -6.35 -11.61 -1.15
N ILE A 41 -5.20 -12.08 -1.64
CA ILE A 41 -4.75 -11.99 -3.02
C ILE A 41 -3.99 -13.28 -3.39
N SER A 42 -3.57 -13.38 -4.65
CA SER A 42 -2.77 -14.46 -5.22
C SER A 42 -1.41 -13.88 -5.63
N GLU A 43 -0.37 -14.70 -5.81
CA GLU A 43 0.99 -14.21 -6.11
C GLU A 43 1.02 -13.37 -7.39
N ASN A 44 0.24 -13.77 -8.40
CA ASN A 44 0.09 -13.04 -9.65
C ASN A 44 -0.49 -11.64 -9.47
N TYR A 45 -1.20 -11.34 -8.36
CA TYR A 45 -1.67 -9.99 -8.07
C TYR A 45 -0.47 -9.06 -7.82
N ILE A 46 0.51 -9.52 -7.02
CA ILE A 46 1.72 -8.76 -6.77
C ILE A 46 2.45 -8.52 -8.10
N GLN A 47 2.66 -9.58 -8.89
CA GLN A 47 3.46 -9.45 -10.10
C GLN A 47 2.74 -8.62 -11.18
N ALA A 48 1.40 -8.52 -11.17
CA ALA A 48 0.67 -7.62 -12.06
C ALA A 48 1.11 -6.17 -11.86
N ILE A 49 1.27 -5.74 -10.59
CA ILE A 49 1.66 -4.39 -10.28
C ILE A 49 3.12 -4.19 -10.71
N LYS A 50 3.99 -5.15 -10.37
CA LYS A 50 5.40 -5.04 -10.71
C LYS A 50 5.56 -4.98 -12.24
N ASP A 51 4.81 -5.78 -12.99
CA ASP A 51 4.83 -5.80 -14.45
C ASP A 51 4.33 -4.48 -15.04
N SER A 52 3.31 -3.88 -14.43
CA SER A 52 2.88 -2.53 -14.80
C SER A 52 4.02 -1.53 -14.54
N THR A 53 4.71 -1.69 -13.42
CA THR A 53 5.85 -0.85 -13.06
C THR A 53 7.00 -1.02 -14.06
N ILE A 54 7.22 -2.23 -14.61
CA ILE A 54 8.18 -2.47 -15.69
C ILE A 54 7.72 -1.75 -16.97
N ASN A 55 6.42 -1.81 -17.29
CA ASN A 55 5.88 -1.37 -18.58
C ASN A 55 6.08 0.13 -18.82
N ASN A 56 6.00 0.92 -17.73
CA ASN A 56 5.95 2.37 -17.83
C ASN A 56 6.59 3.05 -16.61
N GLY A 57 6.28 2.56 -15.40
CA GLY A 57 6.62 3.19 -14.15
C GLY A 57 5.46 2.95 -13.17
N PRO A 58 5.54 3.45 -11.93
CA PRO A 58 4.47 3.25 -10.96
C PRO A 58 3.17 3.87 -11.46
N TYR A 59 2.07 3.13 -11.28
CA TYR A 59 0.72 3.55 -11.70
C TYR A 59 -0.10 4.10 -10.53
N TYR A 60 0.42 4.01 -9.31
CA TYR A 60 -0.31 4.28 -8.09
C TYR A 60 0.50 5.26 -7.26
N ILE A 61 0.46 6.54 -7.61
CA ILE A 61 1.18 7.62 -6.95
C ILE A 61 0.14 8.67 -6.56
N LEU A 62 0.24 9.19 -5.34
CA LEU A 62 -0.77 10.09 -4.76
C LEU A 62 -0.14 11.43 -4.36
N ALA A 63 1.13 11.40 -3.98
CA ALA A 63 1.95 12.58 -3.70
C ALA A 63 3.41 12.14 -3.84
N PRO A 64 4.36 13.07 -4.03
CA PRO A 64 5.79 12.74 -3.96
C PRO A 64 6.10 11.96 -2.67
N GLY A 65 6.61 10.74 -2.81
CA GLY A 65 6.94 9.87 -1.69
C GLY A 65 5.83 8.88 -1.30
N VAL A 66 4.63 8.96 -1.89
CA VAL A 66 3.45 8.23 -1.45
C VAL A 66 2.89 7.45 -2.65
N ALA A 67 2.88 6.12 -2.54
CA ALA A 67 2.32 5.22 -3.55
C ALA A 67 1.18 4.41 -2.94
N MET A 68 0.42 3.71 -3.79
CA MET A 68 -0.66 2.84 -3.34
C MET A 68 -0.73 1.55 -4.17
N PRO A 69 0.30 0.69 -4.16
CA PRO A 69 0.28 -0.54 -4.95
C PRO A 69 -0.99 -1.36 -4.69
N HIS A 70 -1.58 -1.85 -5.78
CA HIS A 70 -2.88 -2.51 -5.88
C HIS A 70 -3.09 -2.80 -7.37
N ALA A 71 -3.96 -3.76 -7.72
CA ALA A 71 -4.30 -4.15 -9.07
C ALA A 71 -5.80 -4.39 -9.15
N ARG A 72 -6.36 -4.42 -10.36
CA ARG A 72 -7.79 -4.73 -10.55
C ARG A 72 -8.10 -6.11 -9.95
N PRO A 73 -9.37 -6.36 -9.55
CA PRO A 73 -9.70 -7.59 -8.81
C PRO A 73 -9.31 -8.83 -9.64
N GLU A 74 -9.53 -8.76 -10.96
CA GLU A 74 -9.25 -9.84 -11.92
C GLU A 74 -7.77 -10.22 -11.99
N CYS A 75 -6.87 -9.39 -11.45
CA CYS A 75 -5.43 -9.65 -11.47
C CYS A 75 -5.03 -10.66 -10.38
N GLY A 76 -5.95 -11.03 -9.47
CA GLY A 76 -5.71 -12.07 -8.48
C GLY A 76 -6.25 -11.76 -7.08
N ALA A 77 -7.10 -10.74 -6.93
CA ALA A 77 -7.75 -10.49 -5.65
C ALA A 77 -8.72 -11.62 -5.34
N LEU A 78 -8.87 -11.93 -4.05
CA LEU A 78 -9.67 -13.04 -3.56
C LEU A 78 -10.61 -12.56 -2.45
N LYS A 79 -10.16 -11.61 -1.62
CA LYS A 79 -10.90 -11.05 -0.50
C LYS A 79 -10.47 -9.59 -0.31
N THR A 80 -11.32 -8.79 0.33
CA THR A 80 -11.09 -7.37 0.47
C THR A 80 -10.30 -7.04 1.74
N GLY A 81 -9.28 -6.17 1.62
CA GLY A 81 -8.40 -5.78 2.71
C GLY A 81 -7.38 -4.72 2.23
N MET A 82 -6.50 -4.29 3.14
CA MET A 82 -5.47 -3.29 2.92
C MET A 82 -4.23 -3.60 3.75
N SER A 83 -3.14 -2.87 3.48
CA SER A 83 -1.91 -2.88 4.25
C SER A 83 -1.22 -1.52 4.13
N LEU A 84 -0.19 -1.28 4.92
CA LEU A 84 0.51 -0.02 5.14
C LEU A 84 1.99 -0.31 5.37
N THR A 85 2.86 0.40 4.67
CA THR A 85 4.30 0.15 4.67
C THR A 85 5.00 1.51 4.66
N LEU A 86 6.06 1.66 5.46
CA LEU A 86 6.93 2.83 5.46
C LEU A 86 8.37 2.35 5.35
N LEU A 87 9.19 3.08 4.58
CA LEU A 87 10.61 2.85 4.39
C LEU A 87 11.32 4.11 4.88
N GLU A 88 12.30 3.98 5.78
CA GLU A 88 13.05 5.12 6.30
C GLU A 88 13.86 5.80 5.19
N GLN A 89 14.53 5.00 4.36
CA GLN A 89 15.37 5.47 3.26
C GLN A 89 14.57 5.71 1.99
N GLY A 90 13.41 5.06 1.88
CA GLY A 90 12.64 4.99 0.65
C GLY A 90 13.32 4.04 -0.34
N VAL A 91 12.70 3.81 -1.49
CA VAL A 91 13.32 3.12 -2.61
C VAL A 91 12.77 3.76 -3.88
N TYR A 92 13.46 3.59 -5.01
CA TYR A 92 13.17 4.36 -6.22
C TYR A 92 12.55 3.46 -7.28
N PHE A 93 11.23 3.56 -7.40
CA PHE A 93 10.45 2.96 -8.47
C PHE A 93 10.88 3.61 -9.80
N PRO A 94 10.97 2.85 -10.91
CA PRO A 94 11.58 3.30 -12.15
C PRO A 94 10.85 4.52 -12.73
N GLY A 95 11.61 5.56 -13.06
CA GLY A 95 11.13 6.74 -13.78
C GLY A 95 10.17 7.62 -12.99
N ASN A 96 9.98 7.39 -11.68
CA ASN A 96 9.07 8.18 -10.88
C ASN A 96 9.66 9.57 -10.56
N ASP A 97 8.85 10.49 -10.04
CA ASP A 97 9.31 11.82 -9.66
C ASP A 97 10.38 11.77 -8.57
N GLU A 98 10.20 10.88 -7.59
CA GLU A 98 11.14 10.68 -6.49
C GLU A 98 10.94 9.28 -5.85
N PRO A 99 11.89 8.79 -5.03
CA PRO A 99 11.71 7.59 -4.22
C PRO A 99 10.41 7.58 -3.42
N ILE A 100 9.80 6.41 -3.29
CA ILE A 100 8.64 6.21 -2.43
C ILE A 100 9.18 5.93 -1.03
N LYS A 101 8.57 6.56 -0.02
CA LYS A 101 8.83 6.23 1.38
C LYS A 101 7.62 5.58 2.01
N LEU A 102 6.42 5.70 1.43
CA LEU A 102 5.20 5.23 2.07
C LEU A 102 4.29 4.60 1.02
N LEU A 103 3.72 3.45 1.36
CA LEU A 103 2.90 2.65 0.44
C LEU A 103 1.70 2.13 1.20
N ILE A 104 0.52 2.15 0.58
CA ILE A 104 -0.66 1.46 1.09
C ILE A 104 -1.00 0.38 0.07
N GLY A 105 -1.17 -0.85 0.55
CA GLY A 105 -1.70 -1.96 -0.22
C GLY A 105 -3.21 -1.96 -0.10
N LEU A 106 -3.91 -2.43 -1.13
CA LEU A 106 -5.35 -2.64 -1.13
C LEU A 106 -5.62 -3.84 -2.05
N SER A 107 -6.61 -4.65 -1.71
CA SER A 107 -7.17 -5.68 -2.55
C SER A 107 -8.66 -5.69 -2.28
N ALA A 108 -9.49 -5.97 -3.28
CA ALA A 108 -10.91 -6.19 -3.07
C ALA A 108 -11.42 -7.23 -4.05
N ALA A 109 -12.38 -8.03 -3.61
CA ALA A 109 -12.93 -9.09 -4.44
C ALA A 109 -13.89 -8.52 -5.50
N ASP A 110 -14.36 -7.28 -5.33
CA ASP A 110 -15.26 -6.63 -6.29
C ASP A 110 -14.87 -5.18 -6.52
N ALA A 111 -15.24 -4.60 -7.67
CA ALA A 111 -14.91 -3.23 -8.02
C ALA A 111 -15.52 -2.22 -7.05
N ASP A 112 -16.75 -2.42 -6.57
CA ASP A 112 -17.37 -1.51 -5.61
C ASP A 112 -16.73 -1.64 -4.24
N SER A 113 -16.26 -2.84 -3.89
CA SER A 113 -15.44 -3.06 -2.70
C SER A 113 -14.11 -2.30 -2.83
N HIS A 114 -13.50 -2.26 -4.02
CA HIS A 114 -12.34 -1.40 -4.26
C HIS A 114 -12.69 0.07 -4.07
N ILE A 115 -13.83 0.53 -4.61
CA ILE A 115 -14.27 1.91 -4.42
C ILE A 115 -14.36 2.22 -2.92
N GLY A 116 -15.04 1.39 -2.13
CA GLY A 116 -15.17 1.63 -0.70
C GLY A 116 -13.81 1.68 0.01
N ALA A 117 -12.89 0.80 -0.37
CA ALA A 117 -11.56 0.72 0.22
C ALA A 117 -10.73 1.95 -0.14
N ILE A 118 -10.72 2.35 -1.41
CA ILE A 118 -10.07 3.53 -1.91
C ILE A 118 -10.63 4.75 -1.17
N GLN A 119 -11.96 4.84 -1.03
CA GLN A 119 -12.62 5.97 -0.37
C GLN A 119 -12.34 5.99 1.14
N ALA A 120 -11.76 4.92 1.68
CA ALA A 120 -11.31 4.87 3.05
C ALA A 120 -9.86 5.31 3.10
N LEU A 121 -8.99 4.73 2.27
CA LEU A 121 -7.58 5.05 2.34
C LEU A 121 -7.32 6.48 1.89
N SER A 122 -8.16 7.03 1.02
CA SER A 122 -8.05 8.43 0.60
C SER A 122 -8.24 9.39 1.78
N GLU A 123 -8.87 8.98 2.88
CA GLU A 123 -8.93 9.77 4.11
C GLU A 123 -7.52 9.96 4.69
N LEU A 124 -6.58 9.10 4.27
CA LEU A 124 -5.19 9.06 4.69
C LEU A 124 -4.26 9.55 3.57
N LEU A 125 -4.24 8.89 2.41
CA LEU A 125 -3.33 9.21 1.30
C LEU A 125 -3.58 10.57 0.66
N CYS A 126 -4.74 11.20 0.86
CA CYS A 126 -5.06 12.50 0.30
C CYS A 126 -5.16 13.56 1.39
N GLU A 127 -4.45 13.34 2.50
CA GLU A 127 -4.55 14.16 3.68
C GLU A 127 -3.16 14.38 4.26
N GLU A 128 -2.56 15.53 3.93
CA GLU A 128 -1.19 15.87 4.30
C GLU A 128 -0.97 15.79 5.82
N GLU A 129 -2.03 16.00 6.62
CA GLU A 129 -1.96 15.90 8.07
C GLU A 129 -1.59 14.47 8.47
N ILE A 130 -2.22 13.48 7.84
CA ILE A 130 -1.94 12.08 8.04
C ILE A 130 -0.58 11.76 7.40
N LEU A 131 -0.32 12.23 6.18
CA LEU A 131 0.87 11.84 5.45
C LEU A 131 2.12 12.12 6.25
N GLU A 132 2.20 13.26 6.93
CA GLU A 132 3.37 13.62 7.71
C GLU A 132 3.46 12.74 8.94
N GLN A 133 2.34 12.34 9.56
CA GLN A 133 2.36 11.49 10.74
C GLN A 133 2.92 10.12 10.35
N LEU A 134 2.51 9.59 9.18
CA LEU A 134 3.01 8.30 8.70
C LEU A 134 4.48 8.46 8.33
N LEU A 135 4.80 9.50 7.57
CA LEU A 135 6.17 9.81 7.16
C LEU A 135 7.10 10.12 8.34
N THR A 136 6.59 10.21 9.57
CA THR A 136 7.38 10.39 10.80
C THR A 136 7.10 9.25 11.80
N ALA A 137 6.44 8.16 11.38
CA ALA A 137 6.12 7.02 12.21
C ALA A 137 7.40 6.32 12.67
N SER A 138 7.71 6.44 13.96
CA SER A 138 8.88 5.82 14.57
C SER A 138 8.71 4.29 14.73
N SER A 139 7.49 3.76 14.61
CA SER A 139 7.21 2.36 14.87
C SER A 139 6.01 1.89 14.03
N GLU A 140 5.88 0.57 13.93
CA GLU A 140 4.72 -0.11 13.37
C GLU A 140 3.47 0.32 14.14
N LYS A 141 3.58 0.45 15.47
CA LYS A 141 2.49 0.90 16.33
C LYS A 141 2.02 2.29 15.93
N GLN A 142 2.93 3.20 15.58
CA GLN A 142 2.56 4.52 15.13
C GLN A 142 1.81 4.50 13.80
N LEU A 143 2.19 3.64 12.84
CA LEU A 143 1.45 3.53 11.58
C LEU A 143 0.01 3.06 11.90
N ALA A 144 -0.13 2.01 12.70
CA ALA A 144 -1.40 1.51 13.20
C ALA A 144 -2.22 2.55 13.98
N ASP A 145 -1.56 3.41 14.76
CA ASP A 145 -2.22 4.47 15.52
C ASP A 145 -2.90 5.46 14.56
N ILE A 146 -2.25 5.77 13.45
CA ILE A 146 -2.78 6.65 12.42
C ILE A 146 -3.91 5.96 11.66
N ILE A 147 -3.83 4.65 11.42
CA ILE A 147 -4.95 3.87 10.90
C ILE A 147 -6.16 4.01 11.82
N SER A 148 -5.93 3.88 13.13
CA SER A 148 -7.00 3.76 14.10
C SER A 148 -7.86 5.03 14.20
N ARG A 149 -7.35 6.21 13.80
CA ARG A 149 -8.13 7.44 13.80
C ARG A 149 -9.23 7.40 12.75
N GLY A 150 -8.94 6.76 11.62
CA GLY A 150 -9.74 6.80 10.43
C GLY A 150 -11.11 6.19 10.68
N MET A 4 -15.44 5.32 5.96
CA MET A 4 -15.37 4.01 6.67
C MET A 4 -14.27 4.03 7.70
N ARG A 5 -14.41 3.18 8.73
CA ARG A 5 -13.33 2.95 9.64
C ARG A 5 -12.23 2.27 8.87
N LEU A 6 -11.11 2.97 8.75
CA LEU A 6 -9.94 2.48 8.03
C LEU A 6 -9.56 1.12 8.59
N SER A 7 -9.55 1.00 9.90
CA SER A 7 -9.21 -0.19 10.67
C SER A 7 -9.98 -1.44 10.20
N ASP A 8 -11.18 -1.30 9.62
CA ASP A 8 -11.95 -2.44 9.12
C ASP A 8 -11.20 -3.22 8.03
N TYR A 9 -10.33 -2.54 7.27
CA TYR A 9 -9.66 -3.11 6.11
C TYR A 9 -8.29 -3.72 6.44
N PHE A 10 -7.68 -3.46 7.60
CA PHE A 10 -6.32 -3.89 7.92
C PHE A 10 -6.40 -5.12 8.86
N PRO A 11 -5.97 -6.33 8.44
CA PRO A 11 -6.07 -7.54 9.24
C PRO A 11 -5.28 -7.46 10.56
N GLU A 12 -3.96 -7.62 10.51
CA GLU A 12 -3.08 -7.61 11.67
C GLU A 12 -1.64 -7.37 11.26
N SER A 13 -1.03 -8.36 10.59
CA SER A 13 0.33 -8.31 10.08
C SER A 13 0.49 -7.28 8.94
N SER A 14 -0.57 -6.54 8.65
CA SER A 14 -0.72 -5.65 7.51
C SER A 14 0.16 -4.40 7.61
N ILE A 15 0.81 -4.15 8.75
CA ILE A 15 1.48 -2.90 9.03
C ILE A 15 2.94 -3.23 9.28
N SER A 16 3.84 -2.57 8.54
CA SER A 16 5.27 -2.83 8.60
C SER A 16 6.08 -1.55 8.42
N VAL A 17 7.25 -1.50 9.04
CA VAL A 17 8.26 -0.48 8.85
C VAL A 17 9.54 -1.24 8.50
N ILE A 18 10.30 -0.72 7.54
CA ILE A 18 11.49 -1.34 6.99
C ILE A 18 12.49 -0.19 6.78
N HIS A 19 13.80 -0.50 6.86
CA HIS A 19 14.82 0.51 6.63
C HIS A 19 14.85 0.89 5.14
N SER A 20 14.85 -0.11 4.26
CA SER A 20 14.87 0.03 2.81
C SER A 20 14.45 -1.32 2.23
N ALA A 21 13.75 -1.34 1.09
CA ALA A 21 13.48 -2.61 0.41
C ALA A 21 14.74 -3.05 -0.31
N LYS A 22 14.80 -4.34 -0.66
CA LYS A 22 15.87 -4.91 -1.47
C LYS A 22 15.94 -4.18 -2.82
N ASP A 23 14.78 -3.93 -3.43
CA ASP A 23 14.59 -3.18 -4.67
C ASP A 23 13.10 -2.90 -4.83
N TRP A 24 12.78 -2.19 -5.90
CA TRP A 24 11.44 -1.79 -6.26
C TRP A 24 10.50 -2.99 -6.52
N GLN A 25 10.97 -4.11 -7.08
CA GLN A 25 10.17 -5.35 -7.15
C GLN A 25 9.86 -5.79 -5.70
N GLU A 26 10.89 -5.88 -4.85
CA GLU A 26 10.70 -6.31 -3.46
C GLU A 26 9.77 -5.37 -2.70
N ALA A 27 9.81 -4.08 -2.99
CA ALA A 27 9.00 -3.08 -2.34
C ALA A 27 7.51 -3.32 -2.62
N ILE A 28 7.17 -3.87 -3.79
CA ILE A 28 5.80 -4.28 -4.09
C ILE A 28 5.47 -5.53 -3.26
N ASP A 29 6.36 -6.52 -3.21
CA ASP A 29 6.14 -7.72 -2.41
C ASP A 29 5.92 -7.36 -0.95
N PHE A 30 6.74 -6.47 -0.38
CA PHE A 30 6.56 -5.96 0.97
C PHE A 30 5.25 -5.15 1.10
N SER A 31 4.77 -4.49 0.05
CA SER A 31 3.48 -3.82 0.06
C SER A 31 2.32 -4.82 0.13
N MET A 32 2.47 -6.06 -0.36
CA MET A 32 1.34 -6.97 -0.53
C MET A 32 1.45 -8.28 0.28
N VAL A 33 2.61 -8.64 0.83
CA VAL A 33 2.83 -9.97 1.42
C VAL A 33 1.83 -10.28 2.53
N SER A 34 1.48 -9.32 3.40
CA SER A 34 0.56 -9.57 4.49
C SER A 34 -0.86 -9.89 3.98
N LEU A 35 -1.18 -9.47 2.76
CA LEU A 35 -2.43 -9.79 2.09
C LEU A 35 -2.32 -11.17 1.45
N LEU A 36 -1.18 -11.47 0.80
CA LEU A 36 -0.90 -12.76 0.18
C LEU A 36 -1.03 -13.88 1.22
N ASP A 37 -0.38 -13.66 2.36
CA ASP A 37 -0.30 -14.60 3.49
C ASP A 37 -1.65 -15.03 4.03
N LYS A 38 -2.63 -14.14 3.92
CA LYS A 38 -3.96 -14.36 4.48
C LYS A 38 -4.97 -14.54 3.37
N ASN A 39 -4.48 -14.94 2.21
CA ASN A 39 -5.30 -15.30 1.05
C ASN A 39 -6.24 -14.16 0.61
N TYR A 40 -5.88 -12.90 0.89
CA TYR A 40 -6.60 -11.75 0.32
C TYR A 40 -6.32 -11.65 -1.19
N ILE A 41 -5.19 -12.17 -1.66
CA ILE A 41 -4.72 -12.10 -3.04
C ILE A 41 -4.00 -13.41 -3.40
N SER A 42 -3.58 -13.52 -4.65
CA SER A 42 -2.79 -14.61 -5.23
C SER A 42 -1.44 -14.04 -5.68
N GLU A 43 -0.40 -14.87 -5.84
CA GLU A 43 0.96 -14.40 -6.13
C GLU A 43 1.04 -13.58 -7.43
N ASN A 44 0.21 -13.91 -8.43
CA ASN A 44 0.11 -13.15 -9.68
C ASN A 44 -0.24 -11.69 -9.42
N TYR A 45 -1.01 -11.39 -8.38
CA TYR A 45 -1.44 -10.04 -8.05
C TYR A 45 -0.22 -9.15 -7.77
N ILE A 46 0.74 -9.65 -6.98
CA ILE A 46 1.97 -8.94 -6.70
C ILE A 46 2.69 -8.68 -8.03
N GLN A 47 2.86 -9.70 -8.87
CA GLN A 47 3.58 -9.53 -10.11
C GLN A 47 2.84 -8.65 -11.13
N ALA A 48 1.50 -8.55 -11.05
CA ALA A 48 0.72 -7.65 -11.89
C ALA A 48 1.09 -6.19 -11.61
N ILE A 49 1.22 -5.81 -10.33
CA ILE A 49 1.60 -4.45 -9.97
C ILE A 49 3.05 -4.25 -10.43
N LYS A 50 3.93 -5.21 -10.13
CA LYS A 50 5.34 -5.09 -10.49
C LYS A 50 5.50 -4.92 -12.00
N ASP A 51 4.78 -5.70 -12.80
CA ASP A 51 4.85 -5.67 -14.26
C ASP A 51 4.29 -4.36 -14.81
N SER A 52 3.21 -3.84 -14.23
CA SER A 52 2.67 -2.53 -14.57
C SER A 52 3.71 -1.43 -14.25
N THR A 53 4.39 -1.56 -13.12
CA THR A 53 5.44 -0.65 -12.69
C THR A 53 6.64 -0.70 -13.65
N ILE A 54 7.00 -1.87 -14.19
CA ILE A 54 8.02 -2.00 -15.23
C ILE A 54 7.54 -1.36 -16.54
N ASN A 55 6.26 -1.57 -16.91
CA ASN A 55 5.72 -1.19 -18.21
C ASN A 55 5.72 0.31 -18.43
N ASN A 56 5.44 1.07 -17.37
CA ASN A 56 5.18 2.49 -17.44
C ASN A 56 5.70 3.21 -16.19
N GLY A 57 5.44 2.66 -15.02
CA GLY A 57 5.78 3.26 -13.74
C GLY A 57 4.68 2.97 -12.73
N PRO A 58 4.86 3.34 -11.45
CA PRO A 58 3.83 3.26 -10.42
C PRO A 58 2.48 3.79 -10.91
N TYR A 59 1.44 2.96 -10.75
CA TYR A 59 0.08 3.30 -11.17
C TYR A 59 -0.69 4.01 -10.05
N TYR A 60 -0.16 4.03 -8.83
CA TYR A 60 -0.85 4.49 -7.64
C TYR A 60 0.10 5.38 -6.85
N ILE A 61 -0.05 6.69 -7.02
CA ILE A 61 0.80 7.74 -6.45
C ILE A 61 -0.19 8.85 -6.07
N LEU A 62 0.01 9.48 -4.90
CA LEU A 62 -0.96 10.41 -4.33
C LEU A 62 -0.33 11.72 -3.87
N ALA A 63 0.96 11.68 -3.54
CA ALA A 63 1.75 12.84 -3.14
C ALA A 63 3.22 12.45 -3.34
N PRO A 64 4.16 13.42 -3.42
CA PRO A 64 5.58 13.12 -3.44
C PRO A 64 5.96 12.15 -2.32
N GLY A 65 6.44 10.96 -2.66
CA GLY A 65 6.90 9.96 -1.71
C GLY A 65 5.82 8.99 -1.23
N VAL A 66 4.59 9.05 -1.78
CA VAL A 66 3.43 8.34 -1.26
C VAL A 66 2.77 7.58 -2.41
N ALA A 67 2.63 6.26 -2.27
CA ALA A 67 1.99 5.36 -3.23
C ALA A 67 0.83 4.63 -2.56
N MET A 68 -0.04 4.00 -3.37
CA MET A 68 -1.12 3.15 -2.87
C MET A 68 -1.24 1.85 -3.67
N PRO A 69 -0.23 0.96 -3.67
CA PRO A 69 -0.24 -0.23 -4.52
C PRO A 69 -1.52 -1.07 -4.42
N HIS A 70 -1.87 -1.67 -5.55
CA HIS A 70 -3.13 -2.35 -5.86
C HIS A 70 -3.09 -2.75 -7.33
N ALA A 71 -3.84 -3.80 -7.70
CA ALA A 71 -4.11 -4.20 -9.07
C ALA A 71 -5.61 -4.50 -9.16
N ARG A 72 -6.21 -4.33 -10.34
CA ARG A 72 -7.64 -4.55 -10.53
C ARG A 72 -8.01 -5.96 -10.03
N PRO A 73 -9.17 -6.17 -9.38
CA PRO A 73 -9.53 -7.42 -8.71
C PRO A 73 -9.19 -8.69 -9.50
N GLU A 74 -9.48 -8.73 -10.80
CA GLU A 74 -9.26 -9.88 -11.68
C GLU A 74 -7.78 -10.26 -11.86
N CYS A 75 -6.83 -9.44 -11.36
CA CYS A 75 -5.40 -9.74 -11.38
C CYS A 75 -5.03 -10.74 -10.27
N GLY A 76 -5.99 -11.19 -9.45
CA GLY A 76 -5.78 -12.25 -8.47
C GLY A 76 -6.23 -11.88 -7.07
N ALA A 77 -6.99 -10.79 -6.90
CA ALA A 77 -7.63 -10.51 -5.62
C ALA A 77 -8.66 -11.60 -5.32
N LEU A 78 -8.85 -11.89 -4.04
CA LEU A 78 -9.70 -12.99 -3.55
C LEU A 78 -10.60 -12.50 -2.41
N LYS A 79 -10.15 -11.52 -1.63
CA LYS A 79 -10.87 -10.91 -0.52
C LYS A 79 -10.50 -9.42 -0.51
N THR A 80 -11.23 -8.60 0.23
CA THR A 80 -10.98 -7.17 0.30
C THR A 80 -10.26 -6.84 1.62
N GLY A 81 -9.10 -6.16 1.54
CA GLY A 81 -8.27 -5.81 2.69
C GLY A 81 -7.10 -4.91 2.27
N MET A 82 -6.30 -4.43 3.23
CA MET A 82 -5.27 -3.40 3.02
C MET A 82 -4.00 -3.70 3.82
N SER A 83 -2.94 -2.97 3.50
CA SER A 83 -1.62 -3.03 4.13
C SER A 83 -1.02 -1.63 4.19
N LEU A 84 0.03 -1.43 4.98
CA LEU A 84 0.61 -0.15 5.36
C LEU A 84 2.11 -0.35 5.53
N THR A 85 2.92 0.21 4.63
CA THR A 85 4.36 -0.04 4.57
C THR A 85 5.07 1.30 4.60
N LEU A 86 6.19 1.42 5.33
CA LEU A 86 7.01 2.61 5.34
C LEU A 86 8.48 2.19 5.25
N LEU A 87 9.28 3.01 4.56
CA LEU A 87 10.67 2.75 4.22
C LEU A 87 11.46 3.93 4.75
N GLU A 88 12.30 3.73 5.76
CA GLU A 88 13.06 4.80 6.41
C GLU A 88 13.97 5.54 5.43
N GLN A 89 14.40 4.91 4.34
CA GLN A 89 15.33 5.48 3.36
C GLN A 89 14.68 5.64 1.98
N GLY A 90 13.44 5.15 1.81
CA GLY A 90 12.74 5.09 0.54
C GLY A 90 13.35 4.11 -0.45
N VAL A 91 12.62 3.84 -1.53
CA VAL A 91 13.03 3.02 -2.68
C VAL A 91 12.51 3.77 -3.92
N TYR A 92 13.20 3.67 -5.06
CA TYR A 92 12.93 4.51 -6.21
C TYR A 92 12.46 3.67 -7.39
N PHE A 93 11.14 3.66 -7.62
CA PHE A 93 10.56 3.00 -8.79
C PHE A 93 11.10 3.61 -10.10
N PRO A 94 11.15 2.82 -11.19
CA PRO A 94 11.79 3.21 -12.44
C PRO A 94 10.99 4.21 -13.29
N GLY A 95 9.78 4.64 -12.87
CA GLY A 95 8.88 5.43 -13.70
C GLY A 95 8.01 6.38 -12.89
N ASN A 96 8.55 6.95 -11.80
CA ASN A 96 7.90 8.01 -11.03
C ASN A 96 8.90 9.14 -10.80
N ASP A 97 8.42 10.34 -10.47
CA ASP A 97 9.26 11.54 -10.39
C ASP A 97 10.20 11.55 -9.18
N GLU A 98 9.90 10.78 -8.13
CA GLU A 98 10.66 10.77 -6.88
C GLU A 98 10.59 9.39 -6.19
N PRO A 99 11.46 9.09 -5.21
CA PRO A 99 11.43 7.82 -4.49
C PRO A 99 10.27 7.80 -3.49
N ILE A 100 9.74 6.61 -3.22
CA ILE A 100 8.59 6.41 -2.33
C ILE A 100 9.12 5.98 -0.98
N LYS A 101 8.54 6.55 0.08
CA LYS A 101 8.81 6.14 1.44
C LYS A 101 7.60 5.45 2.05
N LEU A 102 6.40 5.53 1.45
CA LEU A 102 5.17 5.08 2.09
C LEU A 102 4.23 4.47 1.06
N LEU A 103 3.69 3.28 1.36
CA LEU A 103 2.86 2.51 0.43
C LEU A 103 1.69 1.92 1.22
N ILE A 104 0.49 2.32 0.87
CA ILE A 104 -0.73 1.74 1.45
C ILE A 104 -1.20 0.72 0.42
N GLY A 105 -1.11 -0.57 0.75
CA GLY A 105 -1.65 -1.60 -0.12
C GLY A 105 -3.17 -1.68 0.02
N LEU A 106 -3.87 -2.09 -1.03
CA LEU A 106 -5.29 -2.39 -1.04
C LEU A 106 -5.45 -3.60 -1.98
N SER A 107 -6.35 -4.51 -1.64
CA SER A 107 -6.85 -5.61 -2.45
C SER A 107 -8.36 -5.64 -2.28
N ALA A 108 -9.10 -5.98 -3.33
CA ALA A 108 -10.56 -5.94 -3.30
C ALA A 108 -11.10 -7.06 -4.18
N ALA A 109 -12.10 -7.77 -3.69
CA ALA A 109 -12.68 -8.90 -4.39
C ALA A 109 -13.62 -8.45 -5.52
N ASP A 110 -14.16 -7.24 -5.44
CA ASP A 110 -15.11 -6.69 -6.42
C ASP A 110 -14.86 -5.19 -6.60
N ALA A 111 -15.26 -4.64 -7.76
CA ALA A 111 -15.04 -3.25 -8.11
C ALA A 111 -15.69 -2.27 -7.12
N ASP A 112 -16.86 -2.59 -6.57
CA ASP A 112 -17.49 -1.72 -5.57
C ASP A 112 -16.80 -1.83 -4.22
N SER A 113 -16.26 -3.01 -3.90
CA SER A 113 -15.39 -3.19 -2.74
C SER A 113 -14.13 -2.34 -2.91
N HIS A 114 -13.55 -2.30 -4.13
CA HIS A 114 -12.44 -1.43 -4.47
C HIS A 114 -12.81 0.03 -4.23
N ILE A 115 -13.96 0.49 -4.74
CA ILE A 115 -14.43 1.86 -4.56
C ILE A 115 -14.50 2.19 -3.06
N GLY A 116 -15.21 1.38 -2.27
CA GLY A 116 -15.40 1.66 -0.84
C GLY A 116 -14.06 1.71 -0.10
N ALA A 117 -13.14 0.82 -0.46
CA ALA A 117 -11.82 0.72 0.12
C ALA A 117 -10.95 1.92 -0.25
N ILE A 118 -10.90 2.29 -1.53
CA ILE A 118 -10.18 3.47 -2.02
C ILE A 118 -10.69 4.70 -1.28
N GLN A 119 -12.02 4.82 -1.12
CA GLN A 119 -12.66 5.94 -0.46
C GLN A 119 -12.40 5.96 1.04
N ALA A 120 -11.84 4.88 1.62
CA ALA A 120 -11.35 4.90 2.99
C ALA A 120 -9.95 5.44 2.96
N LEU A 121 -9.12 4.97 2.03
CA LEU A 121 -7.70 5.31 1.99
C LEU A 121 -7.48 6.76 1.57
N SER A 122 -8.38 7.30 0.74
CA SER A 122 -8.38 8.70 0.38
C SER A 122 -8.57 9.61 1.61
N GLU A 123 -9.13 9.12 2.72
CA GLU A 123 -9.25 9.90 3.95
C GLU A 123 -7.85 10.14 4.55
N LEU A 124 -6.92 9.21 4.29
CA LEU A 124 -5.56 9.27 4.82
C LEU A 124 -4.60 9.87 3.80
N LEU A 125 -4.40 9.24 2.64
CA LEU A 125 -3.35 9.64 1.71
C LEU A 125 -3.62 10.95 0.95
N CYS A 126 -4.78 11.60 1.14
CA CYS A 126 -5.09 12.90 0.55
C CYS A 126 -5.16 13.99 1.61
N GLU A 127 -4.42 13.82 2.71
CA GLU A 127 -4.50 14.64 3.90
C GLU A 127 -3.07 14.81 4.40
N GLU A 128 -2.44 15.94 4.06
CA GLU A 128 -1.04 16.20 4.34
C GLU A 128 -0.71 16.10 5.84
N GLU A 129 -1.71 16.33 6.69
CA GLU A 129 -1.55 16.20 8.14
C GLU A 129 -1.23 14.75 8.49
N ILE A 130 -1.98 13.82 7.91
CA ILE A 130 -1.78 12.39 8.06
C ILE A 130 -0.48 12.00 7.38
N LEU A 131 -0.20 12.52 6.18
CA LEU A 131 0.96 12.09 5.40
C LEU A 131 2.24 12.26 6.19
N GLU A 132 2.41 13.40 6.86
CA GLU A 132 3.61 13.66 7.63
C GLU A 132 3.68 12.72 8.83
N GLN A 133 2.55 12.42 9.47
CA GLN A 133 2.54 11.57 10.66
C GLN A 133 2.92 10.13 10.26
N LEU A 134 2.50 9.67 9.07
CA LEU A 134 2.94 8.37 8.55
C LEU A 134 4.41 8.45 8.17
N LEU A 135 4.76 9.45 7.37
CA LEU A 135 6.12 9.65 6.84
C LEU A 135 7.17 9.84 7.95
N THR A 136 6.78 10.06 9.20
CA THR A 136 7.67 10.24 10.34
C THR A 136 7.41 9.17 11.42
N ALA A 137 6.57 8.16 11.14
CA ALA A 137 6.29 7.06 12.05
C ALA A 137 7.57 6.29 12.35
N SER A 138 8.00 6.32 13.60
CA SER A 138 9.19 5.61 14.08
C SER A 138 8.93 4.10 14.22
N SER A 139 7.67 3.68 14.32
CA SER A 139 7.29 2.31 14.67
C SER A 139 5.99 1.94 13.97
N GLU A 140 5.76 0.63 13.81
CA GLU A 140 4.57 0.08 13.15
C GLU A 140 3.30 0.48 13.90
N LYS A 141 3.35 0.51 15.25
CA LYS A 141 2.24 0.96 16.06
C LYS A 141 1.85 2.40 15.73
N GLN A 142 2.82 3.26 15.42
CA GLN A 142 2.59 4.63 15.05
C GLN A 142 1.91 4.75 13.68
N LEU A 143 2.21 3.85 12.71
CA LEU A 143 1.45 3.84 11.46
C LEU A 143 0.02 3.40 11.77
N ALA A 144 -0.16 2.36 12.58
CA ALA A 144 -1.47 1.84 12.97
C ALA A 144 -2.30 2.82 13.81
N ASP A 145 -1.68 3.72 14.56
CA ASP A 145 -2.40 4.75 15.29
C ASP A 145 -3.17 5.65 14.31
N ILE A 146 -2.56 5.95 13.16
CA ILE A 146 -3.12 6.78 12.13
C ILE A 146 -4.24 6.00 11.41
N ILE A 147 -4.09 4.67 11.25
CA ILE A 147 -5.20 3.81 10.80
C ILE A 147 -6.37 3.99 11.75
N SER A 148 -6.09 3.86 13.04
CA SER A 148 -7.14 3.79 14.04
C SER A 148 -7.90 5.13 14.13
N ARG A 149 -7.23 6.24 13.83
CA ARG A 149 -7.79 7.58 13.69
C ARG A 149 -8.84 7.68 12.57
N GLY A 150 -8.70 6.87 11.51
CA GLY A 150 -9.53 6.95 10.31
C GLY A 150 -10.92 6.39 10.57
N MET A 4 -14.98 5.45 6.72
CA MET A 4 -15.17 4.09 7.29
C MET A 4 -13.97 3.71 8.14
N ARG A 5 -14.16 2.80 9.10
CA ARG A 5 -13.06 2.23 9.85
C ARG A 5 -12.01 1.60 8.95
N LEU A 6 -10.83 2.20 8.91
CA LEU A 6 -9.66 1.63 8.26
C LEU A 6 -9.35 0.26 8.87
N SER A 7 -9.60 0.09 10.18
CA SER A 7 -9.44 -1.16 10.90
C SER A 7 -10.31 -2.30 10.35
N ASP A 8 -11.28 -2.02 9.47
CA ASP A 8 -12.02 -3.06 8.77
C ASP A 8 -11.34 -3.52 7.47
N TYR A 9 -10.63 -2.61 6.78
CA TYR A 9 -9.93 -2.95 5.55
C TYR A 9 -8.54 -3.50 5.85
N PHE A 10 -7.82 -2.87 6.78
CA PHE A 10 -6.46 -3.27 7.13
C PHE A 10 -6.61 -4.38 8.21
N PRO A 11 -6.12 -5.62 7.98
CA PRO A 11 -6.40 -6.78 8.84
C PRO A 11 -5.47 -6.83 10.06
N GLU A 12 -4.40 -7.62 10.00
CA GLU A 12 -3.32 -7.71 10.97
C GLU A 12 -2.07 -8.14 10.21
N SER A 13 -0.91 -7.95 10.83
CA SER A 13 0.41 -8.07 10.24
C SER A 13 0.59 -7.15 9.03
N SER A 14 -0.31 -6.18 8.87
CA SER A 14 -0.50 -5.33 7.73
C SER A 14 0.06 -3.93 7.94
N ILE A 15 0.97 -3.77 8.90
CA ILE A 15 1.77 -2.57 9.10
C ILE A 15 3.18 -3.09 9.30
N SER A 16 4.17 -2.39 8.76
CA SER A 16 5.57 -2.63 9.07
C SER A 16 6.36 -1.36 8.78
N VAL A 17 7.43 -1.17 9.54
CA VAL A 17 8.44 -0.16 9.30
C VAL A 17 9.70 -0.97 8.95
N ILE A 18 10.37 -0.55 7.89
CA ILE A 18 11.45 -1.29 7.25
C ILE A 18 12.60 -0.30 7.07
N HIS A 19 13.85 -0.77 7.13
CA HIS A 19 14.97 0.11 6.91
C HIS A 19 15.03 0.57 5.45
N SER A 20 14.83 -0.32 4.48
CA SER A 20 14.92 -0.04 3.06
C SER A 20 14.28 -1.22 2.32
N ALA A 21 13.66 -1.00 1.16
CA ALA A 21 13.20 -2.13 0.35
C ALA A 21 14.43 -2.72 -0.36
N LYS A 22 14.40 -4.03 -0.59
CA LYS A 22 15.49 -4.73 -1.27
C LYS A 22 15.68 -4.20 -2.70
N ASP A 23 14.57 -3.87 -3.36
CA ASP A 23 14.47 -3.24 -4.67
C ASP A 23 13.06 -2.71 -4.81
N TRP A 24 12.71 -2.10 -5.93
CA TRP A 24 11.37 -1.66 -6.21
C TRP A 24 10.39 -2.83 -6.35
N GLN A 25 10.86 -3.97 -6.90
CA GLN A 25 10.14 -5.25 -6.92
C GLN A 25 9.76 -5.58 -5.48
N GLU A 26 10.72 -5.55 -4.56
CA GLU A 26 10.48 -5.86 -3.16
C GLU A 26 9.57 -4.82 -2.50
N ALA A 27 9.63 -3.56 -2.95
CA ALA A 27 8.82 -2.50 -2.39
C ALA A 27 7.34 -2.77 -2.71
N ILE A 28 7.03 -3.30 -3.90
CA ILE A 28 5.68 -3.79 -4.21
C ILE A 28 5.41 -5.02 -3.32
N ASP A 29 6.36 -5.94 -3.24
CA ASP A 29 6.20 -7.20 -2.53
C ASP A 29 5.82 -6.96 -1.08
N PHE A 30 6.51 -6.03 -0.41
CA PHE A 30 6.20 -5.58 0.94
C PHE A 30 4.85 -4.83 0.99
N SER A 31 4.46 -4.10 -0.06
CA SER A 31 3.13 -3.48 -0.11
C SER A 31 2.01 -4.53 -0.06
N MET A 32 2.28 -5.77 -0.48
CA MET A 32 1.25 -6.78 -0.68
C MET A 32 1.40 -8.04 0.18
N VAL A 33 2.57 -8.37 0.73
CA VAL A 33 2.77 -9.67 1.39
C VAL A 33 1.83 -9.87 2.58
N SER A 34 1.50 -8.82 3.33
CA SER A 34 0.59 -8.96 4.45
C SER A 34 -0.81 -9.37 3.99
N LEU A 35 -1.21 -8.98 2.78
CA LEU A 35 -2.44 -9.42 2.14
C LEU A 35 -2.24 -10.87 1.66
N LEU A 36 -1.09 -11.16 1.04
CA LEU A 36 -0.76 -12.49 0.52
C LEU A 36 -0.84 -13.54 1.63
N ASP A 37 -0.36 -13.19 2.83
CA ASP A 37 -0.21 -14.09 3.97
C ASP A 37 -1.54 -14.58 4.52
N LYS A 38 -2.61 -13.77 4.41
CA LYS A 38 -3.98 -14.21 4.77
C LYS A 38 -4.75 -14.62 3.51
N ASN A 39 -4.08 -14.82 2.39
CA ASN A 39 -4.62 -15.00 1.04
C ASN A 39 -5.75 -14.03 0.64
N TYR A 40 -5.58 -12.74 0.97
CA TYR A 40 -6.42 -11.66 0.43
C TYR A 40 -6.21 -11.53 -1.08
N ILE A 41 -5.09 -12.05 -1.60
CA ILE A 41 -4.64 -11.98 -2.98
C ILE A 41 -3.93 -13.30 -3.32
N SER A 42 -3.64 -13.47 -4.61
CA SER A 42 -2.78 -14.52 -5.16
C SER A 42 -1.43 -13.88 -5.50
N GLU A 43 -0.36 -14.68 -5.61
CA GLU A 43 0.97 -14.15 -5.93
C GLU A 43 0.99 -13.42 -7.28
N ASN A 44 0.17 -13.85 -8.24
CA ASN A 44 0.04 -13.21 -9.54
C ASN A 44 -0.37 -11.74 -9.42
N TYR A 45 -1.21 -11.41 -8.42
CA TYR A 45 -1.69 -10.06 -8.20
C TYR A 45 -0.53 -9.10 -7.94
N ILE A 46 0.45 -9.55 -7.18
CA ILE A 46 1.64 -8.79 -6.83
C ILE A 46 2.43 -8.51 -8.11
N GLN A 47 2.68 -9.54 -8.93
CA GLN A 47 3.40 -9.37 -10.18
C GLN A 47 2.64 -8.54 -11.19
N ALA A 48 1.30 -8.54 -11.14
CA ALA A 48 0.49 -7.67 -11.99
C ALA A 48 0.88 -6.21 -11.79
N ILE A 49 1.09 -5.76 -10.54
CA ILE A 49 1.52 -4.40 -10.26
C ILE A 49 2.95 -4.24 -10.76
N LYS A 50 3.84 -5.19 -10.44
CA LYS A 50 5.25 -5.04 -10.77
C LYS A 50 5.47 -4.96 -12.30
N ASP A 51 4.79 -5.81 -13.06
CA ASP A 51 4.88 -5.85 -14.52
C ASP A 51 4.31 -4.59 -15.13
N SER A 52 3.19 -4.09 -14.61
CA SER A 52 2.63 -2.82 -15.04
C SER A 52 3.60 -1.66 -14.72
N THR A 53 4.31 -1.77 -13.59
CA THR A 53 5.33 -0.80 -13.20
C THR A 53 6.51 -0.80 -14.19
N ILE A 54 6.94 -1.97 -14.70
CA ILE A 54 7.93 -2.05 -15.77
C ILE A 54 7.36 -1.40 -17.06
N ASN A 55 6.10 -1.70 -17.38
CA ASN A 55 5.50 -1.33 -18.67
C ASN A 55 5.34 0.17 -18.86
N ASN A 56 5.10 0.90 -17.77
CA ASN A 56 4.68 2.29 -17.84
C ASN A 56 5.24 3.10 -16.67
N GLY A 57 5.02 2.66 -15.44
CA GLY A 57 5.47 3.35 -14.22
C GLY A 57 4.61 2.88 -13.04
N PRO A 58 4.98 3.24 -11.79
CA PRO A 58 4.34 2.67 -10.61
C PRO A 58 2.83 2.89 -10.60
N TYR A 59 2.14 1.80 -10.28
CA TYR A 59 0.70 1.73 -10.27
C TYR A 59 0.24 2.18 -8.91
N TYR A 60 0.10 3.51 -8.85
CA TYR A 60 -0.51 4.39 -7.85
C TYR A 60 0.55 5.19 -7.10
N ILE A 61 0.64 6.48 -7.41
CA ILE A 61 1.45 7.48 -6.72
C ILE A 61 0.48 8.61 -6.38
N LEU A 62 0.58 9.16 -5.16
CA LEU A 62 -0.42 10.10 -4.62
C LEU A 62 0.22 11.43 -4.25
N ALA A 63 1.48 11.42 -3.84
CA ALA A 63 2.27 12.60 -3.51
C ALA A 63 3.76 12.19 -3.60
N PRO A 64 4.70 13.13 -3.75
CA PRO A 64 6.12 12.84 -3.62
C PRO A 64 6.37 12.08 -2.31
N GLY A 65 6.79 10.81 -2.42
CA GLY A 65 7.09 9.96 -1.27
C GLY A 65 5.99 8.96 -0.93
N VAL A 66 4.81 9.00 -1.58
CA VAL A 66 3.62 8.23 -1.19
C VAL A 66 3.05 7.50 -2.41
N ALA A 67 2.84 6.18 -2.28
CA ALA A 67 2.25 5.30 -3.28
C ALA A 67 1.06 4.54 -2.66
N MET A 68 0.24 3.91 -3.50
CA MET A 68 -0.89 3.10 -3.03
C MET A 68 -1.07 1.81 -3.86
N PRO A 69 -0.08 0.89 -3.90
CA PRO A 69 -0.14 -0.25 -4.81
C PRO A 69 -1.43 -1.09 -4.67
N HIS A 70 -1.92 -1.54 -5.81
CA HIS A 70 -3.21 -2.19 -6.06
C HIS A 70 -3.22 -2.57 -7.55
N ALA A 71 -3.99 -3.59 -7.90
CA ALA A 71 -4.27 -4.04 -9.26
C ALA A 71 -5.77 -4.33 -9.35
N ARG A 72 -6.31 -4.35 -10.57
CA ARG A 72 -7.73 -4.67 -10.75
C ARG A 72 -8.03 -6.02 -10.09
N PRO A 73 -9.21 -6.22 -9.48
CA PRO A 73 -9.57 -7.46 -8.79
C PRO A 73 -9.22 -8.72 -9.58
N GLU A 74 -9.48 -8.70 -10.89
CA GLU A 74 -9.30 -9.83 -11.81
C GLU A 74 -7.84 -10.30 -11.91
N CYS A 75 -6.88 -9.53 -11.41
CA CYS A 75 -5.46 -9.88 -11.42
C CYS A 75 -5.12 -10.92 -10.35
N GLY A 76 -6.08 -11.32 -9.51
CA GLY A 76 -5.90 -12.38 -8.53
C GLY A 76 -6.27 -11.95 -7.11
N ALA A 77 -7.04 -10.86 -6.93
CA ALA A 77 -7.59 -10.55 -5.63
C ALA A 77 -8.60 -11.63 -5.23
N LEU A 78 -8.69 -11.91 -3.93
CA LEU A 78 -9.49 -12.99 -3.37
C LEU A 78 -10.38 -12.50 -2.23
N LYS A 79 -9.95 -11.46 -1.52
CA LYS A 79 -10.70 -10.79 -0.47
C LYS A 79 -10.38 -9.30 -0.54
N THR A 80 -11.25 -8.45 -0.01
CA THR A 80 -11.02 -7.03 0.06
C THR A 80 -10.29 -6.70 1.36
N GLY A 81 -9.15 -6.00 1.27
CA GLY A 81 -8.35 -5.60 2.42
C GLY A 81 -7.27 -4.59 2.05
N MET A 82 -6.46 -4.16 3.00
CA MET A 82 -5.41 -3.14 2.85
C MET A 82 -4.18 -3.48 3.69
N SER A 83 -3.07 -2.77 3.48
CA SER A 83 -1.88 -2.81 4.33
C SER A 83 -1.09 -1.50 4.19
N LEU A 84 -0.19 -1.21 5.12
CA LEU A 84 0.65 -0.02 5.22
C LEU A 84 2.09 -0.49 5.29
N THR A 85 2.99 0.17 4.56
CA THR A 85 4.43 -0.09 4.58
C THR A 85 5.12 1.26 4.67
N LEU A 86 6.14 1.36 5.52
CA LEU A 86 7.00 2.53 5.57
C LEU A 86 8.47 2.11 5.50
N LEU A 87 9.29 2.93 4.84
CA LEU A 87 10.74 2.76 4.75
C LEU A 87 11.43 3.92 5.46
N GLU A 88 12.55 3.63 6.12
CA GLU A 88 13.45 4.67 6.63
C GLU A 88 14.22 5.27 5.45
N GLN A 89 14.54 4.45 4.44
CA GLN A 89 15.16 4.82 3.18
C GLN A 89 14.26 4.30 2.06
N GLY A 90 13.38 5.19 1.57
CA GLY A 90 12.49 4.93 0.45
C GLY A 90 13.25 4.52 -0.81
N VAL A 91 12.52 3.92 -1.74
CA VAL A 91 13.05 3.32 -2.97
C VAL A 91 12.21 3.85 -4.13
N TYR A 92 12.84 4.06 -5.29
CA TYR A 92 12.20 4.66 -6.46
C TYR A 92 11.91 3.57 -7.49
N PHE A 93 11.19 3.95 -8.54
CA PHE A 93 10.61 3.04 -9.52
C PHE A 93 11.04 3.34 -10.96
N PRO A 94 10.98 2.36 -11.88
CA PRO A 94 11.43 2.52 -13.26
C PRO A 94 10.67 3.57 -14.10
N GLY A 95 9.60 4.18 -13.57
CA GLY A 95 8.87 5.27 -14.22
C GLY A 95 8.53 6.42 -13.27
N ASN A 96 9.18 6.51 -12.10
CA ASN A 96 9.05 7.64 -11.18
C ASN A 96 10.34 7.73 -10.36
N ASP A 97 11.13 8.77 -10.62
CA ASP A 97 12.48 8.93 -10.08
C ASP A 97 12.51 9.32 -8.60
N GLU A 98 11.42 9.91 -8.07
CA GLU A 98 11.32 10.30 -6.70
C GLU A 98 11.08 9.02 -5.89
N PRO A 99 11.87 8.74 -4.84
CA PRO A 99 11.71 7.54 -4.05
C PRO A 99 10.46 7.64 -3.18
N ILE A 100 9.85 6.49 -2.90
CA ILE A 100 8.65 6.37 -2.08
C ILE A 100 9.09 5.81 -0.75
N LYS A 101 8.78 6.54 0.33
CA LYS A 101 8.94 6.05 1.68
C LYS A 101 7.68 5.34 2.17
N LEU A 102 6.50 5.61 1.62
CA LEU A 102 5.24 5.15 2.17
C LEU A 102 4.38 4.53 1.10
N LEU A 103 3.89 3.31 1.34
CA LEU A 103 3.07 2.56 0.41
C LEU A 103 1.87 2.05 1.17
N ILE A 104 0.69 2.12 0.56
CA ILE A 104 -0.54 1.61 1.14
C ILE A 104 -1.12 0.61 0.15
N GLY A 105 -1.04 -0.68 0.49
CA GLY A 105 -1.64 -1.74 -0.29
C GLY A 105 -3.16 -1.69 -0.16
N LEU A 106 -3.87 -2.08 -1.21
CA LEU A 106 -5.31 -2.31 -1.24
C LEU A 106 -5.50 -3.50 -2.19
N SER A 107 -6.32 -4.48 -1.83
CA SER A 107 -6.81 -5.55 -2.69
C SER A 107 -8.33 -5.59 -2.55
N ALA A 108 -9.06 -5.96 -3.59
CA ALA A 108 -10.52 -5.96 -3.54
C ALA A 108 -11.05 -7.13 -4.36
N ALA A 109 -12.00 -7.87 -3.81
CA ALA A 109 -12.63 -8.99 -4.50
C ALA A 109 -13.58 -8.51 -5.60
N ASP A 110 -14.04 -7.25 -5.55
CA ASP A 110 -14.93 -6.65 -6.54
C ASP A 110 -14.62 -5.17 -6.67
N ALA A 111 -14.90 -4.58 -7.84
CA ALA A 111 -14.57 -3.18 -8.13
C ALA A 111 -15.25 -2.20 -7.18
N ASP A 112 -16.46 -2.49 -6.69
CA ASP A 112 -17.15 -1.60 -5.75
C ASP A 112 -16.58 -1.75 -4.34
N SER A 113 -16.10 -2.93 -3.98
CA SER A 113 -15.34 -3.15 -2.76
C SER A 113 -14.02 -2.35 -2.81
N HIS A 114 -13.39 -2.29 -3.99
CA HIS A 114 -12.24 -1.41 -4.24
C HIS A 114 -12.63 0.04 -4.00
N ILE A 115 -13.77 0.49 -4.53
CA ILE A 115 -14.24 1.85 -4.34
C ILE A 115 -14.39 2.12 -2.83
N GLY A 116 -15.05 1.24 -2.09
CA GLY A 116 -15.24 1.41 -0.65
C GLY A 116 -13.90 1.53 0.09
N ALA A 117 -12.92 0.72 -0.28
CA ALA A 117 -11.60 0.70 0.34
C ALA A 117 -10.82 1.97 -0.02
N ILE A 118 -10.81 2.37 -1.29
CA ILE A 118 -10.21 3.61 -1.75
C ILE A 118 -10.80 4.76 -0.94
N GLN A 119 -12.13 4.79 -0.79
CA GLN A 119 -12.86 5.85 -0.09
C GLN A 119 -12.57 5.87 1.42
N ALA A 120 -11.90 4.83 1.94
CA ALA A 120 -11.40 4.78 3.30
C ALA A 120 -9.95 5.20 3.36
N LEU A 121 -9.12 4.74 2.42
CA LEU A 121 -7.71 5.04 2.49
C LEU A 121 -7.42 6.46 2.04
N SER A 122 -8.28 7.03 1.21
CA SER A 122 -8.18 8.45 0.82
C SER A 122 -8.29 9.38 2.05
N GLU A 123 -8.88 8.92 3.17
CA GLU A 123 -8.89 9.69 4.41
C GLU A 123 -7.47 9.82 4.96
N LEU A 124 -6.57 8.94 4.52
CA LEU A 124 -5.15 8.94 4.84
C LEU A 124 -4.31 9.52 3.69
N LEU A 125 -4.34 8.89 2.50
CA LEU A 125 -3.54 9.28 1.33
C LEU A 125 -3.78 10.71 0.86
N CYS A 126 -4.98 11.24 1.02
CA CYS A 126 -5.33 12.56 0.50
C CYS A 126 -5.39 13.59 1.63
N GLU A 127 -4.62 13.35 2.69
CA GLU A 127 -4.50 14.22 3.85
C GLU A 127 -3.03 14.38 4.16
N GLU A 128 -2.45 15.48 3.69
CA GLU A 128 -1.03 15.78 3.85
C GLU A 128 -0.59 15.77 5.32
N GLU A 129 -1.51 16.08 6.24
CA GLU A 129 -1.26 16.03 7.66
C GLU A 129 -1.00 14.59 8.11
N ILE A 130 -1.80 13.65 7.62
CA ILE A 130 -1.63 12.24 7.87
C ILE A 130 -0.37 11.76 7.17
N LEU A 131 -0.12 12.20 5.92
CA LEU A 131 1.04 11.76 5.15
C LEU A 131 2.32 12.00 5.94
N GLU A 132 2.47 13.16 6.56
CA GLU A 132 3.63 13.49 7.36
C GLU A 132 3.69 12.59 8.59
N GLN A 133 2.56 12.32 9.25
CA GLN A 133 2.54 11.57 10.49
C GLN A 133 2.88 10.09 10.23
N LEU A 134 2.57 9.57 9.04
CA LEU A 134 3.01 8.26 8.57
C LEU A 134 4.48 8.36 8.17
N LEU A 135 4.82 9.31 7.30
CA LEU A 135 6.17 9.49 6.75
C LEU A 135 7.24 9.69 7.83
N THR A 136 6.86 10.10 9.04
CA THR A 136 7.75 10.33 10.16
C THR A 136 7.50 9.34 11.31
N ALA A 137 6.69 8.29 11.07
CA ALA A 137 6.35 7.28 12.07
C ALA A 137 7.61 6.56 12.55
N SER A 138 8.00 6.81 13.80
CA SER A 138 9.16 6.20 14.42
C SER A 138 8.93 4.72 14.78
N SER A 139 7.69 4.22 14.72
CA SER A 139 7.34 2.90 15.18
C SER A 139 6.05 2.46 14.50
N GLU A 140 5.88 1.15 14.36
CA GLU A 140 4.73 0.53 13.67
C GLU A 140 3.42 0.93 14.35
N LYS A 141 3.43 1.08 15.67
CA LYS A 141 2.29 1.53 16.48
C LYS A 141 1.67 2.83 15.99
N GLN A 142 2.47 3.76 15.50
CA GLN A 142 2.01 5.06 15.05
C GLN A 142 1.24 4.93 13.73
N LEU A 143 1.62 4.01 12.82
CA LEU A 143 0.83 3.76 11.62
C LEU A 143 -0.55 3.23 12.05
N ALA A 144 -0.57 2.27 12.98
CA ALA A 144 -1.81 1.71 13.53
C ALA A 144 -2.65 2.76 14.27
N ASP A 145 -2.04 3.78 14.88
CA ASP A 145 -2.78 4.87 15.50
C ASP A 145 -3.48 5.70 14.44
N ILE A 146 -2.79 6.04 13.35
CA ILE A 146 -3.33 6.79 12.23
C ILE A 146 -4.48 6.00 11.58
N ILE A 147 -4.34 4.68 11.48
CA ILE A 147 -5.43 3.78 11.07
C ILE A 147 -6.62 3.98 12.00
N SER A 148 -6.39 3.83 13.30
CA SER A 148 -7.47 3.78 14.29
C SER A 148 -8.23 5.12 14.36
N ARG A 149 -7.56 6.22 14.01
CA ARG A 149 -8.13 7.55 13.86
C ARG A 149 -9.26 7.61 12.83
N GLY A 150 -9.24 6.75 11.83
CA GLY A 150 -10.17 6.78 10.70
C GLY A 150 -11.33 5.86 11.01
N MET A 4 -15.41 5.34 6.22
CA MET A 4 -15.40 4.00 6.84
C MET A 4 -14.33 3.92 7.90
N ARG A 5 -14.54 3.06 8.91
CA ARG A 5 -13.47 2.75 9.84
C ARG A 5 -12.33 2.11 9.06
N LEU A 6 -11.21 2.82 9.02
CA LEU A 6 -10.03 2.43 8.26
C LEU A 6 -9.59 1.06 8.71
N SER A 7 -9.59 0.82 10.02
CA SER A 7 -9.14 -0.40 10.67
C SER A 7 -9.81 -1.65 10.09
N ASP A 8 -11.02 -1.55 9.53
CA ASP A 8 -11.72 -2.68 8.92
C ASP A 8 -10.90 -3.28 7.76
N TYR A 9 -10.08 -2.46 7.09
CA TYR A 9 -9.30 -2.85 5.92
C TYR A 9 -7.91 -3.37 6.29
N PHE A 10 -7.39 -3.21 7.52
CA PHE A 10 -6.01 -3.55 7.88
C PHE A 10 -6.05 -4.72 8.88
N PRO A 11 -6.13 -5.99 8.41
CA PRO A 11 -6.40 -7.14 9.26
C PRO A 11 -5.43 -7.37 10.44
N GLU A 12 -4.13 -7.44 10.18
CA GLU A 12 -3.16 -7.88 11.20
C GLU A 12 -1.73 -7.45 10.91
N SER A 13 -0.97 -8.25 10.17
CA SER A 13 0.40 -7.96 9.74
C SER A 13 0.44 -6.81 8.71
N SER A 14 -0.65 -6.06 8.63
CA SER A 14 -0.98 -5.07 7.63
C SER A 14 -0.22 -3.76 7.82
N ILE A 15 0.76 -3.72 8.71
CA ILE A 15 1.46 -2.55 9.13
C ILE A 15 2.92 -3.00 9.21
N SER A 16 3.88 -2.27 8.62
CA SER A 16 5.30 -2.54 8.81
C SER A 16 6.12 -1.28 8.51
N VAL A 17 7.10 -1.02 9.37
CA VAL A 17 8.14 -0.02 9.15
C VAL A 17 9.40 -0.82 8.84
N ILE A 18 10.19 -0.35 7.88
CA ILE A 18 11.31 -1.09 7.29
C ILE A 18 12.51 -0.14 7.18
N HIS A 19 13.72 -0.66 7.38
CA HIS A 19 14.95 0.11 7.26
C HIS A 19 15.22 0.51 5.80
N SER A 20 14.89 -0.35 4.84
CA SER A 20 15.00 -0.12 3.40
C SER A 20 14.36 -1.33 2.71
N ALA A 21 13.68 -1.15 1.59
CA ALA A 21 13.24 -2.31 0.80
C ALA A 21 14.45 -2.78 -0.02
N LYS A 22 14.51 -4.08 -0.30
CA LYS A 22 15.62 -4.69 -1.04
C LYS A 22 15.76 -4.06 -2.43
N ASP A 23 14.64 -3.81 -3.11
CA ASP A 23 14.54 -3.08 -4.37
C ASP A 23 13.06 -2.75 -4.61
N TRP A 24 12.72 -2.15 -5.75
CA TRP A 24 11.34 -1.76 -5.99
C TRP A 24 10.39 -2.96 -6.17
N GLN A 25 10.88 -4.09 -6.71
CA GLN A 25 10.11 -5.34 -6.75
C GLN A 25 9.80 -5.75 -5.30
N GLU A 26 10.81 -5.72 -4.42
CA GLU A 26 10.59 -6.02 -3.01
C GLU A 26 9.62 -5.03 -2.36
N ALA A 27 9.68 -3.77 -2.75
CA ALA A 27 8.82 -2.73 -2.21
C ALA A 27 7.34 -3.03 -2.53
N ILE A 28 7.04 -3.61 -3.71
CA ILE A 28 5.70 -4.09 -4.02
C ILE A 28 5.38 -5.30 -3.15
N ASP A 29 6.31 -6.26 -3.05
CA ASP A 29 6.08 -7.46 -2.23
C ASP A 29 5.75 -7.08 -0.81
N PHE A 30 6.52 -6.16 -0.20
CA PHE A 30 6.24 -5.61 1.11
C PHE A 30 4.90 -4.86 1.14
N SER A 31 4.49 -4.17 0.05
CA SER A 31 3.17 -3.54 -0.02
C SER A 31 2.03 -4.55 0.03
N MET A 32 2.26 -5.82 -0.30
CA MET A 32 1.18 -6.79 -0.49
C MET A 32 1.27 -8.03 0.39
N VAL A 33 2.42 -8.37 0.98
CA VAL A 33 2.63 -9.66 1.65
C VAL A 33 1.62 -9.90 2.77
N SER A 34 1.22 -8.86 3.51
CA SER A 34 0.25 -9.02 4.60
C SER A 34 -1.08 -9.58 4.07
N LEU A 35 -1.47 -9.15 2.86
CA LEU A 35 -2.67 -9.60 2.19
C LEU A 35 -2.42 -10.97 1.58
N LEU A 36 -1.24 -11.21 0.99
CA LEU A 36 -0.87 -12.51 0.44
C LEU A 36 -0.97 -13.58 1.53
N ASP A 37 -0.52 -13.25 2.74
CA ASP A 37 -0.37 -14.17 3.86
C ASP A 37 -1.70 -14.69 4.40
N LYS A 38 -2.76 -13.88 4.35
CA LYS A 38 -4.12 -14.35 4.70
C LYS A 38 -4.89 -14.73 3.43
N ASN A 39 -4.21 -14.95 2.30
CA ASN A 39 -4.75 -15.16 0.96
C ASN A 39 -5.88 -14.19 0.53
N TYR A 40 -5.75 -12.91 0.88
CA TYR A 40 -6.60 -11.84 0.32
C TYR A 40 -6.32 -11.69 -1.17
N ILE A 41 -5.15 -12.16 -1.64
CA ILE A 41 -4.68 -12.11 -3.01
C ILE A 41 -3.90 -13.40 -3.30
N SER A 42 -3.58 -13.66 -4.57
CA SER A 42 -2.66 -14.70 -5.00
C SER A 42 -1.30 -14.06 -5.33
N GLU A 43 -0.25 -14.86 -5.47
CA GLU A 43 1.11 -14.37 -5.77
C GLU A 43 1.17 -13.63 -7.11
N ASN A 44 0.32 -14.01 -8.07
CA ASN A 44 0.24 -13.34 -9.38
C ASN A 44 -0.12 -11.87 -9.23
N TYR A 45 -0.94 -11.52 -8.22
CA TYR A 45 -1.41 -10.17 -8.00
C TYR A 45 -0.24 -9.20 -7.76
N ILE A 46 0.76 -9.64 -6.98
CA ILE A 46 1.97 -8.87 -6.74
C ILE A 46 2.67 -8.59 -8.07
N GLN A 47 2.88 -9.63 -8.90
CA GLN A 47 3.56 -9.45 -10.17
C GLN A 47 2.76 -8.62 -11.16
N ALA A 48 1.44 -8.63 -11.09
CA ALA A 48 0.60 -7.78 -11.91
C ALA A 48 0.97 -6.30 -11.73
N ILE A 49 1.19 -5.86 -10.49
CA ILE A 49 1.58 -4.48 -10.22
C ILE A 49 3.01 -4.28 -10.74
N LYS A 50 3.92 -5.22 -10.48
CA LYS A 50 5.31 -5.04 -10.89
C LYS A 50 5.44 -4.96 -12.41
N ASP A 51 4.70 -5.78 -13.15
CA ASP A 51 4.66 -5.77 -14.61
C ASP A 51 4.09 -4.45 -15.13
N SER A 52 3.06 -3.93 -14.46
CA SER A 52 2.52 -2.60 -14.76
C SER A 52 3.59 -1.52 -14.50
N THR A 53 4.41 -1.70 -13.45
CA THR A 53 5.49 -0.78 -13.12
C THR A 53 6.58 -0.82 -14.19
N ILE A 54 6.91 -2.00 -14.74
CA ILE A 54 7.82 -2.15 -15.88
C ILE A 54 7.21 -1.46 -17.12
N ASN A 55 5.91 -1.62 -17.34
CA ASN A 55 5.25 -1.18 -18.58
C ASN A 55 5.25 0.34 -18.73
N ASN A 56 5.13 1.06 -17.62
CA ASN A 56 4.89 2.50 -17.63
C ASN A 56 5.50 3.19 -16.41
N GLY A 57 5.25 2.67 -15.21
CA GLY A 57 5.65 3.29 -13.96
C GLY A 57 4.64 2.91 -12.87
N PRO A 58 4.82 3.38 -11.63
CA PRO A 58 3.92 3.07 -10.53
C PRO A 58 2.53 3.61 -10.87
N TYR A 59 1.53 2.73 -10.87
CA TYR A 59 0.18 3.06 -11.32
C TYR A 59 -0.61 3.84 -10.26
N TYR A 60 -0.12 3.86 -9.02
CA TYR A 60 -0.83 4.36 -7.87
C TYR A 60 0.10 5.25 -7.07
N ILE A 61 -0.04 6.57 -7.27
CA ILE A 61 0.71 7.62 -6.59
C ILE A 61 -0.34 8.64 -6.16
N LEU A 62 -0.18 9.21 -4.95
CA LEU A 62 -1.06 10.27 -4.45
C LEU A 62 -0.31 11.58 -4.27
N ALA A 63 0.99 11.50 -3.95
CA ALA A 63 1.88 12.62 -3.71
C ALA A 63 3.31 12.13 -3.95
N PRO A 64 4.27 13.02 -4.24
CA PRO A 64 5.69 12.66 -4.25
C PRO A 64 6.05 11.87 -2.99
N GLY A 65 6.60 10.67 -3.16
CA GLY A 65 7.01 9.82 -2.05
C GLY A 65 5.89 8.95 -1.46
N VAL A 66 4.65 8.99 -1.97
CA VAL A 66 3.50 8.25 -1.44
C VAL A 66 2.86 7.48 -2.60
N ALA A 67 2.97 6.14 -2.56
CA ALA A 67 2.33 5.25 -3.50
C ALA A 67 1.17 4.52 -2.84
N MET A 68 0.33 3.85 -3.64
CA MET A 68 -0.78 3.06 -3.13
C MET A 68 -0.98 1.75 -3.93
N PRO A 69 0.00 0.83 -3.96
CA PRO A 69 -0.05 -0.32 -4.83
C PRO A 69 -1.36 -1.14 -4.70
N HIS A 70 -1.80 -1.64 -5.85
CA HIS A 70 -3.09 -2.29 -6.12
C HIS A 70 -3.05 -2.70 -7.60
N ALA A 71 -3.82 -3.73 -7.94
CA ALA A 71 -4.11 -4.16 -9.31
C ALA A 71 -5.60 -4.48 -9.37
N ARG A 72 -6.19 -4.36 -10.57
CA ARG A 72 -7.62 -4.60 -10.75
C ARG A 72 -7.98 -5.99 -10.19
N PRO A 73 -9.16 -6.18 -9.56
CA PRO A 73 -9.52 -7.40 -8.84
C PRO A 73 -9.17 -8.69 -9.61
N GLU A 74 -9.46 -8.74 -10.91
CA GLU A 74 -9.26 -9.92 -11.77
C GLU A 74 -7.80 -10.37 -11.86
N CYS A 75 -6.84 -9.55 -11.43
CA CYS A 75 -5.41 -9.87 -11.48
C CYS A 75 -5.01 -10.88 -10.38
N GLY A 76 -5.91 -11.22 -9.47
CA GLY A 76 -5.66 -12.20 -8.42
C GLY A 76 -6.16 -11.77 -7.04
N ALA A 77 -7.00 -10.72 -6.93
CA ALA A 77 -7.65 -10.43 -5.66
C ALA A 77 -8.69 -11.51 -5.36
N LEU A 78 -8.83 -11.83 -4.08
CA LEU A 78 -9.67 -12.93 -3.58
C LEU A 78 -10.59 -12.44 -2.47
N LYS A 79 -10.13 -11.46 -1.67
CA LYS A 79 -10.89 -10.79 -0.62
C LYS A 79 -10.47 -9.32 -0.61
N THR A 80 -11.23 -8.45 0.04
CA THR A 80 -10.96 -7.03 0.11
C THR A 80 -10.22 -6.69 1.41
N GLY A 81 -9.12 -5.93 1.32
CA GLY A 81 -8.28 -5.54 2.44
C GLY A 81 -7.16 -4.60 1.98
N MET A 82 -6.31 -4.17 2.91
CA MET A 82 -5.23 -3.22 2.73
C MET A 82 -4.01 -3.59 3.57
N SER A 83 -2.92 -2.89 3.34
CA SER A 83 -1.65 -3.00 4.03
C SER A 83 -0.98 -1.63 4.04
N LEU A 84 0.00 -1.40 4.92
CA LEU A 84 0.63 -0.12 5.18
C LEU A 84 2.11 -0.40 5.41
N THR A 85 2.96 0.16 4.55
CA THR A 85 4.40 -0.03 4.59
C THR A 85 5.02 1.35 4.68
N LEU A 86 6.10 1.48 5.46
CA LEU A 86 6.92 2.68 5.50
C LEU A 86 8.37 2.26 5.43
N LEU A 87 9.19 3.10 4.78
CA LEU A 87 10.62 2.92 4.70
C LEU A 87 11.29 4.07 5.43
N GLU A 88 12.31 3.76 6.23
CA GLU A 88 13.20 4.77 6.79
C GLU A 88 13.99 5.38 5.62
N GLN A 89 14.41 4.52 4.69
CA GLN A 89 15.19 4.83 3.50
C GLN A 89 14.37 4.35 2.29
N GLY A 90 13.59 5.26 1.72
CA GLY A 90 12.72 4.99 0.58
C GLY A 90 13.44 4.39 -0.61
N VAL A 91 12.67 3.78 -1.51
CA VAL A 91 13.13 3.11 -2.72
C VAL A 91 12.39 3.77 -3.88
N TYR A 92 13.02 3.81 -5.05
CA TYR A 92 12.55 4.62 -6.16
C TYR A 92 12.05 3.78 -7.33
N PHE A 93 10.73 3.77 -7.51
CA PHE A 93 10.11 3.21 -8.70
C PHE A 93 10.56 4.00 -9.93
N PRO A 94 10.59 3.39 -11.13
CA PRO A 94 10.93 4.08 -12.39
C PRO A 94 9.80 5.00 -12.91
N GLY A 95 9.23 5.87 -12.07
CA GLY A 95 8.20 6.82 -12.48
C GLY A 95 7.61 7.63 -11.32
N ASN A 96 8.45 8.26 -10.50
CA ASN A 96 8.01 9.24 -9.50
C ASN A 96 8.95 10.44 -9.48
N ASP A 97 8.60 11.49 -8.72
CA ASP A 97 9.48 12.64 -8.52
C ASP A 97 10.63 12.31 -7.57
N GLU A 98 10.38 11.41 -6.60
CA GLU A 98 11.35 11.04 -5.57
C GLU A 98 11.12 9.59 -5.07
N PRO A 99 12.08 9.00 -4.32
CA PRO A 99 11.91 7.69 -3.70
C PRO A 99 10.65 7.62 -2.84
N ILE A 100 9.88 6.55 -2.98
CA ILE A 100 8.70 6.31 -2.17
C ILE A 100 9.18 5.93 -0.78
N LYS A 101 8.65 6.61 0.24
CA LYS A 101 8.86 6.23 1.64
C LYS A 101 7.61 5.58 2.22
N LEU A 102 6.43 5.69 1.59
CA LEU A 102 5.16 5.25 2.17
C LEU A 102 4.31 4.61 1.10
N LEU A 103 3.76 3.44 1.40
CA LEU A 103 2.94 2.66 0.48
C LEU A 103 1.75 2.12 1.24
N ILE A 104 0.54 2.26 0.69
CA ILE A 104 -0.64 1.58 1.21
C ILE A 104 -1.04 0.58 0.13
N GLY A 105 -0.99 -0.71 0.48
CA GLY A 105 -1.57 -1.73 -0.37
C GLY A 105 -3.09 -1.68 -0.23
N LEU A 106 -3.81 -2.00 -1.30
CA LEU A 106 -5.26 -2.24 -1.30
C LEU A 106 -5.41 -3.39 -2.29
N SER A 107 -6.28 -4.35 -1.97
CA SER A 107 -6.72 -5.40 -2.88
C SER A 107 -8.21 -5.60 -2.60
N ALA A 108 -9.00 -5.89 -3.62
CA ALA A 108 -10.46 -5.89 -3.52
C ALA A 108 -11.03 -7.00 -4.39
N ALA A 109 -12.02 -7.72 -3.87
CA ALA A 109 -12.64 -8.83 -4.58
C ALA A 109 -13.56 -8.34 -5.70
N ASP A 110 -14.05 -7.11 -5.63
CA ASP A 110 -14.96 -6.52 -6.61
C ASP A 110 -14.68 -5.03 -6.77
N ALA A 111 -15.03 -4.44 -7.91
CA ALA A 111 -14.76 -3.03 -8.20
C ALA A 111 -15.46 -2.08 -7.22
N ASP A 112 -16.65 -2.41 -6.72
CA ASP A 112 -17.32 -1.56 -5.74
C ASP A 112 -16.66 -1.70 -4.36
N SER A 113 -16.12 -2.88 -4.05
CA SER A 113 -15.29 -3.08 -2.87
C SER A 113 -14.01 -2.25 -2.99
N HIS A 114 -13.40 -2.17 -4.18
CA HIS A 114 -12.27 -1.29 -4.47
C HIS A 114 -12.66 0.17 -4.19
N ILE A 115 -13.81 0.62 -4.71
CA ILE A 115 -14.31 1.98 -4.50
C ILE A 115 -14.43 2.24 -2.99
N GLY A 116 -15.12 1.37 -2.24
CA GLY A 116 -15.33 1.57 -0.81
C GLY A 116 -14.00 1.65 -0.04
N ALA A 117 -13.04 0.82 -0.43
CA ALA A 117 -11.72 0.76 0.18
C ALA A 117 -10.92 2.02 -0.14
N ILE A 118 -10.79 2.40 -1.40
CA ILE A 118 -10.17 3.63 -1.86
C ILE A 118 -10.79 4.80 -1.08
N GLN A 119 -12.12 4.86 -0.97
CA GLN A 119 -12.80 5.97 -0.30
C GLN A 119 -12.54 5.99 1.22
N ALA A 120 -11.94 4.94 1.77
CA ALA A 120 -11.46 4.93 3.14
C ALA A 120 -10.00 5.36 3.18
N LEU A 121 -9.15 4.81 2.32
CA LEU A 121 -7.74 5.14 2.38
C LEU A 121 -7.44 6.56 1.92
N SER A 122 -8.34 7.14 1.13
CA SER A 122 -8.26 8.54 0.73
C SER A 122 -8.38 9.48 1.94
N GLU A 123 -8.99 9.02 3.04
CA GLU A 123 -9.05 9.79 4.28
C GLU A 123 -7.64 9.95 4.88
N LEU A 124 -6.71 9.10 4.43
CA LEU A 124 -5.31 9.08 4.88
C LEU A 124 -4.38 9.63 3.79
N LEU A 125 -4.32 8.96 2.63
CA LEU A 125 -3.40 9.25 1.53
C LEU A 125 -3.69 10.57 0.81
N CYS A 126 -4.81 11.23 1.09
CA CYS A 126 -5.15 12.53 0.53
C CYS A 126 -5.33 13.57 1.64
N GLU A 127 -4.63 13.37 2.77
CA GLU A 127 -4.59 14.27 3.91
C GLU A 127 -3.14 14.47 4.29
N GLU A 128 -2.57 15.60 3.88
CA GLU A 128 -1.17 15.93 4.10
C GLU A 128 -0.79 15.89 5.59
N GLU A 129 -1.75 16.13 6.48
CA GLU A 129 -1.56 16.05 7.92
C GLU A 129 -1.21 14.62 8.33
N ILE A 130 -2.00 13.67 7.81
CA ILE A 130 -1.79 12.25 8.03
C ILE A 130 -0.51 11.82 7.32
N LEU A 131 -0.27 12.30 6.09
CA LEU A 131 0.87 11.86 5.29
C LEU A 131 2.17 12.09 6.04
N GLU A 132 2.33 13.23 6.69
CA GLU A 132 3.53 13.54 7.46
C GLU A 132 3.63 12.62 8.67
N GLN A 133 2.52 12.32 9.34
CA GLN A 133 2.55 11.53 10.56
C GLN A 133 2.88 10.08 10.23
N LEU A 134 2.43 9.57 9.08
CA LEU A 134 2.86 8.28 8.56
C LEU A 134 4.33 8.37 8.17
N LEU A 135 4.67 9.35 7.31
CA LEU A 135 6.02 9.51 6.76
C LEU A 135 7.11 9.65 7.83
N THR A 136 6.77 10.09 9.04
CA THR A 136 7.70 10.29 10.14
C THR A 136 7.51 9.24 11.25
N ALA A 137 6.65 8.23 11.06
CA ALA A 137 6.37 7.18 12.03
C ALA A 137 7.63 6.35 12.28
N SER A 138 8.23 6.55 13.45
CA SER A 138 9.41 5.85 13.92
C SER A 138 9.12 4.42 14.38
N SER A 139 7.85 3.97 14.35
CA SER A 139 7.45 2.65 14.83
C SER A 139 6.22 2.16 14.05
N GLU A 140 6.05 0.83 13.99
CA GLU A 140 4.89 0.16 13.41
C GLU A 140 3.61 0.64 14.13
N LYS A 141 3.67 0.80 15.46
CA LYS A 141 2.53 1.21 16.25
C LYS A 141 2.00 2.59 15.84
N GLN A 142 2.88 3.51 15.42
CA GLN A 142 2.47 4.81 14.90
C GLN A 142 1.65 4.64 13.62
N LEU A 143 2.09 3.77 12.70
CA LEU A 143 1.38 3.55 11.43
C LEU A 143 0.00 2.96 11.76
N ALA A 144 -0.07 1.93 12.59
CA ALA A 144 -1.31 1.35 13.11
C ALA A 144 -2.18 2.35 13.87
N ASP A 145 -1.61 3.30 14.61
CA ASP A 145 -2.38 4.30 15.36
C ASP A 145 -3.10 5.21 14.38
N ILE A 146 -2.42 5.65 13.32
CA ILE A 146 -2.97 6.52 12.31
C ILE A 146 -4.08 5.76 11.53
N ILE A 147 -3.92 4.45 11.32
CA ILE A 147 -5.00 3.60 10.81
C ILE A 147 -6.19 3.68 11.78
N SER A 148 -5.93 3.43 13.06
CA SER A 148 -6.98 3.30 14.05
C SER A 148 -7.77 4.61 14.23
N ARG A 149 -7.11 5.74 13.98
CA ARG A 149 -7.68 7.08 13.98
C ARG A 149 -8.80 7.26 12.96
N GLY A 150 -8.77 6.51 11.86
CA GLY A 150 -9.69 6.67 10.74
C GLY A 150 -11.03 6.03 11.09
N MET A 4 -15.40 6.22 6.75
CA MET A 4 -15.43 4.80 7.21
C MET A 4 -14.26 4.50 8.14
N ARG A 5 -14.42 3.49 9.02
CA ARG A 5 -13.32 3.01 9.84
C ARG A 5 -12.28 2.39 8.93
N LEU A 6 -11.12 3.03 8.78
CA LEU A 6 -9.98 2.44 8.07
C LEU A 6 -9.57 1.15 8.76
N SER A 7 -9.72 1.07 10.08
CA SER A 7 -9.34 -0.08 10.87
C SER A 7 -10.02 -1.38 10.39
N ASP A 8 -11.11 -1.30 9.62
CA ASP A 8 -11.79 -2.46 9.04
C ASP A 8 -10.93 -3.20 8.01
N TYR A 9 -9.94 -2.53 7.41
CA TYR A 9 -9.20 -3.05 6.26
C TYR A 9 -7.81 -3.60 6.60
N PHE A 10 -7.28 -3.49 7.84
CA PHE A 10 -5.87 -3.83 8.13
C PHE A 10 -5.83 -5.03 9.09
N PRO A 11 -5.83 -6.28 8.59
CA PRO A 11 -5.91 -7.53 9.36
C PRO A 11 -5.08 -7.56 10.66
N GLU A 12 -3.76 -7.70 10.55
CA GLU A 12 -2.87 -7.91 11.69
C GLU A 12 -1.42 -7.62 11.32
N SER A 13 -0.77 -8.52 10.60
CA SER A 13 0.59 -8.38 10.06
C SER A 13 0.67 -7.31 8.97
N SER A 14 -0.43 -6.58 8.78
CA SER A 14 -0.71 -5.67 7.69
C SER A 14 0.06 -4.36 7.78
N ILE A 15 0.89 -4.14 8.82
CA ILE A 15 1.49 -2.87 9.11
C ILE A 15 2.97 -3.18 9.39
N SER A 16 3.90 -2.42 8.83
CA SER A 16 5.33 -2.61 9.02
C SER A 16 6.11 -1.32 8.78
N VAL A 17 7.25 -1.20 9.44
CA VAL A 17 8.25 -0.17 9.22
C VAL A 17 9.53 -0.90 8.81
N ILE A 18 10.27 -0.33 7.86
CA ILE A 18 11.42 -0.92 7.20
C ILE A 18 12.47 0.20 7.07
N HIS A 19 13.76 -0.14 7.12
CA HIS A 19 14.82 0.82 6.80
C HIS A 19 14.79 1.14 5.30
N SER A 20 14.68 0.13 4.44
CA SER A 20 14.68 0.23 2.99
C SER A 20 14.28 -1.15 2.46
N ALA A 21 13.56 -1.21 1.34
CA ALA A 21 13.23 -2.48 0.72
C ALA A 21 14.45 -2.96 -0.07
N LYS A 22 14.49 -4.26 -0.33
CA LYS A 22 15.58 -4.88 -1.09
C LYS A 22 15.69 -4.28 -2.50
N ASP A 23 14.54 -3.93 -3.09
CA ASP A 23 14.38 -3.17 -4.33
C ASP A 23 12.93 -2.70 -4.38
N TRP A 24 12.52 -2.00 -5.43
CA TRP A 24 11.12 -1.68 -5.65
C TRP A 24 10.26 -2.93 -5.91
N GLN A 25 10.82 -3.96 -6.56
CA GLN A 25 10.21 -5.29 -6.70
C GLN A 25 9.90 -5.83 -5.30
N GLU A 26 10.83 -5.71 -4.35
CA GLU A 26 10.59 -6.13 -2.98
C GLU A 26 9.62 -5.20 -2.28
N ALA A 27 9.62 -3.91 -2.61
CA ALA A 27 8.75 -2.93 -1.99
C ALA A 27 7.29 -3.21 -2.35
N ILE A 28 7.00 -3.68 -3.58
CA ILE A 28 5.67 -4.16 -3.93
C ILE A 28 5.37 -5.41 -3.10
N ASP A 29 6.30 -6.37 -3.03
CA ASP A 29 6.08 -7.58 -2.24
C ASP A 29 5.79 -7.23 -0.78
N PHE A 30 6.50 -6.28 -0.19
CA PHE A 30 6.23 -5.75 1.13
C PHE A 30 4.87 -5.02 1.19
N SER A 31 4.42 -4.37 0.10
CA SER A 31 3.07 -3.78 0.04
C SER A 31 1.98 -4.85 0.03
N MET A 32 2.29 -6.12 -0.27
CA MET A 32 1.28 -7.14 -0.53
C MET A 32 1.39 -8.41 0.30
N VAL A 33 2.55 -8.78 0.85
CA VAL A 33 2.73 -10.09 1.46
C VAL A 33 1.77 -10.31 2.63
N SER A 34 1.49 -9.28 3.42
CA SER A 34 0.59 -9.41 4.55
C SER A 34 -0.86 -9.69 4.11
N LEU A 35 -1.21 -9.40 2.85
CA LEU A 35 -2.47 -9.81 2.25
C LEU A 35 -2.31 -11.21 1.66
N LEU A 36 -1.19 -11.48 0.96
CA LEU A 36 -0.92 -12.75 0.32
C LEU A 36 -0.99 -13.90 1.34
N ASP A 37 -0.41 -13.68 2.52
CA ASP A 37 -0.19 -14.67 3.56
C ASP A 37 -1.47 -15.17 4.21
N LYS A 38 -2.56 -14.39 4.16
CA LYS A 38 -3.89 -14.84 4.60
C LYS A 38 -4.83 -14.91 3.42
N ASN A 39 -4.28 -15.10 2.22
CA ASN A 39 -5.05 -15.39 1.01
C ASN A 39 -6.05 -14.27 0.65
N TYR A 40 -5.79 -13.02 1.05
CA TYR A 40 -6.56 -11.86 0.56
C TYR A 40 -6.31 -11.64 -0.93
N ILE A 41 -5.18 -12.13 -1.47
CA ILE A 41 -4.78 -12.05 -2.86
C ILE A 41 -4.09 -13.38 -3.23
N SER A 42 -3.65 -13.50 -4.48
CA SER A 42 -2.80 -14.58 -4.98
C SER A 42 -1.53 -13.97 -5.59
N GLU A 43 -0.49 -14.76 -5.78
CA GLU A 43 0.85 -14.29 -6.14
C GLU A 43 0.87 -13.47 -7.45
N ASN A 44 -0.02 -13.79 -8.40
CA ASN A 44 -0.12 -13.04 -9.66
C ASN A 44 -0.45 -11.57 -9.41
N TYR A 45 -1.25 -11.27 -8.37
CA TYR A 45 -1.69 -9.92 -8.06
C TYR A 45 -0.50 -9.00 -7.81
N ILE A 46 0.51 -9.49 -7.10
CA ILE A 46 1.75 -8.77 -6.86
C ILE A 46 2.42 -8.44 -8.21
N GLN A 47 2.61 -9.45 -9.08
CA GLN A 47 3.31 -9.23 -10.34
C GLN A 47 2.52 -8.37 -11.31
N ALA A 48 1.20 -8.35 -11.23
CA ALA A 48 0.36 -7.44 -12.03
C ALA A 48 0.78 -5.99 -11.82
N ILE A 49 1.07 -5.61 -10.58
CA ILE A 49 1.48 -4.26 -10.23
C ILE A 49 2.89 -4.04 -10.80
N LYS A 50 3.78 -5.01 -10.60
CA LYS A 50 5.17 -4.86 -11.01
C LYS A 50 5.30 -4.79 -12.53
N ASP A 51 4.53 -5.59 -13.26
CA ASP A 51 4.54 -5.62 -14.72
C ASP A 51 4.08 -4.27 -15.27
N SER A 52 3.06 -3.67 -14.67
CA SER A 52 2.61 -2.32 -14.99
C SER A 52 3.70 -1.30 -14.64
N THR A 53 4.38 -1.45 -13.51
CA THR A 53 5.51 -0.61 -13.13
C THR A 53 6.64 -0.71 -14.17
N ILE A 54 6.94 -1.88 -14.71
CA ILE A 54 7.96 -2.06 -15.76
C ILE A 54 7.46 -1.41 -17.07
N ASN A 55 6.23 -1.69 -17.48
CA ASN A 55 5.72 -1.32 -18.80
C ASN A 55 5.41 0.16 -18.93
N ASN A 56 4.97 0.80 -17.84
CA ASN A 56 4.42 2.14 -17.85
C ASN A 56 5.08 3.00 -16.78
N GLY A 57 5.10 2.51 -15.54
CA GLY A 57 5.70 3.19 -14.40
C GLY A 57 4.84 2.96 -13.15
N PRO A 58 5.27 3.44 -11.97
CA PRO A 58 4.45 3.44 -10.77
C PRO A 58 3.14 4.18 -11.10
N TYR A 59 2.02 3.48 -10.90
CA TYR A 59 0.71 3.92 -11.38
C TYR A 59 -0.32 4.09 -10.24
N TYR A 60 0.14 3.99 -8.99
CA TYR A 60 -0.61 4.32 -7.79
C TYR A 60 0.30 5.20 -6.94
N ILE A 61 0.18 6.52 -7.12
CA ILE A 61 1.00 7.56 -6.52
C ILE A 61 0.03 8.65 -6.12
N LEU A 62 0.18 9.17 -4.89
CA LEU A 62 -0.79 10.06 -4.26
C LEU A 62 -0.15 11.38 -3.85
N ALA A 63 1.15 11.37 -3.54
CA ALA A 63 1.96 12.53 -3.23
C ALA A 63 3.44 12.14 -3.44
N PRO A 64 4.37 13.10 -3.56
CA PRO A 64 5.80 12.80 -3.55
C PRO A 64 6.17 11.89 -2.36
N GLY A 65 6.68 10.70 -2.66
CA GLY A 65 7.10 9.72 -1.66
C GLY A 65 6.00 8.76 -1.21
N VAL A 66 4.77 8.85 -1.76
CA VAL A 66 3.60 8.13 -1.26
C VAL A 66 2.95 7.39 -2.43
N ALA A 67 2.88 6.06 -2.33
CA ALA A 67 2.29 5.17 -3.31
C ALA A 67 1.16 4.36 -2.67
N MET A 68 0.36 3.69 -3.50
CA MET A 68 -0.65 2.75 -3.04
C MET A 68 -0.63 1.48 -3.91
N PRO A 69 0.48 0.73 -3.97
CA PRO A 69 0.62 -0.37 -4.92
C PRO A 69 -0.48 -1.41 -4.68
N HIS A 70 -1.26 -1.65 -5.71
CA HIS A 70 -2.50 -2.43 -5.72
C HIS A 70 -2.94 -2.57 -7.20
N ALA A 71 -3.82 -3.52 -7.51
CA ALA A 71 -4.24 -3.87 -8.87
C ALA A 71 -5.76 -4.03 -8.92
N ARG A 72 -6.30 -4.19 -10.14
CA ARG A 72 -7.73 -4.51 -10.33
C ARG A 72 -8.07 -5.82 -9.61
N PRO A 73 -9.33 -6.04 -9.20
CA PRO A 73 -9.72 -7.26 -8.47
C PRO A 73 -9.37 -8.51 -9.30
N GLU A 74 -9.59 -8.43 -10.62
CA GLU A 74 -9.40 -9.52 -11.57
C GLU A 74 -7.93 -9.96 -11.70
N CYS A 75 -6.98 -9.17 -11.17
CA CYS A 75 -5.56 -9.52 -11.20
C CYS A 75 -5.20 -10.59 -10.16
N GLY A 76 -6.14 -10.99 -9.30
CA GLY A 76 -5.93 -12.06 -8.34
C GLY A 76 -6.34 -11.69 -6.91
N ALA A 77 -7.16 -10.64 -6.73
CA ALA A 77 -7.74 -10.38 -5.42
C ALA A 77 -8.75 -11.49 -5.09
N LEU A 78 -8.85 -11.84 -3.81
CA LEU A 78 -9.66 -12.95 -3.33
C LEU A 78 -10.52 -12.54 -2.14
N LYS A 79 -10.06 -11.57 -1.34
CA LYS A 79 -10.77 -11.02 -0.19
C LYS A 79 -10.40 -9.55 -0.07
N THR A 80 -11.26 -8.76 0.56
CA THR A 80 -11.07 -7.33 0.70
C THR A 80 -10.25 -7.00 1.94
N GLY A 81 -9.19 -6.21 1.79
CA GLY A 81 -8.24 -5.84 2.85
C GLY A 81 -7.19 -4.85 2.33
N MET A 82 -6.25 -4.46 3.19
CA MET A 82 -5.21 -3.47 2.94
C MET A 82 -3.95 -3.82 3.75
N SER A 83 -2.87 -3.10 3.52
CA SER A 83 -1.64 -3.14 4.31
C SER A 83 -0.93 -1.78 4.20
N LEU A 84 0.08 -1.53 5.03
CA LEU A 84 0.74 -0.24 5.21
C LEU A 84 2.22 -0.49 5.51
N THR A 85 3.10 0.14 4.72
CA THR A 85 4.55 -0.03 4.80
C THR A 85 5.18 1.36 4.76
N LEU A 86 6.31 1.54 5.47
CA LEU A 86 7.10 2.76 5.45
C LEU A 86 8.57 2.33 5.38
N LEU A 87 9.35 2.93 4.48
CA LEU A 87 10.78 2.69 4.26
C LEU A 87 11.49 3.98 4.66
N GLU A 88 12.42 3.95 5.61
CA GLU A 88 13.12 5.14 6.09
C GLU A 88 13.91 5.84 4.99
N GLN A 89 14.53 5.08 4.08
CA GLN A 89 15.25 5.63 2.93
C GLN A 89 14.37 5.74 1.68
N GLY A 90 13.21 5.08 1.70
CA GLY A 90 12.39 4.90 0.51
C GLY A 90 13.11 3.99 -0.50
N VAL A 91 12.52 3.78 -1.67
CA VAL A 91 13.19 3.12 -2.79
C VAL A 91 12.61 3.65 -4.10
N TYR A 92 13.30 3.42 -5.22
CA TYR A 92 12.99 4.05 -6.50
C TYR A 92 12.25 3.06 -7.40
N PHE A 93 10.97 3.36 -7.60
CA PHE A 93 10.11 2.71 -8.57
C PHE A 93 10.35 3.35 -9.94
N PRO A 94 10.80 2.60 -10.96
CA PRO A 94 11.26 3.18 -12.24
C PRO A 94 10.12 3.93 -12.94
N GLY A 95 10.26 5.25 -13.03
CA GLY A 95 9.28 6.14 -13.64
C GLY A 95 8.86 7.30 -12.72
N ASN A 96 9.12 7.21 -11.41
CA ASN A 96 8.89 8.27 -10.45
C ASN A 96 10.14 8.39 -9.59
N ASP A 97 11.02 9.33 -9.94
CA ASP A 97 12.37 9.47 -9.40
C ASP A 97 12.44 9.70 -7.89
N GLU A 98 11.41 10.28 -7.29
CA GLU A 98 11.31 10.50 -5.88
C GLU A 98 11.16 9.13 -5.20
N PRO A 99 11.98 8.81 -4.18
CA PRO A 99 11.94 7.50 -3.55
C PRO A 99 10.64 7.37 -2.75
N ILE A 100 9.91 6.27 -2.95
CA ILE A 100 8.68 5.99 -2.23
C ILE A 100 9.05 5.63 -0.80
N LYS A 101 8.78 6.54 0.15
CA LYS A 101 8.93 6.23 1.57
C LYS A 101 7.68 5.55 2.11
N LEU A 102 6.51 5.62 1.47
CA LEU A 102 5.27 5.07 2.01
C LEU A 102 4.47 4.37 0.95
N LEU A 103 3.90 3.23 1.34
CA LEU A 103 3.15 2.35 0.45
C LEU A 103 1.95 1.84 1.23
N ILE A 104 0.77 1.84 0.61
CA ILE A 104 -0.41 1.18 1.15
C ILE A 104 -0.84 0.13 0.12
N GLY A 105 -0.98 -1.11 0.56
CA GLY A 105 -1.59 -2.17 -0.23
C GLY A 105 -3.10 -2.10 -0.05
N LEU A 106 -3.85 -2.58 -1.03
CA LEU A 106 -5.30 -2.73 -1.00
C LEU A 106 -5.61 -3.92 -1.91
N SER A 107 -6.60 -4.72 -1.58
CA SER A 107 -7.18 -5.74 -2.42
C SER A 107 -8.68 -5.72 -2.13
N ALA A 108 -9.53 -5.98 -3.12
CA ALA A 108 -10.94 -6.17 -2.87
C ALA A 108 -11.47 -7.23 -3.81
N ALA A 109 -12.48 -7.97 -3.35
CA ALA A 109 -12.96 -9.10 -4.14
C ALA A 109 -13.97 -8.64 -5.20
N ASP A 110 -14.47 -7.41 -5.08
CA ASP A 110 -15.37 -6.79 -6.08
C ASP A 110 -14.94 -5.36 -6.35
N ALA A 111 -15.22 -4.84 -7.56
CA ALA A 111 -14.81 -3.50 -7.96
C ALA A 111 -15.43 -2.41 -7.07
N ASP A 112 -16.66 -2.58 -6.60
CA ASP A 112 -17.27 -1.61 -5.68
C ASP A 112 -16.63 -1.70 -4.29
N SER A 113 -16.17 -2.89 -3.90
CA SER A 113 -15.35 -3.04 -2.71
C SER A 113 -14.02 -2.30 -2.89
N HIS A 114 -13.41 -2.33 -4.09
CA HIS A 114 -12.23 -1.52 -4.39
C HIS A 114 -12.55 -0.03 -4.28
N ILE A 115 -13.70 0.44 -4.79
CA ILE A 115 -14.11 1.84 -4.68
C ILE A 115 -14.19 2.23 -3.21
N GLY A 116 -14.96 1.50 -2.38
CA GLY A 116 -15.14 1.83 -0.97
C GLY A 116 -13.80 1.85 -0.23
N ALA A 117 -12.93 0.90 -0.56
CA ALA A 117 -11.61 0.76 0.03
C ALA A 117 -10.69 1.93 -0.36
N ILE A 118 -10.62 2.26 -1.65
CA ILE A 118 -9.84 3.39 -2.15
C ILE A 118 -10.31 4.67 -1.44
N GLN A 119 -11.64 4.82 -1.29
CA GLN A 119 -12.24 5.98 -0.66
C GLN A 119 -11.98 6.01 0.84
N ALA A 120 -11.50 4.91 1.45
CA ALA A 120 -11.04 4.93 2.82
C ALA A 120 -9.62 5.44 2.80
N LEU A 121 -8.79 4.93 1.88
CA LEU A 121 -7.39 5.25 1.84
C LEU A 121 -7.13 6.67 1.39
N SER A 122 -8.04 7.24 0.61
CA SER A 122 -7.98 8.65 0.28
C SER A 122 -8.11 9.53 1.54
N GLU A 123 -8.70 9.04 2.63
CA GLU A 123 -8.77 9.78 3.90
C GLU A 123 -7.39 9.82 4.56
N LEU A 124 -6.47 8.95 4.13
CA LEU A 124 -5.11 8.86 4.65
C LEU A 124 -4.14 9.48 3.63
N LEU A 125 -3.97 8.86 2.47
CA LEU A 125 -2.94 9.25 1.51
C LEU A 125 -3.27 10.53 0.74
N CYS A 126 -4.47 11.09 0.89
CA CYS A 126 -4.86 12.36 0.28
C CYS A 126 -5.24 13.38 1.37
N GLU A 127 -4.63 13.25 2.55
CA GLU A 127 -4.75 14.19 3.64
C GLU A 127 -3.35 14.49 4.14
N GLU A 128 -2.89 15.70 3.85
CA GLU A 128 -1.54 16.15 4.20
C GLU A 128 -1.29 16.06 5.71
N GLU A 129 -2.35 16.15 6.51
CA GLU A 129 -2.27 16.01 7.97
C GLU A 129 -1.81 14.61 8.33
N ILE A 130 -2.40 13.60 7.68
CA ILE A 130 -2.01 12.21 7.84
C ILE A 130 -0.64 11.99 7.22
N LEU A 131 -0.36 12.57 6.05
CA LEU A 131 0.91 12.31 5.35
C LEU A 131 2.10 12.63 6.24
N GLU A 132 2.04 13.71 7.01
CA GLU A 132 3.08 14.07 7.94
C GLU A 132 3.13 13.09 9.12
N GLN A 133 1.98 12.61 9.61
CA GLN A 133 1.96 11.68 10.72
C GLN A 133 2.61 10.37 10.29
N LEU A 134 2.33 9.90 9.07
CA LEU A 134 2.98 8.71 8.52
C LEU A 134 4.45 9.02 8.34
N LEU A 135 4.80 10.09 7.63
CA LEU A 135 6.19 10.44 7.33
C LEU A 135 7.05 10.64 8.59
N THR A 136 6.44 10.84 9.77
CA THR A 136 7.13 10.98 11.05
C THR A 136 6.94 9.75 11.96
N ALA A 137 6.25 8.70 11.49
CA ALA A 137 6.17 7.41 12.14
C ALA A 137 7.55 6.77 12.17
N SER A 138 7.87 6.14 13.30
CA SER A 138 9.12 5.42 13.54
C SER A 138 8.86 4.03 14.14
N SER A 139 7.59 3.64 14.32
CA SER A 139 7.20 2.37 14.91
C SER A 139 5.93 1.85 14.22
N GLU A 140 5.79 0.52 14.18
CA GLU A 140 4.66 -0.17 13.56
C GLU A 140 3.34 0.26 14.20
N LYS A 141 3.32 0.34 15.54
CA LYS A 141 2.15 0.80 16.29
C LYS A 141 1.74 2.21 15.89
N GLN A 142 2.71 3.09 15.58
CA GLN A 142 2.45 4.45 15.15
C GLN A 142 1.71 4.48 13.81
N LEU A 143 2.07 3.59 12.86
CA LEU A 143 1.37 3.52 11.59
C LEU A 143 -0.07 3.04 11.84
N ALA A 144 -0.25 2.00 12.65
CA ALA A 144 -1.58 1.55 13.05
C ALA A 144 -2.38 2.57 13.87
N ASP A 145 -1.74 3.47 14.61
CA ASP A 145 -2.45 4.53 15.30
C ASP A 145 -3.09 5.48 14.29
N ILE A 146 -2.42 5.76 13.18
CA ILE A 146 -2.93 6.58 12.10
C ILE A 146 -4.06 5.83 11.38
N ILE A 147 -3.97 4.48 11.25
CA ILE A 147 -5.09 3.67 10.79
C ILE A 147 -6.28 3.93 11.70
N SER A 148 -6.06 3.83 13.01
CA SER A 148 -7.13 3.91 13.98
C SER A 148 -7.77 5.31 13.97
N ARG A 149 -7.01 6.35 13.65
CA ARG A 149 -7.47 7.71 13.45
C ARG A 149 -8.50 7.83 12.32
N GLY A 150 -8.44 6.95 11.33
CA GLY A 150 -9.33 6.96 10.18
C GLY A 150 -10.69 6.39 10.60
N MET A 4 -15.29 6.37 7.37
CA MET A 4 -15.32 4.90 7.65
C MET A 4 -14.10 4.47 8.46
N ARG A 5 -14.22 3.37 9.21
CA ARG A 5 -13.07 2.79 9.89
C ARG A 5 -12.14 2.21 8.84
N LEU A 6 -10.99 2.85 8.64
CA LEU A 6 -9.92 2.26 7.84
C LEU A 6 -9.54 0.92 8.46
N SER A 7 -9.63 0.79 9.79
CA SER A 7 -9.37 -0.41 10.55
C SER A 7 -10.12 -1.64 10.02
N ASP A 8 -11.21 -1.47 9.26
CA ASP A 8 -11.90 -2.60 8.62
C ASP A 8 -11.04 -3.34 7.59
N TYR A 9 -10.05 -2.68 6.98
CA TYR A 9 -9.31 -3.20 5.83
C TYR A 9 -7.94 -3.79 6.20
N PHE A 10 -7.34 -3.41 7.33
CA PHE A 10 -5.94 -3.76 7.64
C PHE A 10 -5.99 -4.89 8.68
N PRO A 11 -5.74 -6.17 8.32
CA PRO A 11 -5.93 -7.32 9.19
C PRO A 11 -5.11 -7.26 10.48
N GLU A 12 -3.80 -7.37 10.38
CA GLU A 12 -2.88 -7.48 11.52
C GLU A 12 -1.45 -7.18 11.10
N SER A 13 -0.82 -8.13 10.41
CA SER A 13 0.54 -8.01 9.88
C SER A 13 0.63 -6.96 8.76
N SER A 14 -0.48 -6.28 8.48
CA SER A 14 -0.66 -5.40 7.34
C SER A 14 0.21 -4.15 7.39
N ILE A 15 0.81 -3.81 8.54
CA ILE A 15 1.52 -2.58 8.74
C ILE A 15 2.97 -2.95 9.05
N SER A 16 3.95 -2.24 8.48
CA SER A 16 5.35 -2.47 8.76
C SER A 16 6.18 -1.22 8.46
N VAL A 17 7.15 -0.94 9.32
CA VAL A 17 8.19 0.06 9.11
C VAL A 17 9.45 -0.76 8.79
N ILE A 18 10.20 -0.30 7.80
CA ILE A 18 11.39 -0.96 7.28
C ILE A 18 12.40 0.18 7.06
N HIS A 19 13.70 -0.12 7.21
CA HIS A 19 14.76 0.84 6.89
C HIS A 19 14.78 1.14 5.38
N SER A 20 14.71 0.11 4.54
CA SER A 20 14.79 0.22 3.09
C SER A 20 14.29 -1.09 2.49
N ALA A 21 13.61 -1.02 1.34
CA ALA A 21 13.30 -2.22 0.58
C ALA A 21 14.57 -2.59 -0.19
N LYS A 22 14.69 -3.87 -0.56
CA LYS A 22 15.82 -4.34 -1.37
C LYS A 22 15.85 -3.62 -2.72
N ASP A 23 14.67 -3.42 -3.31
CA ASP A 23 14.38 -2.63 -4.49
C ASP A 23 12.86 -2.47 -4.58
N TRP A 24 12.35 -1.82 -5.63
CA TRP A 24 10.92 -1.64 -5.83
C TRP A 24 10.16 -2.96 -6.00
N GLN A 25 10.72 -4.00 -6.62
CA GLN A 25 10.08 -5.33 -6.70
C GLN A 25 9.90 -5.85 -5.27
N GLU A 26 10.95 -5.78 -4.43
CA GLU A 26 10.85 -6.18 -3.03
C GLU A 26 9.85 -5.31 -2.27
N ALA A 27 9.79 -4.01 -2.60
CA ALA A 27 8.91 -3.08 -1.93
C ALA A 27 7.44 -3.45 -2.16
N ILE A 28 7.09 -3.96 -3.34
CA ILE A 28 5.77 -4.51 -3.62
C ILE A 28 5.57 -5.75 -2.75
N ASP A 29 6.55 -6.67 -2.73
CA ASP A 29 6.43 -7.92 -1.97
C ASP A 29 6.20 -7.63 -0.48
N PHE A 30 7.00 -6.74 0.09
CA PHE A 30 6.84 -6.25 1.45
C PHE A 30 5.47 -5.57 1.66
N SER A 31 4.89 -4.96 0.62
CA SER A 31 3.57 -4.34 0.73
C SER A 31 2.42 -5.31 0.54
N MET A 32 2.65 -6.54 0.09
CA MET A 32 1.56 -7.45 -0.25
C MET A 32 1.63 -8.77 0.50
N VAL A 33 2.79 -9.19 1.03
CA VAL A 33 2.91 -10.49 1.68
C VAL A 33 1.91 -10.63 2.84
N SER A 34 1.65 -9.56 3.59
CA SER A 34 0.72 -9.59 4.70
C SER A 34 -0.72 -9.88 4.26
N LEU A 35 -1.06 -9.53 3.01
CA LEU A 35 -2.36 -9.83 2.41
C LEU A 35 -2.32 -11.22 1.78
N LEU A 36 -1.21 -11.57 1.11
CA LEU A 36 -0.99 -12.88 0.51
C LEU A 36 -1.13 -13.98 1.56
N ASP A 37 -0.59 -13.74 2.75
CA ASP A 37 -0.50 -14.69 3.85
C ASP A 37 -1.87 -15.07 4.41
N LYS A 38 -2.83 -14.14 4.39
CA LYS A 38 -4.23 -14.45 4.78
C LYS A 38 -5.08 -14.79 3.55
N ASN A 39 -4.43 -15.09 2.40
CA ASN A 39 -5.06 -15.29 1.09
C ASN A 39 -6.09 -14.22 0.72
N TYR A 40 -5.79 -12.94 0.98
CA TYR A 40 -6.58 -11.82 0.44
C TYR A 40 -6.35 -11.72 -1.07
N ILE A 41 -5.23 -12.26 -1.56
CA ILE A 41 -4.75 -12.20 -2.94
C ILE A 41 -4.02 -13.52 -3.26
N SER A 42 -3.68 -13.73 -4.52
CA SER A 42 -2.79 -14.80 -4.98
C SER A 42 -1.42 -14.20 -5.36
N GLU A 43 -0.41 -15.04 -5.56
CA GLU A 43 0.96 -14.59 -5.83
C GLU A 43 1.06 -13.80 -7.14
N ASN A 44 0.21 -14.12 -8.14
CA ASN A 44 0.15 -13.37 -9.39
C ASN A 44 -0.21 -11.91 -9.16
N TYR A 45 -1.02 -11.60 -8.14
CA TYR A 45 -1.46 -10.24 -7.87
C TYR A 45 -0.25 -9.33 -7.60
N ILE A 46 0.72 -9.81 -6.81
CA ILE A 46 1.98 -9.10 -6.56
C ILE A 46 2.65 -8.79 -7.89
N GLN A 47 2.80 -9.80 -8.77
CA GLN A 47 3.51 -9.60 -10.02
C GLN A 47 2.71 -8.73 -11.00
N ALA A 48 1.38 -8.68 -10.91
CA ALA A 48 0.55 -7.78 -11.70
C ALA A 48 0.88 -6.33 -11.41
N ILE A 49 1.04 -5.97 -10.12
CA ILE A 49 1.40 -4.60 -9.76
C ILE A 49 2.78 -4.30 -10.31
N LYS A 50 3.74 -5.23 -10.15
CA LYS A 50 5.09 -5.03 -10.66
C LYS A 50 5.07 -4.87 -12.18
N ASP A 51 4.23 -5.61 -12.89
CA ASP A 51 4.09 -5.49 -14.35
C ASP A 51 3.56 -4.11 -14.75
N SER A 52 2.53 -3.61 -14.05
CA SER A 52 2.08 -2.22 -14.23
C SER A 52 3.22 -1.23 -13.95
N THR A 53 4.04 -1.51 -12.94
CA THR A 53 5.18 -0.68 -12.57
C THR A 53 6.23 -0.67 -13.70
N ILE A 54 6.51 -1.81 -14.35
CA ILE A 54 7.38 -1.86 -15.52
C ILE A 54 6.77 -1.02 -16.65
N ASN A 55 5.46 -1.16 -16.88
CA ASN A 55 4.78 -0.59 -18.04
C ASN A 55 4.62 0.93 -17.96
N ASN A 56 4.37 1.46 -16.76
CA ASN A 56 3.93 2.85 -16.60
C ASN A 56 4.56 3.56 -15.39
N GLY A 57 5.55 2.94 -14.73
CA GLY A 57 6.05 3.41 -13.45
C GLY A 57 5.00 3.22 -12.37
N PRO A 58 5.18 3.77 -11.15
CA PRO A 58 4.21 3.67 -10.09
C PRO A 58 2.94 4.39 -10.54
N TYR A 59 1.89 3.62 -10.84
CA TYR A 59 0.68 4.13 -11.49
C TYR A 59 -0.37 4.63 -10.49
N TYR A 60 -0.07 4.56 -9.19
CA TYR A 60 -0.83 5.17 -8.10
C TYR A 60 0.18 5.93 -7.24
N ILE A 61 0.12 7.25 -7.29
CA ILE A 61 0.99 8.21 -6.60
C ILE A 61 0.02 9.31 -6.20
N LEU A 62 0.11 9.78 -4.95
CA LEU A 62 -0.89 10.66 -4.36
C LEU A 62 -0.25 11.88 -3.70
N ALA A 63 1.04 11.79 -3.35
CA ALA A 63 1.85 12.88 -2.85
C ALA A 63 3.31 12.52 -3.14
N PRO A 64 4.26 13.48 -3.15
CA PRO A 64 5.67 13.17 -3.30
C PRO A 64 6.11 12.22 -2.17
N GLY A 65 6.62 11.05 -2.55
CA GLY A 65 7.05 10.02 -1.60
C GLY A 65 5.95 9.02 -1.20
N VAL A 66 4.72 9.12 -1.75
CA VAL A 66 3.57 8.36 -1.26
C VAL A 66 2.84 7.72 -2.45
N ALA A 67 2.78 6.39 -2.46
CA ALA A 67 2.12 5.58 -3.49
C ALA A 67 0.95 4.81 -2.86
N MET A 68 0.05 4.31 -3.72
CA MET A 68 -1.02 3.40 -3.30
C MET A 68 -1.17 2.25 -4.32
N PRO A 69 -0.13 1.42 -4.55
CA PRO A 69 -0.04 0.46 -5.65
C PRO A 69 -1.33 -0.19 -6.19
N HIS A 70 -1.80 -1.28 -5.58
CA HIS A 70 -2.97 -2.10 -5.98
C HIS A 70 -2.93 -2.62 -7.44
N ALA A 71 -3.77 -3.60 -7.77
CA ALA A 71 -4.04 -4.10 -9.12
C ALA A 71 -5.53 -4.41 -9.17
N ARG A 72 -6.12 -4.42 -10.38
CA ARG A 72 -7.54 -4.72 -10.56
C ARG A 72 -7.88 -6.03 -9.84
N PRO A 73 -9.11 -6.19 -9.30
CA PRO A 73 -9.55 -7.43 -8.67
C PRO A 73 -9.23 -8.68 -9.52
N GLU A 74 -9.44 -8.60 -10.83
CA GLU A 74 -9.22 -9.69 -11.78
C GLU A 74 -7.76 -10.19 -11.84
N CYS A 75 -6.80 -9.44 -11.29
CA CYS A 75 -5.39 -9.80 -11.29
C CYS A 75 -5.05 -10.82 -10.21
N GLY A 76 -6.01 -11.22 -9.37
CA GLY A 76 -5.83 -12.26 -8.37
C GLY A 76 -6.26 -11.82 -6.98
N ALA A 77 -7.09 -10.78 -6.84
CA ALA A 77 -7.69 -10.48 -5.56
C ALA A 77 -8.71 -11.57 -5.20
N LEU A 78 -8.87 -11.84 -3.91
CA LEU A 78 -9.70 -12.91 -3.37
C LEU A 78 -10.59 -12.38 -2.24
N LYS A 79 -10.12 -11.40 -1.48
CA LYS A 79 -10.84 -10.73 -0.39
C LYS A 79 -10.45 -9.26 -0.40
N THR A 80 -11.22 -8.40 0.27
CA THR A 80 -10.99 -6.98 0.29
C THR A 80 -10.23 -6.59 1.57
N GLY A 81 -9.06 -5.96 1.43
CA GLY A 81 -8.17 -5.60 2.54
C GLY A 81 -7.06 -4.64 2.07
N MET A 82 -6.18 -4.22 2.97
CA MET A 82 -5.17 -3.18 2.75
C MET A 82 -3.91 -3.44 3.58
N SER A 83 -2.85 -2.70 3.28
CA SER A 83 -1.55 -2.79 3.93
C SER A 83 -0.88 -1.41 3.94
N LEU A 84 0.16 -1.23 4.76
CA LEU A 84 0.79 0.05 5.07
C LEU A 84 2.30 -0.16 5.28
N THR A 85 3.09 -0.04 4.22
CA THR A 85 4.54 -0.17 4.28
C THR A 85 5.16 1.23 4.34
N LEU A 86 6.24 1.38 5.10
CA LEU A 86 7.06 2.59 5.09
C LEU A 86 8.52 2.13 5.00
N LEU A 87 9.30 2.81 4.16
CA LEU A 87 10.73 2.62 3.99
C LEU A 87 11.35 3.94 4.44
N GLU A 88 12.14 3.94 5.50
CA GLU A 88 12.71 5.17 6.04
C GLU A 88 13.68 5.84 5.07
N GLN A 89 14.41 5.04 4.28
CA GLN A 89 15.28 5.53 3.21
C GLN A 89 14.52 5.74 1.90
N GLY A 90 13.29 5.21 1.82
CA GLY A 90 12.55 5.12 0.57
C GLY A 90 13.21 4.10 -0.36
N VAL A 91 12.59 3.87 -1.52
CA VAL A 91 13.19 3.12 -2.62
C VAL A 91 12.66 3.77 -3.90
N TYR A 92 13.31 3.55 -5.04
CA TYR A 92 13.00 4.32 -6.25
C TYR A 92 12.30 3.44 -7.26
N PHE A 93 10.98 3.62 -7.35
CA PHE A 93 10.15 3.02 -8.38
C PHE A 93 10.53 3.63 -9.74
N PRO A 94 10.54 2.84 -10.83
CA PRO A 94 11.08 3.27 -12.10
C PRO A 94 10.29 4.44 -12.70
N GLY A 95 11.02 5.41 -13.25
CA GLY A 95 10.47 6.50 -14.04
C GLY A 95 9.68 7.54 -13.24
N ASN A 96 9.55 7.40 -11.92
CA ASN A 96 8.83 8.37 -11.09
C ASN A 96 9.68 9.62 -10.88
N ASP A 97 9.06 10.71 -10.40
CA ASP A 97 9.79 11.95 -10.14
C ASP A 97 10.83 11.78 -9.03
N GLU A 98 10.50 11.01 -8.00
CA GLU A 98 11.35 10.77 -6.83
C GLU A 98 11.06 9.41 -6.15
N PRO A 99 11.91 8.96 -5.21
CA PRO A 99 11.68 7.75 -4.41
C PRO A 99 10.35 7.76 -3.64
N ILE A 100 9.91 6.56 -3.26
CA ILE A 100 8.68 6.33 -2.49
C ILE A 100 9.12 5.93 -1.10
N LYS A 101 8.65 6.66 -0.08
CA LYS A 101 8.79 6.25 1.30
C LYS A 101 7.61 5.38 1.72
N LEU A 102 6.39 5.59 1.20
CA LEU A 102 5.23 4.87 1.71
C LEU A 102 4.41 4.25 0.60
N LEU A 103 3.87 3.07 0.89
CA LEU A 103 3.04 2.29 0.00
C LEU A 103 1.81 1.84 0.78
N ILE A 104 0.65 2.40 0.47
CA ILE A 104 -0.61 1.86 0.99
C ILE A 104 -1.01 0.79 -0.04
N GLY A 105 -1.06 -0.46 0.37
CA GLY A 105 -1.63 -1.51 -0.46
C GLY A 105 -3.15 -1.53 -0.27
N LEU A 106 -3.86 -2.00 -1.28
CA LEU A 106 -5.29 -2.29 -1.27
C LEU A 106 -5.43 -3.50 -2.19
N SER A 107 -6.35 -4.39 -1.86
CA SER A 107 -6.79 -5.50 -2.70
C SER A 107 -8.28 -5.63 -2.45
N ALA A 108 -9.08 -5.93 -3.48
CA ALA A 108 -10.53 -5.87 -3.40
C ALA A 108 -11.12 -6.99 -4.23
N ALA A 109 -12.14 -7.67 -3.70
CA ALA A 109 -12.74 -8.82 -4.35
C ALA A 109 -13.68 -8.40 -5.50
N ASP A 110 -14.21 -7.18 -5.45
CA ASP A 110 -15.14 -6.65 -6.46
C ASP A 110 -14.89 -5.17 -6.69
N ALA A 111 -15.28 -4.64 -7.85
CA ALA A 111 -15.07 -3.24 -8.20
C ALA A 111 -15.72 -2.26 -7.23
N ASP A 112 -16.89 -2.58 -6.67
CA ASP A 112 -17.52 -1.70 -5.68
C ASP A 112 -16.81 -1.79 -4.33
N SER A 113 -16.27 -2.97 -3.99
CA SER A 113 -15.38 -3.12 -2.83
C SER A 113 -14.13 -2.25 -3.04
N HIS A 114 -13.56 -2.24 -4.25
CA HIS A 114 -12.45 -1.37 -4.62
C HIS A 114 -12.82 0.09 -4.41
N ILE A 115 -13.99 0.53 -4.90
CA ILE A 115 -14.46 1.91 -4.73
C ILE A 115 -14.52 2.26 -3.25
N GLY A 116 -15.23 1.47 -2.43
CA GLY A 116 -15.39 1.77 -1.01
C GLY A 116 -14.04 1.84 -0.28
N ALA A 117 -13.12 0.93 -0.65
CA ALA A 117 -11.79 0.83 -0.09
C ALA A 117 -10.94 2.04 -0.48
N ILE A 118 -10.89 2.40 -1.77
CA ILE A 118 -10.19 3.56 -2.27
C ILE A 118 -10.68 4.81 -1.55
N GLN A 119 -12.00 4.92 -1.36
CA GLN A 119 -12.63 6.06 -0.70
C GLN A 119 -12.30 6.10 0.80
N ALA A 120 -11.79 5.02 1.39
CA ALA A 120 -11.28 5.03 2.74
C ALA A 120 -9.85 5.54 2.68
N LEU A 121 -9.07 5.08 1.71
CA LEU A 121 -7.67 5.46 1.58
C LEU A 121 -7.51 6.91 1.20
N SER A 122 -8.48 7.47 0.48
CA SER A 122 -8.52 8.90 0.23
C SER A 122 -8.54 9.73 1.53
N GLU A 123 -8.95 9.17 2.68
CA GLU A 123 -8.93 9.85 3.96
C GLU A 123 -7.51 9.89 4.56
N LEU A 124 -6.61 9.03 4.07
CA LEU A 124 -5.24 8.91 4.57
C LEU A 124 -4.26 9.58 3.59
N LEU A 125 -4.20 9.10 2.35
CA LEU A 125 -3.25 9.57 1.34
C LEU A 125 -3.43 11.04 0.98
N CYS A 126 -4.65 11.58 1.11
CA CYS A 126 -4.96 12.94 0.71
C CYS A 126 -5.14 13.83 1.94
N GLU A 127 -4.46 13.50 3.04
CA GLU A 127 -4.45 14.29 4.26
C GLU A 127 -3.01 14.49 4.70
N GLU A 128 -2.52 15.70 4.47
CA GLU A 128 -1.14 16.09 4.76
C GLU A 128 -0.78 15.89 6.24
N GLU A 129 -1.79 15.94 7.13
CA GLU A 129 -1.59 15.69 8.54
C GLU A 129 -1.17 14.23 8.76
N ILE A 130 -1.90 13.31 8.12
CA ILE A 130 -1.61 11.89 8.12
C ILE A 130 -0.26 11.65 7.44
N LEU A 131 0.02 12.34 6.31
CA LEU A 131 1.29 12.19 5.63
C LEU A 131 2.47 12.60 6.53
N GLU A 132 2.31 13.60 7.39
CA GLU A 132 3.33 13.92 8.36
C GLU A 132 3.43 12.82 9.40
N GLN A 133 2.30 12.29 9.90
CA GLN A 133 2.31 11.28 10.93
C GLN A 133 2.99 10.00 10.43
N LEU A 134 2.87 9.68 9.13
CA LEU A 134 3.52 8.54 8.52
C LEU A 134 4.98 8.85 8.18
N LEU A 135 5.29 10.03 7.64
CA LEU A 135 6.70 10.39 7.37
C LEU A 135 7.51 10.49 8.66
N THR A 136 6.87 10.67 9.81
CA THR A 136 7.49 10.73 11.13
C THR A 136 7.20 9.46 11.95
N ALA A 137 6.74 8.37 11.33
CA ALA A 137 6.40 7.13 12.04
C ALA A 137 7.65 6.49 12.66
N SER A 138 7.81 6.66 13.96
CA SER A 138 8.89 6.04 14.73
C SER A 138 8.69 4.53 14.89
N SER A 139 7.49 4.00 14.66
CA SER A 139 7.15 2.61 14.95
C SER A 139 6.02 2.12 14.05
N GLU A 140 5.89 0.79 13.97
CA GLU A 140 4.76 0.11 13.37
C GLU A 140 3.46 0.55 14.05
N LYS A 141 3.51 0.77 15.37
CA LYS A 141 2.37 1.25 16.16
C LYS A 141 1.89 2.60 15.63
N GLN A 142 2.79 3.53 15.33
CA GLN A 142 2.43 4.82 14.79
C GLN A 142 1.69 4.70 13.45
N LEU A 143 2.08 3.76 12.58
CA LEU A 143 1.38 3.57 11.32
C LEU A 143 -0.01 2.98 11.59
N ALA A 144 -0.13 1.98 12.44
CA ALA A 144 -1.43 1.42 12.80
C ALA A 144 -2.31 2.43 13.56
N ASP A 145 -1.72 3.39 14.27
CA ASP A 145 -2.47 4.47 14.93
C ASP A 145 -3.15 5.37 13.90
N ILE A 146 -2.51 5.61 12.75
CA ILE A 146 -3.10 6.32 11.63
C ILE A 146 -4.30 5.53 11.08
N ILE A 147 -4.20 4.20 11.01
CA ILE A 147 -5.34 3.34 10.65
C ILE A 147 -6.48 3.60 11.63
N SER A 148 -6.15 3.51 12.91
CA SER A 148 -7.13 3.49 13.97
C SER A 148 -7.88 4.83 14.06
N ARG A 149 -7.27 5.93 13.59
CA ARG A 149 -7.88 7.24 13.47
C ARG A 149 -9.11 7.28 12.56
N GLY A 150 -9.21 6.35 11.61
CA GLY A 150 -10.25 6.33 10.59
C GLY A 150 -11.63 6.31 11.21
N MET A 4 -14.49 5.90 6.64
CA MET A 4 -14.83 4.60 7.28
C MET A 4 -13.71 4.16 8.21
N ARG A 5 -13.97 3.19 9.10
CA ARG A 5 -12.92 2.55 9.86
C ARG A 5 -11.94 1.89 8.91
N LEU A 6 -10.72 2.42 8.88
CA LEU A 6 -9.60 1.76 8.18
C LEU A 6 -9.36 0.39 8.82
N SER A 7 -9.57 0.28 10.12
CA SER A 7 -9.56 -0.96 10.89
C SER A 7 -10.60 -1.98 10.41
N ASP A 8 -11.48 -1.64 9.45
CA ASP A 8 -12.45 -2.54 8.83
C ASP A 8 -12.11 -2.87 7.37
N TYR A 9 -10.90 -2.51 6.92
CA TYR A 9 -10.34 -2.93 5.64
C TYR A 9 -8.93 -3.46 5.84
N PHE A 10 -8.11 -2.74 6.59
CA PHE A 10 -6.82 -3.22 7.04
C PHE A 10 -7.14 -4.23 8.16
N PRO A 11 -6.79 -5.52 8.01
CA PRO A 11 -7.25 -6.57 8.91
C PRO A 11 -6.48 -6.56 10.23
N GLU A 12 -5.27 -7.10 10.21
CA GLU A 12 -4.33 -7.24 11.31
C GLU A 12 -3.02 -7.66 10.65
N SER A 13 -1.91 -7.57 11.38
CA SER A 13 -0.61 -8.11 10.99
C SER A 13 -0.11 -7.56 9.64
N SER A 14 -0.71 -6.48 9.16
CA SER A 14 -0.53 -5.95 7.82
C SER A 14 0.07 -4.54 7.87
N ILE A 15 0.85 -4.27 8.92
CA ILE A 15 1.65 -3.06 9.05
C ILE A 15 3.10 -3.48 9.24
N SER A 16 4.03 -2.71 8.70
CA SER A 16 5.45 -2.85 8.96
C SER A 16 6.16 -1.53 8.67
N VAL A 17 7.32 -1.36 9.28
CA VAL A 17 8.27 -0.29 9.02
C VAL A 17 9.56 -1.00 8.63
N ILE A 18 10.28 -0.45 7.66
CA ILE A 18 11.39 -1.08 6.99
C ILE A 18 12.50 -0.04 6.85
N HIS A 19 13.76 -0.46 6.96
CA HIS A 19 14.89 0.45 6.78
C HIS A 19 15.05 0.85 5.32
N SER A 20 14.77 -0.06 4.38
CA SER A 20 14.88 0.12 2.94
C SER A 20 14.33 -1.17 2.30
N ALA A 21 13.69 -1.07 1.14
CA ALA A 21 13.34 -2.27 0.39
C ALA A 21 14.55 -2.67 -0.47
N LYS A 22 14.61 -3.93 -0.85
CA LYS A 22 15.69 -4.46 -1.68
C LYS A 22 15.69 -3.78 -3.06
N ASP A 23 14.52 -3.49 -3.60
CA ASP A 23 14.28 -2.70 -4.81
C ASP A 23 12.80 -2.32 -4.82
N TRP A 24 12.32 -1.60 -5.84
CA TRP A 24 10.89 -1.37 -6.01
C TRP A 24 10.11 -2.66 -6.22
N GLN A 25 10.68 -3.66 -6.90
CA GLN A 25 10.14 -5.02 -7.01
C GLN A 25 9.83 -5.53 -5.59
N GLU A 26 10.83 -5.49 -4.71
CA GLU A 26 10.68 -5.95 -3.33
C GLU A 26 9.70 -5.08 -2.55
N ALA A 27 9.68 -3.78 -2.83
CA ALA A 27 8.80 -2.84 -2.17
C ALA A 27 7.33 -3.13 -2.52
N ILE A 28 7.05 -3.64 -3.73
CA ILE A 28 5.71 -4.13 -4.07
C ILE A 28 5.43 -5.37 -3.23
N ASP A 29 6.36 -6.32 -3.17
CA ASP A 29 6.19 -7.53 -2.38
C ASP A 29 5.91 -7.15 -0.92
N PHE A 30 6.68 -6.24 -0.34
CA PHE A 30 6.46 -5.72 1.00
C PHE A 30 5.13 -4.95 1.11
N SER A 31 4.62 -4.31 0.05
CA SER A 31 3.28 -3.70 0.05
C SER A 31 2.18 -4.74 0.16
N MET A 32 2.43 -6.00 -0.23
CA MET A 32 1.37 -6.99 -0.39
C MET A 32 1.54 -8.28 0.42
N VAL A 33 2.74 -8.61 0.92
CA VAL A 33 3.04 -9.91 1.51
C VAL A 33 2.09 -10.26 2.67
N SER A 34 1.69 -9.27 3.47
CA SER A 34 0.77 -9.54 4.57
C SER A 34 -0.57 -10.02 4.01
N LEU A 35 -1.09 -9.36 2.97
CA LEU A 35 -2.33 -9.74 2.32
C LEU A 35 -2.16 -11.11 1.66
N LEU A 36 -0.99 -11.39 1.10
CA LEU A 36 -0.69 -12.68 0.48
C LEU A 36 -0.79 -13.79 1.53
N ASP A 37 -0.16 -13.60 2.70
CA ASP A 37 -0.14 -14.57 3.79
C ASP A 37 -1.52 -14.80 4.39
N LYS A 38 -2.31 -13.73 4.48
CA LYS A 38 -3.70 -13.75 4.93
C LYS A 38 -4.65 -14.29 3.85
N ASN A 39 -4.13 -14.71 2.70
CA ASN A 39 -4.85 -15.07 1.47
C ASN A 39 -5.92 -14.06 1.00
N TYR A 40 -5.73 -12.77 1.28
CA TYR A 40 -6.54 -11.70 0.67
C TYR A 40 -6.26 -11.62 -0.83
N ILE A 41 -5.10 -12.09 -1.29
CA ILE A 41 -4.64 -12.07 -2.68
C ILE A 41 -3.91 -13.38 -3.03
N SER A 42 -3.47 -13.48 -4.28
CA SER A 42 -2.66 -14.57 -4.83
C SER A 42 -1.34 -13.98 -5.35
N GLU A 43 -0.31 -14.80 -5.54
CA GLU A 43 1.05 -14.33 -5.86
C GLU A 43 1.11 -13.52 -7.17
N ASN A 44 0.27 -13.88 -8.16
CA ASN A 44 0.19 -13.14 -9.42
C ASN A 44 -0.20 -11.67 -9.20
N TYR A 45 -0.98 -11.38 -8.16
CA TYR A 45 -1.46 -10.02 -7.88
C TYR A 45 -0.28 -9.08 -7.62
N ILE A 46 0.72 -9.55 -6.85
CA ILE A 46 1.95 -8.82 -6.61
C ILE A 46 2.64 -8.55 -7.95
N GLN A 47 2.81 -9.58 -8.78
CA GLN A 47 3.55 -9.43 -10.03
C GLN A 47 2.79 -8.57 -11.05
N ALA A 48 1.46 -8.49 -10.97
CA ALA A 48 0.66 -7.61 -11.81
C ALA A 48 1.03 -6.14 -11.57
N ILE A 49 1.18 -5.74 -10.30
CA ILE A 49 1.57 -4.36 -9.99
C ILE A 49 3.00 -4.13 -10.48
N LYS A 50 3.91 -5.09 -10.25
CA LYS A 50 5.29 -4.92 -10.68
C LYS A 50 5.36 -4.77 -12.20
N ASP A 51 4.62 -5.61 -12.95
CA ASP A 51 4.55 -5.56 -14.41
C ASP A 51 3.94 -4.24 -14.89
N SER A 52 2.94 -3.72 -14.19
CA SER A 52 2.38 -2.40 -14.48
C SER A 52 3.45 -1.31 -14.26
N THR A 53 4.28 -1.46 -13.24
CA THR A 53 5.38 -0.54 -12.96
C THR A 53 6.45 -0.62 -14.07
N ILE A 54 6.71 -1.79 -14.66
CA ILE A 54 7.56 -1.93 -15.84
C ILE A 54 6.93 -1.21 -17.03
N ASN A 55 5.61 -1.39 -17.23
CA ASN A 55 4.91 -0.95 -18.44
C ASN A 55 4.90 0.57 -18.59
N ASN A 56 4.83 1.28 -17.48
CA ASN A 56 4.58 2.72 -17.46
C ASN A 56 5.24 3.39 -16.26
N GLY A 57 5.05 2.84 -15.07
CA GLY A 57 5.50 3.43 -13.81
C GLY A 57 4.49 3.09 -12.71
N PRO A 58 4.70 3.55 -11.47
CA PRO A 58 3.79 3.26 -10.37
C PRO A 58 2.38 3.80 -10.70
N TYR A 59 1.39 2.91 -10.68
CA TYR A 59 0.03 3.23 -11.13
C TYR A 59 -0.78 3.97 -10.06
N TYR A 60 -0.34 3.92 -8.80
CA TYR A 60 -1.07 4.41 -7.66
C TYR A 60 -0.14 5.32 -6.87
N ILE A 61 -0.23 6.63 -7.13
CA ILE A 61 0.63 7.67 -6.59
C ILE A 61 -0.31 8.80 -6.16
N LEU A 62 0.03 9.44 -5.04
CA LEU A 62 -0.83 10.45 -4.41
C LEU A 62 -0.06 11.71 -4.04
N ALA A 63 1.24 11.59 -3.77
CA ALA A 63 2.16 12.70 -3.55
C ALA A 63 3.57 12.19 -3.85
N PRO A 64 4.57 13.07 -4.01
CA PRO A 64 5.97 12.67 -4.07
C PRO A 64 6.28 11.75 -2.87
N GLY A 65 6.77 10.55 -3.14
CA GLY A 65 7.15 9.60 -2.10
C GLY A 65 5.99 8.77 -1.53
N VAL A 66 4.75 8.90 -2.04
CA VAL A 66 3.56 8.26 -1.46
C VAL A 66 2.83 7.50 -2.57
N ALA A 67 2.64 6.20 -2.37
CA ALA A 67 1.97 5.30 -3.30
C ALA A 67 0.83 4.57 -2.59
N MET A 68 -0.09 3.99 -3.37
CA MET A 68 -1.20 3.17 -2.85
C MET A 68 -1.33 1.85 -3.63
N PRO A 69 -0.32 0.96 -3.67
CA PRO A 69 -0.33 -0.22 -4.53
C PRO A 69 -1.62 -1.07 -4.44
N HIS A 70 -2.02 -1.59 -5.58
CA HIS A 70 -3.28 -2.26 -5.89
C HIS A 70 -3.22 -2.69 -7.36
N ALA A 71 -3.97 -3.72 -7.73
CA ALA A 71 -4.21 -4.15 -9.11
C ALA A 71 -5.68 -4.50 -9.24
N ARG A 72 -6.19 -4.54 -10.48
CA ARG A 72 -7.57 -4.97 -10.74
C ARG A 72 -7.85 -6.31 -10.03
N PRO A 73 -9.04 -6.51 -9.43
CA PRO A 73 -9.36 -7.72 -8.66
C PRO A 73 -8.97 -9.01 -9.39
N GLU A 74 -9.25 -9.08 -10.69
CA GLU A 74 -9.01 -10.24 -11.55
C GLU A 74 -7.53 -10.62 -11.70
N CYS A 75 -6.60 -9.79 -11.21
CA CYS A 75 -5.18 -10.15 -11.15
C CYS A 75 -4.86 -11.10 -9.99
N GLY A 76 -5.83 -11.45 -9.15
CA GLY A 76 -5.65 -12.48 -8.13
C GLY A 76 -6.15 -12.07 -6.75
N ALA A 77 -6.89 -10.98 -6.64
CA ALA A 77 -7.57 -10.65 -5.38
C ALA A 77 -8.59 -11.75 -5.06
N LEU A 78 -8.74 -12.04 -3.77
CA LEU A 78 -9.59 -13.12 -3.26
C LEU A 78 -10.58 -12.59 -2.24
N LYS A 79 -10.17 -11.58 -1.45
CA LYS A 79 -10.97 -10.88 -0.47
C LYS A 79 -10.62 -9.39 -0.56
N THR A 80 -11.41 -8.51 0.08
CA THR A 80 -11.15 -7.09 0.12
C THR A 80 -10.45 -6.74 1.44
N GLY A 81 -9.22 -6.20 1.38
CA GLY A 81 -8.44 -5.84 2.56
C GLY A 81 -7.26 -4.94 2.22
N MET A 82 -6.47 -4.49 3.22
CA MET A 82 -5.42 -3.49 3.03
C MET A 82 -4.18 -3.77 3.89
N SER A 83 -3.08 -3.07 3.60
CA SER A 83 -1.81 -3.15 4.28
C SER A 83 -1.16 -1.75 4.29
N LEU A 84 -0.23 -1.48 5.20
CA LEU A 84 0.45 -0.19 5.34
C LEU A 84 1.94 -0.47 5.51
N THR A 85 2.79 0.24 4.78
CA THR A 85 4.22 0.00 4.75
C THR A 85 4.95 1.34 4.77
N LEU A 86 5.98 1.49 5.59
CA LEU A 86 6.89 2.63 5.53
C LEU A 86 8.31 2.12 5.33
N LEU A 87 9.09 2.84 4.53
CA LEU A 87 10.49 2.59 4.22
C LEU A 87 11.23 3.87 4.65
N GLU A 88 12.12 3.76 5.63
CA GLU A 88 12.82 4.90 6.23
C GLU A 88 13.72 5.63 5.21
N GLN A 89 14.18 4.93 4.17
CA GLN A 89 14.99 5.47 3.09
C GLN A 89 14.21 5.54 1.76
N GLY A 90 13.01 4.96 1.73
CA GLY A 90 12.26 4.74 0.51
C GLY A 90 13.02 3.87 -0.48
N VAL A 91 12.44 3.66 -1.66
CA VAL A 91 13.11 3.06 -2.81
C VAL A 91 12.44 3.64 -4.06
N TYR A 92 13.11 3.63 -5.21
CA TYR A 92 12.64 4.37 -6.37
C TYR A 92 11.87 3.49 -7.35
N PHE A 93 10.56 3.73 -7.38
CA PHE A 93 9.63 3.20 -8.36
C PHE A 93 9.74 4.12 -9.59
N PRO A 94 10.21 3.64 -10.75
CA PRO A 94 10.53 4.50 -11.88
C PRO A 94 9.29 5.26 -12.37
N GLY A 95 9.24 6.57 -12.12
CA GLY A 95 8.16 7.44 -12.55
C GLY A 95 7.76 8.49 -11.50
N ASN A 96 7.89 8.17 -10.20
CA ASN A 96 7.61 9.17 -9.14
C ASN A 96 8.69 10.26 -9.15
N ASP A 97 8.41 11.41 -8.52
CA ASP A 97 9.40 12.47 -8.36
C ASP A 97 10.57 12.04 -7.48
N GLU A 98 10.31 11.19 -6.49
CA GLU A 98 11.29 10.75 -5.49
C GLU A 98 11.05 9.30 -5.03
N PRO A 99 11.97 8.69 -4.27
CA PRO A 99 11.79 7.36 -3.69
C PRO A 99 10.48 7.27 -2.90
N ILE A 100 9.68 6.23 -3.15
CA ILE A 100 8.47 5.98 -2.39
C ILE A 100 8.92 5.55 -1.00
N LYS A 101 8.53 6.33 0.01
CA LYS A 101 8.75 6.01 1.40
C LYS A 101 7.53 5.35 2.02
N LEU A 102 6.34 5.45 1.41
CA LEU A 102 5.10 5.05 2.05
C LEU A 102 4.17 4.41 1.03
N LEU A 103 3.67 3.20 1.36
CA LEU A 103 2.94 2.34 0.44
C LEU A 103 1.75 1.76 1.20
N ILE A 104 0.55 2.14 0.81
CA ILE A 104 -0.69 1.61 1.35
C ILE A 104 -1.17 0.57 0.33
N GLY A 105 -1.14 -0.71 0.69
CA GLY A 105 -1.69 -1.75 -0.15
C GLY A 105 -3.21 -1.79 -0.01
N LEU A 106 -3.91 -2.17 -1.08
CA LEU A 106 -5.35 -2.44 -1.11
C LEU A 106 -5.51 -3.67 -2.02
N SER A 107 -6.40 -4.56 -1.64
CA SER A 107 -6.87 -5.72 -2.39
C SER A 107 -8.39 -5.69 -2.33
N ALA A 108 -9.08 -6.06 -3.41
CA ALA A 108 -10.53 -5.95 -3.48
C ALA A 108 -11.06 -7.10 -4.30
N ALA A 109 -12.11 -7.77 -3.83
CA ALA A 109 -12.71 -8.89 -4.53
C ALA A 109 -13.57 -8.41 -5.71
N ASP A 110 -14.02 -7.15 -5.69
CA ASP A 110 -14.82 -6.56 -6.77
C ASP A 110 -14.47 -5.07 -6.90
N ALA A 111 -14.67 -4.49 -8.09
CA ALA A 111 -14.33 -3.11 -8.38
C ALA A 111 -15.06 -2.12 -7.46
N ASP A 112 -16.28 -2.41 -7.01
CA ASP A 112 -17.00 -1.52 -6.11
C ASP A 112 -16.48 -1.63 -4.67
N SER A 113 -16.03 -2.83 -4.28
CA SER A 113 -15.32 -3.02 -3.03
C SER A 113 -14.03 -2.18 -3.05
N HIS A 114 -13.31 -2.19 -4.18
CA HIS A 114 -12.16 -1.34 -4.44
C HIS A 114 -12.55 0.13 -4.29
N ILE A 115 -13.64 0.57 -4.90
CA ILE A 115 -14.07 1.96 -4.87
C ILE A 115 -14.28 2.44 -3.43
N GLY A 116 -14.95 1.66 -2.57
CA GLY A 116 -15.18 2.10 -1.19
C GLY A 116 -13.90 2.01 -0.36
N ALA A 117 -13.05 1.03 -0.63
CA ALA A 117 -11.76 0.85 0.01
C ALA A 117 -10.83 2.02 -0.32
N ILE A 118 -10.73 2.41 -1.59
CA ILE A 118 -9.98 3.57 -2.05
C ILE A 118 -10.45 4.79 -1.27
N GLN A 119 -11.77 4.96 -1.13
CA GLN A 119 -12.38 6.09 -0.44
C GLN A 119 -12.12 6.08 1.07
N ALA A 120 -11.58 4.99 1.64
CA ALA A 120 -11.13 4.96 3.02
C ALA A 120 -9.66 5.36 3.06
N LEU A 121 -8.87 4.93 2.08
CA LEU A 121 -7.44 5.22 2.03
C LEU A 121 -7.19 6.67 1.67
N SER A 122 -8.08 7.24 0.86
CA SER A 122 -8.07 8.65 0.53
C SER A 122 -8.25 9.54 1.78
N GLU A 123 -8.80 9.02 2.88
CA GLU A 123 -8.90 9.79 4.13
C GLU A 123 -7.50 10.04 4.71
N LEU A 124 -6.54 9.17 4.37
CA LEU A 124 -5.17 9.22 4.88
C LEU A 124 -4.23 9.79 3.82
N LEU A 125 -4.08 9.15 2.66
CA LEU A 125 -3.08 9.54 1.66
C LEU A 125 -3.43 10.82 0.89
N CYS A 126 -4.57 11.47 1.14
CA CYS A 126 -4.92 12.76 0.56
C CYS A 126 -5.03 13.86 1.62
N GLU A 127 -4.30 13.69 2.72
CA GLU A 127 -4.39 14.53 3.89
C GLU A 127 -2.97 14.77 4.37
N GLU A 128 -2.37 15.89 3.98
CA GLU A 128 -0.97 16.22 4.24
C GLU A 128 -0.63 16.21 5.74
N GLU A 129 -1.63 16.42 6.59
CA GLU A 129 -1.46 16.33 8.04
C GLU A 129 -1.07 14.91 8.42
N ILE A 130 -1.82 13.94 7.90
CA ILE A 130 -1.60 12.52 8.11
C ILE A 130 -0.31 12.09 7.41
N LEU A 131 -0.04 12.62 6.21
CA LEU A 131 1.08 12.15 5.40
C LEU A 131 2.39 12.23 6.17
N GLU A 132 2.63 13.33 6.89
CA GLU A 132 3.84 13.49 7.68
C GLU A 132 3.86 12.51 8.84
N GLN A 133 2.71 12.25 9.47
CA GLN A 133 2.64 11.39 10.64
C GLN A 133 2.89 9.93 10.24
N LEU A 134 2.49 9.52 9.02
CA LEU A 134 2.87 8.24 8.45
C LEU A 134 4.34 8.28 8.05
N LEU A 135 4.73 9.28 7.27
CA LEU A 135 6.09 9.43 6.72
C LEU A 135 7.19 9.49 7.79
N THR A 136 6.84 9.65 9.07
CA THR A 136 7.77 9.71 10.19
C THR A 136 7.53 8.52 11.15
N ALA A 137 6.82 7.47 10.71
CA ALA A 137 6.51 6.28 11.50
C ALA A 137 7.80 5.61 11.98
N SER A 138 8.20 5.94 13.20
CA SER A 138 9.44 5.47 13.80
C SER A 138 9.26 4.06 14.39
N SER A 139 8.00 3.61 14.55
CA SER A 139 7.63 2.29 15.00
C SER A 139 6.33 1.94 14.29
N GLU A 140 6.06 0.64 14.12
CA GLU A 140 4.85 0.12 13.50
C GLU A 140 3.58 0.65 14.16
N LYS A 141 3.62 0.85 15.49
CA LYS A 141 2.51 1.43 16.24
C LYS A 141 2.05 2.77 15.64
N GLN A 142 2.96 3.59 15.13
CA GLN A 142 2.66 4.87 14.54
C GLN A 142 1.80 4.74 13.27
N LEU A 143 2.00 3.70 12.44
CA LEU A 143 1.14 3.50 11.27
C LEU A 143 -0.26 3.13 11.77
N ALA A 144 -0.35 2.24 12.77
CA ALA A 144 -1.64 1.75 13.26
C ALA A 144 -2.39 2.76 14.13
N ASP A 145 -1.70 3.71 14.75
CA ASP A 145 -2.34 4.80 15.45
C ASP A 145 -3.18 5.62 14.47
N ILE A 146 -2.63 5.90 13.30
CA ILE A 146 -3.27 6.67 12.25
C ILE A 146 -4.45 5.89 11.66
N ILE A 147 -4.33 4.55 11.55
CA ILE A 147 -5.44 3.67 11.21
C ILE A 147 -6.60 3.88 12.20
N SER A 148 -6.29 3.84 13.49
CA SER A 148 -7.27 3.77 14.55
C SER A 148 -8.17 5.03 14.63
N ARG A 149 -7.66 6.19 14.18
CA ARG A 149 -8.45 7.42 14.11
C ARG A 149 -9.51 7.35 13.02
N GLY A 150 -9.25 6.51 12.00
CA GLY A 150 -9.98 6.43 10.77
C GLY A 150 -11.48 6.26 11.02
N MET A 4 -15.40 5.26 6.15
CA MET A 4 -15.43 3.87 6.69
C MET A 4 -14.47 3.76 7.88
N ARG A 5 -14.66 2.76 8.73
CA ARG A 5 -13.67 2.43 9.74
C ARG A 5 -12.46 1.93 8.96
N LEU A 6 -11.38 2.71 8.93
CA LEU A 6 -10.14 2.36 8.23
C LEU A 6 -9.68 1.00 8.69
N SER A 7 -9.70 0.77 10.02
CA SER A 7 -9.26 -0.43 10.68
C SER A 7 -9.93 -1.71 10.15
N ASP A 8 -11.08 -1.62 9.46
CA ASP A 8 -11.73 -2.78 8.88
C ASP A 8 -10.89 -3.39 7.74
N TYR A 9 -10.12 -2.56 7.03
CA TYR A 9 -9.38 -2.99 5.85
C TYR A 9 -8.01 -3.56 6.21
N PHE A 10 -7.34 -3.04 7.24
CA PHE A 10 -5.96 -3.42 7.60
C PHE A 10 -6.06 -4.61 8.57
N PRO A 11 -5.79 -5.88 8.16
CA PRO A 11 -6.10 -7.05 8.98
C PRO A 11 -5.42 -7.04 10.36
N GLU A 12 -4.09 -7.13 10.37
CA GLU A 12 -3.25 -7.12 11.57
C GLU A 12 -1.79 -6.92 11.18
N SER A 13 -1.24 -7.90 10.46
CA SER A 13 0.12 -7.88 9.93
C SER A 13 0.31 -6.85 8.82
N SER A 14 -0.72 -6.05 8.55
CA SER A 14 -0.81 -5.09 7.46
C SER A 14 0.25 -4.00 7.60
N ILE A 15 0.62 -3.70 8.83
CA ILE A 15 1.43 -2.59 9.21
C ILE A 15 2.88 -3.07 9.20
N SER A 16 3.83 -2.30 8.64
CA SER A 16 5.25 -2.58 8.75
C SER A 16 6.08 -1.31 8.52
N VAL A 17 7.26 -1.27 9.15
CA VAL A 17 8.29 -0.28 8.92
C VAL A 17 9.55 -1.07 8.51
N ILE A 18 10.32 -0.51 7.59
CA ILE A 18 11.43 -1.15 6.91
C ILE A 18 12.51 -0.08 6.78
N HIS A 19 13.79 -0.47 6.82
CA HIS A 19 14.86 0.48 6.54
C HIS A 19 14.90 0.78 5.03
N SER A 20 14.85 -0.25 4.19
CA SER A 20 14.93 -0.14 2.73
C SER A 20 14.39 -1.45 2.15
N ALA A 21 13.73 -1.38 0.99
CA ALA A 21 13.37 -2.59 0.26
C ALA A 21 14.62 -3.09 -0.46
N LYS A 22 14.61 -4.38 -0.81
CA LYS A 22 15.66 -5.02 -1.60
C LYS A 22 15.80 -4.30 -2.95
N ASP A 23 14.66 -3.99 -3.56
CA ASP A 23 14.47 -3.23 -4.79
C ASP A 23 12.99 -2.90 -4.90
N TRP A 24 12.65 -2.17 -5.94
CA TRP A 24 11.30 -1.78 -6.31
C TRP A 24 10.35 -2.97 -6.51
N GLN A 25 10.80 -4.12 -7.05
CA GLN A 25 9.97 -5.33 -7.10
C GLN A 25 9.65 -5.76 -5.66
N GLU A 26 10.67 -5.88 -4.81
CA GLU A 26 10.49 -6.27 -3.41
C GLU A 26 9.59 -5.29 -2.67
N ALA A 27 9.66 -4.00 -3.01
CA ALA A 27 8.85 -2.98 -2.37
C ALA A 27 7.35 -3.19 -2.66
N ILE A 28 7.01 -3.73 -3.84
CA ILE A 28 5.65 -4.14 -4.14
C ILE A 28 5.30 -5.35 -3.27
N ASP A 29 6.18 -6.34 -3.18
CA ASP A 29 5.96 -7.49 -2.32
C ASP A 29 5.74 -7.04 -0.87
N PHE A 30 6.52 -6.09 -0.36
CA PHE A 30 6.31 -5.49 0.95
C PHE A 30 5.07 -4.59 1.03
N SER A 31 4.48 -4.17 -0.10
CA SER A 31 3.16 -3.52 -0.13
C SER A 31 2.03 -4.56 -0.03
N MET A 32 2.29 -5.83 -0.31
CA MET A 32 1.23 -6.83 -0.48
C MET A 32 1.36 -8.08 0.38
N VAL A 33 2.52 -8.42 0.95
CA VAL A 33 2.74 -9.72 1.58
C VAL A 33 1.75 -9.97 2.72
N SER A 34 1.39 -8.96 3.49
CA SER A 34 0.45 -9.10 4.59
C SER A 34 -0.93 -9.56 4.12
N LEU A 35 -1.26 -9.25 2.86
CA LEU A 35 -2.50 -9.64 2.21
C LEU A 35 -2.30 -11.03 1.59
N LEU A 36 -1.16 -11.27 0.93
CA LEU A 36 -0.81 -12.55 0.33
C LEU A 36 -0.87 -13.67 1.38
N ASP A 37 -0.35 -13.37 2.58
CA ASP A 37 -0.18 -14.29 3.70
C ASP A 37 -1.48 -14.90 4.19
N LYS A 38 -2.56 -14.14 4.05
CA LYS A 38 -3.88 -14.53 4.52
C LYS A 38 -4.78 -14.79 3.31
N ASN A 39 -4.16 -15.02 2.15
CA ASN A 39 -4.78 -15.22 0.85
C ASN A 39 -5.86 -14.18 0.48
N TYR A 40 -5.67 -12.91 0.88
CA TYR A 40 -6.50 -11.80 0.38
C TYR A 40 -6.29 -11.62 -1.13
N ILE A 41 -5.15 -12.09 -1.65
CA ILE A 41 -4.71 -11.99 -3.03
C ILE A 41 -3.93 -13.28 -3.36
N SER A 42 -3.67 -13.53 -4.65
CA SER A 42 -2.77 -14.58 -5.10
C SER A 42 -1.41 -13.94 -5.44
N GLU A 43 -0.35 -14.74 -5.62
CA GLU A 43 0.99 -14.24 -5.95
C GLU A 43 1.00 -13.47 -7.27
N ASN A 44 0.13 -13.84 -8.22
CA ASN A 44 -0.01 -13.14 -9.50
C ASN A 44 -0.40 -11.68 -9.30
N TYR A 45 -1.17 -11.37 -8.26
CA TYR A 45 -1.62 -10.02 -7.98
C TYR A 45 -0.42 -9.10 -7.77
N ILE A 46 0.57 -9.53 -6.98
CA ILE A 46 1.79 -8.78 -6.75
C ILE A 46 2.51 -8.58 -8.09
N GLN A 47 2.68 -9.65 -8.87
CA GLN A 47 3.48 -9.56 -10.10
C GLN A 47 2.79 -8.71 -11.16
N ALA A 48 1.45 -8.62 -11.17
CA ALA A 48 0.71 -7.70 -12.04
C ALA A 48 1.15 -6.26 -11.80
N ILE A 49 1.27 -5.86 -10.53
CA ILE A 49 1.63 -4.50 -10.16
C ILE A 49 3.08 -4.29 -10.57
N LYS A 50 3.97 -5.24 -10.25
CA LYS A 50 5.40 -5.10 -10.54
C LYS A 50 5.59 -4.95 -12.05
N ASP A 51 4.95 -5.81 -12.85
CA ASP A 51 5.09 -5.82 -14.30
C ASP A 51 4.61 -4.52 -14.90
N SER A 52 3.46 -4.01 -14.44
CA SER A 52 2.93 -2.71 -14.85
C SER A 52 3.93 -1.60 -14.52
N THR A 53 4.43 -1.59 -13.28
CA THR A 53 5.41 -0.62 -12.80
C THR A 53 6.68 -0.63 -13.67
N ILE A 54 7.20 -1.82 -14.03
CA ILE A 54 8.38 -1.94 -14.88
C ILE A 54 8.05 -1.41 -16.29
N ASN A 55 6.86 -1.71 -16.82
CA ASN A 55 6.50 -1.41 -18.21
C ASN A 55 6.27 0.06 -18.47
N ASN A 56 5.65 0.77 -17.51
CA ASN A 56 5.13 2.12 -17.75
C ASN A 56 5.34 3.08 -16.56
N GLY A 57 6.13 2.68 -15.57
CA GLY A 57 6.24 3.37 -14.29
C GLY A 57 5.05 3.04 -13.39
N PRO A 58 5.09 3.45 -12.11
CA PRO A 58 4.05 3.13 -11.14
C PRO A 58 2.72 3.76 -11.54
N TYR A 59 1.62 3.12 -11.10
CA TYR A 59 0.25 3.52 -11.48
C TYR A 59 -0.52 4.15 -10.31
N TYR A 60 0.05 4.12 -9.10
CA TYR A 60 -0.63 4.49 -7.88
C TYR A 60 0.30 5.35 -7.04
N ILE A 61 0.43 6.63 -7.41
CA ILE A 61 1.20 7.65 -6.69
C ILE A 61 0.19 8.73 -6.35
N LEU A 62 0.22 9.23 -5.11
CA LEU A 62 -0.82 10.11 -4.58
C LEU A 62 -0.25 11.46 -4.14
N ALA A 63 1.00 11.49 -3.69
CA ALA A 63 1.68 12.66 -3.19
C ALA A 63 3.19 12.36 -3.21
N PRO A 64 4.06 13.38 -3.10
CA PRO A 64 5.50 13.18 -2.92
C PRO A 64 5.81 12.14 -1.85
N GLY A 65 6.41 11.01 -2.26
CA GLY A 65 6.84 9.95 -1.36
C GLY A 65 5.76 8.93 -1.02
N VAL A 66 4.54 9.04 -1.56
CA VAL A 66 3.38 8.25 -1.14
C VAL A 66 2.80 7.54 -2.37
N ALA A 67 2.74 6.21 -2.30
CA ALA A 67 2.17 5.35 -3.31
C ALA A 67 1.08 4.47 -2.69
N MET A 68 0.33 3.78 -3.54
CA MET A 68 -0.67 2.81 -3.12
C MET A 68 -0.66 1.58 -4.05
N PRO A 69 0.47 0.85 -4.16
CA PRO A 69 0.56 -0.25 -5.11
C PRO A 69 -0.55 -1.27 -4.82
N HIS A 70 -1.35 -1.55 -5.85
CA HIS A 70 -2.42 -2.54 -5.93
C HIS A 70 -2.83 -2.71 -7.41
N ALA A 71 -3.69 -3.68 -7.72
CA ALA A 71 -4.08 -4.05 -9.08
C ALA A 71 -5.61 -4.20 -9.17
N ARG A 72 -6.15 -4.35 -10.38
CA ARG A 72 -7.56 -4.64 -10.62
C ARG A 72 -7.95 -5.93 -9.87
N PRO A 73 -9.23 -6.13 -9.51
CA PRO A 73 -9.63 -7.30 -8.74
C PRO A 73 -9.32 -8.57 -9.55
N GLU A 74 -9.48 -8.50 -10.87
CA GLU A 74 -9.30 -9.62 -11.80
C GLU A 74 -7.84 -10.08 -11.89
N CYS A 75 -6.89 -9.30 -11.36
CA CYS A 75 -5.46 -9.65 -11.38
C CYS A 75 -5.12 -10.67 -10.28
N GLY A 76 -6.07 -11.05 -9.43
CA GLY A 76 -5.87 -12.07 -8.42
C GLY A 76 -6.32 -11.64 -7.02
N ALA A 77 -7.18 -10.63 -6.89
CA ALA A 77 -7.78 -10.34 -5.59
C ALA A 77 -8.75 -11.47 -5.23
N LEU A 78 -8.86 -11.78 -3.94
CA LEU A 78 -9.64 -12.91 -3.42
C LEU A 78 -10.48 -12.48 -2.22
N LYS A 79 -10.04 -11.47 -1.47
CA LYS A 79 -10.78 -10.83 -0.39
C LYS A 79 -10.50 -9.32 -0.48
N THR A 80 -11.17 -8.52 0.35
CA THR A 80 -10.98 -7.10 0.45
C THR A 80 -10.22 -6.75 1.74
N GLY A 81 -9.11 -6.00 1.63
CA GLY A 81 -8.24 -5.60 2.74
C GLY A 81 -7.16 -4.60 2.28
N MET A 82 -6.23 -4.20 3.15
CA MET A 82 -5.18 -3.21 2.89
C MET A 82 -3.87 -3.54 3.65
N SER A 83 -2.80 -2.80 3.34
CA SER A 83 -1.49 -2.84 4.00
C SER A 83 -1.01 -1.40 4.21
N LEU A 84 -0.04 -1.18 5.11
CA LEU A 84 0.55 0.11 5.40
C LEU A 84 2.04 -0.09 5.65
N THR A 85 2.87 0.25 4.68
CA THR A 85 4.30 -0.04 4.69
C THR A 85 5.07 1.27 4.57
N LEU A 86 6.16 1.45 5.32
CA LEU A 86 7.00 2.64 5.30
C LEU A 86 8.46 2.21 5.24
N LEU A 87 9.25 2.81 4.35
CA LEU A 87 10.67 2.55 4.15
C LEU A 87 11.42 3.81 4.57
N GLU A 88 12.36 3.71 5.53
CA GLU A 88 13.11 4.87 6.02
C GLU A 88 13.92 5.53 4.90
N GLN A 89 14.54 4.71 4.05
CA GLN A 89 15.36 5.16 2.92
C GLN A 89 14.51 5.39 1.67
N GLY A 90 13.32 4.78 1.62
CA GLY A 90 12.51 4.71 0.42
C GLY A 90 13.19 3.83 -0.63
N VAL A 91 12.57 3.72 -1.80
CA VAL A 91 13.17 3.12 -2.99
C VAL A 91 12.56 3.86 -4.20
N TYR A 92 13.14 3.68 -5.39
CA TYR A 92 12.78 4.48 -6.56
C TYR A 92 12.24 3.58 -7.68
N PHE A 93 10.92 3.48 -7.75
CA PHE A 93 10.23 2.83 -8.85
C PHE A 93 10.74 3.38 -10.20
N PRO A 94 10.96 2.51 -11.20
CA PRO A 94 11.56 2.90 -12.46
C PRO A 94 10.72 3.98 -13.16
N GLY A 95 11.36 5.05 -13.59
CA GLY A 95 10.75 6.11 -14.39
C GLY A 95 9.69 6.94 -13.65
N ASN A 96 9.52 6.79 -12.33
CA ASN A 96 8.64 7.69 -11.58
C ASN A 96 9.29 9.06 -11.45
N ASP A 97 8.54 10.07 -10.99
CA ASP A 97 9.11 11.40 -10.78
C ASP A 97 10.14 11.40 -9.65
N GLU A 98 9.89 10.64 -8.58
CA GLU A 98 10.69 10.63 -7.36
C GLU A 98 10.56 9.30 -6.59
N PRO A 99 11.41 9.01 -5.58
CA PRO A 99 11.32 7.79 -4.79
C PRO A 99 10.12 7.82 -3.82
N ILE A 100 9.70 6.64 -3.37
CA ILE A 100 8.56 6.45 -2.47
C ILE A 100 9.11 5.95 -1.15
N LYS A 101 8.55 6.47 -0.06
CA LYS A 101 8.87 6.06 1.30
C LYS A 101 7.66 5.44 1.98
N LEU A 102 6.46 5.49 1.39
CA LEU A 102 5.24 4.99 2.01
C LEU A 102 4.31 4.38 0.98
N LEU A 103 3.77 3.20 1.29
CA LEU A 103 3.03 2.35 0.33
C LEU A 103 1.83 1.78 1.07
N ILE A 104 0.61 2.21 0.71
CA ILE A 104 -0.61 1.63 1.22
C ILE A 104 -1.03 0.53 0.24
N GLY A 105 -1.01 -0.72 0.70
CA GLY A 105 -1.59 -1.81 -0.07
C GLY A 105 -3.11 -1.71 0.01
N LEU A 106 -3.81 -2.22 -1.00
CA LEU A 106 -5.25 -2.43 -1.03
C LEU A 106 -5.42 -3.75 -1.81
N SER A 107 -6.46 -4.51 -1.52
CA SER A 107 -6.94 -5.65 -2.27
C SER A 107 -8.46 -5.59 -2.13
N ALA A 108 -9.21 -5.93 -3.17
CA ALA A 108 -10.67 -5.88 -3.11
C ALA A 108 -11.23 -6.93 -4.05
N ALA A 109 -12.19 -7.71 -3.56
CA ALA A 109 -12.72 -8.83 -4.29
C ALA A 109 -13.68 -8.38 -5.40
N ASP A 110 -14.23 -7.16 -5.31
CA ASP A 110 -15.16 -6.60 -6.29
C ASP A 110 -14.86 -5.12 -6.53
N ALA A 111 -15.23 -4.59 -7.70
CA ALA A 111 -14.97 -3.21 -8.07
C ALA A 111 -15.59 -2.19 -7.10
N ASP A 112 -16.79 -2.45 -6.57
CA ASP A 112 -17.39 -1.56 -5.58
C ASP A 112 -16.66 -1.67 -4.23
N SER A 113 -16.11 -2.84 -3.93
CA SER A 113 -15.22 -3.00 -2.79
C SER A 113 -13.92 -2.20 -3.01
N HIS A 114 -13.39 -2.11 -4.25
CA HIS A 114 -12.27 -1.20 -4.54
C HIS A 114 -12.69 0.23 -4.24
N ILE A 115 -13.86 0.67 -4.73
CA ILE A 115 -14.36 2.03 -4.49
C ILE A 115 -14.41 2.30 -2.99
N GLY A 116 -15.09 1.45 -2.20
CA GLY A 116 -15.25 1.68 -0.77
C GLY A 116 -13.91 1.71 -0.05
N ALA A 117 -12.98 0.84 -0.44
CA ALA A 117 -11.65 0.75 0.13
C ALA A 117 -10.86 2.02 -0.18
N ILE A 118 -10.74 2.39 -1.46
CA ILE A 118 -10.08 3.59 -1.93
C ILE A 118 -10.64 4.78 -1.17
N GLN A 119 -11.98 4.90 -1.06
CA GLN A 119 -12.63 6.03 -0.42
C GLN A 119 -12.35 6.08 1.09
N ALA A 120 -11.90 4.98 1.69
CA ALA A 120 -11.48 4.93 3.07
C ALA A 120 -10.03 5.35 3.16
N LEU A 121 -9.16 4.78 2.33
CA LEU A 121 -7.75 5.11 2.39
C LEU A 121 -7.49 6.54 1.96
N SER A 122 -8.38 7.13 1.17
CA SER A 122 -8.33 8.53 0.77
C SER A 122 -8.46 9.46 1.98
N GLU A 123 -9.05 9.01 3.09
CA GLU A 123 -9.10 9.77 4.34
C GLU A 123 -7.69 9.93 4.90
N LEU A 124 -6.75 9.11 4.43
CA LEU A 124 -5.34 9.11 4.84
C LEU A 124 -4.47 9.66 3.70
N LEU A 125 -4.46 9.00 2.53
CA LEU A 125 -3.61 9.34 1.40
C LEU A 125 -3.86 10.73 0.79
N CYS A 126 -5.04 11.32 1.03
CA CYS A 126 -5.39 12.63 0.48
C CYS A 126 -5.48 13.67 1.60
N GLU A 127 -4.76 13.44 2.69
CA GLU A 127 -4.69 14.32 3.85
C GLU A 127 -3.22 14.48 4.21
N GLU A 128 -2.62 15.58 3.75
CA GLU A 128 -1.20 15.87 3.95
C GLU A 128 -0.81 15.88 5.44
N GLU A 129 -1.76 16.19 6.32
CA GLU A 129 -1.55 16.17 7.77
C GLU A 129 -1.29 14.75 8.23
N ILE A 130 -2.09 13.79 7.73
CA ILE A 130 -1.90 12.38 7.98
C ILE A 130 -0.61 11.92 7.32
N LEU A 131 -0.34 12.34 6.08
CA LEU A 131 0.82 11.86 5.33
C LEU A 131 2.11 12.07 6.12
N GLU A 132 2.27 13.24 6.73
CA GLU A 132 3.45 13.54 7.52
C GLU A 132 3.49 12.68 8.78
N GLN A 133 2.35 12.43 9.42
CA GLN A 133 2.31 11.68 10.66
C GLN A 133 2.63 10.20 10.38
N LEU A 134 2.25 9.68 9.21
CA LEU A 134 2.69 8.37 8.76
C LEU A 134 4.17 8.46 8.46
N LEU A 135 4.57 9.37 7.57
CA LEU A 135 5.95 9.51 7.09
C LEU A 135 6.99 9.75 8.20
N THR A 136 6.58 10.04 9.43
CA THR A 136 7.45 10.27 10.57
C THR A 136 7.27 9.17 11.65
N ALA A 137 6.51 8.12 11.36
CA ALA A 137 6.29 6.96 12.23
C ALA A 137 7.63 6.27 12.51
N SER A 138 8.08 6.36 13.76
CA SER A 138 9.30 5.69 14.20
C SER A 138 9.15 4.16 14.22
N SER A 139 7.92 3.66 14.42
CA SER A 139 7.60 2.27 14.63
C SER A 139 6.21 1.98 14.07
N GLU A 140 5.92 0.71 13.81
CA GLU A 140 4.64 0.23 13.28
C GLU A 140 3.47 0.70 14.14
N LYS A 141 3.66 0.80 15.45
CA LYS A 141 2.62 1.23 16.39
C LYS A 141 2.00 2.56 15.99
N GLN A 142 2.78 3.52 15.47
CA GLN A 142 2.30 4.81 15.11
C GLN A 142 1.64 4.77 13.72
N LEU A 143 2.03 3.85 12.82
CA LEU A 143 1.31 3.64 11.58
C LEU A 143 -0.09 3.11 11.90
N ALA A 144 -0.16 2.05 12.74
CA ALA A 144 -1.41 1.47 13.22
C ALA A 144 -2.27 2.47 14.00
N ASP A 145 -1.67 3.39 14.75
CA ASP A 145 -2.41 4.44 15.45
C ASP A 145 -3.19 5.30 14.47
N ILE A 146 -2.57 5.68 13.35
CA ILE A 146 -3.19 6.53 12.35
C ILE A 146 -4.30 5.74 11.62
N ILE A 147 -4.12 4.44 11.41
CA ILE A 147 -5.20 3.57 10.94
C ILE A 147 -6.37 3.66 11.92
N SER A 148 -6.08 3.45 13.20
CA SER A 148 -7.09 3.31 14.23
C SER A 148 -7.88 4.61 14.41
N ARG A 149 -7.25 5.75 14.12
CA ARG A 149 -7.83 7.09 14.12
C ARG A 149 -8.99 7.25 13.15
N GLY A 150 -9.05 6.42 12.10
CA GLY A 150 -10.08 6.50 11.07
C GLY A 150 -11.29 5.70 11.51
#